data_2EIV
#
_entry.id   2EIV
#
_cell.length_a   159.977
_cell.length_b   139.893
_cell.length_c   84.371
_cell.angle_alpha   90.00
_cell.angle_beta   90.26
_cell.angle_gamma   90.00
#
_symmetry.space_group_name_H-M   'P 1 21 1'
#
loop_
_entity.id
_entity.type
_entity.pdbx_description
1 polymer Arginase
2 water water
#
_entity_poly.entity_id   1
_entity_poly.type   'polypeptide(L)'
_entity_poly.pdbx_seq_one_letter_code
;MERVAVVGVPMDLGANRRGVDMGPSALRYARLLEQLEDLGYTVEDLGDVPVSLARASRRRGRGLAYLEEIRAAALVLKER
LAALPEGVFPIVLGGDHSLSMGSVAGAARGRRVGVVWVDAHADFNTPETSPSGNVHGMPLAVLSGLGHPRLTEVFRAVDP
KDVVLVGVRSLDPGEKRLLKEAGVRVYTMHEVDRLGVARIAEEVLKHLQGLPLHVSLDADVLDPTLAPGVGTPVPGGLTY
REAHLLMEILAESGRVQSLDLVEVNPILDERNRTAEMLVGLALSLLGKRIF
;
_entity_poly.pdbx_strand_id   A,C,D,E,F,G,H,I,J,K,L,M
#
# COMPACT_ATOMS: atom_id res chain seq x y z
N GLU A 2 -33.98 13.53 -25.71
CA GLU A 2 -33.60 12.13 -26.02
C GLU A 2 -32.14 11.74 -25.71
N ARG A 3 -31.21 12.67 -25.73
CA ARG A 3 -29.84 12.29 -25.42
C ARG A 3 -29.54 12.52 -23.92
N VAL A 4 -28.92 11.55 -23.26
CA VAL A 4 -28.60 11.70 -21.83
C VAL A 4 -27.21 11.21 -21.44
N ALA A 5 -26.47 12.04 -20.71
CA ALA A 5 -25.11 11.71 -20.25
C ALA A 5 -25.01 11.49 -18.75
N VAL A 6 -24.36 10.41 -18.35
CA VAL A 6 -24.21 10.13 -16.93
C VAL A 6 -22.73 10.28 -16.59
N VAL A 7 -22.41 11.02 -15.54
CA VAL A 7 -21.02 11.22 -15.10
C VAL A 7 -20.88 11.09 -13.57
N GLY A 8 -19.90 10.29 -13.14
CA GLY A 8 -19.67 10.05 -11.70
C GLY A 8 -18.59 10.88 -11.01
N VAL A 9 -18.79 11.14 -9.72
CA VAL A 9 -17.84 11.92 -8.94
C VAL A 9 -17.68 11.22 -7.61
N PRO A 10 -16.88 10.15 -7.59
CA PRO A 10 -16.65 9.41 -6.37
C PRO A 10 -15.87 10.26 -5.38
N MET A 11 -16.53 11.26 -4.81
CA MET A 11 -15.85 12.16 -3.90
C MET A 11 -16.34 12.13 -2.46
N ASP A 12 -15.46 11.68 -1.57
CA ASP A 12 -15.75 11.64 -0.14
C ASP A 12 -14.64 12.34 0.62
N LEU A 13 -14.77 13.65 0.81
CA LEU A 13 -13.76 14.43 1.49
C LEU A 13 -14.30 15.22 2.66
N GLY A 19 -18.76 6.77 3.61
CA GLY A 19 -18.20 6.39 2.32
C GLY A 19 -19.10 6.67 1.12
N VAL A 20 -19.33 7.95 0.84
CA VAL A 20 -20.19 8.35 -0.25
C VAL A 20 -19.47 8.28 -1.57
N ASP A 21 -18.18 7.97 -1.53
CA ASP A 21 -17.40 7.85 -2.76
C ASP A 21 -17.78 6.58 -3.52
N MET A 22 -18.54 5.72 -2.85
CA MET A 22 -19.00 4.48 -3.45
C MET A 22 -20.39 4.67 -4.05
N GLY A 23 -20.99 5.84 -3.85
CA GLY A 23 -22.33 6.10 -4.37
C GLY A 23 -22.53 5.94 -5.87
N PRO A 24 -21.59 6.40 -6.71
CA PRO A 24 -21.77 6.27 -8.16
C PRO A 24 -21.90 4.84 -8.66
N SER A 25 -21.20 3.89 -8.04
CA SER A 25 -21.33 2.50 -8.47
C SER A 25 -22.72 2.05 -8.04
N ALA A 26 -23.07 2.39 -6.79
CA ALA A 26 -24.36 2.06 -6.22
C ALA A 26 -25.45 2.50 -7.19
N LEU A 27 -25.34 3.73 -7.64
CA LEU A 27 -26.34 4.25 -8.56
C LEU A 27 -26.34 3.53 -9.90
N ARG A 28 -25.17 3.21 -10.40
CA ARG A 28 -25.12 2.50 -11.66
C ARG A 28 -25.68 1.09 -11.47
N TYR A 29 -25.26 0.37 -10.42
CA TYR A 29 -25.75 -0.98 -10.18
C TYR A 29 -27.25 -1.04 -9.94
N ALA A 30 -27.84 0.09 -9.56
CA ALA A 30 -29.28 0.16 -9.35
C ALA A 30 -29.93 0.23 -10.73
N ARG A 31 -29.09 0.05 -11.73
CA ARG A 31 -29.51 0.03 -13.13
C ARG A 31 -30.15 1.32 -13.62
N LEU A 32 -29.41 2.42 -13.48
CA LEU A 32 -29.84 3.76 -13.91
C LEU A 32 -29.85 3.90 -15.43
N LEU A 33 -28.71 3.63 -16.06
CA LEU A 33 -28.55 3.70 -17.52
C LEU A 33 -29.68 2.92 -18.23
N GLU A 34 -29.70 1.62 -17.98
CA GLU A 34 -30.68 0.70 -18.53
C GLU A 34 -32.13 1.20 -18.39
N GLN A 35 -32.54 1.53 -17.17
CA GLN A 35 -33.91 1.98 -16.96
C GLN A 35 -34.23 3.26 -17.70
N LEU A 36 -33.19 4.05 -18.01
CA LEU A 36 -33.37 5.31 -18.74
C LEU A 36 -33.55 4.96 -20.20
N GLU A 37 -32.84 3.94 -20.62
CA GLU A 37 -32.93 3.45 -21.97
C GLU A 37 -34.35 2.93 -22.15
N ASP A 38 -34.81 2.09 -21.23
CA ASP A 38 -36.17 1.60 -21.32
C ASP A 38 -37.11 2.82 -21.41
N LEU A 39 -36.77 3.90 -20.72
CA LEU A 39 -37.61 5.09 -20.74
C LEU A 39 -37.60 5.72 -22.10
N GLY A 40 -36.65 5.30 -22.92
CA GLY A 40 -36.57 5.84 -24.27
C GLY A 40 -35.44 6.80 -24.59
N TYR A 41 -34.45 6.89 -23.73
CA TYR A 41 -33.35 7.82 -23.97
C TYR A 41 -32.13 7.07 -24.45
N THR A 42 -31.32 7.71 -25.30
CA THR A 42 -30.08 7.07 -25.71
C THR A 42 -29.11 7.64 -24.67
N VAL A 43 -28.45 6.76 -23.92
CA VAL A 43 -27.57 7.19 -22.82
C VAL A 43 -26.11 6.80 -22.93
N GLU A 44 -25.26 7.72 -22.46
CA GLU A 44 -23.81 7.54 -22.48
C GLU A 44 -23.21 7.71 -21.11
N ASP A 45 -22.31 6.79 -20.76
CA ASP A 45 -21.61 6.81 -19.46
C ASP A 45 -20.22 7.39 -19.64
N LEU A 46 -20.11 8.68 -19.34
CA LEU A 46 -18.88 9.41 -19.47
C LEU A 46 -17.83 8.91 -18.49
N GLY A 47 -18.27 8.17 -17.46
CA GLY A 47 -17.34 7.63 -16.50
C GLY A 47 -17.20 8.44 -15.23
N ASP A 48 -16.03 8.38 -14.59
CA ASP A 48 -15.85 9.14 -13.36
C ASP A 48 -14.81 10.25 -13.47
N VAL A 49 -15.10 11.36 -12.82
CA VAL A 49 -14.18 12.48 -12.79
C VAL A 49 -13.11 12.05 -11.76
N PRO A 50 -11.81 12.05 -12.12
CA PRO A 50 -10.87 11.64 -11.06
C PRO A 50 -10.89 12.55 -9.83
N VAL A 51 -10.76 11.94 -8.65
CA VAL A 51 -10.76 12.65 -7.38
C VAL A 51 -9.74 11.95 -6.50
N SER A 52 -8.97 12.70 -5.72
CA SER A 52 -7.97 12.11 -4.81
C SER A 52 -7.68 13.03 -3.64
N LEU A 64 -11.91 24.95 5.02
CA LEU A 64 -10.58 24.39 5.31
C LEU A 64 -10.34 23.12 4.52
N ALA A 65 -10.29 22.02 5.26
CA ALA A 65 -10.02 20.67 4.74
C ALA A 65 -10.37 20.29 3.29
N TYR A 66 -9.35 20.14 2.46
CA TYR A 66 -9.49 19.88 1.03
C TYR A 66 -10.00 20.88 -0.02
N LEU A 67 -9.98 22.17 0.31
CA LEU A 67 -10.40 23.22 -0.60
C LEU A 67 -9.81 23.03 -2.01
N GLU A 68 -8.50 22.83 -2.09
CA GLU A 68 -7.88 22.67 -3.38
C GLU A 68 -8.20 21.35 -4.10
N GLU A 69 -8.29 20.25 -3.37
CA GLU A 69 -8.58 18.96 -4.05
C GLU A 69 -10.01 18.93 -4.52
N ILE A 70 -10.88 19.62 -3.79
CA ILE A 70 -12.29 19.72 -4.14
C ILE A 70 -12.44 20.65 -5.36
N ARG A 71 -11.82 21.82 -5.27
CA ARG A 71 -11.85 22.81 -6.35
C ARG A 71 -11.31 22.22 -7.65
N ALA A 72 -10.36 21.32 -7.51
CA ALA A 72 -9.75 20.72 -8.68
C ALA A 72 -10.67 19.74 -9.36
N ALA A 73 -11.43 18.98 -8.59
CA ALA A 73 -12.34 17.99 -9.17
C ALA A 73 -13.65 18.65 -9.61
N ALA A 74 -14.11 19.63 -8.84
CA ALA A 74 -15.32 20.33 -9.17
C ALA A 74 -15.04 21.22 -10.38
N LEU A 75 -13.76 21.41 -10.70
CA LEU A 75 -13.40 22.23 -11.84
C LEU A 75 -13.31 21.32 -13.06
N VAL A 76 -12.87 20.08 -12.85
CA VAL A 76 -12.77 19.14 -13.94
C VAL A 76 -14.20 18.80 -14.36
N LEU A 77 -15.09 18.78 -13.38
CA LEU A 77 -16.50 18.48 -13.58
C LEU A 77 -17.22 19.64 -14.25
N LYS A 78 -17.01 20.84 -13.73
CA LYS A 78 -17.64 22.01 -14.30
C LYS A 78 -17.34 22.10 -15.79
N GLU A 79 -16.05 22.06 -16.06
CA GLU A 79 -15.53 22.16 -17.43
C GLU A 79 -16.05 21.04 -18.34
N ARG A 80 -16.05 19.82 -17.83
CA ARG A 80 -16.55 18.69 -18.60
C ARG A 80 -18.02 18.78 -19.02
N LEU A 81 -18.85 19.34 -18.14
CA LEU A 81 -20.28 19.49 -18.43
C LEU A 81 -20.59 20.55 -19.47
N ALA A 82 -19.93 21.70 -19.36
CA ALA A 82 -20.15 22.79 -20.30
C ALA A 82 -19.68 22.44 -21.71
N ALA A 83 -18.67 21.56 -21.81
CA ALA A 83 -18.18 21.14 -23.14
C ALA A 83 -19.11 20.12 -23.80
N LEU A 84 -20.14 19.71 -23.08
CA LEU A 84 -21.07 18.71 -23.62
C LEU A 84 -21.87 19.31 -24.76
N PRO A 85 -22.17 18.51 -25.79
CA PRO A 85 -22.95 19.07 -26.88
C PRO A 85 -24.25 19.66 -26.38
N GLU A 86 -24.70 20.73 -27.03
CA GLU A 86 -25.96 21.39 -26.68
C GLU A 86 -27.01 20.30 -26.81
N GLY A 87 -27.89 20.18 -25.82
CA GLY A 87 -28.94 19.19 -25.93
C GLY A 87 -28.80 17.89 -25.16
N VAL A 88 -27.57 17.55 -24.81
CA VAL A 88 -27.36 16.36 -24.03
C VAL A 88 -27.70 16.71 -22.60
N PHE A 89 -28.55 15.89 -21.98
CA PHE A 89 -28.97 16.05 -20.58
C PHE A 89 -27.96 15.40 -19.62
N PRO A 90 -27.35 16.18 -18.72
CA PRO A 90 -26.39 15.59 -17.80
C PRO A 90 -26.98 15.16 -16.45
N ILE A 91 -26.48 14.05 -15.96
CA ILE A 91 -26.86 13.50 -14.67
C ILE A 91 -25.52 13.26 -13.97
N VAL A 92 -25.30 13.94 -12.85
CA VAL A 92 -24.08 13.73 -12.11
C VAL A 92 -24.28 12.79 -10.93
N LEU A 93 -23.62 11.65 -10.96
CA LEU A 93 -23.71 10.67 -9.89
C LEU A 93 -22.64 11.03 -8.89
N GLY A 94 -23.04 11.33 -7.67
CA GLY A 94 -22.02 11.71 -6.73
C GLY A 94 -21.99 11.04 -5.40
N GLY A 95 -21.00 11.50 -4.66
CA GLY A 95 -20.78 11.16 -3.29
C GLY A 95 -21.14 12.52 -2.74
N ASP A 96 -20.14 13.27 -2.28
CA ASP A 96 -20.34 14.59 -1.66
C ASP A 96 -21.21 15.53 -2.44
N HIS A 97 -21.85 16.44 -1.70
CA HIS A 97 -22.74 17.40 -2.30
C HIS A 97 -21.91 18.61 -2.79
N SER A 98 -20.61 18.53 -2.60
CA SER A 98 -19.74 19.62 -3.03
C SER A 98 -19.55 19.61 -4.55
N LEU A 99 -19.80 18.47 -5.16
CA LEU A 99 -19.65 18.33 -6.59
C LEU A 99 -20.59 19.31 -7.31
N SER A 100 -21.61 19.78 -6.61
CA SER A 100 -22.59 20.70 -7.20
C SER A 100 -22.05 22.09 -7.50
N MET A 101 -20.99 22.50 -6.83
CA MET A 101 -20.41 23.79 -7.09
C MET A 101 -19.91 23.72 -8.52
N GLY A 102 -19.39 22.56 -8.86
CA GLY A 102 -18.87 22.33 -10.19
C GLY A 102 -19.97 22.09 -11.20
N SER A 103 -20.85 21.13 -10.97
CA SER A 103 -21.89 20.83 -11.95
C SER A 103 -22.99 21.84 -12.12
N VAL A 104 -23.35 22.58 -11.09
CA VAL A 104 -24.41 23.55 -11.30
C VAL A 104 -23.86 24.72 -12.12
N ALA A 105 -22.54 24.88 -12.07
CA ALA A 105 -21.87 25.92 -12.83
C ALA A 105 -21.60 25.39 -14.22
N GLY A 106 -21.08 24.17 -14.29
CA GLY A 106 -20.80 23.60 -15.59
C GLY A 106 -22.11 23.42 -16.33
N ALA A 107 -23.06 22.74 -15.70
CA ALA A 107 -24.34 22.45 -16.34
C ALA A 107 -25.12 23.68 -16.80
N ALA A 108 -24.79 24.84 -16.26
CA ALA A 108 -25.52 26.03 -16.63
C ALA A 108 -25.01 26.66 -17.94
N ARG A 109 -23.73 26.46 -18.25
CA ARG A 109 -23.16 27.03 -19.46
C ARG A 109 -23.38 28.56 -19.60
N GLY A 110 -22.99 29.35 -18.60
CA GLY A 110 -23.15 30.79 -18.70
C GLY A 110 -24.57 31.36 -18.80
N ARG A 111 -25.57 30.49 -18.75
CA ARG A 111 -26.98 30.90 -18.84
C ARG A 111 -27.53 31.07 -17.40
N ARG A 112 -28.62 31.83 -17.26
CA ARG A 112 -29.26 32.02 -15.96
C ARG A 112 -30.21 30.85 -15.77
N VAL A 113 -29.96 30.04 -14.74
CA VAL A 113 -30.78 28.87 -14.43
C VAL A 113 -31.29 28.92 -12.99
N GLY A 114 -32.43 28.29 -12.71
CA GLY A 114 -32.97 28.23 -11.36
C GLY A 114 -32.46 26.95 -10.75
N VAL A 115 -32.27 26.91 -9.44
CA VAL A 115 -31.77 25.69 -8.80
C VAL A 115 -32.80 25.17 -7.80
N VAL A 116 -33.25 23.94 -8.00
CA VAL A 116 -34.21 23.35 -7.06
C VAL A 116 -33.39 22.41 -6.16
N TRP A 117 -33.02 22.89 -4.98
CA TRP A 117 -32.20 22.12 -4.05
C TRP A 117 -33.04 21.29 -3.11
N VAL A 118 -33.01 19.97 -3.27
CA VAL A 118 -33.82 19.07 -2.47
C VAL A 118 -32.87 18.21 -1.62
N ASP A 119 -32.58 18.71 -0.42
CA ASP A 119 -31.65 18.13 0.57
C ASP A 119 -32.42 18.39 1.88
N ALA A 120 -32.02 17.72 2.96
CA ALA A 120 -32.64 17.90 4.28
C ALA A 120 -31.91 19.08 4.91
N HIS A 121 -30.81 19.46 4.25
CA HIS A 121 -30.00 20.56 4.69
C HIS A 121 -30.03 21.58 3.58
N ALA A 122 -29.56 22.78 3.87
CA ALA A 122 -29.53 23.81 2.85
C ALA A 122 -28.09 23.99 2.33
N ASP A 123 -27.14 23.18 2.80
CA ASP A 123 -25.75 23.24 2.37
C ASP A 123 -25.40 24.72 2.04
N PHE A 124 -25.75 25.62 2.98
CA PHE A 124 -25.56 27.06 2.81
C PHE A 124 -24.70 27.77 3.87
N ASN A 125 -23.57 27.16 4.24
CA ASN A 125 -22.65 27.80 5.20
C ASN A 125 -21.42 28.37 4.53
N THR A 126 -20.81 29.32 5.23
CA THR A 126 -19.56 29.94 4.81
C THR A 126 -18.54 29.51 5.88
N PRO A 127 -17.24 29.73 5.63
CA PRO A 127 -16.31 29.30 6.69
C PRO A 127 -16.66 29.99 8.02
N GLU A 128 -17.14 31.23 7.94
CA GLU A 128 -17.53 32.01 9.12
C GLU A 128 -18.58 31.32 10.01
N THR A 129 -19.55 30.65 9.39
CA THR A 129 -20.62 30.00 10.13
C THR A 129 -20.52 28.47 10.26
N SER A 130 -19.33 27.90 10.06
CA SER A 130 -19.14 26.45 10.19
C SER A 130 -19.55 25.78 8.89
N SER A 132 -18.58 22.60 11.93
CA SER A 132 -18.36 21.43 11.08
C SER A 132 -17.05 21.54 10.31
N GLY A 133 -16.85 22.70 9.68
CA GLY A 133 -15.68 22.99 8.87
C GLY A 133 -15.77 22.44 7.44
N ASN A 134 -16.36 21.26 7.25
CA ASN A 134 -16.49 20.64 5.92
C ASN A 134 -17.10 21.51 4.82
N VAL A 135 -16.57 21.35 3.61
CA VAL A 135 -17.04 22.13 2.47
C VAL A 135 -18.38 21.64 1.91
N HIS A 136 -18.68 20.35 2.10
CA HIS A 136 -19.89 19.75 1.56
C HIS A 136 -21.18 20.22 2.23
N GLY A 137 -21.06 21.29 3.00
CA GLY A 137 -22.19 21.90 3.66
C GLY A 137 -22.20 23.37 3.22
N MET A 138 -21.41 23.66 2.19
CA MET A 138 -21.29 25.00 1.64
C MET A 138 -21.60 25.14 0.14
N PRO A 139 -21.64 24.00 -0.61
CA PRO A 139 -21.92 24.12 -2.04
C PRO A 139 -22.97 25.12 -2.48
N LEU A 140 -24.19 25.10 -1.91
CA LEU A 140 -25.23 26.01 -2.36
C LEU A 140 -24.87 27.43 -2.00
N ALA A 141 -24.09 27.62 -0.94
CA ALA A 141 -23.68 28.97 -0.57
C ALA A 141 -22.68 29.46 -1.63
N VAL A 142 -21.64 28.67 -1.89
CA VAL A 142 -20.64 29.00 -2.89
C VAL A 142 -21.33 29.38 -4.20
N LEU A 143 -22.21 28.48 -4.67
CA LEU A 143 -22.96 28.70 -5.92
C LEU A 143 -23.73 30.01 -5.88
N SER A 144 -24.24 30.34 -4.69
CA SER A 144 -24.98 31.57 -4.50
C SER A 144 -24.02 32.73 -4.30
N GLY A 145 -22.73 32.46 -4.47
CA GLY A 145 -21.73 33.51 -4.35
C GLY A 145 -21.14 33.86 -2.98
N LEU A 146 -21.53 33.15 -1.94
CA LEU A 146 -21.00 33.41 -0.62
C LEU A 146 -20.04 32.31 -0.21
N GLY A 147 -18.86 32.69 0.26
CA GLY A 147 -17.91 31.69 0.71
C GLY A 147 -16.50 31.98 0.32
N HIS A 148 -15.63 31.00 0.46
CA HIS A 148 -14.20 31.17 0.13
C HIS A 148 -14.07 31.71 -1.31
N PRO A 149 -13.16 32.65 -1.52
CA PRO A 149 -13.07 33.15 -2.89
C PRO A 149 -12.49 32.13 -3.84
N ARG A 150 -11.62 31.27 -3.31
CA ARG A 150 -11.00 30.26 -4.14
C ARG A 150 -12.04 29.43 -4.85
N LEU A 151 -13.20 29.25 -4.21
CA LEU A 151 -14.31 28.49 -4.78
C LEU A 151 -15.35 29.36 -5.53
N THR A 152 -15.89 30.38 -4.86
CA THR A 152 -16.88 31.24 -5.50
C THR A 152 -16.35 31.70 -6.84
N GLU A 153 -15.10 32.14 -6.84
CA GLU A 153 -14.45 32.65 -8.04
C GLU A 153 -14.54 31.75 -9.29
N VAL A 154 -15.01 30.52 -9.14
CA VAL A 154 -15.13 29.67 -10.32
C VAL A 154 -16.45 28.91 -10.35
N PHE A 155 -17.17 28.95 -9.24
CA PHE A 155 -18.45 28.25 -9.11
C PHE A 155 -19.69 29.10 -8.89
N ARG A 156 -19.54 30.37 -8.55
CA ARG A 156 -20.70 31.22 -8.36
C ARG A 156 -21.46 31.10 -9.68
N ALA A 157 -22.71 30.69 -9.63
CA ALA A 157 -23.47 30.53 -10.87
C ALA A 157 -24.96 30.76 -10.68
N VAL A 158 -25.37 31.25 -9.53
CA VAL A 158 -26.79 31.47 -9.33
C VAL A 158 -27.12 32.64 -8.42
N ASP A 159 -28.17 33.36 -8.78
CA ASP A 159 -28.61 34.48 -7.98
C ASP A 159 -29.52 33.91 -6.92
N PRO A 160 -29.26 34.24 -5.69
CA PRO A 160 -30.08 33.76 -4.58
C PRO A 160 -31.59 33.79 -4.89
N LYS A 161 -32.08 34.87 -5.48
CA LYS A 161 -33.50 34.97 -5.82
C LYS A 161 -33.97 33.86 -6.80
N ASP A 162 -33.03 33.05 -7.29
CA ASP A 162 -33.32 31.98 -8.24
C ASP A 162 -33.07 30.60 -7.66
N VAL A 163 -33.00 30.52 -6.33
CA VAL A 163 -32.78 29.26 -5.65
C VAL A 163 -34.00 28.87 -4.82
N VAL A 164 -34.28 27.58 -4.76
CA VAL A 164 -35.40 27.09 -3.97
C VAL A 164 -34.97 25.83 -3.26
N LEU A 165 -35.14 25.82 -1.95
CA LEU A 165 -34.79 24.69 -1.11
C LEU A 165 -36.06 23.97 -0.75
N VAL A 166 -36.11 22.67 -1.01
CA VAL A 166 -37.29 21.87 -0.68
C VAL A 166 -36.94 20.64 0.18
N GLY A 167 -37.65 20.48 1.29
CA GLY A 167 -37.39 19.33 2.14
C GLY A 167 -36.44 19.54 3.32
N VAL A 168 -36.12 20.80 3.61
CA VAL A 168 -35.20 21.18 4.66
C VAL A 168 -35.71 20.92 6.08
N ARG A 169 -34.84 20.42 6.95
CA ARG A 169 -35.25 20.14 8.30
C ARG A 169 -34.04 20.17 9.27
N SER A 170 -32.98 20.87 8.88
CA SER A 170 -31.76 20.99 9.69
C SER A 170 -31.02 22.26 9.27
N LEU A 171 -30.86 23.19 10.20
CA LEU A 171 -30.18 24.46 9.91
C LEU A 171 -29.29 25.01 11.03
N ASP A 172 -28.04 25.33 10.71
CA ASP A 172 -27.17 25.92 11.72
C ASP A 172 -27.60 27.38 11.85
N PRO A 173 -27.31 28.00 13.00
CA PRO A 173 -27.71 29.39 13.21
C PRO A 173 -27.24 30.34 12.11
N GLY A 174 -25.94 30.33 11.81
CA GLY A 174 -25.42 31.21 10.78
C GLY A 174 -26.17 31.07 9.47
N GLU A 175 -26.49 29.83 9.12
CA GLU A 175 -27.22 29.57 7.88
C GLU A 175 -28.55 30.27 7.88
N LYS A 176 -29.36 30.03 8.90
CA LYS A 176 -30.67 30.65 8.95
C LYS A 176 -30.50 32.14 8.70
N ARG A 177 -29.47 32.73 9.27
CA ARG A 177 -29.24 34.17 9.10
C ARG A 177 -28.83 34.48 7.67
N LEU A 178 -27.81 33.78 7.18
CA LEU A 178 -27.33 33.94 5.81
C LEU A 178 -28.47 33.78 4.79
N LEU A 179 -29.33 32.79 5.03
CA LEU A 179 -30.44 32.52 4.14
C LEU A 179 -31.47 33.65 4.16
N LYS A 180 -31.69 34.25 5.34
CA LYS A 180 -32.63 35.37 5.42
C LYS A 180 -32.08 36.56 4.68
N GLU A 181 -30.85 36.96 4.99
CA GLU A 181 -30.22 38.07 4.30
C GLU A 181 -30.33 37.80 2.80
N ALA A 182 -29.78 36.66 2.38
CA ALA A 182 -29.75 36.24 0.97
C ALA A 182 -31.09 36.33 0.24
N GLY A 183 -32.18 35.97 0.93
CA GLY A 183 -33.50 36.01 0.35
C GLY A 183 -33.92 34.75 -0.37
N VAL A 184 -33.26 33.64 -0.04
CA VAL A 184 -33.55 32.35 -0.66
C VAL A 184 -34.90 31.77 -0.22
N ARG A 185 -35.68 31.29 -1.17
CA ARG A 185 -36.97 30.71 -0.86
C ARG A 185 -36.78 29.37 -0.18
N VAL A 186 -37.24 29.25 1.07
CA VAL A 186 -37.08 28.00 1.83
C VAL A 186 -38.38 27.27 2.17
N TYR A 187 -38.50 26.05 1.67
CA TYR A 187 -39.65 25.21 1.95
C TYR A 187 -39.15 24.06 2.88
N THR A 188 -39.17 24.30 4.19
CA THR A 188 -38.76 23.29 5.17
C THR A 188 -39.90 22.27 5.34
N MET A 189 -39.63 21.18 6.05
CA MET A 189 -40.66 20.18 6.24
C MET A 189 -41.94 20.75 6.87
N HIS A 190 -41.80 21.81 7.67
CA HIS A 190 -42.98 22.44 8.26
C HIS A 190 -43.90 22.97 7.16
N GLU A 191 -43.32 23.60 6.14
CA GLU A 191 -44.12 24.11 5.04
C GLU A 191 -44.67 22.96 4.20
N VAL A 192 -43.92 21.86 4.14
CA VAL A 192 -44.32 20.68 3.40
C VAL A 192 -45.55 20.14 4.11
N ASP A 193 -45.46 20.02 5.43
CA ASP A 193 -46.61 19.52 6.14
C ASP A 193 -47.81 20.44 6.07
N ARG A 194 -47.61 21.73 5.92
CA ARG A 194 -48.73 22.64 5.88
C ARG A 194 -49.39 22.81 4.50
N LEU A 195 -48.59 22.79 3.44
CA LEU A 195 -49.09 23.04 2.08
C LEU A 195 -49.17 21.86 1.13
N GLY A 196 -48.37 20.82 1.39
CA GLY A 196 -48.37 19.64 0.53
C GLY A 196 -47.41 19.83 -0.63
N VAL A 197 -46.81 18.75 -1.10
CA VAL A 197 -45.88 18.84 -2.23
C VAL A 197 -46.50 19.45 -3.51
N ALA A 198 -47.70 19.02 -3.88
CA ALA A 198 -48.37 19.56 -5.06
C ALA A 198 -48.33 21.09 -5.06
N ARG A 199 -48.86 21.74 -4.02
CA ARG A 199 -48.87 23.21 -3.95
C ARG A 199 -47.46 23.82 -3.91
N ILE A 200 -46.56 23.16 -3.18
CA ILE A 200 -45.16 23.64 -3.10
C ILE A 200 -44.51 23.49 -4.49
N ALA A 201 -44.94 22.50 -5.25
CA ALA A 201 -44.38 22.30 -6.57
C ALA A 201 -44.91 23.38 -7.53
N GLU A 202 -46.19 23.70 -7.44
CA GLU A 202 -46.75 24.76 -8.29
C GLU A 202 -45.94 26.01 -7.93
N GLU A 203 -45.75 26.19 -6.62
CA GLU A 203 -45.01 27.33 -6.14
C GLU A 203 -43.54 27.40 -6.55
N VAL A 204 -42.85 26.27 -6.58
CA VAL A 204 -41.45 26.28 -6.99
C VAL A 204 -41.41 26.74 -8.43
N LEU A 205 -42.15 26.02 -9.27
CA LEU A 205 -42.24 26.32 -10.69
C LEU A 205 -42.50 27.80 -10.96
N LYS A 206 -43.44 28.41 -10.24
CA LYS A 206 -43.74 29.82 -10.45
C LYS A 206 -42.59 30.73 -9.98
N HIS A 207 -42.00 30.43 -8.82
CA HIS A 207 -40.91 31.25 -8.32
C HIS A 207 -39.78 31.27 -9.34
N LEU A 208 -39.58 30.17 -10.05
CA LEU A 208 -38.51 30.09 -11.03
C LEU A 208 -39.04 30.08 -12.46
N GLN A 209 -40.20 30.70 -12.69
CA GLN A 209 -40.80 30.72 -14.02
C GLN A 209 -39.89 31.24 -15.13
N GLY A 210 -40.03 30.66 -16.31
CA GLY A 210 -39.21 31.07 -17.42
C GLY A 210 -37.83 30.44 -17.55
N LEU A 211 -37.13 30.26 -16.44
CA LEU A 211 -35.75 29.74 -16.46
C LEU A 211 -35.58 28.24 -16.55
N PRO A 212 -34.47 27.78 -17.16
CA PRO A 212 -34.19 26.35 -17.29
C PRO A 212 -33.96 25.92 -15.84
N LEU A 213 -34.26 24.67 -15.50
CA LEU A 213 -34.07 24.22 -14.12
C LEU A 213 -33.06 23.09 -13.93
N HIS A 214 -32.25 23.22 -12.88
CA HIS A 214 -31.28 22.19 -12.53
C HIS A 214 -31.69 21.67 -11.18
N VAL A 215 -31.93 20.37 -11.10
CA VAL A 215 -32.36 19.79 -9.84
C VAL A 215 -31.24 19.04 -9.13
N SER A 216 -30.95 19.40 -7.88
CA SER A 216 -29.91 18.71 -7.08
C SER A 216 -30.61 17.87 -6.04
N LEU A 217 -30.32 16.57 -5.99
CA LEU A 217 -31.03 15.71 -5.06
C LEU A 217 -30.17 15.05 -3.97
N ASP A 218 -30.33 15.48 -2.71
CA ASP A 218 -29.57 14.90 -1.59
C ASP A 218 -30.44 13.73 -1.09
N ALA A 219 -29.90 12.52 -1.07
CA ALA A 219 -30.70 11.38 -0.65
C ALA A 219 -31.18 11.56 0.77
N ASP A 220 -30.49 12.40 1.54
CA ASP A 220 -30.87 12.63 2.94
C ASP A 220 -32.25 13.28 3.09
N VAL A 221 -32.80 13.78 1.99
CA VAL A 221 -34.11 14.45 2.02
C VAL A 221 -35.25 13.44 2.17
N LEU A 222 -34.94 12.17 1.94
CA LEU A 222 -35.92 11.09 2.04
C LEU A 222 -35.83 10.59 3.46
N ASP A 223 -36.96 10.22 4.04
CA ASP A 223 -36.90 9.74 5.38
C ASP A 223 -35.89 8.60 5.55
N PRO A 224 -35.01 8.69 6.56
CA PRO A 224 -33.99 7.66 6.83
C PRO A 224 -34.62 6.28 6.86
N THR A 225 -35.86 6.24 7.35
CA THR A 225 -36.67 5.04 7.44
C THR A 225 -36.74 4.38 6.07
N LEU A 226 -36.72 5.23 5.06
CA LEU A 226 -36.83 4.84 3.67
C LEU A 226 -35.46 4.86 2.97
N ALA A 227 -34.69 5.91 3.25
CA ALA A 227 -33.38 6.08 2.66
C ALA A 227 -32.30 6.02 3.73
N PRO A 228 -32.05 4.83 4.29
CA PRO A 228 -31.04 4.66 5.33
C PRO A 228 -29.64 5.06 4.92
N GLY A 229 -29.19 4.57 3.76
CA GLY A 229 -27.86 4.87 3.32
C GLY A 229 -27.55 6.27 2.80
N VAL A 230 -27.53 7.25 3.71
CA VAL A 230 -27.20 8.63 3.33
C VAL A 230 -26.21 9.18 4.36
N GLY A 231 -25.41 10.15 3.94
CA GLY A 231 -24.42 10.75 4.83
C GLY A 231 -24.90 11.14 6.22
N THR A 232 -25.89 12.03 6.30
CA THR A 232 -26.40 12.49 7.61
C THR A 232 -27.93 12.40 7.79
N PRO A 233 -28.45 11.22 8.17
CA PRO A 233 -29.89 11.07 8.38
C PRO A 233 -30.46 12.10 9.32
N VAL A 234 -31.63 12.62 8.95
CA VAL A 234 -32.36 13.61 9.74
C VAL A 234 -33.80 13.16 9.68
N PRO A 235 -34.33 12.65 10.79
CA PRO A 235 -35.71 12.17 10.85
C PRO A 235 -36.82 13.10 10.33
N GLY A 236 -37.95 12.50 9.99
CA GLY A 236 -39.10 13.25 9.49
C GLY A 236 -38.98 13.81 8.08
N GLY A 237 -38.72 12.96 7.10
CA GLY A 237 -38.56 13.46 5.75
C GLY A 237 -39.64 13.09 4.77
N LEU A 238 -39.37 13.33 3.50
CA LEU A 238 -40.37 13.05 2.50
C LEU A 238 -40.70 11.57 2.44
N THR A 239 -41.87 11.28 1.93
CA THR A 239 -42.34 9.93 1.76
C THR A 239 -42.04 9.58 0.30
N TYR A 240 -41.78 8.31 0.05
CA TYR A 240 -41.49 7.86 -1.30
C TYR A 240 -42.48 8.40 -2.33
N ARG A 241 -43.73 8.57 -1.92
CA ARG A 241 -44.76 9.09 -2.84
C ARG A 241 -44.61 10.60 -3.05
N GLU A 242 -44.29 11.33 -1.98
CA GLU A 242 -44.12 12.78 -2.07
C GLU A 242 -42.95 13.11 -3.00
N ALA A 243 -41.85 12.37 -2.85
CA ALA A 243 -40.65 12.59 -3.65
C ALA A 243 -40.98 12.44 -5.10
N HIS A 244 -41.59 11.30 -5.43
CA HIS A 244 -41.99 11.03 -6.79
C HIS A 244 -42.95 12.08 -7.27
N LEU A 245 -43.96 12.41 -6.48
CA LEU A 245 -44.90 13.42 -6.92
C LEU A 245 -44.12 14.63 -7.38
N LEU A 246 -43.28 15.15 -6.47
CA LEU A 246 -42.47 16.34 -6.74
C LEU A 246 -41.74 16.23 -8.05
N MET A 247 -41.01 15.13 -8.24
CA MET A 247 -40.28 14.96 -9.47
C MET A 247 -41.23 15.04 -10.66
N GLU A 248 -42.37 14.37 -10.55
CA GLU A 248 -43.38 14.33 -11.61
C GLU A 248 -43.91 15.71 -11.98
N ILE A 249 -44.13 16.59 -11.00
CA ILE A 249 -44.63 17.94 -11.30
C ILE A 249 -43.53 18.75 -12.00
N LEU A 250 -42.31 18.70 -11.47
CA LEU A 250 -41.19 19.41 -12.06
C LEU A 250 -40.97 18.90 -13.47
N ALA A 251 -41.31 17.64 -13.69
CA ALA A 251 -41.16 17.03 -14.99
C ALA A 251 -42.12 17.64 -16.00
N GLU A 252 -43.40 17.75 -15.63
CA GLU A 252 -44.42 18.30 -16.52
C GLU A 252 -44.06 19.71 -16.96
N SER A 253 -43.30 20.44 -16.15
CA SER A 253 -42.90 21.82 -16.50
C SER A 253 -42.08 21.90 -17.77
N GLY A 254 -41.37 20.80 -18.08
CA GLY A 254 -40.57 20.74 -19.27
C GLY A 254 -39.25 21.48 -19.23
N ARG A 255 -38.93 22.10 -18.10
CA ARG A 255 -37.70 22.86 -17.99
C ARG A 255 -36.52 22.24 -17.22
N VAL A 256 -36.68 21.05 -16.68
CA VAL A 256 -35.55 20.44 -15.98
C VAL A 256 -34.56 20.25 -17.11
N GLN A 257 -33.28 20.43 -16.83
CA GLN A 257 -32.25 20.28 -17.86
C GLN A 257 -31.03 19.56 -17.36
N SER A 258 -30.94 19.38 -16.04
CA SER A 258 -29.78 18.73 -15.43
C SER A 258 -30.07 18.24 -14.02
N LEU A 259 -29.37 17.19 -13.62
CA LEU A 259 -29.61 16.62 -12.31
C LEU A 259 -28.41 16.10 -11.55
N ASP A 260 -28.39 16.34 -10.26
CA ASP A 260 -27.31 15.79 -9.44
C ASP A 260 -27.98 14.74 -8.57
N LEU A 261 -27.40 13.56 -8.44
CA LEU A 261 -27.98 12.56 -7.54
C LEU A 261 -26.84 12.37 -6.53
N VAL A 262 -26.98 12.98 -5.34
CA VAL A 262 -25.91 12.92 -4.37
C VAL A 262 -26.08 12.26 -3.00
N GLU A 263 -25.02 12.41 -2.21
CA GLU A 263 -24.95 11.90 -0.85
C GLU A 263 -25.49 10.50 -0.63
N VAL A 264 -25.30 9.61 -1.60
CA VAL A 264 -25.75 8.25 -1.45
C VAL A 264 -24.62 7.42 -0.85
N ASN A 265 -24.84 6.84 0.32
CA ASN A 265 -23.80 6.05 0.98
C ASN A 265 -24.21 4.59 1.08
N PRO A 266 -23.64 3.72 0.24
CA PRO A 266 -23.98 2.30 0.29
C PRO A 266 -23.55 1.60 1.59
N ILE A 267 -22.45 2.06 2.17
CA ILE A 267 -21.90 1.49 3.41
C ILE A 267 -22.85 1.53 4.59
N LEU A 268 -23.82 2.43 4.52
CA LEU A 268 -24.82 2.62 5.57
C LEU A 268 -26.18 2.20 5.10
N ASP A 269 -26.29 1.84 3.84
CA ASP A 269 -27.58 1.46 3.27
C ASP A 269 -27.97 0.02 3.57
N GLU A 270 -29.03 -0.44 2.91
CA GLU A 270 -29.55 -1.77 3.13
C GLU A 270 -29.95 -2.40 1.80
N ARG A 271 -29.22 -3.43 1.38
CA ARG A 271 -29.50 -4.12 0.14
C ARG A 271 -29.67 -3.12 -1.02
N ASN A 272 -28.97 -2.00 -0.90
CA ASN A 272 -28.92 -0.92 -1.88
C ASN A 272 -30.22 -0.23 -2.26
N ARG A 273 -31.13 -0.08 -1.30
CA ARG A 273 -32.40 0.52 -1.58
C ARG A 273 -32.36 2.04 -1.69
N THR A 274 -31.29 2.64 -1.20
CA THR A 274 -31.16 4.08 -1.33
C THR A 274 -30.86 4.45 -2.80
N ALA A 275 -29.92 3.73 -3.41
CA ALA A 275 -29.56 3.98 -4.79
C ALA A 275 -30.79 3.67 -5.64
N GLU A 276 -31.44 2.58 -5.33
CA GLU A 276 -32.63 2.21 -6.08
C GLU A 276 -33.70 3.28 -5.92
N MET A 277 -33.79 3.89 -4.74
CA MET A 277 -34.81 4.90 -4.49
C MET A 277 -34.58 6.18 -5.27
N LEU A 278 -33.33 6.47 -5.62
CA LEU A 278 -33.04 7.67 -6.38
C LEU A 278 -33.11 7.39 -7.90
N VAL A 279 -32.56 6.27 -8.34
CA VAL A 279 -32.65 5.94 -9.74
C VAL A 279 -34.13 6.08 -10.07
N GLY A 280 -34.98 5.70 -9.14
CA GLY A 280 -36.39 5.79 -9.37
C GLY A 280 -36.85 7.22 -9.48
N LEU A 281 -36.30 8.11 -8.65
CA LEU A 281 -36.71 9.52 -8.71
C LEU A 281 -36.15 10.23 -9.94
N ALA A 282 -35.02 9.77 -10.45
CA ALA A 282 -34.41 10.35 -11.64
C ALA A 282 -35.39 10.04 -12.76
N LEU A 283 -35.78 8.78 -12.84
CA LEU A 283 -36.69 8.37 -13.88
C LEU A 283 -37.95 9.21 -13.81
N SER A 284 -38.41 9.55 -12.61
CA SER A 284 -39.62 10.37 -12.54
C SER A 284 -39.43 11.78 -13.06
N LEU A 285 -38.28 12.36 -12.78
CA LEU A 285 -37.97 13.72 -13.22
C LEU A 285 -37.78 13.74 -14.72
N LEU A 286 -37.39 12.60 -15.27
CA LEU A 286 -37.14 12.54 -16.68
C LEU A 286 -38.30 12.03 -17.53
N GLY A 287 -39.52 12.23 -17.05
CA GLY A 287 -40.65 11.88 -17.89
C GLY A 287 -41.50 10.65 -17.58
N LYS A 288 -40.95 9.69 -16.86
CA LYS A 288 -41.73 8.50 -16.52
C LYS A 288 -43.07 8.77 -15.80
N ARG A 289 -44.05 7.92 -16.08
CA ARG A 289 -45.40 8.07 -15.53
C ARG A 289 -46.20 6.78 -15.37
N ILE A 290 -47.16 6.81 -14.44
CA ILE A 290 -48.04 5.69 -14.16
C ILE A 290 -48.94 5.45 -15.34
N PHE A 291 -49.60 6.53 -15.77
CA PHE A 291 -50.51 6.46 -16.91
C PHE A 291 -49.84 6.98 -18.18
N GLU B 2 19.92 -34.42 -11.68
CA GLU B 2 19.60 -34.28 -13.13
C GLU B 2 18.73 -33.05 -13.40
N ARG B 3 18.32 -32.39 -12.32
CA ARG B 3 17.50 -31.19 -12.40
C ARG B 3 18.35 -29.97 -12.07
N VAL B 4 18.22 -28.92 -12.86
CA VAL B 4 18.98 -27.72 -12.60
C VAL B 4 18.06 -26.51 -12.69
N ALA B 5 18.07 -25.64 -11.69
CA ALA B 5 17.25 -24.43 -11.71
C ALA B 5 18.18 -23.25 -11.94
N VAL B 6 17.88 -22.42 -12.93
CA VAL B 6 18.71 -21.25 -13.17
C VAL B 6 17.92 -20.01 -12.81
N VAL B 7 18.46 -19.18 -11.93
CA VAL B 7 17.81 -17.95 -11.53
C VAL B 7 18.81 -16.82 -11.61
N GLY B 8 18.44 -15.71 -12.21
CA GLY B 8 19.37 -14.60 -12.30
C GLY B 8 19.03 -13.46 -11.36
N VAL B 9 20.02 -12.60 -11.12
CA VAL B 9 19.93 -11.43 -10.24
C VAL B 9 20.64 -10.29 -10.98
N PRO B 10 19.92 -9.53 -11.81
CA PRO B 10 20.52 -8.42 -12.56
C PRO B 10 20.85 -7.25 -11.64
N MET B 11 21.84 -7.44 -10.78
CA MET B 11 22.23 -6.42 -9.81
C MET B 11 23.55 -5.69 -10.07
N ASP B 12 23.45 -4.37 -10.20
CA ASP B 12 24.58 -3.49 -10.44
C ASP B 12 24.42 -2.32 -9.48
N LEU B 13 24.63 -2.57 -8.19
CA LEU B 13 24.52 -1.53 -7.16
C LEU B 13 25.84 -1.20 -6.48
N GLY B 19 28.07 -2.10 -15.94
CA GLY B 19 26.72 -2.67 -16.01
C GLY B 19 26.56 -4.18 -15.77
N VAL B 20 27.13 -4.72 -14.71
CA VAL B 20 26.98 -6.14 -14.42
C VAL B 20 25.52 -6.53 -14.32
N ASP B 21 24.63 -5.54 -14.32
CA ASP B 21 23.21 -5.84 -14.21
C ASP B 21 22.77 -6.55 -15.48
N MET B 22 23.53 -6.41 -16.55
CA MET B 22 23.22 -7.10 -17.79
C MET B 22 23.86 -8.48 -17.79
N GLY B 23 24.39 -8.92 -16.66
CA GLY B 23 25.06 -10.22 -16.60
C GLY B 23 24.17 -11.39 -16.98
N PRO B 24 22.98 -11.46 -16.37
CA PRO B 24 22.04 -12.53 -16.64
C PRO B 24 21.61 -12.58 -18.11
N SER B 25 21.22 -11.46 -18.70
CA SER B 25 20.81 -11.54 -20.10
C SER B 25 21.90 -12.16 -20.96
N ALA B 26 23.10 -11.61 -20.82
CA ALA B 26 24.28 -12.07 -21.52
C ALA B 26 24.60 -13.55 -21.26
N LEU B 27 24.49 -14.01 -20.02
CA LEU B 27 24.78 -15.39 -19.74
C LEU B 27 23.78 -16.34 -20.42
N ARG B 28 22.56 -15.86 -20.57
CA ARG B 28 21.50 -16.63 -21.18
C ARG B 28 21.73 -16.73 -22.68
N TYR B 29 22.07 -15.61 -23.30
CA TYR B 29 22.34 -15.62 -24.73
C TYR B 29 23.46 -16.60 -25.03
N ALA B 30 24.40 -16.77 -24.09
CA ALA B 30 25.51 -17.69 -24.26
C ALA B 30 24.94 -19.10 -24.28
N ARG B 31 23.62 -19.17 -24.09
CA ARG B 31 22.87 -20.42 -24.12
C ARG B 31 23.17 -21.39 -22.98
N LEU B 32 23.31 -20.86 -21.76
CA LEU B 32 23.61 -21.72 -20.63
C LEU B 32 22.59 -22.83 -20.46
N LEU B 33 21.32 -22.54 -20.73
CA LEU B 33 20.27 -23.54 -20.56
C LEU B 33 20.35 -24.71 -21.53
N GLU B 34 20.21 -24.41 -22.82
CA GLU B 34 20.26 -25.41 -23.87
C GLU B 34 21.46 -26.36 -23.76
N GLN B 35 22.64 -25.80 -23.57
CA GLN B 35 23.83 -26.64 -23.46
C GLN B 35 23.85 -27.51 -22.22
N LEU B 36 23.07 -27.16 -21.20
CA LEU B 36 23.01 -27.94 -19.99
C LEU B 36 22.04 -29.07 -20.23
N GLU B 37 21.05 -28.79 -21.08
CA GLU B 37 20.05 -29.80 -21.45
C GLU B 37 20.80 -30.84 -22.27
N ASP B 38 21.49 -30.36 -23.31
CA ASP B 38 22.28 -31.21 -24.16
C ASP B 38 23.09 -32.12 -23.28
N LEU B 39 23.49 -31.59 -22.13
CA LEU B 39 24.30 -32.35 -21.19
C LEU B 39 23.53 -33.44 -20.43
N GLY B 40 22.21 -33.50 -20.58
CA GLY B 40 21.46 -34.54 -19.86
C GLY B 40 20.73 -34.14 -18.60
N TYR B 41 20.44 -32.84 -18.47
CA TYR B 41 19.73 -32.30 -17.30
C TYR B 41 18.43 -31.69 -17.75
N THR B 42 17.41 -31.79 -16.91
CA THR B 42 16.16 -31.13 -17.22
C THR B 42 16.56 -29.79 -16.60
N VAL B 43 16.18 -28.69 -17.22
CA VAL B 43 16.58 -27.43 -16.70
C VAL B 43 15.44 -26.46 -16.65
N GLU B 44 15.28 -25.87 -15.46
CA GLU B 44 14.24 -24.88 -15.19
C GLU B 44 14.78 -23.46 -15.04
N ASP B 45 14.20 -22.50 -15.77
CA ASP B 45 14.62 -21.11 -15.68
C ASP B 45 13.59 -20.35 -14.83
N LEU B 46 14.01 -19.87 -13.66
CA LEU B 46 13.15 -19.14 -12.75
C LEU B 46 13.10 -17.63 -12.96
N GLY B 47 13.61 -17.11 -14.06
CA GLY B 47 13.57 -15.65 -14.24
C GLY B 47 14.46 -14.86 -13.29
N ASP B 48 14.26 -13.55 -13.22
CA ASP B 48 15.09 -12.72 -12.34
C ASP B 48 14.40 -12.39 -11.03
N VAL B 49 15.20 -11.98 -10.06
CA VAL B 49 14.73 -11.53 -8.76
C VAL B 49 14.56 -10.02 -9.01
N PRO B 50 13.69 -9.34 -8.24
CA PRO B 50 13.62 -7.92 -8.58
C PRO B 50 14.71 -7.13 -7.84
N VAL B 51 15.25 -6.09 -8.48
CA VAL B 51 16.28 -5.27 -7.82
C VAL B 51 16.12 -3.79 -8.09
N SER B 52 16.40 -2.98 -7.08
CA SER B 52 16.29 -1.53 -7.20
C SER B 52 16.75 -0.91 -5.89
N LEU B 64 28.21 0.59 3.46
CA LEU B 64 27.62 1.90 3.11
C LEU B 64 26.43 1.86 2.15
N ALA B 65 26.68 2.30 0.91
CA ALA B 65 25.68 2.41 -0.15
C ALA B 65 24.69 1.24 -0.36
N TYR B 66 23.46 1.60 -0.74
CA TYR B 66 22.37 0.65 -1.04
C TYR B 66 22.31 -0.60 -0.17
N LEU B 67 22.81 -0.52 1.07
CA LEU B 67 22.80 -1.69 1.94
C LEU B 67 21.46 -2.39 2.07
N GLU B 68 20.38 -1.60 2.16
CA GLU B 68 19.06 -2.18 2.33
C GLU B 68 18.47 -2.79 1.07
N GLU B 69 18.90 -2.33 -0.10
CA GLU B 69 18.40 -2.87 -1.36
C GLU B 69 19.13 -4.16 -1.69
N ILE B 70 20.45 -4.17 -1.45
CA ILE B 70 21.23 -5.38 -1.66
C ILE B 70 20.58 -6.42 -0.76
N ARG B 71 20.51 -6.08 0.53
CA ARG B 71 19.93 -6.96 1.52
C ARG B 71 18.59 -7.47 1.05
N ALA B 72 17.84 -6.60 0.39
CA ALA B 72 16.50 -6.93 -0.12
C ALA B 72 16.57 -8.07 -1.14
N ALA B 73 17.25 -7.83 -2.25
CA ALA B 73 17.38 -8.81 -3.30
C ALA B 73 17.97 -10.12 -2.79
N ALA B 74 19.08 -10.04 -2.06
CA ALA B 74 19.73 -11.22 -1.58
C ALA B 74 18.79 -12.06 -0.73
N LEU B 75 17.86 -11.39 -0.06
CA LEU B 75 16.92 -12.07 0.80
C LEU B 75 15.86 -12.84 0.01
N VAL B 76 15.38 -12.27 -1.09
CA VAL B 76 14.39 -12.96 -1.91
C VAL B 76 15.09 -14.18 -2.49
N LEU B 77 16.30 -13.94 -3.00
CA LEU B 77 17.13 -14.97 -3.60
C LEU B 77 17.25 -16.10 -2.61
N LYS B 78 17.81 -15.77 -1.45
CA LYS B 78 18.03 -16.72 -0.37
C LYS B 78 16.85 -17.64 -0.09
N GLU B 79 15.65 -17.06 0.02
CA GLU B 79 14.46 -17.85 0.32
C GLU B 79 13.94 -18.58 -0.91
N ARG B 80 14.05 -17.96 -2.06
CA ARG B 80 13.63 -18.62 -3.30
C ARG B 80 14.42 -19.92 -3.44
N LEU B 81 15.73 -19.85 -3.24
CA LEU B 81 16.57 -21.04 -3.34
C LEU B 81 16.35 -21.98 -2.18
N ALA B 82 16.28 -21.42 -0.98
CA ALA B 82 16.05 -22.22 0.20
C ALA B 82 14.82 -23.08 -0.05
N ALA B 83 14.09 -22.73 -1.10
CA ALA B 83 12.86 -23.42 -1.47
C ALA B 83 13.00 -24.68 -2.36
N LEU B 84 13.69 -24.57 -3.50
CA LEU B 84 13.84 -25.69 -4.42
C LEU B 84 13.78 -27.11 -3.82
N PRO B 85 13.05 -28.04 -4.48
CA PRO B 85 12.97 -29.40 -3.94
C PRO B 85 14.41 -29.78 -3.66
N GLU B 86 14.68 -30.52 -2.61
CA GLU B 86 16.06 -30.90 -2.36
C GLU B 86 16.45 -31.82 -3.49
N GLY B 87 17.60 -31.53 -4.09
CA GLY B 87 18.07 -32.33 -5.20
C GLY B 87 18.18 -31.51 -6.46
N VAL B 88 17.62 -30.31 -6.45
CA VAL B 88 17.70 -29.41 -7.60
C VAL B 88 19.02 -28.64 -7.55
N PHE B 89 19.75 -28.60 -8.65
CA PHE B 89 21.01 -27.86 -8.63
C PHE B 89 20.72 -26.38 -8.90
N PRO B 90 21.11 -25.50 -7.98
CA PRO B 90 20.82 -24.11 -8.29
C PRO B 90 22.00 -23.45 -9.00
N ILE B 91 21.71 -22.62 -9.99
CA ILE B 91 22.78 -21.90 -10.69
C ILE B 91 22.34 -20.46 -10.66
N VAL B 92 23.14 -19.56 -10.10
CA VAL B 92 22.71 -18.17 -10.06
C VAL B 92 23.53 -17.31 -11.00
N LEU B 93 22.82 -16.72 -11.95
CA LEU B 93 23.47 -15.87 -12.92
C LEU B 93 23.64 -14.57 -12.17
N GLY B 94 24.70 -13.83 -12.44
CA GLY B 94 24.87 -12.65 -11.64
C GLY B 94 25.40 -11.37 -12.21
N GLY B 95 25.24 -10.37 -11.33
CA GLY B 95 25.70 -9.03 -11.51
C GLY B 95 26.73 -8.98 -10.38
N ASP B 96 26.61 -8.00 -9.48
CA ASP B 96 27.57 -7.86 -8.39
C ASP B 96 27.69 -9.15 -7.63
N HIS B 97 28.87 -9.37 -7.09
CA HIS B 97 29.15 -10.56 -6.33
C HIS B 97 28.33 -10.55 -5.04
N SER B 98 27.82 -9.37 -4.64
CA SER B 98 27.04 -9.22 -3.41
C SER B 98 25.93 -10.24 -3.36
N LEU B 99 25.28 -10.45 -4.50
CA LEU B 99 24.17 -11.39 -4.61
C LEU B 99 24.51 -12.69 -3.90
N SER B 100 25.80 -13.02 -3.89
CA SER B 100 26.27 -14.25 -3.28
C SER B 100 25.89 -14.39 -1.84
N MET B 101 25.50 -13.29 -1.19
CA MET B 101 25.09 -13.31 0.21
C MET B 101 23.88 -14.22 0.36
N GLY B 102 22.95 -14.07 -0.61
CA GLY B 102 21.75 -14.86 -0.66
C GLY B 102 21.84 -16.30 -1.15
N SER B 103 22.61 -16.53 -2.22
CA SER B 103 22.78 -17.87 -2.80
C SER B 103 23.47 -18.86 -1.90
N VAL B 104 24.61 -18.48 -1.34
CA VAL B 104 25.31 -19.37 -0.43
C VAL B 104 24.40 -19.64 0.79
N ALA B 105 23.77 -18.58 1.28
CA ALA B 105 22.88 -18.68 2.42
C ALA B 105 21.71 -19.60 2.09
N GLY B 106 21.00 -19.30 1.01
CA GLY B 106 19.86 -20.11 0.59
C GLY B 106 20.22 -21.53 0.14
N ALA B 107 21.04 -21.64 -0.90
CA ALA B 107 21.44 -22.93 -1.42
C ALA B 107 22.04 -23.87 -0.40
N ALA B 108 22.43 -23.33 0.75
CA ALA B 108 23.02 -24.15 1.80
C ALA B 108 21.98 -25.03 2.52
N ARG B 109 20.70 -24.64 2.36
CA ARG B 109 19.56 -25.33 2.98
C ARG B 109 19.83 -25.57 4.47
N GLY B 110 20.42 -24.57 5.10
CA GLY B 110 20.76 -24.68 6.51
C GLY B 110 21.79 -25.72 6.93
N ARG B 111 22.44 -26.40 5.98
CA ARG B 111 23.46 -27.40 6.36
C ARG B 111 24.88 -26.83 6.24
N ARG B 112 25.83 -27.49 6.89
CA ARG B 112 27.22 -27.07 6.82
C ARG B 112 27.75 -27.38 5.42
N VAL B 113 28.27 -26.37 4.72
CA VAL B 113 28.77 -26.59 3.37
C VAL B 113 30.11 -25.95 3.16
N GLY B 114 30.92 -26.55 2.29
CA GLY B 114 32.21 -25.95 1.99
C GLY B 114 31.98 -24.98 0.85
N VAL B 115 32.70 -23.87 0.85
CA VAL B 115 32.57 -22.86 -0.20
C VAL B 115 33.87 -22.76 -0.99
N VAL B 116 33.78 -22.58 -2.30
CA VAL B 116 34.97 -22.47 -3.13
C VAL B 116 34.81 -21.13 -3.85
N TRP B 117 35.56 -20.14 -3.38
CA TRP B 117 35.47 -18.80 -3.93
C TRP B 117 36.56 -18.60 -4.97
N VAL B 118 36.16 -18.55 -6.24
CA VAL B 118 37.09 -18.40 -7.34
C VAL B 118 37.00 -16.96 -7.87
N ASP B 119 37.64 -16.02 -7.18
CA ASP B 119 37.59 -14.57 -7.50
C ASP B 119 39.06 -14.08 -7.52
N ALA B 120 39.30 -13.00 -8.25
CA ALA B 120 40.64 -12.40 -8.34
C ALA B 120 40.74 -11.58 -7.07
N HIS B 121 39.58 -11.40 -6.45
CA HIS B 121 39.43 -10.65 -5.22
C HIS B 121 38.94 -11.56 -4.09
N ALA B 122 39.20 -11.20 -2.84
CA ALA B 122 38.74 -12.02 -1.72
C ALA B 122 37.31 -11.63 -1.31
N ASP B 123 36.83 -10.50 -1.85
CA ASP B 123 35.49 -10.02 -1.58
C ASP B 123 35.28 -10.24 -0.07
N PHE B 124 36.29 -9.87 0.71
CA PHE B 124 36.30 -10.10 2.17
C PHE B 124 36.47 -8.87 3.08
N ASN B 125 35.90 -7.74 2.70
CA ASN B 125 36.01 -6.57 3.54
C ASN B 125 34.81 -6.40 4.45
N THR B 126 34.94 -5.41 5.33
CA THR B 126 33.93 -4.99 6.30
C THR B 126 33.80 -3.48 6.04
N PRO B 127 32.84 -2.78 6.68
CA PRO B 127 32.79 -1.34 6.38
C PRO B 127 34.08 -0.69 6.89
N GLU B 128 34.61 -1.29 7.96
CA GLU B 128 35.83 -0.82 8.59
C GLU B 128 37.12 -0.95 7.78
N THR B 129 37.21 -1.93 6.88
CA THR B 129 38.43 -2.10 6.10
C THR B 129 38.43 -1.58 4.66
N SER B 130 37.36 -0.88 4.27
CA SER B 130 37.19 -0.28 2.94
C SER B 130 36.12 -1.02 2.16
N SER B 132 37.17 2.35 -0.35
CA SER B 132 36.16 1.92 -1.32
C SER B 132 34.76 1.94 -0.70
N GLY B 133 34.47 0.89 0.07
CA GLY B 133 33.20 0.74 0.83
C GLY B 133 32.01 0.09 0.12
N ASN B 134 32.24 -0.46 -1.07
CA ASN B 134 31.19 -1.13 -1.84
C ASN B 134 30.88 -2.48 -1.20
N VAL B 135 29.60 -2.83 -1.13
CA VAL B 135 29.20 -4.10 -0.53
C VAL B 135 29.55 -5.36 -1.33
N HIS B 136 29.61 -5.25 -2.65
CA HIS B 136 29.94 -6.39 -3.51
C HIS B 136 31.39 -6.82 -3.26
N GLY B 137 32.06 -6.03 -2.44
CA GLY B 137 33.43 -6.32 -2.03
C GLY B 137 33.49 -6.94 -0.65
N MET B 138 32.34 -7.15 0.00
CA MET B 138 32.33 -7.73 1.35
C MET B 138 31.41 -8.95 1.61
N PRO B 139 30.99 -9.68 0.57
CA PRO B 139 30.10 -10.83 0.82
C PRO B 139 30.68 -12.11 1.39
N LEU B 140 31.94 -12.41 1.11
CA LEU B 140 32.53 -13.62 1.68
C LEU B 140 32.69 -13.36 3.18
N ALA B 141 32.84 -12.08 3.54
CA ALA B 141 32.99 -11.69 4.95
C ALA B 141 31.67 -11.88 5.67
N VAL B 142 30.62 -11.27 5.12
CA VAL B 142 29.28 -11.39 5.67
C VAL B 142 28.94 -12.85 5.87
N LEU B 143 29.13 -13.65 4.82
CA LEU B 143 28.85 -15.08 4.86
C LEU B 143 29.68 -15.74 5.95
N SER B 144 30.87 -15.19 6.23
CA SER B 144 31.72 -15.73 7.28
C SER B 144 31.40 -15.07 8.62
N GLY B 145 30.38 -14.22 8.60
CA GLY B 145 29.93 -13.54 9.79
C GLY B 145 30.71 -12.32 10.22
N LEU B 146 31.30 -11.59 9.30
CA LEU B 146 32.06 -10.42 9.68
C LEU B 146 31.47 -9.22 8.99
N GLY B 147 31.32 -8.10 9.70
CA GLY B 147 30.79 -6.91 9.05
C GLY B 147 29.45 -6.39 9.54
N HIS B 148 28.82 -5.56 8.72
CA HIS B 148 27.55 -4.92 9.08
C HIS B 148 26.50 -5.94 9.50
N PRO B 149 25.82 -5.68 10.63
CA PRO B 149 24.80 -6.58 11.13
C PRO B 149 23.52 -6.75 10.31
N ARG B 150 23.12 -5.73 9.54
CA ARG B 150 21.90 -5.88 8.74
C ARG B 150 22.06 -7.11 7.85
N LEU B 151 23.30 -7.30 7.37
CA LEU B 151 23.69 -8.42 6.50
C LEU B 151 24.07 -9.69 7.24
N THR B 152 25.03 -9.64 8.16
CA THR B 152 25.44 -10.86 8.85
C THR B 152 24.33 -11.61 9.55
N GLU B 153 23.36 -10.87 10.09
CA GLU B 153 22.25 -11.48 10.82
C GLU B 153 21.36 -12.35 9.97
N VAL B 154 21.37 -12.16 8.66
CA VAL B 154 20.51 -12.98 7.78
C VAL B 154 21.29 -13.83 6.79
N PHE B 155 22.56 -13.48 6.58
CA PHE B 155 23.34 -14.19 5.60
C PHE B 155 24.53 -14.95 6.13
N ARG B 156 24.93 -14.73 7.38
CA ARG B 156 26.05 -15.49 7.92
C ARG B 156 25.65 -16.95 7.61
N ALA B 157 26.47 -17.66 6.84
CA ALA B 157 26.12 -19.03 6.47
C ALA B 157 27.26 -20.06 6.44
N VAL B 158 28.49 -19.64 6.70
CA VAL B 158 29.56 -20.61 6.64
C VAL B 158 30.70 -20.33 7.59
N ASP B 159 31.35 -21.39 8.04
CA ASP B 159 32.49 -21.27 8.94
C ASP B 159 33.69 -20.92 8.06
N PRO B 160 34.41 -19.84 8.38
CA PRO B 160 35.56 -19.56 7.52
C PRO B 160 36.54 -20.71 7.43
N LYS B 161 36.51 -21.61 8.40
CA LYS B 161 37.43 -22.73 8.32
C LYS B 161 36.97 -23.68 7.25
N ASP B 162 35.81 -23.38 6.68
CA ASP B 162 35.23 -24.20 5.62
C ASP B 162 35.21 -23.47 4.31
N VAL B 163 36.10 -22.50 4.14
CA VAL B 163 36.14 -21.70 2.93
C VAL B 163 37.51 -21.76 2.26
N VAL B 164 37.55 -21.64 0.94
CA VAL B 164 38.81 -21.66 0.18
C VAL B 164 38.79 -20.68 -1.00
N LEU B 165 39.76 -19.76 -1.05
CA LEU B 165 39.88 -18.81 -2.14
C LEU B 165 40.85 -19.38 -3.21
N VAL B 166 40.60 -19.08 -4.48
CA VAL B 166 41.45 -19.58 -5.55
C VAL B 166 41.54 -18.52 -6.66
N GLY B 167 42.76 -18.10 -7.00
CA GLY B 167 42.90 -17.11 -8.05
C GLY B 167 43.02 -15.66 -7.62
N VAL B 168 43.02 -15.44 -6.31
CA VAL B 168 43.12 -14.08 -5.76
C VAL B 168 44.46 -13.48 -6.20
N ARG B 169 44.45 -12.21 -6.61
CA ARG B 169 45.66 -11.53 -7.06
C ARG B 169 45.63 -10.03 -6.67
N SER B 170 44.65 -9.66 -5.86
CA SER B 170 44.50 -8.28 -5.38
C SER B 170 43.71 -8.26 -4.06
N LEU B 171 44.40 -7.93 -2.96
CA LEU B 171 43.81 -7.86 -1.63
C LEU B 171 43.94 -6.45 -1.07
N ASP B 172 43.14 -6.17 -0.04
CA ASP B 172 43.21 -4.89 0.67
C ASP B 172 43.88 -5.15 2.02
N PRO B 173 44.60 -4.15 2.56
CA PRO B 173 45.31 -4.24 3.84
C PRO B 173 44.47 -4.85 4.97
N GLY B 174 43.27 -4.29 5.16
CA GLY B 174 42.39 -4.78 6.19
C GLY B 174 41.94 -6.19 5.87
N GLU B 175 41.74 -6.45 4.57
CA GLU B 175 41.34 -7.77 4.09
C GLU B 175 42.32 -8.84 4.51
N LYS B 176 43.60 -8.54 4.36
CA LYS B 176 44.62 -9.49 4.73
C LYS B 176 44.50 -9.82 6.20
N ARG B 177 44.40 -8.78 7.05
CA ARG B 177 44.24 -8.99 8.49
C ARG B 177 43.07 -9.91 8.78
N LEU B 178 41.90 -9.56 8.24
CA LEU B 178 40.72 -10.36 8.49
C LEU B 178 40.88 -11.81 8.06
N LEU B 179 41.38 -12.00 6.84
CA LEU B 179 41.57 -13.32 6.30
C LEU B 179 42.51 -14.12 7.19
N LYS B 180 43.46 -13.41 7.80
CA LYS B 180 44.42 -14.04 8.70
C LYS B 180 43.78 -14.32 10.06
N GLU B 181 43.20 -13.30 10.67
CA GLU B 181 42.53 -13.52 11.95
C GLU B 181 41.59 -14.72 11.80
N ALA B 182 40.81 -14.71 10.71
CA ALA B 182 39.82 -15.75 10.43
C ALA B 182 40.27 -17.19 10.13
N GLY B 183 41.42 -17.36 9.50
CA GLY B 183 41.90 -18.69 9.18
C GLY B 183 41.43 -19.26 7.83
N VAL B 184 41.19 -18.37 6.86
CA VAL B 184 40.71 -18.78 5.53
C VAL B 184 41.85 -19.19 4.64
N ARG B 185 41.76 -20.39 4.10
CA ARG B 185 42.79 -20.93 3.22
C ARG B 185 42.69 -20.12 1.96
N VAL B 186 43.78 -19.45 1.56
CA VAL B 186 43.74 -18.62 0.37
C VAL B 186 44.77 -19.03 -0.67
N TYR B 187 44.33 -19.33 -1.87
CA TYR B 187 45.27 -19.72 -2.91
C TYR B 187 45.49 -18.59 -3.90
N THR B 188 46.40 -17.67 -3.61
CA THR B 188 46.65 -16.55 -4.52
C THR B 188 47.37 -17.04 -5.77
N MET B 189 47.39 -16.23 -6.81
CA MET B 189 48.06 -16.62 -8.03
C MET B 189 49.49 -17.16 -7.79
N HIS B 190 50.12 -16.73 -6.69
CA HIS B 190 51.47 -17.20 -6.39
C HIS B 190 51.44 -18.70 -6.09
N GLU B 191 50.44 -19.16 -5.33
CA GLU B 191 50.33 -20.58 -5.02
C GLU B 191 49.96 -21.31 -6.32
N VAL B 192 49.17 -20.64 -7.14
CA VAL B 192 48.74 -21.24 -8.38
C VAL B 192 49.96 -21.48 -9.26
N ASP B 193 50.86 -20.51 -9.35
CA ASP B 193 52.06 -20.68 -10.17
C ASP B 193 53.04 -21.72 -9.62
N ARG B 194 53.07 -21.86 -8.30
CA ARG B 194 53.96 -22.79 -7.64
C ARG B 194 53.45 -24.21 -7.65
N LEU B 195 52.18 -24.36 -7.28
CA LEU B 195 51.54 -25.67 -7.16
C LEU B 195 50.85 -26.16 -8.42
N GLY B 196 50.21 -25.24 -9.14
CA GLY B 196 49.51 -25.62 -10.34
C GLY B 196 48.08 -26.02 -9.98
N VAL B 197 47.12 -25.59 -10.78
CA VAL B 197 45.70 -25.88 -10.56
C VAL B 197 45.36 -27.32 -10.16
N ALA B 198 46.03 -28.29 -10.78
CA ALA B 198 45.76 -29.70 -10.43
C ALA B 198 45.88 -29.96 -8.93
N ARG B 199 47.07 -29.71 -8.39
CA ARG B 199 47.32 -29.94 -6.97
C ARG B 199 46.46 -29.07 -6.07
N ILE B 200 46.32 -27.80 -6.44
CA ILE B 200 45.51 -26.89 -5.64
C ILE B 200 44.08 -27.42 -5.54
N ALA B 201 43.59 -27.98 -6.63
CA ALA B 201 42.24 -28.54 -6.64
C ALA B 201 42.13 -29.75 -5.71
N GLU B 202 43.15 -30.58 -5.69
CA GLU B 202 43.18 -31.76 -4.82
C GLU B 202 42.95 -31.24 -3.39
N GLU B 203 43.84 -30.34 -2.99
CA GLU B 203 43.81 -29.77 -1.66
C GLU B 203 42.52 -29.03 -1.30
N VAL B 204 41.85 -28.43 -2.26
CA VAL B 204 40.61 -27.75 -1.93
C VAL B 204 39.61 -28.82 -1.56
N LEU B 205 39.75 -29.99 -2.16
CA LEU B 205 38.86 -31.08 -1.87
C LEU B 205 39.21 -31.73 -0.53
N LYS B 206 40.51 -31.77 -0.20
CA LYS B 206 40.91 -32.34 1.09
C LYS B 206 40.57 -31.36 2.22
N HIS B 207 40.88 -30.09 2.03
CA HIS B 207 40.60 -29.10 3.06
C HIS B 207 39.09 -29.06 3.31
N LEU B 208 38.30 -29.42 2.30
CA LEU B 208 36.85 -29.41 2.41
C LEU B 208 36.26 -30.81 2.34
N GLN B 209 37.06 -31.80 2.71
CA GLN B 209 36.64 -33.20 2.71
C GLN B 209 35.32 -33.44 3.44
N GLY B 210 34.43 -34.19 2.81
CA GLY B 210 33.14 -34.49 3.40
C GLY B 210 31.97 -33.54 3.17
N LEU B 211 32.26 -32.28 2.85
CA LEU B 211 31.19 -31.31 2.72
C LEU B 211 30.62 -31.11 1.32
N PRO B 212 29.36 -30.70 1.23
CA PRO B 212 28.78 -30.46 -0.09
C PRO B 212 29.45 -29.17 -0.48
N LEU B 213 29.84 -29.01 -1.72
CA LEU B 213 30.53 -27.79 -2.09
C LEU B 213 29.66 -26.82 -2.87
N HIS B 214 29.83 -25.54 -2.57
CA HIS B 214 29.12 -24.50 -3.28
C HIS B 214 30.15 -23.64 -4.03
N VAL B 215 30.15 -23.67 -5.36
CA VAL B 215 31.12 -22.90 -6.15
C VAL B 215 30.68 -21.49 -6.56
N SER B 216 31.48 -20.49 -6.23
CA SER B 216 31.15 -19.11 -6.60
C SER B 216 32.25 -18.67 -7.54
N LEU B 217 31.88 -18.34 -8.77
CA LEU B 217 32.88 -17.92 -9.75
C LEU B 217 32.76 -16.46 -10.20
N ASP B 218 33.75 -15.65 -9.85
CA ASP B 218 33.73 -14.26 -10.24
C ASP B 218 34.44 -14.33 -11.58
N ALA B 219 33.89 -13.69 -12.60
CA ALA B 219 34.55 -13.74 -13.88
C ALA B 219 35.90 -13.03 -13.80
N ASP B 220 36.06 -12.12 -12.82
CA ASP B 220 37.32 -11.37 -12.70
C ASP B 220 38.50 -12.32 -12.46
N VAL B 221 38.22 -13.61 -12.31
CA VAL B 221 39.27 -14.59 -12.04
C VAL B 221 40.02 -15.02 -13.29
N LEU B 222 39.50 -14.68 -14.46
CA LEU B 222 40.11 -15.07 -15.72
C LEU B 222 40.95 -13.92 -16.27
N ASP B 223 42.14 -14.26 -16.74
CA ASP B 223 43.02 -13.23 -17.24
C ASP B 223 42.20 -12.29 -18.11
N PRO B 224 42.38 -10.98 -17.94
CA PRO B 224 41.64 -9.97 -18.72
C PRO B 224 41.81 -10.20 -20.23
N THR B 225 42.94 -10.78 -20.59
CA THR B 225 43.24 -11.10 -21.97
C THR B 225 42.11 -11.96 -22.53
N LEU B 226 41.80 -13.01 -21.78
CA LEU B 226 40.77 -14.00 -22.08
C LEU B 226 39.33 -13.48 -21.93
N ALA B 227 39.05 -12.89 -20.76
CA ALA B 227 37.72 -12.38 -20.46
C ALA B 227 37.74 -10.91 -20.06
N PRO B 228 37.64 -10.02 -21.05
CA PRO B 228 37.65 -8.58 -20.87
C PRO B 228 36.37 -8.02 -20.22
N GLY B 229 35.30 -8.80 -20.24
CA GLY B 229 34.04 -8.35 -19.69
C GLY B 229 33.77 -8.53 -18.20
N VAL B 230 34.41 -7.72 -17.37
CA VAL B 230 34.24 -7.81 -15.93
C VAL B 230 34.39 -6.42 -15.32
N GLY B 231 33.87 -6.23 -14.10
CA GLY B 231 33.96 -4.93 -13.44
C GLY B 231 35.32 -4.49 -12.93
N THR B 232 36.17 -5.46 -12.55
CA THR B 232 37.47 -5.10 -11.98
C THR B 232 38.65 -5.95 -12.48
N PRO B 233 38.94 -5.90 -13.79
CA PRO B 233 40.04 -6.66 -14.42
C PRO B 233 41.38 -6.52 -13.71
N VAL B 234 42.04 -7.65 -13.45
CA VAL B 234 43.33 -7.67 -12.76
C VAL B 234 44.29 -8.63 -13.44
N PRO B 235 45.29 -8.10 -14.16
CA PRO B 235 46.32 -8.85 -14.88
C PRO B 235 46.91 -10.07 -14.16
N GLY B 236 47.23 -11.10 -14.94
CA GLY B 236 47.80 -12.30 -14.35
C GLY B 236 46.79 -13.30 -13.79
N GLY B 237 45.66 -13.50 -14.47
CA GLY B 237 44.68 -14.46 -13.99
C GLY B 237 44.79 -15.85 -14.59
N LEU B 238 43.88 -16.73 -14.22
CA LEU B 238 43.93 -18.10 -14.72
C LEU B 238 43.70 -18.13 -16.22
N THR B 239 44.27 -19.14 -16.87
CA THR B 239 44.08 -19.29 -18.31
C THR B 239 42.89 -20.21 -18.52
N TYR B 240 42.39 -20.22 -19.76
CA TYR B 240 41.23 -21.03 -20.17
C TYR B 240 41.32 -22.51 -19.81
N ARG B 241 42.53 -23.05 -19.88
CA ARG B 241 42.70 -24.47 -19.55
C ARG B 241 42.75 -24.66 -18.04
N GLU B 242 43.31 -23.70 -17.32
CA GLU B 242 43.35 -23.79 -15.87
C GLU B 242 41.92 -23.77 -15.31
N ALA B 243 41.09 -22.89 -15.83
CA ALA B 243 39.71 -22.81 -15.36
C ALA B 243 38.93 -24.09 -15.63
N HIS B 244 39.09 -24.65 -16.83
CA HIS B 244 38.36 -25.88 -17.14
C HIS B 244 38.91 -27.06 -16.33
N LEU B 245 40.17 -27.03 -15.94
CA LEU B 245 40.69 -28.15 -15.19
C LEU B 245 40.21 -28.12 -13.74
N LEU B 246 40.21 -26.94 -13.15
CA LEU B 246 39.74 -26.73 -11.77
C LEU B 246 38.27 -27.14 -11.64
N MET B 247 37.46 -26.83 -12.64
CA MET B 247 36.07 -27.23 -12.58
C MET B 247 35.98 -28.74 -12.74
N GLU B 248 36.73 -29.28 -13.71
CA GLU B 248 36.72 -30.74 -13.97
C GLU B 248 37.08 -31.60 -12.77
N ILE B 249 38.10 -31.18 -12.02
CA ILE B 249 38.51 -31.94 -10.86
C ILE B 249 37.48 -31.77 -9.76
N LEU B 250 36.87 -30.60 -9.68
CA LEU B 250 35.85 -30.38 -8.67
C LEU B 250 34.65 -31.28 -8.92
N ALA B 251 34.26 -31.45 -10.18
CA ALA B 251 33.15 -32.31 -10.51
C ALA B 251 33.42 -33.80 -10.15
N GLU B 252 34.68 -34.25 -10.32
CA GLU B 252 35.04 -35.63 -9.99
C GLU B 252 34.66 -36.02 -8.57
N SER B 253 34.68 -35.05 -7.66
CA SER B 253 34.36 -35.30 -6.26
C SER B 253 32.88 -35.60 -6.16
N GLY B 254 32.13 -35.12 -7.14
CA GLY B 254 30.71 -35.35 -7.14
C GLY B 254 30.05 -34.72 -5.92
N ARG B 255 30.80 -33.87 -5.22
CA ARG B 255 30.26 -33.20 -4.05
C ARG B 255 29.71 -31.82 -4.37
N VAL B 256 29.96 -31.32 -5.57
CA VAL B 256 29.45 -29.99 -5.93
C VAL B 256 27.92 -29.99 -5.83
N GLN B 257 27.35 -28.95 -5.23
CA GLN B 257 25.88 -28.89 -5.08
C GLN B 257 25.20 -27.60 -5.56
N SER B 258 25.95 -26.54 -5.85
CA SER B 258 25.38 -25.27 -6.31
C SER B 258 26.44 -24.33 -6.87
N LEU B 259 26.03 -23.47 -7.79
CA LEU B 259 26.99 -22.58 -8.43
C LEU B 259 26.56 -21.14 -8.81
N ASP B 260 27.43 -20.17 -8.54
CA ASP B 260 27.16 -18.78 -8.90
C ASP B 260 28.07 -18.42 -10.07
N LEU B 261 27.52 -17.66 -11.02
CA LEU B 261 28.28 -17.20 -12.18
C LEU B 261 28.01 -15.71 -12.09
N VAL B 262 28.98 -15.00 -11.53
CA VAL B 262 28.79 -13.58 -11.31
C VAL B 262 29.76 -12.62 -11.96
N GLU B 263 29.38 -11.35 -11.89
CA GLU B 263 30.18 -10.25 -12.38
C GLU B 263 30.54 -10.22 -13.85
N VAL B 264 29.70 -10.79 -14.70
CA VAL B 264 29.97 -10.70 -16.13
C VAL B 264 29.40 -9.36 -16.59
N ASN B 265 30.17 -8.57 -17.33
CA ASN B 265 29.68 -7.27 -17.77
C ASN B 265 29.80 -7.08 -19.27
N PRO B 266 28.66 -7.06 -19.99
CA PRO B 266 28.54 -6.90 -21.44
C PRO B 266 29.03 -5.54 -21.97
N ILE B 267 28.80 -4.50 -21.18
CA ILE B 267 29.22 -3.16 -21.57
C ILE B 267 30.75 -3.06 -21.67
N LEU B 268 31.42 -4.04 -21.06
CA LEU B 268 32.86 -4.07 -21.06
C LEU B 268 33.44 -5.28 -21.79
N ASP B 269 32.57 -6.14 -22.29
CA ASP B 269 33.02 -7.36 -22.95
C ASP B 269 33.36 -7.16 -24.40
N GLU B 270 33.57 -8.25 -25.11
CA GLU B 270 33.88 -8.24 -26.54
C GLU B 270 33.25 -9.46 -27.19
N ARG B 271 32.24 -9.23 -28.02
CA ARG B 271 31.55 -10.31 -28.70
C ARG B 271 31.01 -11.28 -27.66
N ASN B 272 30.49 -10.72 -26.57
CA ASN B 272 29.91 -11.47 -25.45
C ASN B 272 30.60 -12.78 -25.12
N ARG B 273 31.93 -12.78 -25.15
CA ARG B 273 32.68 -14.01 -24.92
C ARG B 273 33.07 -14.32 -23.49
N THR B 274 32.91 -13.36 -22.60
CA THR B 274 33.21 -13.61 -21.21
C THR B 274 32.04 -14.45 -20.71
N ALA B 275 30.84 -14.11 -21.18
CA ALA B 275 29.64 -14.85 -20.77
C ALA B 275 29.76 -16.26 -21.33
N GLU B 276 30.22 -16.31 -22.56
CA GLU B 276 30.39 -17.58 -23.23
C GLU B 276 31.32 -18.45 -22.41
N MET B 277 32.43 -17.88 -21.95
CA MET B 277 33.38 -18.62 -21.15
C MET B 277 32.84 -19.12 -19.82
N LEU B 278 32.02 -18.33 -19.15
CA LEU B 278 31.49 -18.81 -17.89
C LEU B 278 30.52 -19.96 -18.13
N VAL B 279 29.68 -19.86 -19.18
CA VAL B 279 28.74 -20.93 -19.50
C VAL B 279 29.51 -22.23 -19.67
N GLY B 280 30.63 -22.11 -20.39
CA GLY B 280 31.50 -23.23 -20.61
C GLY B 280 31.95 -23.78 -19.29
N LEU B 281 32.58 -22.94 -18.47
CA LEU B 281 33.10 -23.42 -17.20
C LEU B 281 32.01 -24.09 -16.37
N ALA B 282 30.77 -23.61 -16.52
CA ALA B 282 29.64 -24.19 -15.79
C ALA B 282 29.44 -25.63 -16.28
N LEU B 283 29.41 -25.80 -17.61
CA LEU B 283 29.20 -27.10 -18.20
C LEU B 283 30.22 -28.11 -17.65
N SER B 284 31.48 -27.72 -17.59
CA SER B 284 32.52 -28.59 -17.07
C SER B 284 32.30 -29.01 -15.63
N LEU B 285 31.91 -28.05 -14.80
CA LEU B 285 31.68 -28.30 -13.39
C LEU B 285 30.51 -29.26 -13.15
N LEU B 286 29.52 -29.25 -14.03
CA LEU B 286 28.39 -30.17 -13.89
C LEU B 286 28.58 -31.51 -14.61
N GLY B 287 29.84 -31.95 -14.65
CA GLY B 287 30.17 -33.24 -15.23
C GLY B 287 30.54 -33.37 -16.70
N LYS B 288 30.82 -32.26 -17.39
CA LYS B 288 31.18 -32.37 -18.80
C LYS B 288 32.66 -32.62 -18.97
N ARG B 289 32.97 -33.71 -19.66
CA ARG B 289 34.34 -34.13 -19.89
C ARG B 289 34.65 -34.22 -21.40
N ILE B 290 35.94 -34.27 -21.75
CA ILE B 290 36.34 -34.38 -23.15
C ILE B 290 36.08 -35.81 -23.62
N PHE B 291 36.46 -36.77 -22.78
CA PHE B 291 36.28 -38.17 -23.08
C PHE B 291 35.21 -38.69 -22.14
N GLU C 2 -19.19 27.24 -39.69
CA GLU C 2 -19.68 27.87 -40.94
C GLU C 2 -20.79 28.88 -40.67
N ARG C 3 -21.25 28.91 -39.42
CA ARG C 3 -22.30 29.83 -39.04
C ARG C 3 -21.72 30.99 -38.21
N VAL C 4 -22.27 32.19 -38.41
CA VAL C 4 -21.80 33.38 -37.71
C VAL C 4 -22.95 34.31 -37.31
N ALA C 5 -22.90 34.82 -36.09
CA ALA C 5 -23.94 35.73 -35.63
C ALA C 5 -23.35 37.08 -35.29
N VAL C 6 -24.02 38.14 -35.68
CA VAL C 6 -23.51 39.44 -35.38
C VAL C 6 -24.50 40.17 -34.50
N VAL C 7 -24.02 40.99 -33.57
CA VAL C 7 -24.91 41.79 -32.72
C VAL C 7 -24.16 43.03 -32.30
N GLY C 8 -24.84 44.18 -32.35
CA GLY C 8 -24.19 45.42 -31.98
C GLY C 8 -24.55 45.82 -30.57
N VAL C 9 -23.79 46.75 -29.99
CA VAL C 9 -24.04 47.24 -28.64
C VAL C 9 -23.82 48.76 -28.63
N PRO C 10 -24.78 49.54 -29.14
CA PRO C 10 -24.68 51.00 -29.20
C PRO C 10 -24.34 51.64 -27.86
N MET C 11 -23.30 51.16 -27.19
CA MET C 11 -22.97 51.72 -25.90
C MET C 11 -21.91 52.79 -25.81
N ASP C 12 -22.34 53.92 -25.26
CA ASP C 12 -21.46 55.06 -25.07
C ASP C 12 -21.77 55.65 -23.71
N LEU C 13 -21.18 55.08 -22.66
CA LEU C 13 -21.41 55.54 -21.30
C LEU C 13 -20.12 55.82 -20.55
N GLY C 19 -19.25 59.34 -28.90
CA GLY C 19 -19.87 58.96 -30.16
C GLY C 19 -19.65 57.52 -30.60
N VAL C 20 -19.01 56.71 -29.75
CA VAL C 20 -18.75 55.30 -30.05
C VAL C 20 -20.05 54.50 -30.22
N ASP C 21 -21.18 55.07 -29.83
CA ASP C 21 -22.45 54.36 -29.98
C ASP C 21 -22.89 54.21 -31.43
N MET C 22 -22.23 54.93 -32.35
CA MET C 22 -22.54 54.83 -33.77
C MET C 22 -21.61 53.79 -34.36
N GLY C 23 -20.82 53.19 -33.48
CA GLY C 23 -19.85 52.20 -33.90
C GLY C 23 -20.43 51.04 -34.69
N PRO C 24 -21.53 50.44 -34.21
CA PRO C 24 -22.13 49.32 -34.93
C PRO C 24 -22.62 49.69 -36.34
N SER C 25 -23.30 50.81 -36.49
CA SER C 25 -23.75 51.22 -37.82
C SER C 25 -22.55 51.27 -38.75
N ALA C 26 -21.52 52.00 -38.32
CA ALA C 26 -20.28 52.14 -39.08
C ALA C 26 -19.72 50.81 -39.57
N LEU C 27 -19.52 49.88 -38.64
CA LEU C 27 -19.00 48.54 -38.96
C LEU C 27 -19.95 47.78 -39.89
N ARG C 28 -21.24 48.03 -39.74
CA ARG C 28 -22.23 47.36 -40.56
C ARG C 28 -22.15 47.88 -42.00
N TYR C 29 -22.18 49.20 -42.16
CA TYR C 29 -22.09 49.80 -43.46
C TYR C 29 -20.79 49.46 -44.20
N ALA C 30 -19.77 49.02 -43.46
CA ALA C 30 -18.49 48.63 -44.04
C ALA C 30 -18.57 47.22 -44.61
N ARG C 31 -19.80 46.71 -44.68
CA ARG C 31 -20.09 45.39 -45.24
C ARG C 31 -19.35 44.20 -44.62
N LEU C 32 -19.51 44.03 -43.31
CA LEU C 32 -18.89 42.95 -42.57
C LEU C 32 -19.72 41.68 -42.79
N LEU C 33 -21.03 41.85 -42.87
CA LEU C 33 -21.95 40.73 -43.07
C LEU C 33 -21.70 40.09 -44.43
N GLU C 34 -21.92 40.89 -45.48
CA GLU C 34 -21.72 40.48 -46.85
C GLU C 34 -20.34 39.86 -47.09
N GLN C 35 -19.30 40.43 -46.52
CA GLN C 35 -17.96 39.92 -46.75
C GLN C 35 -17.72 38.58 -46.05
N LEU C 36 -18.39 38.37 -44.92
CA LEU C 36 -18.26 37.10 -44.22
C LEU C 36 -18.94 36.06 -45.10
N GLU C 37 -20.03 36.45 -45.76
CA GLU C 37 -20.71 35.50 -46.63
C GLU C 37 -19.80 35.11 -47.78
N ASP C 38 -19.21 36.10 -48.45
CA ASP C 38 -18.29 35.83 -49.55
C ASP C 38 -17.22 34.85 -49.11
N LEU C 39 -16.93 34.81 -47.81
CA LEU C 39 -15.91 33.92 -47.28
C LEU C 39 -16.45 32.52 -47.03
N GLY C 40 -17.74 32.34 -47.27
CA GLY C 40 -18.35 31.02 -47.05
C GLY C 40 -19.22 30.82 -45.82
N TYR C 41 -19.29 31.79 -44.94
CA TYR C 41 -20.15 31.70 -43.76
C TYR C 41 -21.56 32.04 -44.19
N THR C 42 -22.53 31.60 -43.40
CA THR C 42 -23.92 31.95 -43.65
C THR C 42 -24.09 32.76 -42.36
N VAL C 43 -24.28 34.07 -42.50
CA VAL C 43 -24.36 34.96 -41.36
C VAL C 43 -25.75 35.45 -41.02
N GLU C 44 -25.89 35.97 -39.81
CA GLU C 44 -27.17 36.42 -39.32
C GLU C 44 -27.00 37.62 -38.39
N ASP C 45 -27.60 38.75 -38.74
CA ASP C 45 -27.48 39.94 -37.90
C ASP C 45 -28.58 39.91 -36.85
N LEU C 46 -28.21 39.85 -35.57
CA LEU C 46 -29.21 39.79 -34.51
C LEU C 46 -29.66 41.17 -34.05
N GLY C 47 -29.33 42.23 -34.78
CA GLY C 47 -29.76 43.54 -34.32
C GLY C 47 -28.90 44.09 -33.20
N ASP C 48 -29.50 44.91 -32.35
CA ASP C 48 -28.78 45.53 -31.25
C ASP C 48 -29.35 45.20 -29.86
N VAL C 49 -28.46 45.22 -28.87
CA VAL C 49 -28.85 45.00 -27.50
C VAL C 49 -29.38 46.38 -27.13
N PRO C 50 -30.45 46.46 -26.35
CA PRO C 50 -30.89 47.81 -26.03
C PRO C 50 -30.01 48.39 -24.92
N VAL C 51 -29.57 49.62 -25.13
CA VAL C 51 -28.74 50.28 -24.15
C VAL C 51 -29.43 51.60 -23.84
N SER C 52 -29.68 51.82 -22.56
CA SER C 52 -30.39 53.00 -22.11
C SER C 52 -29.55 53.73 -21.07
N LEU C 64 -17.94 53.30 -11.21
CA LEU C 64 -18.86 54.35 -10.78
C LEU C 64 -19.96 54.68 -11.83
N ALA C 65 -19.95 55.91 -12.33
CA ALA C 65 -20.93 56.42 -13.30
C ALA C 65 -21.59 55.43 -14.29
N TYR C 66 -22.93 55.42 -14.30
CA TYR C 66 -23.72 54.58 -15.21
C TYR C 66 -23.57 53.06 -15.01
N LEU C 67 -22.89 52.67 -13.95
CA LEU C 67 -22.66 51.26 -13.70
C LEU C 67 -23.92 50.43 -14.01
N GLU C 68 -24.95 50.59 -13.18
CA GLU C 68 -26.20 49.85 -13.34
C GLU C 68 -26.77 49.77 -14.75
N GLU C 69 -26.64 50.83 -15.54
CA GLU C 69 -27.14 50.83 -16.92
C GLU C 69 -26.20 49.98 -17.77
N ILE C 70 -24.92 50.02 -17.42
CA ILE C 70 -23.94 49.22 -18.13
C ILE C 70 -24.16 47.76 -17.69
N ARG C 71 -24.45 47.56 -16.41
CA ARG C 71 -24.63 46.22 -15.86
C ARG C 71 -25.75 45.48 -16.60
N ALA C 72 -26.84 46.21 -16.87
CA ALA C 72 -28.01 45.66 -17.57
C ALA C 72 -27.73 45.25 -19.03
N ALA C 73 -27.26 46.19 -19.85
CA ALA C 73 -26.96 45.87 -21.25
C ALA C 73 -25.90 44.76 -21.30
N ALA C 74 -24.85 44.92 -20.50
CA ALA C 74 -23.79 43.92 -20.43
C ALA C 74 -24.43 42.59 -20.11
N LEU C 75 -25.48 42.65 -19.30
CA LEU C 75 -26.18 41.45 -18.87
C LEU C 75 -27.13 40.90 -19.95
N VAL C 76 -27.93 41.79 -20.57
CA VAL C 76 -28.85 41.40 -21.63
C VAL C 76 -28.05 40.74 -22.76
N LEU C 77 -26.77 41.06 -22.81
CA LEU C 77 -25.88 40.55 -23.85
C LEU C 77 -25.29 39.22 -23.48
N LYS C 78 -24.86 39.10 -22.22
CA LYS C 78 -24.28 37.83 -21.75
C LYS C 78 -25.38 36.83 -22.02
N GLU C 79 -26.60 37.34 -21.91
CA GLU C 79 -27.74 36.51 -22.15
C GLU C 79 -27.86 36.13 -23.62
N ARG C 80 -27.93 37.12 -24.51
CA ARG C 80 -28.12 36.75 -25.89
C ARG C 80 -27.04 35.82 -26.44
N LEU C 81 -25.81 36.00 -26.01
CA LEU C 81 -24.72 35.14 -26.48
C LEU C 81 -24.73 33.71 -25.96
N ALA C 82 -25.01 33.56 -24.66
CA ALA C 82 -25.05 32.25 -24.03
C ALA C 82 -26.13 31.38 -24.66
N ALA C 83 -27.28 32.00 -24.96
CA ALA C 83 -28.44 31.33 -25.58
C ALA C 83 -28.28 30.73 -26.97
N LEU C 84 -27.21 31.03 -27.69
CA LEU C 84 -27.08 30.54 -29.07
C LEU C 84 -26.71 29.07 -29.26
N PRO C 85 -27.19 28.46 -30.35
CA PRO C 85 -26.87 27.06 -30.59
C PRO C 85 -25.37 26.88 -30.52
N GLU C 86 -24.90 25.77 -29.95
CA GLU C 86 -23.48 25.53 -29.95
C GLU C 86 -23.12 25.45 -31.43
N GLY C 87 -22.07 26.15 -31.83
CA GLY C 87 -21.67 26.12 -33.21
C GLY C 87 -21.74 27.46 -33.91
N VAL C 88 -22.42 28.42 -33.31
CA VAL C 88 -22.56 29.71 -33.95
C VAL C 88 -21.58 30.79 -33.43
N PHE C 89 -20.49 30.97 -34.16
CA PHE C 89 -19.44 31.95 -33.85
C PHE C 89 -20.02 33.36 -33.64
N PRO C 90 -19.92 33.92 -32.42
CA PRO C 90 -20.50 35.26 -32.28
C PRO C 90 -19.49 36.38 -32.56
N ILE C 91 -19.99 37.53 -32.97
CA ILE C 91 -19.17 38.68 -33.27
C ILE C 91 -19.97 39.86 -32.75
N VAL C 92 -19.49 40.47 -31.68
CA VAL C 92 -20.17 41.61 -31.12
C VAL C 92 -19.51 42.86 -31.64
N LEU C 93 -20.32 43.83 -32.06
CA LEU C 93 -19.80 45.09 -32.56
C LEU C 93 -20.20 46.04 -31.46
N GLY C 94 -19.47 47.13 -31.27
CA GLY C 94 -19.91 47.98 -30.19
C GLY C 94 -19.45 49.42 -30.13
N GLY C 95 -19.56 49.94 -28.92
CA GLY C 95 -19.13 51.26 -28.52
C GLY C 95 -18.09 50.94 -27.45
N ASP C 96 -18.29 51.49 -26.25
CA ASP C 96 -17.35 51.31 -25.15
C ASP C 96 -16.90 49.87 -25.14
N HIS C 97 -15.71 49.64 -24.62
CA HIS C 97 -15.13 48.30 -24.53
C HIS C 97 -15.84 47.51 -23.41
N SER C 98 -16.72 48.21 -22.67
CA SER C 98 -17.45 47.61 -21.56
C SER C 98 -18.31 46.43 -22.03
N LEU C 99 -18.87 46.57 -23.22
CA LEU C 99 -19.71 45.50 -23.77
C LEU C 99 -19.00 44.16 -23.53
N SER C 100 -17.67 44.22 -23.53
CA SER C 100 -16.87 43.02 -23.32
C SER C 100 -17.11 42.30 -22.01
N MET C 101 -17.53 43.00 -20.96
CA MET C 101 -17.79 42.31 -19.70
C MET C 101 -18.82 41.23 -19.95
N GLY C 102 -19.83 41.57 -20.75
CA GLY C 102 -20.88 40.66 -21.07
C GLY C 102 -20.56 39.72 -22.22
N SER C 103 -19.92 40.23 -23.28
CA SER C 103 -19.64 39.36 -24.41
C SER C 103 -18.72 38.21 -24.07
N VAL C 104 -17.64 38.46 -23.32
CA VAL C 104 -16.71 37.41 -22.95
C VAL C 104 -17.38 36.43 -21.98
N ALA C 105 -18.06 36.98 -20.98
CA ALA C 105 -18.77 36.13 -20.01
C ALA C 105 -19.76 35.24 -20.74
N GLY C 106 -20.67 35.87 -21.48
CA GLY C 106 -21.66 35.13 -22.22
C GLY C 106 -20.99 34.19 -23.20
N ALA C 107 -20.20 34.73 -24.11
CA ALA C 107 -19.51 33.95 -25.12
C ALA C 107 -18.77 32.73 -24.62
N ALA C 108 -18.40 32.71 -23.34
CA ALA C 108 -17.67 31.57 -22.77
C ALA C 108 -18.60 30.39 -22.44
N ARG C 109 -19.89 30.69 -22.27
CA ARG C 109 -20.89 29.67 -21.95
C ARG C 109 -20.38 28.64 -20.93
N GLY C 110 -19.74 29.10 -19.86
CA GLY C 110 -19.28 28.19 -18.83
C GLY C 110 -17.95 27.55 -19.13
N ARG C 111 -17.64 27.36 -20.41
CA ARG C 111 -16.38 26.72 -20.82
C ARG C 111 -15.18 27.52 -20.30
N ARG C 112 -14.00 26.89 -20.25
CA ARG C 112 -12.79 27.58 -19.84
C ARG C 112 -12.14 28.11 -21.11
N VAL C 113 -12.14 29.43 -21.27
CA VAL C 113 -11.59 30.07 -22.46
C VAL C 113 -10.51 31.12 -22.19
N GLY C 114 -9.58 31.24 -23.14
CA GLY C 114 -8.51 32.21 -23.03
C GLY C 114 -8.88 33.48 -23.75
N VAL C 115 -8.42 34.61 -23.24
CA VAL C 115 -8.76 35.90 -23.84
C VAL C 115 -7.58 36.65 -24.43
N VAL C 116 -7.63 36.97 -25.71
CA VAL C 116 -6.54 37.73 -26.32
C VAL C 116 -7.09 39.16 -26.42
N TRP C 117 -6.52 40.05 -25.61
CA TRP C 117 -6.96 41.43 -25.57
C TRP C 117 -6.03 42.37 -26.35
N VAL C 118 -6.43 42.74 -27.57
CA VAL C 118 -5.67 43.62 -28.45
C VAL C 118 -6.20 45.05 -28.35
N ASP C 119 -5.69 45.81 -27.38
CA ASP C 119 -6.12 47.18 -27.10
C ASP C 119 -4.76 47.92 -27.01
N ALA C 120 -4.78 49.25 -27.10
CA ALA C 120 -3.56 50.05 -26.97
C ALA C 120 -3.51 50.20 -25.47
N HIS C 121 -4.70 50.16 -24.86
CA HIS C 121 -4.85 50.23 -23.40
C HIS C 121 -5.04 48.84 -22.81
N ALA C 122 -4.88 48.74 -21.49
CA ALA C 122 -5.03 47.47 -20.77
C ALA C 122 -6.41 47.32 -20.14
N ASP C 123 -7.26 48.35 -20.28
CA ASP C 123 -8.61 48.30 -19.74
C ASP C 123 -8.64 47.43 -18.46
N PHE C 124 -7.66 47.65 -17.56
CA PHE C 124 -7.50 46.87 -16.33
C PHE C 124 -7.54 47.65 -15.01
N ASN C 125 -8.39 48.66 -14.94
CA ASN C 125 -8.54 49.48 -13.73
C ASN C 125 -9.69 49.03 -12.84
N THR C 126 -9.62 49.41 -11.57
CA THR C 126 -10.65 49.09 -10.60
C THR C 126 -11.15 50.43 -10.12
N PRO C 127 -12.22 50.48 -9.33
CA PRO C 127 -12.64 51.82 -8.92
C PRO C 127 -11.53 52.48 -8.13
N GLU C 128 -10.69 51.64 -7.50
CA GLU C 128 -9.53 52.09 -6.71
C GLU C 128 -8.50 52.78 -7.59
N THR C 129 -7.91 52.03 -8.52
CA THR C 129 -6.86 52.54 -9.38
C THR C 129 -7.22 53.59 -10.42
N SER C 130 -8.50 53.84 -10.63
CA SER C 130 -9.01 54.87 -11.57
C SER C 130 -9.96 54.24 -12.60
N SER C 132 -10.44 58.44 -13.46
CA SER C 132 -11.45 59.37 -13.93
C SER C 132 -12.90 58.82 -14.03
N GLY C 133 -13.13 57.60 -13.52
CA GLY C 133 -14.44 56.90 -13.47
C GLY C 133 -15.06 55.98 -14.53
N ASN C 134 -14.48 56.00 -15.72
CA ASN C 134 -14.93 55.20 -16.87
C ASN C 134 -15.02 53.77 -16.36
N VAL C 135 -16.11 53.11 -16.67
CA VAL C 135 -16.29 51.67 -16.63
C VAL C 135 -15.56 51.01 -17.79
N HIS C 136 -15.45 51.74 -18.90
CA HIS C 136 -14.81 51.19 -20.11
C HIS C 136 -13.30 51.13 -20.07
N GLY C 137 -12.74 51.24 -18.86
CA GLY C 137 -11.31 51.14 -18.68
C GLY C 137 -11.07 50.04 -17.67
N MET C 138 -12.17 49.41 -17.28
CA MET C 138 -12.20 48.35 -16.28
C MET C 138 -12.64 46.97 -16.77
N PRO C 139 -13.10 46.84 -18.03
CA PRO C 139 -13.56 45.53 -18.51
C PRO C 139 -12.76 44.28 -18.24
N LEU C 140 -11.48 44.27 -18.62
CA LEU C 140 -10.63 43.09 -18.44
C LEU C 140 -10.29 42.82 -16.98
N ALA C 141 -10.33 43.85 -16.14
CA ALA C 141 -10.04 43.63 -14.73
C ALA C 141 -11.26 42.91 -14.13
N VAL C 142 -12.44 43.25 -14.61
CA VAL C 142 -13.68 42.65 -14.14
C VAL C 142 -13.76 41.17 -14.56
N LEU C 143 -13.49 40.89 -15.84
CA LEU C 143 -13.51 39.51 -16.34
C LEU C 143 -12.41 38.71 -15.63
N SER C 144 -11.57 39.42 -14.88
CA SER C 144 -10.49 38.78 -14.15
C SER C 144 -10.77 38.72 -12.66
N GLY C 145 -11.98 39.10 -12.27
CA GLY C 145 -12.34 39.07 -10.86
C GLY C 145 -11.81 40.18 -9.97
N LEU C 146 -11.38 41.26 -10.59
CA LEU C 146 -10.82 42.39 -9.86
C LEU C 146 -11.65 43.59 -10.18
N GLY C 147 -12.28 44.17 -9.17
CA GLY C 147 -13.09 45.36 -9.40
C GLY C 147 -14.39 45.44 -8.63
N HIS C 148 -15.24 46.39 -9.01
CA HIS C 148 -16.53 46.57 -8.33
C HIS C 148 -17.20 45.22 -8.24
N PRO C 149 -17.87 44.92 -7.12
CA PRO C 149 -18.52 43.60 -7.02
C PRO C 149 -19.84 43.40 -7.76
N ARG C 150 -20.62 44.45 -7.95
CA ARG C 150 -21.88 44.29 -8.65
C ARG C 150 -21.57 43.82 -10.07
N LEU C 151 -20.37 44.15 -10.54
CA LEU C 151 -19.95 43.78 -11.87
C LEU C 151 -19.26 42.42 -11.92
N THR C 152 -18.33 42.20 -10.99
CA THR C 152 -17.58 40.93 -10.94
C THR C 152 -18.48 39.74 -10.65
N GLU C 153 -19.44 39.93 -9.74
CA GLU C 153 -20.37 38.86 -9.40
C GLU C 153 -21.04 38.22 -10.60
N VAL C 154 -21.41 39.01 -11.59
CA VAL C 154 -22.07 38.47 -12.77
C VAL C 154 -21.21 38.40 -14.01
N PHE C 155 -20.04 39.04 -13.98
CA PHE C 155 -19.16 39.05 -15.17
C PHE C 155 -17.76 38.40 -15.12
N ARG C 156 -17.23 38.07 -13.95
CA ARG C 156 -15.91 37.45 -13.91
C ARG C 156 -15.95 36.19 -14.78
N ALA C 157 -15.11 36.10 -15.79
CA ALA C 157 -15.18 34.91 -16.61
C ALA C 157 -13.85 34.34 -17.06
N VAL C 158 -12.76 34.90 -16.57
CA VAL C 158 -11.47 34.39 -16.97
C VAL C 158 -10.46 34.53 -15.84
N ASP C 159 -9.50 33.61 -15.83
CA ASP C 159 -8.41 33.64 -14.86
C ASP C 159 -7.32 34.42 -15.58
N PRO C 160 -6.55 35.23 -14.84
CA PRO C 160 -5.49 36.00 -15.48
C PRO C 160 -4.38 35.14 -16.11
N LYS C 161 -4.15 33.94 -15.59
CA LYS C 161 -3.13 33.08 -16.15
C LYS C 161 -3.58 32.63 -17.53
N ASP C 162 -4.78 33.04 -17.91
CA ASP C 162 -5.36 32.69 -19.21
C ASP C 162 -5.65 33.94 -20.05
N VAL C 163 -5.01 35.06 -19.75
CA VAL C 163 -5.23 36.28 -20.50
C VAL C 163 -3.95 36.77 -21.15
N VAL C 164 -4.05 37.38 -22.32
CA VAL C 164 -2.88 37.93 -22.97
C VAL C 164 -3.18 39.24 -23.65
N LEU C 165 -2.51 40.29 -23.19
CA LEU C 165 -2.69 41.62 -23.74
C LEU C 165 -1.64 41.87 -24.84
N VAL C 166 -2.07 42.40 -25.98
CA VAL C 166 -1.18 42.64 -27.11
C VAL C 166 -1.34 44.03 -27.67
N GLY C 167 -0.21 44.72 -27.84
CA GLY C 167 -0.22 46.07 -28.39
C GLY C 167 -0.41 47.18 -27.39
N VAL C 168 -0.18 46.89 -26.10
CA VAL C 168 -0.35 47.88 -25.03
C VAL C 168 0.73 48.95 -25.11
N ARG C 169 0.31 50.20 -25.07
CA ARG C 169 1.27 51.28 -25.18
C ARG C 169 0.95 52.44 -24.25
N SER C 170 0.09 52.20 -23.27
CA SER C 170 -0.27 53.23 -22.30
C SER C 170 -1.01 52.62 -21.09
N LEU C 171 -0.40 52.78 -19.90
CA LEU C 171 -0.91 52.23 -18.66
C LEU C 171 -0.88 53.24 -17.50
N ASP C 172 -1.93 53.22 -16.67
CA ASP C 172 -1.99 54.09 -15.50
C ASP C 172 -1.13 53.45 -14.43
N PRO C 173 -0.66 54.24 -13.45
CA PRO C 173 0.16 53.67 -12.37
C PRO C 173 -0.59 52.57 -11.60
N GLY C 174 -1.89 52.76 -11.42
CA GLY C 174 -2.70 51.76 -10.75
C GLY C 174 -2.78 50.44 -11.53
N GLU C 175 -2.85 50.52 -12.86
CA GLU C 175 -2.93 49.32 -13.69
C GLU C 175 -1.69 48.46 -13.61
N LYS C 176 -0.52 49.07 -13.76
CA LYS C 176 0.72 48.30 -13.75
C LYS C 176 0.78 47.45 -12.51
N ARG C 177 0.31 48.00 -11.38
CA ARG C 177 0.30 47.29 -10.13
C ARG C 177 -0.57 46.04 -10.27
N LEU C 178 -1.86 46.26 -10.48
CA LEU C 178 -2.82 45.20 -10.63
C LEU C 178 -2.38 44.09 -11.57
N LEU C 179 -1.94 44.46 -12.76
CA LEU C 179 -1.49 43.47 -13.73
C LEU C 179 -0.32 42.70 -13.16
N LYS C 180 0.55 43.36 -12.41
CA LYS C 180 1.73 42.72 -11.83
C LYS C 180 1.45 41.67 -10.77
N GLU C 181 0.58 42.00 -9.83
CA GLU C 181 0.26 41.03 -8.79
C GLU C 181 -0.50 39.87 -9.41
N ALA C 182 -1.51 40.23 -10.21
CA ALA C 182 -2.39 39.28 -10.88
C ALA C 182 -1.69 38.35 -11.84
N GLY C 183 -0.48 38.72 -12.27
CA GLY C 183 0.29 37.90 -13.18
C GLY C 183 -0.14 37.81 -14.63
N VAL C 184 -0.68 38.88 -15.20
CA VAL C 184 -1.12 38.87 -16.60
C VAL C 184 0.05 39.01 -17.59
N ARG C 185 0.02 38.20 -18.65
CA ARG C 185 1.06 38.23 -19.67
C ARG C 185 0.77 39.42 -20.57
N VAL C 186 1.65 40.42 -20.53
CA VAL C 186 1.45 41.63 -21.32
C VAL C 186 2.49 41.86 -22.40
N TYR C 187 2.03 42.11 -23.63
CA TYR C 187 2.94 42.38 -24.73
C TYR C 187 2.72 43.80 -25.16
N THR C 188 3.54 44.70 -24.65
CA THR C 188 3.44 46.11 -25.01
C THR C 188 4.11 46.32 -26.35
N MET C 189 3.99 47.52 -26.90
CA MET C 189 4.61 47.77 -28.20
C MET C 189 6.09 47.46 -28.16
N HIS C 190 6.71 47.71 -26.99
CA HIS C 190 8.13 47.40 -26.77
C HIS C 190 8.49 45.96 -27.13
N GLU C 191 7.70 45.01 -26.63
CA GLU C 191 7.95 43.61 -26.95
C GLU C 191 7.69 43.36 -28.43
N VAL C 192 6.71 44.08 -28.99
CA VAL C 192 6.37 43.93 -30.41
C VAL C 192 7.52 44.41 -31.28
N ASP C 193 8.08 45.57 -30.93
CA ASP C 193 9.21 46.15 -31.64
C ASP C 193 10.41 45.25 -31.49
N ARG C 194 10.51 44.62 -30.33
CA ARG C 194 11.65 43.76 -30.05
C ARG C 194 11.52 42.32 -30.54
N LEU C 195 10.31 41.77 -30.51
CA LEU C 195 10.12 40.38 -30.89
C LEU C 195 9.40 40.17 -32.22
N GLY C 196 8.56 41.13 -32.60
CA GLY C 196 7.83 41.00 -33.84
C GLY C 196 6.55 40.21 -33.65
N VAL C 197 5.46 40.73 -34.21
CA VAL C 197 4.15 40.10 -34.13
C VAL C 197 4.22 38.58 -34.34
N ALA C 198 4.93 38.13 -35.37
CA ALA C 198 5.04 36.68 -35.62
C ALA C 198 5.27 35.89 -34.35
N ARG C 199 6.45 36.09 -33.76
CA ARG C 199 6.84 35.38 -32.54
C ARG C 199 5.80 35.53 -31.45
N ILE C 200 5.38 36.77 -31.20
CA ILE C 200 4.37 37.04 -30.17
C ILE C 200 3.13 36.20 -30.43
N ALA C 201 2.64 36.19 -31.66
CA ALA C 201 1.46 35.38 -31.98
C ALA C 201 1.70 33.93 -31.58
N GLU C 202 2.88 33.40 -31.93
CA GLU C 202 3.24 32.02 -31.61
C GLU C 202 3.06 31.89 -30.12
N GLU C 203 3.67 32.83 -29.41
CA GLU C 203 3.60 32.85 -27.96
C GLU C 203 2.21 32.97 -27.35
N VAL C 204 1.37 33.87 -27.86
CA VAL C 204 0.03 34.02 -27.33
C VAL C 204 -0.76 32.73 -27.40
N LEU C 205 -0.39 31.88 -28.36
CA LEU C 205 -1.03 30.58 -28.53
C LEU C 205 -0.45 29.50 -27.61
N LYS C 206 0.84 29.57 -27.31
CA LYS C 206 1.43 28.57 -26.42
C LYS C 206 0.99 28.85 -25.00
N HIS C 207 0.96 30.14 -24.67
CA HIS C 207 0.55 30.57 -23.35
C HIS C 207 -0.91 30.26 -23.08
N LEU C 208 -1.73 30.28 -24.14
CA LEU C 208 -3.17 30.03 -24.04
C LEU C 208 -3.47 28.71 -24.68
N GLN C 209 -2.45 27.86 -24.77
CA GLN C 209 -2.59 26.55 -25.41
C GLN C 209 -3.67 25.65 -24.83
N GLY C 210 -4.41 25.01 -25.74
CA GLY C 210 -5.46 24.10 -25.37
C GLY C 210 -6.87 24.63 -25.34
N LEU C 211 -7.04 25.92 -25.02
CA LEU C 211 -8.38 26.51 -24.88
C LEU C 211 -8.95 27.22 -26.09
N PRO C 212 -10.27 27.36 -26.16
CA PRO C 212 -10.94 28.05 -27.26
C PRO C 212 -10.57 29.50 -26.99
N LEU C 213 -10.42 30.31 -28.03
CA LEU C 213 -9.96 31.67 -27.81
C LEU C 213 -10.97 32.78 -28.09
N HIS C 214 -11.07 33.73 -27.17
CA HIS C 214 -11.95 34.87 -27.38
C HIS C 214 -11.09 36.07 -27.68
N VAL C 215 -11.24 36.64 -28.87
CA VAL C 215 -10.44 37.82 -29.22
C VAL C 215 -11.23 39.12 -29.02
N SER C 216 -10.66 40.07 -28.29
CA SER C 216 -11.34 41.34 -28.09
C SER C 216 -10.48 42.32 -28.87
N LEU C 217 -11.07 43.10 -29.75
CA LEU C 217 -10.24 43.98 -30.56
C LEU C 217 -10.61 45.44 -30.50
N ASP C 218 -9.94 46.22 -29.64
CA ASP C 218 -10.18 47.66 -29.45
C ASP C 218 -9.51 48.26 -30.71
N ALA C 219 -10.10 49.26 -31.33
CA ALA C 219 -9.49 49.79 -32.54
C ALA C 219 -8.37 50.77 -32.19
N ASP C 220 -8.32 51.23 -30.94
CA ASP C 220 -7.28 52.16 -30.52
C ASP C 220 -5.91 51.49 -30.65
N VAL C 221 -5.91 50.19 -30.89
CA VAL C 221 -4.67 49.44 -31.02
C VAL C 221 -3.89 49.65 -32.31
N LEU C 222 -4.52 50.18 -33.35
CA LEU C 222 -3.81 50.41 -34.60
C LEU C 222 -3.22 51.79 -34.55
N ASP C 223 -2.26 52.09 -35.40
CA ASP C 223 -1.69 53.43 -35.35
C ASP C 223 -2.75 54.43 -35.78
N PRO C 224 -2.80 55.60 -35.09
CA PRO C 224 -3.77 56.67 -35.39
C PRO C 224 -3.66 57.18 -36.81
N THR C 225 -2.49 56.98 -37.40
CA THR C 225 -2.26 57.38 -38.77
C THR C 225 -3.18 56.54 -39.62
N LEU C 226 -3.35 55.32 -39.18
CA LEU C 226 -4.13 54.31 -39.88
C LEU C 226 -5.56 54.09 -39.33
N ALA C 227 -5.82 54.55 -38.11
CA ALA C 227 -7.13 54.36 -37.50
C ALA C 227 -7.56 55.55 -36.63
N PRO C 228 -7.82 56.70 -37.26
CA PRO C 228 -8.25 57.92 -36.55
C PRO C 228 -9.58 57.79 -35.82
N GLY C 229 -10.47 56.97 -36.36
CA GLY C 229 -11.79 56.81 -35.76
C GLY C 229 -11.91 55.99 -34.47
N VAL C 230 -11.31 56.48 -33.38
CA VAL C 230 -11.34 55.80 -32.08
C VAL C 230 -11.31 56.84 -30.97
N GLY C 231 -12.03 56.57 -29.88
CA GLY C 231 -12.07 57.52 -28.78
C GLY C 231 -10.77 58.11 -28.25
N THR C 232 -9.85 57.27 -27.79
CA THR C 232 -8.60 57.75 -27.23
C THR C 232 -7.35 57.29 -27.97
N PRO C 233 -7.01 57.94 -29.10
CA PRO C 233 -5.83 57.55 -29.89
C PRO C 233 -4.51 57.58 -29.13
N VAL C 234 -3.58 56.72 -29.50
CA VAL C 234 -2.26 56.65 -28.84
C VAL C 234 -1.17 56.32 -29.86
N PRO C 235 -0.16 57.16 -29.97
CA PRO C 235 0.96 57.00 -30.91
C PRO C 235 1.70 55.65 -30.97
N GLY C 236 2.23 55.31 -32.14
CA GLY C 236 2.99 54.09 -32.33
C GLY C 236 2.30 52.77 -32.07
N GLY C 237 1.23 52.50 -32.82
CA GLY C 237 0.51 51.26 -32.64
C GLY C 237 0.92 50.24 -33.68
N LEU C 238 0.05 49.29 -33.97
CA LEU C 238 0.37 48.26 -34.93
C LEU C 238 0.15 48.74 -36.35
N THR C 239 0.91 48.19 -37.27
CA THR C 239 0.73 48.57 -38.64
C THR C 239 -0.35 47.65 -39.20
N TYR C 240 -0.94 48.06 -40.31
CA TYR C 240 -1.99 47.29 -40.97
C TYR C 240 -1.47 45.86 -41.23
N ARG C 241 -0.29 45.75 -41.83
CA ARG C 241 0.26 44.43 -42.09
C ARG C 241 0.39 43.63 -40.79
N GLU C 242 0.85 44.29 -39.72
CA GLU C 242 0.98 43.63 -38.42
C GLU C 242 -0.36 43.18 -37.90
N ALA C 243 -1.36 44.04 -38.03
CA ALA C 243 -2.68 43.67 -37.56
C ALA C 243 -3.09 42.40 -38.30
N HIS C 244 -3.06 42.44 -39.62
CA HIS C 244 -3.45 41.28 -40.41
C HIS C 244 -2.67 40.02 -40.11
N LEU C 245 -1.37 40.13 -39.87
CA LEU C 245 -0.58 38.95 -39.56
C LEU C 245 -1.08 38.29 -38.28
N LEU C 246 -1.35 39.13 -37.28
CA LEU C 246 -1.80 38.65 -35.98
C LEU C 246 -3.05 37.80 -36.12
N MET C 247 -4.04 38.33 -36.84
CA MET C 247 -5.31 37.65 -37.08
C MET C 247 -5.12 36.36 -37.90
N GLU C 248 -4.19 36.40 -38.86
CA GLU C 248 -3.91 35.24 -39.68
C GLU C 248 -3.25 34.13 -38.84
N ILE C 249 -2.32 34.47 -37.97
CA ILE C 249 -1.70 33.41 -37.18
C ILE C 249 -2.67 32.82 -36.17
N LEU C 250 -3.44 33.68 -35.50
CA LEU C 250 -4.41 33.21 -34.51
C LEU C 250 -5.44 32.32 -35.19
N ALA C 251 -5.83 32.69 -36.40
CA ALA C 251 -6.80 31.87 -37.09
C ALA C 251 -6.23 30.47 -37.37
N GLU C 252 -5.03 30.38 -37.94
CA GLU C 252 -4.47 29.07 -38.25
C GLU C 252 -4.62 28.12 -37.07
N SER C 253 -4.59 28.67 -35.85
CA SER C 253 -4.69 27.88 -34.65
C SER C 253 -5.97 27.05 -34.54
N GLY C 254 -7.03 27.51 -35.20
CA GLY C 254 -8.28 26.79 -35.16
C GLY C 254 -9.11 26.98 -33.90
N ARG C 255 -8.55 27.60 -32.87
CA ARG C 255 -9.32 27.76 -31.64
C ARG C 255 -9.97 29.10 -31.35
N VAL C 256 -10.18 29.93 -32.37
CA VAL C 256 -10.80 31.22 -32.11
C VAL C 256 -12.32 31.01 -32.09
N GLN C 257 -13.01 31.35 -31.00
CA GLN C 257 -14.46 31.14 -30.98
C GLN C 257 -15.34 32.41 -30.90
N SER C 258 -14.79 33.53 -30.43
CA SER C 258 -15.58 34.75 -30.37
C SER C 258 -14.76 35.97 -30.82
N LEU C 259 -15.43 37.06 -31.19
CA LEU C 259 -14.78 38.27 -31.63
C LEU C 259 -15.53 39.51 -31.18
N ASP C 260 -14.79 40.47 -30.62
CA ASP C 260 -15.35 41.74 -30.22
C ASP C 260 -14.70 42.77 -31.16
N LEU C 261 -15.50 43.57 -31.84
CA LEU C 261 -14.97 44.66 -32.69
C LEU C 261 -15.50 45.87 -31.97
N VAL C 262 -14.64 46.60 -31.25
CA VAL C 262 -15.10 47.72 -30.45
C VAL C 262 -14.40 49.06 -30.52
N GLU C 263 -15.00 50.04 -29.85
CA GLU C 263 -14.48 51.40 -29.76
C GLU C 263 -14.35 52.13 -31.11
N VAL C 264 -15.06 51.67 -32.13
CA VAL C 264 -14.99 52.36 -33.42
C VAL C 264 -15.82 53.64 -33.27
N ASN C 265 -15.34 54.75 -33.79
CA ASN C 265 -16.06 56.02 -33.64
C ASN C 265 -16.14 56.86 -34.92
N PRO C 266 -17.17 56.62 -35.78
CA PRO C 266 -17.29 57.38 -37.03
C PRO C 266 -17.30 58.91 -36.88
N ILE C 267 -17.69 59.37 -35.71
CA ILE C 267 -17.77 60.79 -35.44
C ILE C 267 -16.37 61.39 -35.48
N LEU C 268 -15.36 60.57 -35.25
CA LEU C 268 -13.98 61.04 -35.28
C LEU C 268 -13.20 60.37 -36.40
N ASP C 269 -13.88 59.57 -37.23
CA ASP C 269 -13.20 58.86 -38.30
C ASP C 269 -13.04 59.69 -39.59
N GLU C 270 -12.45 59.06 -40.59
CA GLU C 270 -12.18 59.69 -41.88
C GLU C 270 -12.60 58.75 -43.00
N ARG C 271 -13.66 59.10 -43.71
CA ARG C 271 -14.21 58.26 -44.77
C ARG C 271 -14.56 56.88 -44.20
N ASN C 272 -14.89 56.81 -42.91
CA ASN C 272 -15.24 55.53 -42.28
C ASN C 272 -14.16 54.48 -42.49
N ARG C 273 -12.90 54.89 -42.48
CA ARG C 273 -11.86 53.92 -42.75
C ARG C 273 -11.40 53.07 -41.61
N THR C 274 -11.82 53.38 -40.39
CA THR C 274 -11.40 52.56 -39.25
C THR C 274 -12.27 51.31 -39.12
N ALA C 275 -13.53 51.47 -39.50
CA ALA C 275 -14.47 50.37 -39.50
C ALA C 275 -14.01 49.38 -40.56
N GLU C 276 -13.63 49.89 -41.72
CA GLU C 276 -13.17 49.04 -42.79
C GLU C 276 -11.96 48.26 -42.35
N MET C 277 -11.10 48.86 -41.55
CA MET C 277 -9.90 48.15 -41.09
C MET C 277 -10.32 46.94 -40.27
N LEU C 278 -11.16 47.19 -39.26
CA LEU C 278 -11.62 46.13 -38.37
C LEU C 278 -12.32 45.02 -39.15
N VAL C 279 -13.30 45.39 -39.97
CA VAL C 279 -14.01 44.38 -40.73
C VAL C 279 -13.00 43.50 -41.44
N GLY C 280 -11.97 44.14 -41.99
CA GLY C 280 -10.93 43.41 -42.69
C GLY C 280 -10.16 42.48 -41.79
N LEU C 281 -9.98 42.90 -40.53
CA LEU C 281 -9.27 42.08 -39.56
C LEU C 281 -10.14 40.93 -39.08
N ALA C 282 -11.44 41.20 -38.96
CA ALA C 282 -12.37 40.17 -38.55
C ALA C 282 -12.27 39.07 -39.59
N LEU C 283 -12.17 39.47 -40.86
CA LEU C 283 -12.08 38.52 -41.96
C LEU C 283 -10.80 37.69 -41.94
N SER C 284 -9.69 38.31 -41.55
CA SER C 284 -8.43 37.58 -41.49
C SER C 284 -8.47 36.57 -40.36
N LEU C 285 -9.18 36.93 -39.30
CA LEU C 285 -9.27 36.09 -38.14
C LEU C 285 -10.22 34.94 -38.39
N LEU C 286 -11.15 35.15 -39.32
CA LEU C 286 -12.13 34.10 -39.64
C LEU C 286 -11.74 33.32 -40.88
N GLY C 287 -10.43 33.15 -41.04
CA GLY C 287 -9.90 32.35 -42.13
C GLY C 287 -9.42 32.94 -43.45
N LYS C 288 -9.71 34.21 -43.71
CA LYS C 288 -9.29 34.79 -44.98
C LYS C 288 -7.77 34.86 -45.21
N ARG C 289 -7.34 34.36 -46.38
CA ARG C 289 -5.93 34.33 -46.73
C ARG C 289 -5.63 34.91 -48.11
N ILE C 290 -4.36 35.26 -48.33
CA ILE C 290 -3.89 35.80 -49.60
C ILE C 290 -3.79 34.68 -50.63
N PHE C 291 -3.30 33.54 -50.16
CA PHE C 291 -3.07 32.38 -51.01
C PHE C 291 -3.49 31.15 -50.23
N GLU D 2 -39.22 31.68 30.06
CA GLU D 2 -37.79 31.27 30.22
C GLU D 2 -37.54 30.26 31.35
N ARG D 3 -38.55 30.05 32.20
CA ARG D 3 -38.42 29.09 33.28
C ARG D 3 -39.35 27.89 33.02
N VAL D 4 -38.84 26.69 33.20
CA VAL D 4 -39.61 25.47 33.00
C VAL D 4 -39.43 24.51 34.18
N ALA D 5 -40.53 24.07 34.77
CA ALA D 5 -40.47 23.17 35.90
C ALA D 5 -40.99 21.79 35.52
N VAL D 6 -40.18 20.78 35.79
CA VAL D 6 -40.53 19.39 35.47
C VAL D 6 -40.79 18.53 36.70
N VAL D 7 -41.91 17.83 36.71
CA VAL D 7 -42.24 16.93 37.83
C VAL D 7 -42.67 15.57 37.30
N GLY D 8 -42.17 14.51 37.91
CA GLY D 8 -42.54 13.18 37.46
C GLY D 8 -43.59 12.51 38.31
N VAL D 9 -44.31 11.56 37.71
CA VAL D 9 -45.33 10.85 38.48
C VAL D 9 -45.28 9.36 38.16
N PRO D 10 -44.33 8.62 38.77
CA PRO D 10 -44.26 7.19 38.46
C PRO D 10 -45.44 6.44 39.07
N MET D 11 -46.58 6.52 38.38
CA MET D 11 -47.80 5.91 38.85
C MET D 11 -48.32 4.88 37.84
N ASP D 12 -48.55 3.66 38.32
CA ASP D 12 -49.02 2.57 37.49
C ASP D 12 -50.10 1.78 38.23
N LEU D 13 -51.12 2.51 38.69
CA LEU D 13 -52.24 1.91 39.39
C LEU D 13 -53.30 1.33 38.45
N GLY D 19 -45.85 -1.37 32.79
CA GLY D 19 -45.43 -0.43 33.82
C GLY D 19 -45.14 1.02 33.39
N VAL D 20 -46.18 1.81 33.20
CA VAL D 20 -46.01 3.21 32.86
C VAL D 20 -45.39 3.92 34.06
N ASP D 21 -45.11 3.19 35.13
CA ASP D 21 -44.54 3.86 36.29
C ASP D 21 -43.06 4.17 36.07
N MET D 22 -42.50 3.56 35.02
CA MET D 22 -41.11 3.77 34.65
C MET D 22 -40.99 4.91 33.63
N GLY D 23 -42.14 5.39 33.14
CA GLY D 23 -42.18 6.44 32.14
C GLY D 23 -41.31 7.62 32.48
N PRO D 24 -41.58 8.31 33.60
CA PRO D 24 -40.78 9.48 33.99
C PRO D 24 -39.29 9.20 33.78
N SER D 25 -38.80 8.08 34.25
CA SER D 25 -37.39 7.80 34.05
C SER D 25 -36.96 7.89 32.60
N ALA D 26 -37.61 7.13 31.75
CA ALA D 26 -37.27 7.13 30.34
C ALA D 26 -37.26 8.55 29.79
N LEU D 27 -38.29 9.31 30.11
CA LEU D 27 -38.37 10.67 29.63
C LEU D 27 -37.18 11.49 30.07
N ARG D 28 -36.72 11.27 31.30
CA ARG D 28 -35.56 12.00 31.81
C ARG D 28 -34.30 11.54 31.11
N TYR D 29 -34.22 10.23 30.89
CA TYR D 29 -33.06 9.65 30.20
C TYR D 29 -32.97 10.13 28.75
N ALA D 30 -34.12 10.42 28.15
CA ALA D 30 -34.15 10.94 26.79
C ALA D 30 -33.68 12.39 26.77
N ARG D 31 -33.09 12.84 27.88
CA ARG D 31 -32.55 14.20 28.00
C ARG D 31 -33.56 15.32 27.72
N LEU D 32 -34.72 15.23 28.35
CA LEU D 32 -35.75 16.25 28.19
C LEU D 32 -35.21 17.57 28.75
N LEU D 33 -34.71 17.51 29.99
CA LEU D 33 -34.17 18.69 30.65
C LEU D 33 -33.06 19.39 29.85
N GLU D 34 -31.97 18.68 29.63
CA GLU D 34 -30.83 19.20 28.90
C GLU D 34 -31.25 19.94 27.63
N GLN D 35 -32.10 19.31 26.85
CA GLN D 35 -32.55 19.89 25.58
C GLN D 35 -33.42 21.12 25.74
N LEU D 36 -34.20 21.16 26.82
CA LEU D 36 -35.03 22.32 27.08
C LEU D 36 -34.09 23.50 27.30
N GLU D 37 -33.00 23.25 28.03
CA GLU D 37 -31.99 24.25 28.35
C GLU D 37 -31.36 24.65 27.04
N ASP D 38 -31.00 23.64 26.25
CA ASP D 38 -30.41 23.86 24.96
C ASP D 38 -31.31 24.76 24.17
N LEU D 39 -32.59 24.76 24.54
CA LEU D 39 -33.57 25.56 23.86
C LEU D 39 -33.66 26.96 24.44
N GLY D 40 -32.72 27.31 25.33
CA GLY D 40 -32.73 28.63 25.93
C GLY D 40 -33.52 28.76 27.22
N TYR D 41 -34.17 27.68 27.62
CA TYR D 41 -34.97 27.66 28.85
C TYR D 41 -34.11 27.36 30.08
N THR D 42 -34.59 27.80 31.24
CA THR D 42 -33.91 27.54 32.49
C THR D 42 -34.79 26.42 33.07
N VAL D 43 -34.20 25.29 33.43
CA VAL D 43 -35.01 24.16 33.90
C VAL D 43 -34.74 23.59 35.28
N GLU D 44 -35.78 23.45 36.09
CA GLU D 44 -35.67 22.91 37.43
C GLU D 44 -36.38 21.56 37.48
N ASP D 45 -35.71 20.53 37.99
CA ASP D 45 -36.35 19.23 38.08
C ASP D 45 -36.91 19.13 39.49
N LEU D 46 -38.23 18.98 39.62
CA LEU D 46 -38.84 18.87 40.92
C LEU D 46 -38.95 17.42 41.44
N GLY D 47 -38.27 16.49 40.79
CA GLY D 47 -38.34 15.09 41.22
C GLY D 47 -39.70 14.42 41.09
N ASP D 48 -39.82 13.22 41.65
CA ASP D 48 -41.09 12.49 41.57
C ASP D 48 -42.02 12.64 42.78
N VAL D 49 -43.32 12.71 42.48
CA VAL D 49 -44.34 12.79 43.50
C VAL D 49 -44.48 11.38 44.07
N PRO D 50 -44.33 11.21 45.39
CA PRO D 50 -44.46 9.88 46.00
C PRO D 50 -45.75 9.16 45.53
N VAL D 51 -45.68 7.84 45.37
CA VAL D 51 -46.87 7.09 44.96
C VAL D 51 -47.03 5.75 45.74
N SER D 52 -47.62 5.86 46.94
CA SER D 52 -47.85 4.72 47.84
C SER D 52 -49.01 3.84 47.36
N LEU D 64 -63.35 2.17 40.74
CA LEU D 64 -62.93 0.89 41.30
C LEU D 64 -61.50 0.91 41.91
N ALA D 65 -60.66 0.10 41.29
CA ALA D 65 -59.28 -0.14 41.68
C ALA D 65 -58.40 1.06 42.01
N TYR D 66 -57.95 1.13 43.27
CA TYR D 66 -57.04 2.18 43.74
C TYR D 66 -57.53 3.62 43.75
N LEU D 67 -58.82 3.81 43.46
CA LEU D 67 -59.42 5.13 43.41
C LEU D 67 -58.87 6.14 44.43
N GLU D 68 -58.69 5.68 45.67
CA GLU D 68 -58.18 6.55 46.74
C GLU D 68 -56.71 6.95 46.63
N GLU D 69 -55.87 6.03 46.14
CA GLU D 69 -54.44 6.34 46.01
C GLU D 69 -54.23 7.28 44.83
N ILE D 70 -54.94 7.00 43.75
CA ILE D 70 -54.86 7.89 42.60
C ILE D 70 -55.16 9.26 43.21
N ARG D 71 -56.32 9.38 43.84
CA ARG D 71 -56.73 10.64 44.45
C ARG D 71 -55.64 11.32 45.28
N ALA D 72 -54.92 10.53 46.05
CA ALA D 72 -53.84 11.03 46.90
C ALA D 72 -52.76 11.69 46.06
N ALA D 73 -52.08 10.85 45.29
CA ALA D 73 -51.01 11.29 44.41
C ALA D 73 -51.49 12.46 43.56
N ALA D 74 -52.66 12.30 42.96
CA ALA D 74 -53.22 13.35 42.11
C ALA D 74 -53.17 14.65 42.88
N LEU D 75 -53.95 14.67 43.94
CA LEU D 75 -54.05 15.83 44.79
C LEU D 75 -52.67 16.38 45.24
N VAL D 76 -51.66 15.53 45.41
CA VAL D 76 -50.35 16.04 45.81
C VAL D 76 -49.84 16.92 44.67
N LEU D 77 -49.97 16.37 43.47
CA LEU D 77 -49.56 17.04 42.23
C LEU D 77 -50.23 18.39 42.10
N LYS D 78 -51.53 18.43 42.41
CA LYS D 78 -52.25 19.66 42.31
C LYS D 78 -51.55 20.79 43.05
N GLU D 79 -51.30 20.61 44.35
CA GLU D 79 -50.66 21.63 45.17
C GLU D 79 -49.22 21.90 44.75
N ARG D 80 -48.49 20.85 44.44
CA ARG D 80 -47.13 20.99 43.99
C ARG D 80 -47.10 21.97 42.81
N LEU D 81 -47.98 21.78 41.85
CA LEU D 81 -48.02 22.67 40.69
C LEU D 81 -48.53 24.08 40.97
N ALA D 82 -49.60 24.19 41.75
CA ALA D 82 -50.18 25.49 42.09
C ALA D 82 -49.23 26.32 42.95
N ALA D 83 -48.36 25.65 43.70
CA ALA D 83 -47.38 26.32 44.55
C ALA D 83 -46.18 26.89 43.79
N LEU D 84 -46.17 26.77 42.46
CA LEU D 84 -45.03 27.31 41.73
C LEU D 84 -45.27 28.77 41.45
N PRO D 85 -44.19 29.57 41.44
CA PRO D 85 -44.35 31.01 41.17
C PRO D 85 -45.19 31.10 39.90
N GLU D 86 -45.82 32.24 39.67
CA GLU D 86 -46.61 32.36 38.45
C GLU D 86 -45.61 32.47 37.31
N GLY D 87 -45.97 31.93 36.14
CA GLY D 87 -45.07 31.99 35.00
C GLY D 87 -44.05 30.88 34.83
N VAL D 88 -44.04 29.87 35.70
CA VAL D 88 -43.11 28.76 35.53
C VAL D 88 -43.81 27.64 34.77
N PHE D 89 -43.49 27.48 33.49
CA PHE D 89 -44.10 26.47 32.65
C PHE D 89 -43.85 25.09 33.26
N PRO D 90 -44.93 24.38 33.68
CA PRO D 90 -44.80 23.05 34.29
C PRO D 90 -44.89 21.90 33.26
N ILE D 91 -44.08 20.86 33.44
CA ILE D 91 -44.06 19.70 32.58
C ILE D 91 -44.22 18.49 33.52
N VAL D 92 -45.32 17.76 33.39
CA VAL D 92 -45.52 16.60 34.24
C VAL D 92 -45.26 15.35 33.43
N LEU D 93 -44.15 14.70 33.75
CA LEU D 93 -43.75 13.47 33.07
C LEU D 93 -44.66 12.42 33.68
N GLY D 94 -45.34 11.67 32.83
CA GLY D 94 -46.23 10.71 33.41
C GLY D 94 -46.02 9.23 33.22
N GLY D 95 -46.91 8.56 33.94
CA GLY D 95 -47.10 7.13 33.92
C GLY D 95 -48.57 7.15 33.52
N ASP D 96 -49.48 6.95 34.46
CA ASP D 96 -50.88 6.91 34.08
C ASP D 96 -51.41 8.27 33.71
N HIS D 97 -52.41 8.28 32.84
CA HIS D 97 -53.02 9.52 32.38
C HIS D 97 -53.97 10.01 33.50
N SER D 98 -54.09 9.22 34.56
CA SER D 98 -54.96 9.61 35.67
C SER D 98 -54.34 10.87 36.28
N LEU D 99 -53.02 10.91 36.28
CA LEU D 99 -52.29 12.05 36.82
C LEU D 99 -52.80 13.38 36.25
N SER D 100 -53.21 13.38 34.98
CA SER D 100 -53.70 14.59 34.36
C SER D 100 -54.81 15.27 35.18
N MET D 101 -55.54 14.49 35.98
CA MET D 101 -56.60 15.03 36.82
C MET D 101 -56.03 16.12 37.71
N GLY D 102 -54.91 15.83 38.35
CA GLY D 102 -54.27 16.79 39.22
C GLY D 102 -53.49 17.88 38.49
N SER D 103 -52.76 17.49 37.44
CA SER D 103 -51.97 18.46 36.71
C SER D 103 -52.78 19.58 36.08
N VAL D 104 -53.96 19.28 35.53
CA VAL D 104 -54.75 20.32 34.92
C VAL D 104 -55.33 21.24 35.99
N ALA D 105 -55.80 20.62 37.06
CA ALA D 105 -56.39 21.37 38.16
C ALA D 105 -55.26 22.22 38.71
N GLY D 106 -54.13 21.59 39.00
CA GLY D 106 -53.00 22.33 39.55
C GLY D 106 -52.51 23.44 38.64
N ALA D 107 -52.08 23.08 37.44
CA ALA D 107 -51.56 24.06 36.50
C ALA D 107 -52.62 25.08 36.08
N ALA D 108 -53.88 24.82 36.41
CA ALA D 108 -54.94 25.76 36.04
C ALA D 108 -54.91 27.04 36.87
N ARG D 109 -54.69 26.90 38.19
CA ARG D 109 -54.63 28.05 39.11
C ARG D 109 -55.97 28.77 39.30
N GLY D 110 -57.05 28.02 39.43
CA GLY D 110 -58.34 28.66 39.60
C GLY D 110 -58.74 29.55 38.42
N ARG D 111 -57.87 29.63 37.43
CA ARG D 111 -58.08 30.43 36.21
C ARG D 111 -58.70 29.52 35.12
N ARG D 112 -59.42 30.09 34.17
CA ARG D 112 -60.04 29.30 33.10
C ARG D 112 -59.11 28.96 31.93
N VAL D 113 -58.92 27.67 31.65
CA VAL D 113 -58.04 27.26 30.56
C VAL D 113 -58.74 26.33 29.59
N GLY D 114 -58.10 26.10 28.44
CA GLY D 114 -58.65 25.19 27.45
C GLY D 114 -57.80 23.92 27.49
N VAL D 115 -58.39 22.76 27.25
CA VAL D 115 -57.58 21.53 27.29
C VAL D 115 -57.50 20.84 25.93
N VAL D 116 -56.28 20.72 25.40
CA VAL D 116 -56.13 20.03 24.13
C VAL D 116 -55.65 18.63 24.52
N TRP D 117 -56.56 17.67 24.46
CA TRP D 117 -56.27 16.31 24.86
C TRP D 117 -55.94 15.48 23.65
N VAL D 118 -54.65 15.16 23.47
CA VAL D 118 -54.16 14.39 22.33
C VAL D 118 -53.84 12.98 22.80
N ASP D 119 -54.87 12.15 22.97
CA ASP D 119 -54.76 10.75 23.45
C ASP D 119 -55.36 10.01 22.26
N ALA D 120 -55.15 8.69 22.20
CA ALA D 120 -55.73 7.84 21.13
C ALA D 120 -57.08 7.45 21.67
N HIS D 121 -57.26 7.76 22.95
CA HIS D 121 -58.49 7.46 23.63
C HIS D 121 -59.02 8.78 24.12
N ALA D 122 -60.27 8.80 24.55
CA ALA D 122 -60.86 10.05 25.01
C ALA D 122 -60.82 10.19 26.52
N ASP D 123 -60.51 9.09 27.21
CA ASP D 123 -60.46 9.04 28.67
C ASP D 123 -61.66 9.77 29.27
N PHE D 124 -62.79 9.72 28.57
CA PHE D 124 -64.00 10.42 29.03
C PHE D 124 -65.02 9.51 29.67
N ASN D 125 -64.57 8.44 30.33
CA ASN D 125 -65.45 7.50 31.02
C ASN D 125 -65.80 7.89 32.46
N THR D 126 -66.88 7.29 32.95
CA THR D 126 -67.35 7.47 34.32
C THR D 126 -67.50 6.06 34.88
N PRO D 127 -67.68 5.94 36.20
CA PRO D 127 -67.84 4.62 36.82
C PRO D 127 -69.00 3.83 36.19
N GLU D 128 -70.01 4.54 35.74
CA GLU D 128 -71.17 3.92 35.12
C GLU D 128 -70.81 3.32 33.78
N THR D 129 -70.18 4.14 32.94
CA THR D 129 -69.83 3.78 31.58
C THR D 129 -68.65 2.86 31.32
N SER D 130 -67.94 2.49 32.39
CA SER D 130 -66.81 1.57 32.31
C SER D 130 -65.48 2.27 32.44
N SER D 132 -64.35 -1.66 32.12
CA SER D 132 -62.96 -1.79 32.57
C SER D 132 -62.78 -1.46 34.06
N GLY D 133 -63.27 -0.27 34.44
CA GLY D 133 -63.16 0.24 35.80
C GLY D 133 -61.72 0.72 36.09
N ASN D 134 -61.06 1.22 35.05
CA ASN D 134 -59.74 1.76 35.16
C ASN D 134 -59.92 3.28 35.26
N VAL D 135 -59.47 3.85 36.37
CA VAL D 135 -59.60 5.28 36.58
C VAL D 135 -58.95 6.05 35.45
N HIS D 136 -57.80 5.57 34.97
CA HIS D 136 -57.09 6.30 33.93
C HIS D 136 -57.80 6.39 32.58
N GLY D 137 -59.07 5.98 32.56
CA GLY D 137 -59.87 6.12 31.37
C GLY D 137 -60.97 7.12 31.69
N MET D 138 -60.80 7.84 32.80
CA MET D 138 -61.80 8.80 33.27
C MET D 138 -61.31 10.25 33.50
N PRO D 139 -59.99 10.44 33.66
CA PRO D 139 -59.47 11.78 33.88
C PRO D 139 -60.18 12.93 33.17
N LEU D 140 -60.23 12.91 31.84
CA LEU D 140 -60.88 14.00 31.10
C LEU D 140 -62.28 14.32 31.62
N ALA D 141 -63.11 13.27 31.78
CA ALA D 141 -64.47 13.46 32.27
C ALA D 141 -64.47 14.02 33.67
N VAL D 142 -63.61 13.50 34.54
CA VAL D 142 -63.53 14.04 35.90
C VAL D 142 -63.28 15.53 35.82
N LEU D 143 -62.24 15.91 35.09
CA LEU D 143 -61.89 17.30 34.96
C LEU D 143 -63.10 18.14 34.56
N SER D 144 -63.96 17.59 33.70
CA SER D 144 -65.16 18.28 33.20
C SER D 144 -66.36 18.14 34.14
N GLY D 145 -66.12 17.60 35.32
CA GLY D 145 -67.19 17.42 36.29
C GLY D 145 -68.05 16.19 36.12
N LEU D 146 -67.50 15.12 35.56
CA LEU D 146 -68.30 13.92 35.39
C LEU D 146 -67.68 12.70 36.02
N GLY D 147 -68.48 12.00 36.81
CA GLY D 147 -68.05 10.78 37.49
C GLY D 147 -67.90 10.91 38.99
N HIS D 148 -67.35 9.85 39.59
CA HIS D 148 -67.11 9.76 41.01
C HIS D 148 -66.88 11.13 41.67
N PRO D 149 -67.71 11.49 42.68
CA PRO D 149 -67.59 12.78 43.39
C PRO D 149 -66.29 12.91 44.18
N ARG D 150 -65.72 11.80 44.61
CA ARG D 150 -64.47 11.86 45.37
C ARG D 150 -63.34 12.40 44.51
N LEU D 151 -63.56 12.36 43.20
CA LEU D 151 -62.58 12.86 42.25
C LEU D 151 -63.00 14.23 41.74
N THR D 152 -64.25 14.33 41.29
CA THR D 152 -64.77 15.60 40.78
C THR D 152 -64.63 16.72 41.82
N GLU D 153 -65.32 16.55 42.96
CA GLU D 153 -65.30 17.52 44.04
C GLU D 153 -63.99 18.29 44.19
N VAL D 154 -62.86 17.60 44.01
CA VAL D 154 -61.54 18.24 44.17
C VAL D 154 -60.76 18.42 42.88
N PHE D 155 -61.29 17.90 41.77
CA PHE D 155 -60.60 18.01 40.49
C PHE D 155 -61.38 18.63 39.36
N ARG D 156 -62.68 18.87 39.51
CA ARG D 156 -63.43 19.46 38.40
C ARG D 156 -62.64 20.72 38.09
N ALA D 157 -62.16 20.87 36.86
CA ALA D 157 -61.36 22.05 36.54
C ALA D 157 -61.53 22.63 35.15
N VAL D 158 -62.40 22.06 34.33
CA VAL D 158 -62.59 22.61 33.01
C VAL D 158 -64.01 22.45 32.51
N ASP D 159 -64.39 23.35 31.60
CA ASP D 159 -65.71 23.37 30.99
C ASP D 159 -65.66 22.56 29.71
N PRO D 160 -66.55 21.57 29.56
CA PRO D 160 -66.55 20.76 28.35
C PRO D 160 -66.34 21.59 27.09
N LYS D 161 -67.14 22.62 26.92
CA LYS D 161 -67.02 23.43 25.73
C LYS D 161 -65.65 24.04 25.55
N ASP D 162 -64.76 23.83 26.53
CA ASP D 162 -63.38 24.31 26.48
C ASP D 162 -62.38 23.16 26.30
N VAL D 163 -62.87 22.02 25.84
CA VAL D 163 -62.03 20.86 25.66
C VAL D 163 -62.07 20.41 24.21
N VAL D 164 -60.90 20.00 23.70
CA VAL D 164 -60.83 19.49 22.32
C VAL D 164 -60.01 18.20 22.35
N LEU D 165 -60.47 17.18 21.63
CA LEU D 165 -59.76 15.91 21.57
C LEU D 165 -59.14 15.73 20.20
N VAL D 166 -57.89 15.30 20.16
CA VAL D 166 -57.22 15.13 18.88
C VAL D 166 -56.45 13.83 18.73
N GLY D 167 -56.90 12.99 17.82
CA GLY D 167 -56.23 11.72 17.60
C GLY D 167 -57.03 10.53 18.10
N VAL D 168 -58.22 10.83 18.63
CA VAL D 168 -59.11 9.79 19.09
C VAL D 168 -59.35 8.73 17.99
N ARG D 169 -59.22 7.46 18.35
CA ARG D 169 -59.46 6.41 17.39
C ARG D 169 -59.96 5.15 18.09
N SER D 170 -60.47 5.33 19.31
CA SER D 170 -60.99 4.22 20.11
C SER D 170 -61.94 4.72 21.19
N LEU D 171 -63.24 4.47 21.04
CA LEU D 171 -64.23 4.91 22.03
C LEU D 171 -65.19 3.80 22.50
N ASP D 172 -65.70 3.93 23.73
CA ASP D 172 -66.67 2.97 24.29
C ASP D 172 -68.04 3.61 24.18
N PRO D 173 -69.10 2.80 23.97
CA PRO D 173 -70.47 3.32 23.83
C PRO D 173 -70.84 4.39 24.85
N GLY D 174 -70.50 4.15 26.09
CA GLY D 174 -70.78 5.11 27.13
C GLY D 174 -70.13 6.46 26.86
N GLU D 175 -68.84 6.43 26.52
CA GLU D 175 -68.08 7.65 26.24
C GLU D 175 -68.70 8.43 25.10
N LYS D 176 -68.95 7.73 24.00
CA LYS D 176 -69.53 8.40 22.88
C LYS D 176 -70.75 9.19 23.37
N ARG D 177 -71.63 8.56 24.16
CA ARG D 177 -72.79 9.30 24.67
C ARG D 177 -72.32 10.49 25.51
N LEU D 178 -71.58 10.19 26.57
CA LEU D 178 -71.09 11.20 27.49
C LEU D 178 -70.41 12.39 26.80
N LEU D 179 -69.59 12.09 25.80
CA LEU D 179 -68.92 13.14 25.05
C LEU D 179 -70.00 14.04 24.43
N LYS D 180 -70.92 13.41 23.69
CA LYS D 180 -72.02 14.10 23.01
C LYS D 180 -72.86 15.03 23.88
N GLU D 181 -73.39 14.49 24.97
CA GLU D 181 -74.19 15.27 25.90
C GLU D 181 -73.30 16.44 26.34
N ALA D 182 -72.13 16.12 26.90
CA ALA D 182 -71.18 17.13 27.34
C ALA D 182 -70.88 18.15 26.24
N GLY D 183 -70.98 17.71 24.98
CA GLY D 183 -70.73 18.60 23.86
C GLY D 183 -69.27 18.91 23.58
N VAL D 184 -68.41 17.92 23.81
CA VAL D 184 -66.97 18.08 23.59
C VAL D 184 -66.57 18.06 22.12
N ARG D 185 -65.57 18.88 21.78
CA ARG D 185 -65.07 18.98 20.40
C ARG D 185 -64.07 17.87 20.15
N VAL D 186 -64.51 16.82 19.44
CA VAL D 186 -63.66 15.67 19.13
C VAL D 186 -63.23 15.57 17.67
N TYR D 187 -61.96 15.28 17.48
CA TYR D 187 -61.36 15.12 16.16
C TYR D 187 -60.72 13.74 16.10
N THR D 188 -61.50 12.76 15.65
CA THR D 188 -61.02 11.39 15.51
C THR D 188 -60.11 11.37 14.30
N MET D 189 -59.47 10.23 14.06
CA MET D 189 -58.58 10.01 12.91
C MET D 189 -59.32 10.15 11.59
N HIS D 190 -60.64 10.03 11.61
CA HIS D 190 -61.39 10.19 10.39
C HIS D 190 -61.32 11.65 10.00
N GLU D 191 -61.44 12.51 11.00
CA GLU D 191 -61.39 13.95 10.76
C GLU D 191 -60.01 14.37 10.27
N VAL D 192 -58.97 13.86 10.90
CA VAL D 192 -57.61 14.19 10.52
C VAL D 192 -57.38 13.66 9.12
N ASP D 193 -57.68 12.39 8.87
CA ASP D 193 -57.51 11.86 7.52
C ASP D 193 -58.33 12.70 6.55
N ARG D 194 -59.38 13.35 7.03
CA ARG D 194 -60.28 14.14 6.19
C ARG D 194 -59.90 15.62 6.08
N LEU D 195 -59.51 16.25 7.18
CA LEU D 195 -59.18 17.66 7.15
C LEU D 195 -57.71 18.02 7.10
N GLY D 196 -56.87 17.18 7.67
CA GLY D 196 -55.47 17.48 7.69
C GLY D 196 -55.15 18.16 9.02
N VAL D 197 -54.04 17.75 9.63
CA VAL D 197 -53.67 18.31 10.90
C VAL D 197 -53.56 19.83 10.86
N ALA D 198 -53.15 20.36 9.71
CA ALA D 198 -52.99 21.82 9.59
C ALA D 198 -54.30 22.59 9.91
N ARG D 199 -55.38 22.23 9.23
CA ARG D 199 -56.66 22.89 9.44
C ARG D 199 -57.17 22.57 10.83
N ILE D 200 -57.00 21.32 11.25
CA ILE D 200 -57.46 20.97 12.58
C ILE D 200 -56.75 21.81 13.62
N ALA D 201 -55.44 21.95 13.50
CA ALA D 201 -54.67 22.73 14.45
C ALA D 201 -55.30 24.12 14.63
N GLU D 202 -55.49 24.80 13.51
CA GLU D 202 -56.06 26.15 13.49
C GLU D 202 -57.41 26.10 14.21
N GLU D 203 -58.21 25.11 13.85
CA GLU D 203 -59.51 24.94 14.44
C GLU D 203 -59.45 24.82 15.95
N VAL D 204 -58.52 24.03 16.47
CA VAL D 204 -58.39 23.87 17.90
C VAL D 204 -58.17 25.26 18.51
N LEU D 205 -57.21 25.98 17.95
CA LEU D 205 -56.88 27.31 18.41
C LEU D 205 -58.12 28.19 18.47
N LYS D 206 -58.83 28.27 17.34
CA LYS D 206 -60.03 29.09 17.24
C LYS D 206 -61.03 28.74 18.35
N HIS D 207 -61.45 27.48 18.34
CA HIS D 207 -62.40 27.00 19.32
C HIS D 207 -62.01 27.30 20.75
N LEU D 208 -60.76 27.68 20.97
CA LEU D 208 -60.32 27.98 22.34
C LEU D 208 -59.75 29.39 22.44
N GLN D 209 -59.99 30.18 21.40
CA GLN D 209 -59.46 31.53 21.31
C GLN D 209 -59.54 32.31 22.60
N GLY D 210 -58.44 32.97 22.93
CA GLY D 210 -58.40 33.78 24.16
C GLY D 210 -58.07 33.08 25.46
N LEU D 211 -58.05 31.74 25.45
CA LEU D 211 -57.76 30.96 26.67
C LEU D 211 -56.35 30.41 26.74
N PRO D 212 -55.81 30.25 27.96
CA PRO D 212 -54.46 29.69 28.09
C PRO D 212 -54.66 28.25 27.68
N LEU D 213 -53.63 27.58 27.19
CA LEU D 213 -53.80 26.20 26.77
C LEU D 213 -52.95 25.25 27.56
N HIS D 214 -53.59 24.17 28.02
CA HIS D 214 -52.87 23.12 28.73
C HIS D 214 -52.93 22.00 27.73
N VAL D 215 -51.77 21.48 27.35
CA VAL D 215 -51.75 20.39 26.42
C VAL D 215 -51.43 19.12 27.17
N SER D 216 -52.28 18.10 27.01
CA SER D 216 -52.06 16.79 27.62
C SER D 216 -51.74 15.88 26.47
N LEU D 217 -50.57 15.24 26.51
CA LEU D 217 -50.16 14.40 25.41
C LEU D 217 -50.01 12.92 25.76
N ASP D 218 -50.96 12.10 25.29
CA ASP D 218 -50.90 10.65 25.56
C ASP D 218 -50.05 10.09 24.44
N ALA D 219 -49.08 9.26 24.78
CA ALA D 219 -48.22 8.66 23.79
C ALA D 219 -48.97 7.58 23.01
N ASP D 220 -50.18 7.19 23.45
CA ASP D 220 -50.97 6.20 22.70
C ASP D 220 -51.57 6.86 21.45
N VAL D 221 -51.22 8.12 21.18
CA VAL D 221 -51.73 8.86 20.03
C VAL D 221 -50.94 8.74 18.75
N LEU D 222 -49.74 8.18 18.84
CA LEU D 222 -48.86 8.03 17.66
C LEU D 222 -48.96 6.62 17.15
N ASP D 223 -48.82 6.42 15.85
CA ASP D 223 -48.94 5.07 15.33
C ASP D 223 -47.98 4.14 16.11
N PRO D 224 -48.47 2.98 16.55
CA PRO D 224 -47.68 2.01 17.31
C PRO D 224 -46.40 1.71 16.59
N THR D 225 -46.50 1.63 15.28
CA THR D 225 -45.37 1.32 14.44
C THR D 225 -44.23 2.29 14.69
N LEU D 226 -44.59 3.45 15.21
CA LEU D 226 -43.66 4.52 15.47
C LEU D 226 -43.45 4.78 16.96
N ALA D 227 -44.43 4.37 17.78
CA ALA D 227 -44.33 4.48 19.25
C ALA D 227 -44.85 3.21 19.93
N PRO D 228 -44.08 2.11 19.87
CA PRO D 228 -44.49 0.84 20.49
C PRO D 228 -44.64 0.85 22.00
N GLY D 229 -43.75 1.56 22.68
CA GLY D 229 -43.80 1.62 24.12
C GLY D 229 -44.94 2.37 24.79
N VAL D 230 -46.17 1.95 24.56
CA VAL D 230 -47.31 2.62 25.20
C VAL D 230 -48.23 1.59 25.85
N GLY D 231 -49.00 2.06 26.84
CA GLY D 231 -49.90 1.18 27.56
C GLY D 231 -50.86 0.45 26.63
N THR D 232 -51.68 1.21 25.91
CA THR D 232 -52.66 0.63 24.98
C THR D 232 -52.48 0.95 23.51
N PRO D 233 -51.64 0.18 22.78
CA PRO D 233 -51.41 0.41 21.35
C PRO D 233 -52.70 0.34 20.53
N VAL D 234 -52.82 1.20 19.52
CA VAL D 234 -54.02 1.25 18.69
C VAL D 234 -53.65 1.68 17.27
N PRO D 235 -53.79 0.79 16.28
CA PRO D 235 -53.48 1.01 14.86
C PRO D 235 -53.80 2.37 14.23
N GLY D 236 -53.07 2.70 13.17
CA GLY D 236 -53.26 3.95 12.43
C GLY D 236 -53.31 5.25 13.23
N GLY D 237 -52.21 5.57 13.91
CA GLY D 237 -52.17 6.80 14.69
C GLY D 237 -51.52 7.95 13.93
N LEU D 238 -51.13 9.00 14.65
CA LEU D 238 -50.48 10.13 14.00
C LEU D 238 -49.08 9.78 13.50
N THR D 239 -48.62 10.50 12.47
CA THR D 239 -47.30 10.28 11.95
C THR D 239 -46.34 11.20 12.67
N TYR D 240 -45.06 10.85 12.63
CA TYR D 240 -44.05 11.65 13.29
C TYR D 240 -44.18 13.11 12.87
N ARG D 241 -44.22 13.36 11.56
CA ARG D 241 -44.35 14.72 11.02
C ARG D 241 -45.61 15.41 11.50
N GLU D 242 -46.70 14.67 11.40
CA GLU D 242 -48.00 15.15 11.81
C GLU D 242 -47.99 15.73 13.21
N ALA D 243 -47.43 14.97 14.15
CA ALA D 243 -47.40 15.40 15.55
C ALA D 243 -46.55 16.64 15.78
N HIS D 244 -45.36 16.68 15.19
CA HIS D 244 -44.53 17.86 15.35
C HIS D 244 -45.32 19.05 14.81
N LEU D 245 -46.02 18.88 13.69
CA LEU D 245 -46.79 19.98 13.12
C LEU D 245 -47.89 20.49 14.05
N LEU D 246 -48.62 19.60 14.70
CA LEU D 246 -49.67 20.02 15.61
C LEU D 246 -48.99 20.86 16.70
N MET D 247 -47.93 20.34 17.31
CA MET D 247 -47.23 21.05 18.37
C MET D 247 -46.72 22.39 17.88
N GLU D 248 -45.96 22.40 16.78
CA GLU D 248 -45.42 23.65 16.27
C GLU D 248 -46.48 24.75 16.14
N ILE D 249 -47.65 24.38 15.62
CA ILE D 249 -48.77 25.30 15.41
C ILE D 249 -49.41 25.83 16.69
N LEU D 250 -49.59 24.96 17.67
CA LEU D 250 -50.16 25.39 18.96
C LEU D 250 -49.15 26.32 19.60
N ALA D 251 -47.88 25.95 19.48
CA ALA D 251 -46.81 26.76 20.05
C ALA D 251 -46.89 28.16 19.45
N GLU D 252 -47.17 28.21 18.15
CA GLU D 252 -47.26 29.47 17.46
C GLU D 252 -48.22 30.40 18.19
N SER D 253 -49.36 29.88 18.61
CA SER D 253 -50.35 30.71 19.29
C SER D 253 -49.76 31.50 20.45
N GLY D 254 -48.69 31.00 21.04
CA GLY D 254 -48.07 31.71 22.16
C GLY D 254 -48.81 31.53 23.48
N ARG D 255 -49.94 30.83 23.46
CA ARG D 255 -50.64 30.66 24.71
C ARG D 255 -50.69 29.24 25.26
N VAL D 256 -49.69 28.43 24.98
CA VAL D 256 -49.67 27.08 25.53
C VAL D 256 -49.09 27.37 26.90
N GLN D 257 -49.59 26.74 27.96
CA GLN D 257 -49.02 27.07 29.26
C GLN D 257 -48.65 25.93 30.17
N SER D 258 -48.86 24.70 29.74
CA SER D 258 -48.50 23.59 30.59
C SER D 258 -48.59 22.30 29.79
N LEU D 259 -47.75 21.32 30.07
CA LEU D 259 -47.79 20.12 29.27
C LEU D 259 -47.71 18.82 30.06
N ASP D 260 -48.42 17.81 29.57
CA ASP D 260 -48.38 16.49 30.17
C ASP D 260 -47.78 15.53 29.14
N LEU D 261 -46.79 14.75 29.54
CA LEU D 261 -46.22 13.75 28.63
C LEU D 261 -46.50 12.44 29.34
N VAL D 262 -47.63 11.81 29.00
CA VAL D 262 -48.04 10.62 29.70
C VAL D 262 -48.02 9.29 28.91
N GLU D 263 -48.27 8.22 29.65
CA GLU D 263 -48.36 6.86 29.14
C GLU D 263 -47.16 6.25 28.43
N VAL D 264 -45.95 6.70 28.75
CA VAL D 264 -44.77 6.14 28.11
C VAL D 264 -44.42 4.90 28.90
N ASN D 265 -44.24 3.77 28.23
CA ASN D 265 -43.93 2.53 28.93
C ASN D 265 -42.71 1.84 28.36
N PRO D 266 -41.54 2.05 28.97
CA PRO D 266 -40.27 1.48 28.54
C PRO D 266 -40.15 -0.04 28.49
N ILE D 267 -41.05 -0.73 29.17
CA ILE D 267 -41.03 -2.19 29.18
C ILE D 267 -41.62 -2.74 27.89
N LEU D 268 -42.21 -1.87 27.07
CA LEU D 268 -42.78 -2.30 25.78
C LEU D 268 -42.20 -1.46 24.67
N ASP D 269 -41.24 -0.60 24.99
CA ASP D 269 -40.64 0.26 23.98
C ASP D 269 -39.45 -0.42 23.34
N GLU D 270 -38.91 0.17 22.29
CA GLU D 270 -37.73 -0.39 21.64
C GLU D 270 -36.69 0.68 21.73
N ARG D 271 -35.59 0.37 22.42
CA ARG D 271 -34.52 1.33 22.64
C ARG D 271 -35.08 2.72 22.96
N ASN D 272 -35.95 2.74 23.96
CA ASN D 272 -36.60 3.95 24.48
C ASN D 272 -37.06 4.94 23.42
N ARG D 273 -37.34 4.48 22.21
CA ARG D 273 -37.72 5.45 21.18
C ARG D 273 -39.03 6.18 21.38
N THR D 274 -39.88 5.66 22.25
CA THR D 274 -41.14 6.33 22.50
C THR D 274 -40.90 7.58 23.35
N ALA D 275 -40.07 7.42 24.38
CA ALA D 275 -39.75 8.52 25.27
C ALA D 275 -39.04 9.58 24.45
N GLU D 276 -38.07 9.14 23.67
CA GLU D 276 -37.35 10.06 22.81
C GLU D 276 -38.30 10.89 21.99
N MET D 277 -39.33 10.23 21.47
CA MET D 277 -40.33 10.89 20.65
C MET D 277 -41.08 12.00 21.36
N LEU D 278 -41.64 11.75 22.53
CA LEU D 278 -42.37 12.82 23.22
C LEU D 278 -41.47 14.01 23.52
N VAL D 279 -40.32 13.73 24.12
CA VAL D 279 -39.38 14.77 24.45
C VAL D 279 -39.22 15.70 23.26
N GLY D 280 -39.09 15.11 22.07
CA GLY D 280 -38.96 15.92 20.86
C GLY D 280 -40.21 16.75 20.61
N LEU D 281 -41.37 16.21 20.99
CA LEU D 281 -42.61 16.89 20.77
C LEU D 281 -42.72 18.00 21.79
N ALA D 282 -42.28 17.72 23.01
CA ALA D 282 -42.36 18.74 24.05
C ALA D 282 -41.44 19.88 23.65
N LEU D 283 -40.44 19.60 22.83
CA LEU D 283 -39.53 20.66 22.40
C LEU D 283 -40.21 21.51 21.34
N SER D 284 -40.91 20.85 20.43
CA SER D 284 -41.65 21.54 19.39
C SER D 284 -42.69 22.41 20.04
N LEU D 285 -43.37 21.86 21.02
CA LEU D 285 -44.42 22.60 21.70
C LEU D 285 -43.93 23.85 22.41
N LEU D 286 -42.66 23.84 22.81
CA LEU D 286 -42.06 24.94 23.52
C LEU D 286 -41.34 25.94 22.60
N GLY D 287 -41.59 25.83 21.29
CA GLY D 287 -40.95 26.78 20.39
C GLY D 287 -39.86 26.33 19.44
N LYS D 288 -39.28 25.15 19.66
CA LYS D 288 -38.24 24.68 18.75
C LYS D 288 -38.78 24.67 17.30
N ARG D 289 -37.98 25.19 16.36
CA ARG D 289 -38.38 25.24 14.95
C ARG D 289 -37.23 24.89 14.00
N ILE D 290 -37.53 24.21 12.91
CA ILE D 290 -36.49 23.85 11.93
C ILE D 290 -35.71 25.09 11.48
N PHE D 291 -36.42 26.21 11.41
CA PHE D 291 -35.87 27.48 10.95
C PHE D 291 -36.00 28.61 11.98
N GLU E 2 -35.76 -23.63 50.00
CA GLU E 2 -37.20 -23.34 50.22
C GLU E 2 -37.60 -21.84 50.22
N ARG E 3 -36.82 -21.00 50.89
CA ARG E 3 -37.12 -19.57 50.93
C ARG E 3 -36.17 -18.72 50.06
N VAL E 4 -36.74 -17.71 49.42
CA VAL E 4 -35.97 -16.82 48.56
C VAL E 4 -36.32 -15.39 48.87
N ALA E 5 -35.29 -14.56 49.01
CA ALA E 5 -35.48 -13.16 49.28
C ALA E 5 -34.93 -12.38 48.10
N VAL E 6 -35.73 -11.46 47.56
CA VAL E 6 -35.30 -10.67 46.41
C VAL E 6 -35.04 -9.23 46.83
N VAL E 7 -33.96 -8.64 46.34
CA VAL E 7 -33.67 -7.26 46.67
C VAL E 7 -33.06 -6.51 45.48
N GLY E 8 -33.51 -5.28 45.25
CA GLY E 8 -33.00 -4.50 44.14
C GLY E 8 -32.02 -3.41 44.52
N VAL E 9 -31.14 -3.07 43.58
CA VAL E 9 -30.16 -2.02 43.78
C VAL E 9 -30.21 -1.08 42.58
N PRO E 10 -31.17 -0.15 42.57
CA PRO E 10 -31.25 0.77 41.40
C PRO E 10 -30.04 1.70 41.33
N MET E 11 -28.92 1.14 40.89
CA MET E 11 -27.67 1.87 40.83
C MET E 11 -27.09 2.08 39.44
N ASP E 12 -26.94 3.36 39.09
CA ASP E 12 -26.35 3.72 37.81
C ASP E 12 -25.35 4.79 38.17
N LEU E 13 -24.09 4.40 38.39
CA LEU E 13 -23.05 5.35 38.78
C LEU E 13 -21.74 5.19 38.03
N GLY E 19 -28.75 3.49 31.51
CA GLY E 19 -29.87 3.53 32.44
C GLY E 19 -30.21 2.21 33.14
N VAL E 20 -29.19 1.59 33.72
CA VAL E 20 -29.36 0.32 34.43
C VAL E 20 -30.07 0.41 35.78
N ASP E 21 -30.24 1.62 36.30
CA ASP E 21 -30.95 1.81 37.58
C ASP E 21 -32.38 1.34 37.36
N MET E 22 -32.79 1.27 36.10
CA MET E 22 -34.13 0.82 35.78
C MET E 22 -34.19 -0.70 35.77
N GLY E 23 -33.02 -1.34 35.67
CA GLY E 23 -32.94 -2.80 35.63
C GLY E 23 -33.89 -3.51 36.59
N PRO E 24 -33.67 -3.41 37.90
CA PRO E 24 -34.54 -4.05 38.88
C PRO E 24 -36.02 -3.95 38.55
N SER E 25 -36.50 -2.77 38.19
CA SER E 25 -37.92 -2.65 37.85
C SER E 25 -38.29 -3.58 36.69
N ALA E 26 -37.47 -3.60 35.65
CA ALA E 26 -37.73 -4.45 34.52
C ALA E 26 -37.77 -5.89 35.03
N LEU E 27 -36.66 -6.33 35.62
CA LEU E 27 -36.56 -7.67 36.16
C LEU E 27 -37.78 -8.06 36.97
N ARG E 28 -38.41 -7.08 37.61
CA ARG E 28 -39.61 -7.30 38.39
C ARG E 28 -40.86 -7.45 37.51
N TYR E 29 -41.00 -6.58 36.52
CA TYR E 29 -42.15 -6.64 35.63
C TYR E 29 -42.13 -7.91 34.80
N ALA E 30 -40.98 -8.60 34.83
CA ALA E 30 -40.83 -9.86 34.10
C ALA E 30 -41.36 -11.01 34.96
N ARG E 31 -42.22 -10.65 35.92
CA ARG E 31 -42.84 -11.61 36.83
C ARG E 31 -41.84 -12.60 37.44
N LEU E 32 -40.70 -12.09 37.92
CA LEU E 32 -39.69 -12.95 38.52
C LEU E 32 -40.22 -13.61 39.79
N LEU E 33 -40.83 -12.84 40.68
CA LEU E 33 -41.37 -13.41 41.92
C LEU E 33 -42.38 -14.50 41.59
N GLU E 34 -43.46 -14.12 40.92
CA GLU E 34 -44.49 -15.08 40.54
C GLU E 34 -43.95 -16.41 40.04
N GLN E 35 -43.04 -16.35 39.07
CA GLN E 35 -42.47 -17.56 38.50
C GLN E 35 -41.70 -18.42 39.47
N LEU E 36 -41.08 -17.81 40.47
CA LEU E 36 -40.37 -18.61 41.47
C LEU E 36 -41.45 -19.34 42.27
N GLU E 37 -42.39 -18.58 42.82
CA GLU E 37 -43.49 -19.15 43.57
C GLU E 37 -44.05 -20.29 42.75
N ASP E 38 -44.39 -20.02 41.50
CA ASP E 38 -44.97 -21.07 40.67
C ASP E 38 -44.14 -22.32 40.88
N LEU E 39 -42.84 -22.12 40.97
CA LEU E 39 -41.88 -23.20 41.10
C LEU E 39 -41.88 -23.83 42.50
N GLY E 40 -42.63 -23.25 43.44
CA GLY E 40 -42.67 -23.80 44.79
C GLY E 40 -41.78 -23.13 45.83
N TYR E 41 -41.15 -22.02 45.48
CA TYR E 41 -40.30 -21.32 46.43
C TYR E 41 -41.19 -20.28 47.08
N THR E 42 -41.13 -20.12 48.39
CA THR E 42 -41.97 -19.08 48.97
C THR E 42 -41.09 -17.85 48.79
N VAL E 43 -41.65 -16.74 48.34
CA VAL E 43 -40.78 -15.58 48.07
C VAL E 43 -41.09 -14.24 48.73
N GLU E 44 -40.05 -13.63 49.30
CA GLU E 44 -40.18 -12.33 49.96
C GLU E 44 -39.43 -11.25 49.17
N ASP E 45 -40.04 -10.08 48.98
CA ASP E 45 -39.37 -9.01 48.24
C ASP E 45 -38.97 -7.97 49.28
N LEU E 46 -37.66 -7.74 49.42
CA LEU E 46 -37.19 -6.80 50.40
C LEU E 46 -37.11 -5.37 49.89
N GLY E 47 -37.56 -5.14 48.66
CA GLY E 47 -37.51 -3.80 48.09
C GLY E 47 -36.12 -3.42 47.56
N ASP E 48 -35.81 -2.13 47.58
CA ASP E 48 -34.53 -1.66 47.08
C ASP E 48 -33.68 -1.00 48.14
N VAL E 49 -32.37 -1.09 47.95
CA VAL E 49 -31.42 -0.46 48.85
C VAL E 49 -31.40 0.97 48.31
N PRO E 50 -31.40 1.97 49.19
CA PRO E 50 -31.39 3.31 48.60
C PRO E 50 -30.04 3.64 47.95
N VAL E 51 -30.04 4.54 46.98
CA VAL E 51 -28.81 4.95 46.30
C VAL E 51 -28.96 6.43 45.95
N SER E 52 -27.84 7.14 45.98
CA SER E 52 -27.86 8.56 45.72
C SER E 52 -26.59 8.94 44.99
N LEU E 64 -12.77 6.30 41.31
CA LEU E 64 -12.89 7.72 41.63
C LEU E 64 -14.36 8.13 41.76
N ALA E 65 -15.05 8.13 40.63
CA ALA E 65 -16.46 8.55 40.57
C ALA E 65 -17.39 7.82 41.52
N TYR E 66 -18.04 8.56 42.41
CA TYR E 66 -18.98 7.98 43.35
C TYR E 66 -18.44 6.85 44.18
N LEU E 67 -17.11 6.74 44.26
CA LEU E 67 -16.53 5.69 45.06
C LEU E 67 -17.30 5.64 46.39
N GLU E 68 -17.48 6.81 46.99
CA GLU E 68 -18.17 6.90 48.26
C GLU E 68 -19.63 6.54 48.14
N GLU E 69 -20.31 7.10 47.13
CA GLU E 69 -21.72 6.83 46.92
C GLU E 69 -21.97 5.34 46.65
N ILE E 70 -21.11 4.74 45.81
CA ILE E 70 -21.17 3.30 45.48
C ILE E 70 -20.90 2.48 46.76
N ARG E 71 -19.86 2.88 47.48
CA ARG E 71 -19.46 2.20 48.70
C ARG E 71 -20.57 2.10 49.73
N ALA E 72 -21.11 3.25 50.10
CA ALA E 72 -22.18 3.32 51.10
C ALA E 72 -23.35 2.41 50.73
N ALA E 73 -23.81 2.52 49.50
CA ALA E 73 -24.94 1.72 49.04
C ALA E 73 -24.60 0.23 48.99
N ALA E 74 -23.38 -0.09 48.58
CA ALA E 74 -22.96 -1.48 48.48
C ALA E 74 -22.95 -2.08 49.87
N LEU E 75 -22.47 -1.30 50.82
CA LEU E 75 -22.35 -1.73 52.19
C LEU E 75 -23.71 -1.90 52.88
N VAL E 76 -24.71 -1.13 52.47
CA VAL E 76 -26.02 -1.31 53.04
C VAL E 76 -26.41 -2.68 52.52
N LEU E 77 -26.18 -2.88 51.23
CA LEU E 77 -26.47 -4.15 50.61
C LEU E 77 -25.74 -5.30 51.35
N LYS E 78 -24.45 -5.12 51.65
CA LYS E 78 -23.71 -6.15 52.37
C LYS E 78 -24.39 -6.57 53.67
N GLU E 79 -24.54 -5.61 54.58
CA GLU E 79 -25.19 -5.87 55.87
C GLU E 79 -26.55 -6.53 55.64
N ARG E 80 -27.32 -5.96 54.72
CA ARG E 80 -28.64 -6.49 54.45
C ARG E 80 -28.67 -8.00 54.16
N LEU E 81 -27.85 -8.47 53.22
CA LEU E 81 -27.84 -9.90 52.94
C LEU E 81 -27.31 -10.73 54.09
N ALA E 82 -26.25 -10.25 54.73
CA ALA E 82 -25.64 -10.99 55.82
C ALA E 82 -26.59 -11.17 57.01
N ALA E 83 -27.52 -10.23 57.17
CA ALA E 83 -28.49 -10.29 58.26
C ALA E 83 -29.52 -11.38 58.00
N LEU E 84 -29.75 -11.69 56.72
CA LEU E 84 -30.72 -12.73 56.35
C LEU E 84 -30.55 -14.05 57.12
N PRO E 85 -31.65 -14.58 57.67
CA PRO E 85 -31.57 -15.83 58.41
C PRO E 85 -30.97 -16.83 57.42
N GLU E 86 -30.20 -17.78 57.92
CA GLU E 86 -29.56 -18.78 57.07
C GLU E 86 -30.55 -19.80 56.44
N GLY E 87 -30.36 -20.09 55.15
CA GLY E 87 -31.26 -21.00 54.46
C GLY E 87 -32.17 -20.25 53.53
N VAL E 88 -31.90 -18.95 53.39
CA VAL E 88 -32.65 -18.10 52.51
C VAL E 88 -31.75 -17.67 51.35
N PHE E 89 -32.26 -17.89 50.15
CA PHE E 89 -31.54 -17.58 48.91
C PHE E 89 -31.73 -16.15 48.46
N PRO E 90 -30.64 -15.39 48.39
CA PRO E 90 -30.82 -14.02 47.95
C PRO E 90 -30.65 -13.91 46.44
N ILE E 91 -31.48 -13.09 45.82
CA ILE E 91 -31.38 -12.79 44.40
C ILE E 91 -31.32 -11.26 44.42
N VAL E 92 -30.24 -10.71 43.89
CA VAL E 92 -30.09 -9.27 43.89
C VAL E 92 -30.31 -8.73 42.47
N LEU E 93 -31.36 -7.92 42.32
CA LEU E 93 -31.67 -7.35 41.02
C LEU E 93 -30.82 -6.10 40.97
N GLY E 94 -30.16 -5.85 39.86
CA GLY E 94 -29.35 -4.65 39.83
C GLY E 94 -29.30 -3.78 38.60
N GLY E 95 -28.41 -2.81 38.74
CA GLY E 95 -28.09 -1.85 37.69
C GLY E 95 -26.61 -2.14 37.63
N ASP E 96 -25.76 -1.18 37.94
CA ASP E 96 -24.31 -1.42 37.88
C ASP E 96 -23.96 -2.78 38.47
N HIS E 97 -22.76 -3.23 38.16
CA HIS E 97 -22.27 -4.51 38.62
C HIS E 97 -21.53 -4.30 39.94
N SER E 98 -21.09 -3.08 40.16
CA SER E 98 -20.37 -2.74 41.38
C SER E 98 -21.08 -3.34 42.59
N LEU E 99 -22.41 -3.36 42.54
CA LEU E 99 -23.22 -3.90 43.61
C LEU E 99 -22.77 -5.28 44.06
N SER E 100 -22.08 -6.00 43.19
CA SER E 100 -21.65 -7.33 43.56
C SER E 100 -20.58 -7.31 44.64
N MET E 101 -20.06 -6.13 44.92
CA MET E 101 -19.03 -6.00 45.94
C MET E 101 -19.65 -6.19 47.30
N GLY E 102 -20.92 -5.77 47.41
CA GLY E 102 -21.63 -5.89 48.67
C GLY E 102 -22.47 -7.16 48.71
N SER E 103 -22.90 -7.64 47.55
CA SER E 103 -23.73 -8.83 47.60
C SER E 103 -22.83 -10.02 47.84
N VAL E 104 -21.77 -10.16 47.06
CA VAL E 104 -20.89 -11.30 47.27
C VAL E 104 -20.30 -11.29 48.67
N ALA E 105 -20.01 -10.12 49.18
CA ALA E 105 -19.41 -10.02 50.49
C ALA E 105 -20.45 -10.35 51.56
N GLY E 106 -21.67 -9.89 51.33
CA GLY E 106 -22.72 -10.14 52.30
C GLY E 106 -23.23 -11.57 52.27
N ALA E 107 -23.46 -12.11 51.09
CA ALA E 107 -23.93 -13.47 51.00
C ALA E 107 -22.84 -14.46 51.39
N ALA E 108 -21.58 -14.02 51.41
CA ALA E 108 -20.48 -14.89 51.80
C ALA E 108 -20.40 -15.00 53.34
N ARG E 109 -20.98 -14.02 54.02
CA ARG E 109 -21.01 -14.00 55.47
C ARG E 109 -19.65 -14.29 56.04
N GLY E 110 -18.60 -14.00 55.30
CA GLY E 110 -17.28 -14.28 55.83
C GLY E 110 -16.80 -15.71 55.60
N ARG E 111 -17.73 -16.61 55.31
CA ARG E 111 -17.44 -18.01 55.05
C ARG E 111 -16.76 -18.09 53.67
N ARG E 112 -16.07 -19.19 53.36
CA ARG E 112 -15.38 -19.34 52.08
C ARG E 112 -16.33 -19.79 50.97
N VAL E 113 -16.52 -19.00 49.92
CA VAL E 113 -17.41 -19.40 48.81
C VAL E 113 -16.72 -19.33 47.45
N GLY E 114 -17.28 -20.03 46.45
CA GLY E 114 -16.70 -20.01 45.11
C GLY E 114 -17.54 -19.13 44.21
N VAL E 115 -16.92 -18.21 43.49
CA VAL E 115 -17.66 -17.30 42.64
C VAL E 115 -17.70 -17.63 41.15
N VAL E 116 -18.86 -18.01 40.63
CA VAL E 116 -18.93 -18.28 39.20
C VAL E 116 -19.40 -16.94 38.68
N TRP E 117 -18.53 -16.24 37.96
CA TRP E 117 -18.83 -14.91 37.47
C TRP E 117 -19.04 -14.93 35.96
N VAL E 118 -20.29 -14.87 35.53
CA VAL E 118 -20.63 -14.93 34.11
C VAL E 118 -20.91 -13.58 33.45
N ASP E 119 -19.86 -12.86 33.06
CA ASP E 119 -19.95 -11.51 32.47
C ASP E 119 -19.29 -11.70 31.07
N ALA E 120 -19.29 -10.64 30.27
CA ALA E 120 -18.66 -10.68 28.95
C ALA E 120 -17.31 -10.02 29.17
N HIS E 121 -17.22 -9.29 30.28
CA HIS E 121 -16.01 -8.63 30.72
C HIS E 121 -15.57 -9.31 31.99
N ALA E 122 -14.40 -8.95 32.50
CA ALA E 122 -13.93 -9.57 33.73
C ALA E 122 -14.08 -8.66 34.94
N ASP E 123 -14.68 -7.48 34.73
CA ASP E 123 -14.94 -6.53 35.80
C ASP E 123 -13.82 -6.68 36.86
N PHE E 124 -12.57 -6.78 36.37
CA PHE E 124 -11.38 -7.04 37.21
C PHE E 124 -10.26 -5.98 37.07
N ASN E 125 -10.64 -4.72 36.98
CA ASN E 125 -9.62 -3.66 36.88
C ASN E 125 -9.33 -3.04 38.21
N THR E 126 -8.12 -2.50 38.36
CA THR E 126 -7.76 -1.80 39.60
C THR E 126 -7.67 -0.33 39.16
N PRO E 127 -7.61 0.62 40.11
CA PRO E 127 -7.52 2.00 39.63
C PRO E 127 -6.34 2.24 38.68
N GLU E 128 -5.22 1.55 38.92
CA GLU E 128 -4.02 1.71 38.08
C GLU E 128 -4.24 1.38 36.61
N THR E 129 -4.99 0.31 36.33
CA THR E 129 -5.22 -0.14 34.96
C THR E 129 -6.54 0.28 34.30
N SER E 130 -7.11 1.40 34.75
CA SER E 130 -8.36 1.93 34.22
C SER E 130 -9.58 1.27 34.82
N SER E 132 -10.71 4.10 31.79
CA SER E 132 -12.10 4.50 32.05
C SER E 132 -12.22 5.38 33.29
N GLY E 133 -12.22 4.72 34.45
CA GLY E 133 -12.36 5.35 35.77
C GLY E 133 -13.38 4.53 36.54
N ASN E 134 -14.36 4.05 35.79
CA ASN E 134 -15.50 3.29 36.29
C ASN E 134 -15.31 2.10 37.23
N VAL E 135 -15.97 2.22 38.37
CA VAL E 135 -15.97 1.22 39.42
C VAL E 135 -16.59 -0.10 38.97
N HIS E 136 -17.59 -0.03 38.11
CA HIS E 136 -18.27 -1.23 37.66
C HIS E 136 -17.44 -2.11 36.74
N GLY E 137 -16.16 -1.76 36.62
CA GLY E 137 -15.24 -2.55 35.83
C GLY E 137 -14.20 -3.12 36.76
N MET E 138 -14.45 -3.00 38.06
CA MET E 138 -13.53 -3.49 39.07
C MET E 138 -14.16 -4.29 40.25
N PRO E 139 -15.43 -4.68 40.15
CA PRO E 139 -15.94 -5.42 41.31
C PRO E 139 -15.16 -6.70 41.64
N LEU E 140 -15.01 -7.58 40.66
CA LEU E 140 -14.35 -8.85 40.88
C LEU E 140 -12.90 -8.66 41.28
N ALA E 141 -12.39 -7.44 41.13
CA ALA E 141 -11.02 -7.21 41.57
C ALA E 141 -11.04 -6.88 43.05
N VAL E 142 -11.97 -6.01 43.45
CA VAL E 142 -12.12 -5.63 44.83
C VAL E 142 -12.41 -6.88 45.66
N LEU E 143 -13.43 -7.63 45.27
CA LEU E 143 -13.79 -8.83 45.98
C LEU E 143 -12.53 -9.66 46.21
N SER E 144 -11.72 -9.79 45.16
CA SER E 144 -10.46 -10.55 45.23
C SER E 144 -9.41 -9.75 45.96
N GLY E 145 -9.85 -8.70 46.64
CA GLY E 145 -8.94 -7.85 47.38
C GLY E 145 -7.89 -7.08 46.60
N LEU E 146 -8.24 -6.59 45.41
CA LEU E 146 -7.32 -5.86 44.53
C LEU E 146 -7.92 -4.53 44.03
N GLY E 147 -7.46 -3.42 44.59
CA GLY E 147 -7.99 -2.15 44.16
C GLY E 147 -7.95 -1.09 45.23
N HIS E 148 -8.81 -0.08 45.04
CA HIS E 148 -8.87 1.00 45.99
C HIS E 148 -9.21 0.44 47.36
N PRO E 149 -8.37 0.77 48.35
CA PRO E 149 -8.54 0.33 49.74
C PRO E 149 -9.78 0.85 50.43
N ARG E 150 -10.44 1.87 49.89
CA ARG E 150 -11.64 2.33 50.56
C ARG E 150 -12.70 1.29 50.34
N LEU E 151 -12.42 0.36 49.44
CA LEU E 151 -13.33 -0.70 49.07
C LEU E 151 -12.80 -2.09 49.43
N THR E 152 -11.52 -2.34 49.14
CA THR E 152 -10.94 -3.62 49.51
C THR E 152 -11.00 -3.80 51.01
N GLU E 153 -11.07 -2.70 51.75
CA GLU E 153 -11.10 -2.81 53.21
C GLU E 153 -12.43 -3.25 53.84
N VAL E 154 -13.51 -3.19 53.05
CA VAL E 154 -14.84 -3.61 53.51
C VAL E 154 -15.53 -4.59 52.58
N PHE E 155 -15.06 -4.72 51.34
CA PHE E 155 -15.68 -5.64 50.40
C PHE E 155 -14.85 -6.85 49.97
N ARG E 156 -13.58 -6.94 50.35
CA ARG E 156 -12.84 -8.13 49.93
C ARG E 156 -13.43 -9.37 50.62
N ALA E 157 -13.69 -10.42 49.85
CA ALA E 157 -14.33 -11.60 50.44
C ALA E 157 -14.21 -12.88 49.62
N VAL E 158 -13.23 -12.95 48.73
CA VAL E 158 -13.06 -14.15 47.94
C VAL E 158 -11.62 -14.31 47.50
N ASP E 159 -11.20 -15.56 47.39
CA ASP E 159 -9.85 -15.87 46.95
C ASP E 159 -9.84 -15.97 45.45
N PRO E 160 -8.92 -15.24 44.82
CA PRO E 160 -8.75 -15.23 43.36
C PRO E 160 -8.85 -16.65 42.79
N LYS E 161 -8.29 -17.61 43.51
CA LYS E 161 -8.30 -19.00 43.07
C LYS E 161 -9.62 -19.70 43.27
N ASP E 162 -10.57 -19.00 43.85
CA ASP E 162 -11.91 -19.55 44.06
C ASP E 162 -12.86 -18.80 43.12
N VAL E 163 -12.35 -18.30 42.00
CA VAL E 163 -13.19 -17.55 41.06
C VAL E 163 -13.08 -18.11 39.64
N VAL E 164 -14.21 -18.30 38.97
CA VAL E 164 -14.15 -18.76 37.60
C VAL E 164 -14.97 -17.83 36.73
N LEU E 165 -14.36 -17.28 35.67
CA LEU E 165 -15.05 -16.39 34.75
C LEU E 165 -15.53 -17.27 33.61
N VAL E 166 -16.65 -16.91 32.97
CA VAL E 166 -17.16 -17.71 31.86
C VAL E 166 -17.95 -16.83 30.89
N GLY E 167 -17.53 -16.75 29.63
CA GLY E 167 -18.26 -15.93 28.68
C GLY E 167 -17.45 -14.76 28.19
N VAL E 168 -16.36 -14.50 28.92
CA VAL E 168 -15.43 -13.40 28.65
C VAL E 168 -15.09 -13.27 27.18
N ARG E 169 -15.15 -12.04 26.71
CA ARG E 169 -14.86 -11.78 25.32
C ARG E 169 -14.30 -10.36 25.17
N SER E 170 -14.07 -9.68 26.30
CA SER E 170 -13.52 -8.33 26.27
C SER E 170 -12.71 -7.99 27.53
N LEU E 171 -11.42 -7.69 27.35
CA LEU E 171 -10.54 -7.40 28.49
C LEU E 171 -9.57 -6.28 28.17
N ASP E 172 -9.20 -5.51 29.18
CA ASP E 172 -8.23 -4.44 28.98
C ASP E 172 -6.85 -5.07 29.21
N PRO E 173 -5.79 -4.48 28.64
CA PRO E 173 -4.44 -5.02 28.82
C PRO E 173 -4.08 -5.35 30.30
N GLY E 174 -4.17 -4.33 31.15
CA GLY E 174 -3.87 -4.54 32.56
C GLY E 174 -4.67 -5.68 33.15
N GLU E 175 -5.97 -5.73 32.85
CA GLU E 175 -6.80 -6.82 33.34
C GLU E 175 -6.14 -8.15 33.07
N LYS E 176 -5.84 -8.42 31.82
CA LYS E 176 -5.24 -9.71 31.48
C LYS E 176 -4.12 -10.08 32.43
N ARG E 177 -3.28 -9.10 32.73
CA ARG E 177 -2.14 -9.30 33.58
C ARG E 177 -2.61 -9.61 35.00
N LEU E 178 -3.35 -8.69 35.62
CA LEU E 178 -3.84 -8.92 36.97
C LEU E 178 -4.44 -10.31 37.10
N LEU E 179 -5.21 -10.74 36.11
CA LEU E 179 -5.83 -12.06 36.16
C LEU E 179 -4.82 -13.20 36.21
N LYS E 180 -3.84 -13.17 35.30
CA LYS E 180 -2.83 -14.21 35.30
C LYS E 180 -2.11 -14.19 36.65
N GLU E 181 -1.75 -13.00 37.13
CA GLU E 181 -1.08 -12.89 38.42
C GLU E 181 -1.93 -13.49 39.54
N ALA E 182 -3.21 -13.14 39.54
CA ALA E 182 -4.16 -13.56 40.57
C ALA E 182 -4.43 -15.05 40.64
N GLY E 183 -4.33 -15.74 39.50
CA GLY E 183 -4.57 -17.16 39.49
C GLY E 183 -6.00 -17.53 39.16
N VAL E 184 -6.76 -16.55 38.69
CA VAL E 184 -8.17 -16.71 38.30
C VAL E 184 -8.36 -17.57 37.06
N ARG E 185 -9.19 -18.59 37.16
CA ARG E 185 -9.48 -19.46 36.03
C ARG E 185 -10.39 -18.64 35.12
N VAL E 186 -10.03 -18.47 33.85
CA VAL E 186 -10.86 -17.66 32.95
C VAL E 186 -11.29 -18.39 31.69
N TYR E 187 -12.59 -18.62 31.54
CA TYR E 187 -13.08 -19.29 30.36
C TYR E 187 -13.57 -18.27 29.36
N THR E 188 -12.74 -17.96 28.38
CA THR E 188 -13.11 -17.01 27.33
C THR E 188 -14.05 -17.71 26.34
N MET E 189 -14.71 -16.97 25.46
CA MET E 189 -15.57 -17.61 24.49
C MET E 189 -14.78 -18.66 23.71
N HIS E 190 -13.49 -18.39 23.50
CA HIS E 190 -12.62 -19.32 22.79
C HIS E 190 -12.79 -20.71 23.39
N GLU E 191 -12.65 -20.77 24.70
CA GLU E 191 -12.84 -22.01 25.42
C GLU E 191 -14.28 -22.53 25.22
N VAL E 192 -15.27 -21.69 25.49
CA VAL E 192 -16.65 -22.10 25.30
C VAL E 192 -16.85 -22.74 23.94
N ASP E 193 -16.33 -22.09 22.89
CA ASP E 193 -16.45 -22.59 21.54
C ASP E 193 -15.69 -23.88 21.30
N ARG E 194 -14.56 -24.05 21.97
CA ARG E 194 -13.78 -25.24 21.75
C ARG E 194 -14.18 -26.43 22.61
N LEU E 195 -14.65 -26.17 23.83
CA LEU E 195 -15.02 -27.23 24.77
C LEU E 195 -16.50 -27.50 24.85
N GLY E 196 -17.28 -26.43 24.83
CA GLY E 196 -18.72 -26.58 24.91
C GLY E 196 -19.13 -26.38 26.34
N VAL E 197 -20.22 -25.66 26.54
CA VAL E 197 -20.69 -25.39 27.89
C VAL E 197 -20.81 -26.63 28.78
N ALA E 198 -21.27 -27.75 28.26
CA ALA E 198 -21.41 -28.92 29.12
C ALA E 198 -20.10 -29.19 29.85
N ARG E 199 -18.98 -29.23 29.13
CA ARG E 199 -17.69 -29.47 29.75
C ARG E 199 -17.18 -28.33 30.61
N ILE E 200 -17.56 -27.11 30.24
CA ILE E 200 -17.08 -25.97 31.01
C ILE E 200 -17.82 -25.84 32.32
N ALA E 201 -19.05 -26.36 32.36
CA ALA E 201 -19.83 -26.30 33.58
C ALA E 201 -19.33 -27.34 34.60
N GLU E 202 -18.95 -28.52 34.09
CA GLU E 202 -18.45 -29.63 34.91
C GLU E 202 -17.13 -29.18 35.54
N GLU E 203 -16.30 -28.57 34.71
CA GLU E 203 -15.00 -28.07 35.15
C GLU E 203 -15.12 -26.95 36.16
N VAL E 204 -16.15 -26.12 36.03
CA VAL E 204 -16.32 -25.03 36.99
C VAL E 204 -16.52 -25.70 38.34
N LEU E 205 -17.52 -26.59 38.38
CA LEU E 205 -17.88 -27.30 39.59
C LEU E 205 -16.71 -28.08 40.22
N LYS E 206 -15.84 -28.67 39.41
CA LYS E 206 -14.70 -29.37 39.98
C LYS E 206 -13.68 -28.36 40.55
N HIS E 207 -13.32 -27.35 39.76
CA HIS E 207 -12.37 -26.34 40.18
C HIS E 207 -12.75 -25.71 41.51
N LEU E 208 -14.05 -25.60 41.78
CA LEU E 208 -14.55 -25.01 43.04
C LEU E 208 -15.32 -26.09 43.80
N GLN E 209 -14.80 -27.31 43.77
CA GLN E 209 -15.45 -28.42 44.45
C GLN E 209 -15.58 -28.21 45.97
N GLY E 210 -16.67 -28.71 46.54
CA GLY E 210 -16.87 -28.59 47.96
C GLY E 210 -17.12 -27.21 48.52
N LEU E 211 -17.33 -26.20 47.67
CA LEU E 211 -17.59 -24.84 48.17
C LEU E 211 -18.98 -24.35 47.76
N PRO E 212 -19.66 -23.59 48.63
CA PRO E 212 -20.98 -23.13 48.18
C PRO E 212 -20.65 -22.06 47.12
N LEU E 213 -21.55 -21.87 46.17
CA LEU E 213 -21.28 -20.98 45.07
C LEU E 213 -22.18 -19.79 44.91
N HIS E 214 -21.58 -18.67 44.53
CA HIS E 214 -22.36 -17.49 44.25
C HIS E 214 -22.22 -17.28 42.75
N VAL E 215 -23.34 -17.34 42.05
CA VAL E 215 -23.30 -17.13 40.62
C VAL E 215 -23.68 -15.69 40.33
N SER E 216 -22.81 -14.96 39.65
CA SER E 216 -23.08 -13.57 39.32
C SER E 216 -23.34 -13.48 37.83
N LEU E 217 -24.52 -13.05 37.46
CA LEU E 217 -24.87 -13.01 36.06
C LEU E 217 -25.10 -11.65 35.45
N ASP E 218 -24.14 -11.19 34.65
CA ASP E 218 -24.21 -9.91 33.94
C ASP E 218 -24.95 -10.24 32.66
N ALA E 219 -25.95 -9.42 32.29
CA ALA E 219 -26.70 -9.71 31.08
C ALA E 219 -25.87 -9.52 29.79
N ASP E 220 -24.80 -8.73 29.86
CA ASP E 220 -23.94 -8.50 28.70
C ASP E 220 -23.32 -9.82 28.20
N VAL E 221 -23.43 -10.89 28.97
CA VAL E 221 -22.85 -12.18 28.54
C VAL E 221 -23.64 -12.83 27.45
N LEU E 222 -24.89 -12.41 27.27
CA LEU E 222 -25.78 -12.99 26.25
C LEU E 222 -25.57 -12.28 24.93
N ASP E 223 -25.41 -13.04 23.86
CA ASP E 223 -25.21 -12.38 22.58
C ASP E 223 -26.24 -11.25 22.43
N PRO E 224 -25.79 -10.05 22.01
CA PRO E 224 -26.62 -8.85 21.82
C PRO E 224 -27.80 -9.07 20.88
N THR E 225 -27.74 -10.17 20.17
CA THR E 225 -28.82 -10.55 19.28
C THR E 225 -29.98 -10.99 20.17
N LEU E 226 -29.60 -11.63 21.26
CA LEU E 226 -30.50 -12.21 22.25
C LEU E 226 -30.82 -11.31 23.44
N ALA E 227 -29.93 -10.35 23.74
CA ALA E 227 -30.12 -9.48 24.91
C ALA E 227 -29.60 -8.04 24.75
N PRO E 228 -30.28 -7.25 23.90
CA PRO E 228 -29.96 -5.85 23.59
C PRO E 228 -29.83 -4.99 24.84
N GLY E 229 -30.87 -5.02 25.66
CA GLY E 229 -30.94 -4.25 26.89
C GLY E 229 -29.79 -4.26 27.88
N VAL E 230 -28.56 -4.08 27.42
CA VAL E 230 -27.42 -4.08 28.33
C VAL E 230 -26.52 -2.89 28.03
N GLY E 231 -25.72 -2.50 29.02
CA GLY E 231 -24.83 -1.36 28.87
C GLY E 231 -23.66 -1.48 27.91
N THR E 232 -22.95 -2.60 27.95
CA THR E 232 -21.79 -2.75 27.08
C THR E 232 -21.87 -3.96 26.18
N PRO E 233 -22.73 -3.92 25.16
CA PRO E 233 -22.85 -5.08 24.25
C PRO E 233 -21.50 -5.49 23.66
N VAL E 234 -21.41 -6.75 23.24
CA VAL E 234 -20.21 -7.30 22.63
C VAL E 234 -20.65 -8.49 21.77
N PRO E 235 -20.34 -8.47 20.48
CA PRO E 235 -20.74 -9.57 19.58
C PRO E 235 -20.15 -10.94 19.99
N GLY E 236 -20.71 -12.01 19.43
CA GLY E 236 -20.24 -13.34 19.76
C GLY E 236 -20.52 -13.73 21.20
N GLY E 237 -21.76 -13.55 21.64
CA GLY E 237 -22.08 -13.88 23.00
C GLY E 237 -22.58 -15.29 23.18
N LEU E 238 -23.11 -15.60 24.36
CA LEU E 238 -23.62 -16.94 24.62
C LEU E 238 -24.99 -17.06 23.97
N THR E 239 -25.39 -18.29 23.64
CA THR E 239 -26.70 -18.48 23.05
C THR E 239 -27.73 -18.72 24.13
N TYR E 240 -29.01 -18.69 23.75
CA TYR E 240 -30.10 -18.93 24.69
C TYR E 240 -29.90 -20.30 25.33
N ARG E 241 -29.80 -21.35 24.51
CA ARG E 241 -29.59 -22.68 25.02
C ARG E 241 -28.36 -22.76 25.91
N GLU E 242 -27.23 -22.29 25.43
CA GLU E 242 -26.05 -22.37 26.27
C GLU E 242 -26.35 -21.82 27.65
N ALA E 243 -26.73 -20.55 27.75
CA ALA E 243 -27.01 -19.93 29.04
C ALA E 243 -27.83 -20.86 29.93
N HIS E 244 -28.87 -21.43 29.36
CA HIS E 244 -29.75 -22.32 30.06
C HIS E 244 -29.07 -23.60 30.50
N LEU E 245 -28.25 -24.18 29.64
CA LEU E 245 -27.56 -25.40 30.03
C LEU E 245 -26.67 -25.15 31.24
N LEU E 246 -25.83 -24.11 31.16
CA LEU E 246 -24.91 -23.74 32.22
C LEU E 246 -25.63 -23.64 33.57
N MET E 247 -26.77 -22.95 33.57
CA MET E 247 -27.54 -22.80 34.80
C MET E 247 -28.06 -24.14 35.31
N GLU E 248 -28.46 -25.01 34.38
CA GLU E 248 -29.01 -26.29 34.79
C GLU E 248 -27.93 -27.15 35.40
N ILE E 249 -26.80 -27.24 34.70
CA ILE E 249 -25.70 -28.06 35.20
C ILE E 249 -25.25 -27.53 36.56
N LEU E 250 -25.22 -26.21 36.74
CA LEU E 250 -24.81 -25.66 38.01
C LEU E 250 -25.83 -26.00 39.08
N ALA E 251 -27.09 -26.06 38.68
CA ALA E 251 -28.15 -26.35 39.62
C ALA E 251 -28.07 -27.80 40.08
N GLU E 252 -27.85 -28.70 39.13
CA GLU E 252 -27.69 -30.13 39.40
C GLU E 252 -26.70 -30.33 40.55
N SER E 253 -25.81 -29.37 40.75
CA SER E 253 -24.82 -29.48 41.79
C SER E 253 -25.34 -29.18 43.19
N GLY E 254 -26.47 -28.50 43.29
CA GLY E 254 -27.07 -28.20 44.59
C GLY E 254 -26.29 -27.29 45.55
N ARG E 255 -25.15 -26.77 45.08
CA ARG E 255 -24.30 -25.90 45.89
C ARG E 255 -24.46 -24.40 45.62
N VAL E 256 -25.42 -23.99 44.81
CA VAL E 256 -25.57 -22.56 44.53
C VAL E 256 -26.37 -21.89 45.64
N GLN E 257 -25.77 -20.95 46.36
CA GLN E 257 -26.43 -20.30 47.48
C GLN E 257 -26.88 -18.86 47.25
N SER E 258 -26.47 -18.23 46.15
CA SER E 258 -26.85 -16.84 45.91
C SER E 258 -26.73 -16.48 44.46
N LEU E 259 -27.34 -15.36 44.09
CA LEU E 259 -27.34 -14.95 42.69
C LEU E 259 -27.50 -13.45 42.45
N ASP E 260 -26.82 -12.94 41.42
CA ASP E 260 -26.97 -11.53 41.06
C ASP E 260 -27.48 -11.52 39.63
N LEU E 261 -28.48 -10.68 39.37
CA LEU E 261 -29.00 -10.52 38.01
C LEU E 261 -28.74 -9.03 37.75
N VAL E 262 -27.66 -8.72 37.04
CA VAL E 262 -27.30 -7.33 36.84
C VAL E 262 -27.21 -6.75 35.44
N GLU E 263 -26.96 -5.46 35.40
CA GLU E 263 -26.76 -4.73 34.14
C GLU E 263 -27.93 -4.72 33.19
N VAL E 264 -29.08 -5.24 33.59
CA VAL E 264 -30.22 -5.19 32.69
C VAL E 264 -30.58 -3.72 32.49
N ASN E 265 -30.61 -3.27 31.23
CA ASN E 265 -30.95 -1.88 30.96
C ASN E 265 -32.08 -1.71 29.97
N PRO E 266 -33.31 -1.52 30.47
CA PRO E 266 -34.50 -1.34 29.62
C PRO E 266 -34.47 -0.16 28.64
N ILE E 267 -33.58 0.80 28.86
CA ILE E 267 -33.49 1.96 27.97
C ILE E 267 -32.88 1.57 26.64
N LEU E 268 -32.27 0.39 26.61
CA LEU E 268 -31.62 -0.07 25.40
C LEU E 268 -32.18 -1.39 24.97
N ASP E 269 -33.27 -1.82 25.59
CA ASP E 269 -33.88 -3.12 25.29
C ASP E 269 -35.05 -3.04 24.29
N GLU E 270 -35.58 -4.20 23.94
CA GLU E 270 -36.70 -4.27 23.03
C GLU E 270 -37.75 -5.10 23.71
N ARG E 271 -38.87 -4.47 24.04
CA ARG E 271 -39.99 -5.14 24.69
C ARG E 271 -39.58 -5.94 25.91
N ASN E 272 -38.47 -5.53 26.50
CA ASN E 272 -37.97 -6.13 27.71
C ASN E 272 -37.40 -7.55 27.65
N ARG E 273 -36.92 -8.01 26.50
CA ARG E 273 -36.45 -9.39 26.45
C ARG E 273 -35.25 -9.72 27.31
N THR E 274 -34.38 -8.74 27.56
CA THR E 274 -33.21 -9.04 28.39
C THR E 274 -33.67 -9.37 29.81
N ALA E 275 -34.52 -8.53 30.39
CA ALA E 275 -34.99 -8.78 31.73
C ALA E 275 -35.74 -10.13 31.75
N GLU E 276 -36.51 -10.38 30.70
CA GLU E 276 -37.25 -11.61 30.58
C GLU E 276 -36.33 -12.81 30.47
N MET E 277 -35.22 -12.64 29.76
CA MET E 277 -34.27 -13.73 29.59
C MET E 277 -33.51 -14.07 30.87
N LEU E 278 -33.17 -13.06 31.67
CA LEU E 278 -32.45 -13.32 32.90
C LEU E 278 -33.36 -13.99 33.92
N VAL E 279 -34.57 -13.48 34.07
CA VAL E 279 -35.51 -14.08 35.00
C VAL E 279 -35.61 -15.56 34.61
N GLY E 280 -35.55 -15.80 33.32
CA GLY E 280 -35.60 -17.16 32.85
C GLY E 280 -34.45 -17.94 33.44
N LEU E 281 -33.23 -17.43 33.23
CA LEU E 281 -32.06 -18.11 33.73
C LEU E 281 -32.12 -18.27 35.26
N ALA E 282 -32.63 -17.27 35.97
CA ALA E 282 -32.75 -17.42 37.42
C ALA E 282 -33.53 -18.72 37.66
N LEU E 283 -34.69 -18.85 37.03
CA LEU E 283 -35.50 -20.05 37.19
C LEU E 283 -34.74 -21.35 36.92
N SER E 284 -33.88 -21.36 35.91
CA SER E 284 -33.14 -22.58 35.65
C SER E 284 -32.10 -22.85 36.72
N LEU E 285 -31.48 -21.80 37.22
CA LEU E 285 -30.46 -21.96 38.23
C LEU E 285 -31.10 -22.48 39.50
N LEU E 286 -32.34 -22.05 39.75
CA LEU E 286 -33.06 -22.47 40.94
C LEU E 286 -33.86 -23.78 40.85
N GLY E 287 -33.53 -24.63 39.89
CA GLY E 287 -34.21 -25.90 39.84
C GLY E 287 -35.12 -26.25 38.68
N LYS E 288 -35.66 -25.25 38.01
CA LYS E 288 -36.58 -25.52 36.94
C LYS E 288 -35.92 -26.42 35.92
N ARG E 289 -36.69 -27.42 35.48
CA ARG E 289 -36.23 -28.40 34.50
C ARG E 289 -37.35 -28.68 33.52
N ILE E 290 -36.99 -28.96 32.27
CA ILE E 290 -37.96 -29.25 31.22
C ILE E 290 -38.81 -30.43 31.64
N PHE E 291 -38.11 -31.42 32.19
CA PHE E 291 -38.70 -32.68 32.61
C PHE E 291 -38.49 -32.89 34.13
N GLU F 2 1.07 -26.47 51.53
CA GLU F 2 1.72 -27.82 51.65
C GLU F 2 3.07 -27.81 52.37
N ARG F 3 3.42 -26.68 52.96
CA ARG F 3 4.69 -26.55 53.69
C ARG F 3 4.50 -25.96 55.07
N VAL F 4 4.95 -26.68 56.09
CA VAL F 4 4.82 -26.21 57.45
C VAL F 4 6.14 -26.25 58.24
N ALA F 5 6.48 -25.11 58.82
CA ALA F 5 7.67 -24.94 59.63
C ALA F 5 7.24 -24.84 61.07
N VAL F 6 7.88 -25.63 61.92
CA VAL F 6 7.56 -25.66 63.35
C VAL F 6 8.73 -25.15 64.17
N VAL F 7 8.47 -24.16 65.03
CA VAL F 7 9.51 -23.59 65.91
C VAL F 7 9.06 -23.59 67.38
N GLY F 8 9.96 -24.02 68.25
CA GLY F 8 9.64 -24.09 69.68
C GLY F 8 10.23 -22.97 70.50
N VAL F 9 9.54 -22.58 71.57
CA VAL F 9 10.00 -21.52 72.47
C VAL F 9 9.91 -21.97 73.95
N PRO F 10 10.94 -22.66 74.46
CA PRO F 10 10.96 -23.15 75.85
C PRO F 10 11.14 -21.96 76.75
N MET F 11 10.05 -21.31 77.11
CA MET F 11 10.17 -20.12 77.92
C MET F 11 9.27 -20.12 79.14
N ASP F 12 9.85 -20.39 80.31
CA ASP F 12 9.07 -20.37 81.54
C ASP F 12 9.51 -19.13 82.29
N LEU F 13 8.98 -17.96 81.93
CA LEU F 13 9.34 -16.71 82.60
C LEU F 13 8.10 -15.83 82.76
N GLY F 19 6.52 -24.76 84.62
CA GLY F 19 6.72 -25.94 83.77
C GLY F 19 6.47 -25.78 82.27
N VAL F 20 5.88 -24.65 81.92
CA VAL F 20 5.60 -24.34 80.52
C VAL F 20 6.81 -24.53 79.65
N ASP F 21 7.99 -24.22 80.15
CA ASP F 21 9.17 -24.38 79.33
C ASP F 21 9.29 -25.81 78.78
N MET F 22 8.62 -26.78 79.41
CA MET F 22 8.71 -28.16 78.93
C MET F 22 7.67 -28.49 77.86
N GLY F 23 6.81 -27.51 77.59
CA GLY F 23 5.75 -27.67 76.60
C GLY F 23 6.21 -28.07 75.22
N PRO F 24 6.95 -27.21 74.51
CA PRO F 24 7.46 -27.50 73.17
C PRO F 24 7.96 -28.92 73.02
N SER F 25 8.44 -29.52 74.12
CA SER F 25 8.91 -30.90 74.07
C SER F 25 7.70 -31.83 74.09
N ALA F 26 6.84 -31.64 75.07
CA ALA F 26 5.66 -32.48 75.22
C ALA F 26 4.89 -32.51 73.89
N LEU F 27 4.77 -31.34 73.27
CA LEU F 27 4.06 -31.19 72.00
C LEU F 27 4.69 -32.02 70.89
N ARG F 28 6.01 -32.04 70.84
CA ARG F 28 6.73 -32.80 69.83
C ARG F 28 6.49 -34.29 70.04
N TYR F 29 6.55 -34.75 71.29
CA TYR F 29 6.34 -36.16 71.64
C TYR F 29 4.91 -36.58 71.44
N ALA F 30 4.01 -35.59 71.34
CA ALA F 30 2.61 -35.87 71.08
C ALA F 30 2.49 -36.10 69.56
N ARG F 31 3.64 -36.26 68.91
CA ARG F 31 3.80 -36.50 67.47
C ARG F 31 3.24 -35.47 66.46
N LEU F 32 3.25 -34.19 66.85
CA LEU F 32 2.76 -33.12 66.00
C LEU F 32 3.32 -33.22 64.58
N LEU F 33 4.64 -33.32 64.47
CA LEU F 33 5.31 -33.40 63.17
C LEU F 33 4.75 -34.50 62.31
N GLU F 34 4.99 -35.75 62.72
CA GLU F 34 4.52 -36.93 62.01
C GLU F 34 3.08 -36.78 61.56
N GLN F 35 2.20 -36.37 62.46
CA GLN F 35 0.79 -36.24 62.08
C GLN F 35 0.58 -35.19 61.01
N LEU F 36 1.28 -34.06 61.10
CA LEU F 36 1.12 -33.04 60.07
C LEU F 36 1.53 -33.64 58.73
N GLU F 37 2.46 -34.59 58.81
CA GLU F 37 2.92 -35.30 57.63
C GLU F 37 1.85 -36.22 57.09
N ASP F 38 1.22 -36.99 57.97
CA ASP F 38 0.19 -37.91 57.52
C ASP F 38 -0.94 -37.12 56.88
N LEU F 39 -1.16 -35.93 57.40
CA LEU F 39 -2.19 -35.07 56.87
C LEU F 39 -1.79 -34.57 55.49
N GLY F 40 -0.55 -34.87 55.09
CA GLY F 40 -0.09 -34.48 53.78
C GLY F 40 0.87 -33.29 53.67
N TYR F 41 1.26 -32.72 54.81
CA TYR F 41 2.17 -31.56 54.78
C TYR F 41 3.66 -31.95 54.79
N THR F 42 4.50 -31.19 54.11
CA THR F 42 5.94 -31.46 54.18
C THR F 42 6.29 -30.61 55.41
N VAL F 43 6.85 -31.24 56.43
CA VAL F 43 7.14 -30.53 57.68
C VAL F 43 8.61 -30.38 58.06
N GLU F 44 8.94 -29.21 58.58
CA GLU F 44 10.30 -28.87 59.00
C GLU F 44 10.37 -28.38 60.46
N ASP F 45 11.22 -29.05 61.25
CA ASP F 45 11.41 -28.70 62.65
C ASP F 45 12.54 -27.68 62.66
N LEU F 46 12.18 -26.41 62.87
CA LEU F 46 13.18 -25.34 62.95
C LEU F 46 13.90 -25.37 64.29
N GLY F 47 13.60 -26.36 65.13
CA GLY F 47 14.21 -26.43 66.45
C GLY F 47 13.67 -25.36 67.41
N ASP F 48 14.32 -25.16 68.54
CA ASP F 48 13.85 -24.17 69.50
C ASP F 48 14.63 -22.87 69.40
N VAL F 49 14.04 -21.83 69.94
CA VAL F 49 14.65 -20.52 69.97
C VAL F 49 15.22 -20.39 71.39
N PRO F 50 16.54 -20.13 71.51
CA PRO F 50 17.28 -19.98 72.77
C PRO F 50 16.68 -19.01 73.76
N VAL F 51 16.59 -19.44 75.03
CA VAL F 51 16.01 -18.63 76.11
C VAL F 51 16.79 -18.82 77.40
N SER F 52 17.56 -17.80 77.75
CA SER F 52 18.35 -17.83 78.99
C SER F 52 17.67 -16.85 79.97
N LEU F 64 7.71 -5.58 84.14
CA LEU F 64 8.49 -5.98 85.31
C LEU F 64 9.33 -7.24 85.03
N ALA F 65 8.88 -8.33 85.64
CA ALA F 65 9.47 -9.67 85.60
C ALA F 65 10.22 -10.11 84.35
N TYR F 66 11.54 -10.27 84.46
CA TYR F 66 12.39 -10.71 83.34
C TYR F 66 12.09 -10.04 81.97
N LEU F 67 11.80 -8.75 81.98
CA LEU F 67 11.42 -8.05 80.75
C LEU F 67 12.35 -7.99 79.53
N GLU F 68 13.63 -7.68 79.70
CA GLU F 68 14.50 -7.62 78.54
C GLU F 68 14.69 -8.99 77.94
N GLU F 69 14.86 -9.98 78.82
CA GLU F 69 15.09 -11.37 78.44
C GLU F 69 13.95 -11.88 77.55
N ILE F 70 12.78 -11.30 77.72
CA ILE F 70 11.61 -11.66 76.92
C ILE F 70 11.71 -10.99 75.54
N ARG F 71 11.56 -9.66 75.51
CA ARG F 71 11.65 -8.89 74.26
C ARG F 71 12.71 -9.52 73.39
N ALA F 72 13.85 -9.81 74.00
CA ALA F 72 14.97 -10.42 73.30
C ALA F 72 14.52 -11.68 72.60
N ALA F 73 14.00 -12.62 73.38
CA ALA F 73 13.55 -13.91 72.86
C ALA F 73 12.51 -13.76 71.74
N ALA F 74 11.40 -13.12 72.09
CA ALA F 74 10.32 -12.87 71.13
C ALA F 74 10.87 -12.24 69.86
N LEU F 75 11.84 -11.34 70.01
CA LEU F 75 12.44 -10.65 68.87
C LEU F 75 13.14 -11.62 67.92
N VAL F 76 13.77 -12.66 68.46
CA VAL F 76 14.44 -13.59 67.58
C VAL F 76 13.38 -14.41 66.85
N LEU F 77 12.27 -14.68 67.54
CA LEU F 77 11.15 -15.43 66.97
C LEU F 77 10.70 -14.62 65.78
N LYS F 78 10.32 -13.38 66.07
CA LYS F 78 9.87 -12.44 65.07
C LYS F 78 10.79 -12.42 63.84
N GLU F 79 12.09 -12.20 64.04
CA GLU F 79 13.05 -12.15 62.94
C GLU F 79 13.05 -13.46 62.16
N ARG F 80 12.93 -14.57 62.90
CA ARG F 80 12.92 -15.89 62.31
C ARG F 80 11.68 -16.22 61.50
N LEU F 81 10.51 -15.84 62.00
CA LEU F 81 9.29 -16.12 61.26
C LEU F 81 9.23 -15.25 60.03
N ALA F 82 9.69 -14.01 60.16
CA ALA F 82 9.68 -13.05 59.06
C ALA F 82 10.57 -13.53 57.92
N ALA F 83 11.53 -14.40 58.25
CA ALA F 83 12.48 -14.91 57.27
C ALA F 83 12.08 -16.19 56.53
N LEU F 84 10.88 -16.71 56.75
CA LEU F 84 10.46 -17.94 56.10
C LEU F 84 9.95 -17.69 54.70
N PRO F 85 10.25 -18.61 53.75
CA PRO F 85 9.72 -18.34 52.41
C PRO F 85 8.21 -18.09 52.50
N GLU F 86 7.66 -17.21 51.68
CA GLU F 86 6.23 -16.95 51.73
C GLU F 86 5.51 -18.27 51.47
N GLY F 87 4.38 -18.48 52.16
CA GLY F 87 3.62 -19.71 51.94
C GLY F 87 4.02 -20.90 52.79
N VAL F 88 4.91 -20.66 53.74
CA VAL F 88 5.33 -21.70 54.68
C VAL F 88 4.49 -21.41 55.92
N PHE F 89 3.76 -22.41 56.40
CA PHE F 89 2.89 -22.27 57.57
C PHE F 89 3.67 -22.49 58.86
N PRO F 90 3.78 -21.44 59.67
CA PRO F 90 4.52 -21.55 60.93
C PRO F 90 3.64 -21.93 62.12
N ILE F 91 4.05 -22.96 62.86
CA ILE F 91 3.33 -23.34 64.06
C ILE F 91 4.33 -23.14 65.18
N VAL F 92 4.03 -22.21 66.07
CA VAL F 92 4.90 -21.93 67.20
C VAL F 92 4.50 -22.66 68.48
N LEU F 93 5.27 -23.68 68.83
CA LEU F 93 5.01 -24.45 70.06
C LEU F 93 5.54 -23.57 71.16
N GLY F 94 4.99 -23.68 72.37
CA GLY F 94 5.51 -22.79 73.39
C GLY F 94 5.32 -23.04 74.86
N GLY F 95 5.82 -22.08 75.62
CA GLY F 95 5.70 -22.06 77.05
C GLY F 95 4.77 -20.88 77.26
N ASP F 96 5.27 -19.85 77.93
CA ASP F 96 4.48 -18.65 78.23
C ASP F 96 3.76 -18.15 77.01
N HIS F 97 2.69 -17.40 77.25
CA HIS F 97 1.91 -16.84 76.17
C HIS F 97 2.62 -15.61 75.61
N SER F 98 3.71 -15.24 76.28
CA SER F 98 4.48 -14.07 75.88
C SER F 98 5.10 -14.24 74.52
N LEU F 99 5.35 -15.48 74.14
CA LEU F 99 5.98 -15.70 72.84
C LEU F 99 5.15 -15.17 71.67
N SER F 100 3.87 -14.94 71.90
CA SER F 100 3.00 -14.46 70.84
C SER F 100 3.31 -13.04 70.36
N MET F 101 3.98 -12.25 71.19
CA MET F 101 4.36 -10.91 70.78
C MET F 101 5.25 -11.07 69.55
N GLY F 102 6.19 -12.00 69.60
CA GLY F 102 7.07 -12.24 68.48
C GLY F 102 6.39 -12.98 67.33
N SER F 103 5.65 -14.04 67.62
CA SER F 103 5.03 -14.82 66.54
C SER F 103 4.11 -14.03 65.66
N VAL F 104 3.07 -13.44 66.24
CA VAL F 104 2.14 -12.66 65.44
C VAL F 104 2.93 -11.65 64.61
N ALA F 105 3.74 -10.82 65.29
CA ALA F 105 4.56 -9.82 64.62
C ALA F 105 5.31 -10.39 63.42
N GLY F 106 6.14 -11.38 63.71
CA GLY F 106 6.94 -12.01 62.68
C GLY F 106 6.10 -12.75 61.67
N ALA F 107 5.05 -13.42 62.12
CA ALA F 107 4.17 -14.17 61.23
C ALA F 107 3.25 -13.30 60.38
N ALA F 108 2.95 -12.08 60.86
CA ALA F 108 2.07 -11.15 60.14
C ALA F 108 2.71 -10.75 58.81
N ARG F 109 4.02 -10.55 58.83
CA ARG F 109 4.79 -10.16 57.65
C ARG F 109 4.40 -8.77 57.15
N GLY F 110 4.26 -7.83 58.07
CA GLY F 110 3.91 -6.49 57.68
C GLY F 110 2.48 -6.31 57.22
N ARG F 111 1.87 -7.35 56.68
CA ARG F 111 0.48 -7.24 56.25
C ARG F 111 -0.54 -7.31 57.41
N ARG F 112 -1.68 -6.69 57.19
CA ARG F 112 -2.78 -6.65 58.15
C ARG F 112 -3.43 -8.05 58.31
N VAL F 113 -3.14 -8.73 59.43
CA VAL F 113 -3.72 -10.05 59.64
C VAL F 113 -4.78 -10.05 60.73
N GLY F 114 -5.61 -11.09 60.73
CA GLY F 114 -6.65 -11.21 61.71
C GLY F 114 -6.18 -12.06 62.88
N VAL F 115 -6.55 -11.66 64.09
CA VAL F 115 -6.13 -12.41 65.28
C VAL F 115 -7.27 -13.08 66.04
N VAL F 116 -7.26 -14.41 66.05
CA VAL F 116 -8.26 -15.18 66.78
C VAL F 116 -7.55 -15.70 68.04
N TRP F 117 -7.80 -15.04 69.17
CA TRP F 117 -7.18 -15.40 70.44
C TRP F 117 -8.11 -16.36 71.17
N VAL F 118 -7.60 -17.53 71.55
CA VAL F 118 -8.41 -18.52 72.24
C VAL F 118 -7.72 -18.89 73.57
N ASP F 119 -7.93 -18.09 74.63
CA ASP F 119 -7.32 -18.26 75.98
C ASP F 119 -8.52 -18.21 76.96
N ALA F 120 -8.31 -18.59 78.20
CA ALA F 120 -9.38 -18.50 79.19
C ALA F 120 -9.28 -17.06 79.72
N HIS F 121 -8.13 -16.45 79.42
CA HIS F 121 -7.83 -15.08 79.83
C HIS F 121 -7.73 -14.24 78.54
N ALA F 122 -7.65 -12.93 78.70
CA ALA F 122 -7.53 -12.03 77.56
C ALA F 122 -6.09 -11.61 77.37
N ASP F 123 -5.23 -11.96 78.32
CA ASP F 123 -3.83 -11.58 78.20
C ASP F 123 -3.81 -10.15 77.59
N PHE F 124 -4.62 -9.27 78.18
CA PHE F 124 -4.77 -7.89 77.68
C PHE F 124 -4.55 -6.86 78.79
N ASN F 125 -3.39 -6.97 79.45
CA ASN F 125 -3.01 -6.05 80.52
C ASN F 125 -1.80 -5.17 80.20
N THR F 126 -1.68 -4.08 80.95
CA THR F 126 -0.56 -3.15 80.83
C THR F 126 0.09 -3.21 82.21
N PRO F 127 1.24 -2.56 82.40
CA PRO F 127 1.77 -2.68 83.76
C PRO F 127 0.89 -1.97 84.82
N GLU F 128 0.08 -1.01 84.37
CA GLU F 128 -0.85 -0.28 85.27
C GLU F 128 -1.85 -1.29 85.85
N THR F 129 -2.68 -1.82 84.96
CA THR F 129 -3.73 -2.78 85.28
C THR F 129 -3.19 -4.16 85.71
N SER F 130 -1.91 -4.25 86.05
CA SER F 130 -1.34 -5.51 86.50
C SER F 130 -1.17 -6.48 85.33
N SER F 132 -0.14 -8.07 89.89
CA SER F 132 0.25 -9.43 89.51
C SER F 132 1.45 -9.39 88.57
N GLY F 133 1.46 -8.36 87.73
CA GLY F 133 2.54 -8.05 86.79
C GLY F 133 3.33 -9.10 85.99
N ASN F 134 2.78 -10.30 85.75
CA ASN F 134 3.48 -11.29 84.89
C ASN F 134 3.32 -10.83 83.43
N VAL F 135 4.37 -10.93 82.63
CA VAL F 135 4.26 -10.45 81.24
C VAL F 135 3.43 -11.39 80.37
N HIS F 136 3.28 -12.65 80.77
CA HIS F 136 2.48 -13.55 79.97
C HIS F 136 0.99 -13.27 80.07
N GLY F 137 0.66 -12.05 80.54
CA GLY F 137 -0.72 -11.67 80.67
C GLY F 137 -1.02 -10.37 79.98
N MET F 138 -0.11 -9.94 79.12
CA MET F 138 -0.33 -8.69 78.40
C MET F 138 -0.06 -8.67 76.88
N PRO F 139 0.55 -9.73 76.33
CA PRO F 139 0.86 -9.80 74.90
C PRO F 139 -0.20 -9.35 73.91
N LEU F 140 -1.44 -9.74 74.12
CA LEU F 140 -2.46 -9.33 73.21
C LEU F 140 -2.48 -7.81 73.23
N ALA F 141 -2.56 -7.23 74.43
CA ALA F 141 -2.53 -5.78 74.60
C ALA F 141 -1.31 -5.22 73.86
N VAL F 142 -0.12 -5.56 74.32
CA VAL F 142 1.12 -5.13 73.65
C VAL F 142 0.94 -5.17 72.12
N LEU F 143 0.55 -6.33 71.63
CA LEU F 143 0.35 -6.56 70.20
C LEU F 143 -0.63 -5.59 69.56
N SER F 144 -1.71 -5.30 70.25
CA SER F 144 -2.68 -4.38 69.70
C SER F 144 -2.24 -2.94 69.95
N GLY F 145 -1.18 -2.77 70.74
CA GLY F 145 -0.72 -1.42 71.02
C GLY F 145 -0.35 -1.03 72.43
N LEU F 146 -1.18 -1.35 73.42
CA LEU F 146 -0.92 -0.93 74.78
C LEU F 146 0.11 -1.74 75.57
N GLY F 147 0.92 -1.05 76.38
CA GLY F 147 1.88 -1.72 77.25
C GLY F 147 3.21 -1.01 77.38
N HIS F 148 4.17 -1.63 78.07
CA HIS F 148 5.50 -1.04 78.16
C HIS F 148 5.99 -0.77 76.71
N PRO F 149 6.63 0.39 76.47
CA PRO F 149 7.11 0.70 75.12
C PRO F 149 8.28 -0.12 74.58
N ARG F 150 9.22 -0.55 75.44
CA ARG F 150 10.34 -1.37 74.94
C ARG F 150 9.80 -2.64 74.28
N LEU F 151 8.52 -2.93 74.57
CA LEU F 151 7.80 -4.09 74.04
C LEU F 151 7.02 -3.73 72.80
N THR F 152 6.14 -2.75 72.92
CA THR F 152 5.32 -2.36 71.78
C THR F 152 6.09 -1.67 70.66
N GLU F 153 7.26 -1.10 70.95
CA GLU F 153 8.01 -0.42 69.88
C GLU F 153 8.36 -1.39 68.76
N VAL F 154 8.55 -2.66 69.09
CA VAL F 154 8.86 -3.64 68.06
C VAL F 154 7.77 -4.69 67.94
N PHE F 155 6.75 -4.63 68.79
CA PHE F 155 5.74 -5.66 68.75
C PHE F 155 4.31 -5.39 68.35
N ARG F 156 3.90 -4.14 68.21
CA ARG F 156 2.51 -3.88 67.80
C ARG F 156 2.37 -4.42 66.38
N ALA F 157 1.40 -5.30 66.19
CA ALA F 157 1.28 -5.89 64.87
C ALA F 157 -0.14 -5.99 64.32
N VAL F 158 -1.13 -5.82 65.19
CA VAL F 158 -2.51 -5.93 64.74
C VAL F 158 -3.38 -4.78 65.25
N ASP F 159 -4.53 -4.59 64.62
CA ASP F 159 -5.47 -3.56 65.04
C ASP F 159 -6.49 -4.14 66.03
N PRO F 160 -6.85 -3.38 67.07
CA PRO F 160 -7.82 -3.81 68.08
C PRO F 160 -9.14 -4.28 67.49
N LYS F 161 -9.62 -3.59 66.45
CA LYS F 161 -10.87 -3.97 65.82
C LYS F 161 -10.70 -5.18 64.91
N ASP F 162 -9.46 -5.70 64.82
CA ASP F 162 -9.14 -6.87 64.00
C ASP F 162 -8.88 -8.10 64.87
N VAL F 163 -9.16 -7.95 66.16
CA VAL F 163 -8.96 -9.02 67.12
C VAL F 163 -10.29 -9.53 67.68
N VAL F 164 -10.30 -10.83 67.97
CA VAL F 164 -11.46 -11.48 68.58
C VAL F 164 -10.98 -12.54 69.58
N LEU F 165 -11.58 -12.50 70.76
CA LEU F 165 -11.29 -13.42 71.84
C LEU F 165 -12.44 -14.40 71.96
N VAL F 166 -12.10 -15.67 72.11
CA VAL F 166 -13.09 -16.72 72.22
C VAL F 166 -12.69 -17.62 73.36
N GLY F 167 -13.54 -17.72 74.37
CA GLY F 167 -13.23 -18.60 75.50
C GLY F 167 -12.81 -17.89 76.78
N VAL F 168 -12.76 -16.55 76.75
CA VAL F 168 -12.40 -15.79 77.94
C VAL F 168 -13.41 -16.14 79.03
N ARG F 169 -12.91 -16.43 80.23
CA ARG F 169 -13.80 -16.77 81.35
C ARG F 169 -13.22 -16.27 82.69
N SER F 170 -12.27 -15.34 82.60
CA SER F 170 -11.62 -14.75 83.76
C SER F 170 -10.88 -13.46 83.38
N LEU F 171 -11.47 -12.31 83.73
CA LEU F 171 -10.86 -11.02 83.46
C LEU F 171 -10.61 -10.25 84.74
N ASP F 172 -9.59 -9.39 84.71
CA ASP F 172 -9.28 -8.51 85.82
C ASP F 172 -10.18 -7.32 85.52
N PRO F 173 -10.36 -6.40 86.47
CA PRO F 173 -11.25 -5.29 86.14
C PRO F 173 -10.73 -4.15 85.25
N GLY F 174 -9.40 -4.09 85.08
CA GLY F 174 -8.80 -3.07 84.23
C GLY F 174 -8.81 -3.55 82.80
N GLU F 175 -8.71 -4.88 82.61
CA GLU F 175 -8.74 -5.46 81.27
C GLU F 175 -10.07 -5.08 80.67
N LYS F 176 -11.12 -5.21 81.48
CA LYS F 176 -12.46 -4.88 81.03
C LYS F 176 -12.43 -3.47 80.44
N ARG F 177 -11.94 -2.53 81.23
CA ARG F 177 -11.88 -1.15 80.82
C ARG F 177 -11.13 -1.08 79.50
N LEU F 178 -9.85 -1.45 79.51
CA LEU F 178 -9.07 -1.42 78.28
C LEU F 178 -9.77 -2.17 77.14
N LEU F 179 -10.37 -3.32 77.44
CA LEU F 179 -11.04 -4.07 76.38
C LEU F 179 -12.17 -3.26 75.77
N LYS F 180 -13.08 -2.77 76.62
CA LYS F 180 -14.20 -1.94 76.17
C LYS F 180 -13.65 -0.66 75.57
N GLU F 181 -12.75 -0.02 76.31
CA GLU F 181 -12.12 1.21 75.84
C GLU F 181 -11.65 0.93 74.41
N ALA F 182 -10.82 -0.10 74.26
CA ALA F 182 -10.24 -0.49 72.97
C ALA F 182 -11.27 -0.92 71.92
N GLY F 183 -12.28 -1.68 72.34
CA GLY F 183 -13.31 -2.12 71.40
C GLY F 183 -13.04 -3.43 70.68
N VAL F 184 -12.47 -4.37 71.41
CA VAL F 184 -12.16 -5.68 70.85
C VAL F 184 -13.32 -6.63 71.02
N ARG F 185 -13.72 -7.28 69.93
CA ARG F 185 -14.83 -8.22 69.96
C ARG F 185 -14.51 -9.34 70.95
N VAL F 186 -15.39 -9.58 71.92
CA VAL F 186 -15.12 -10.62 72.90
C VAL F 186 -16.25 -11.61 73.17
N TYR F 187 -15.98 -12.88 72.88
CA TYR F 187 -16.95 -13.94 73.09
C TYR F 187 -16.49 -14.73 74.33
N THR F 188 -17.05 -14.41 75.49
CA THR F 188 -16.69 -15.09 76.73
C THR F 188 -17.46 -16.40 76.81
N MET F 189 -17.23 -17.19 77.85
CA MET F 189 -17.95 -18.46 77.99
C MET F 189 -19.44 -18.31 78.09
N HIS F 190 -19.90 -17.17 78.60
CA HIS F 190 -21.36 -16.91 78.71
C HIS F 190 -21.93 -16.79 77.29
N GLU F 191 -21.15 -16.18 76.40
CA GLU F 191 -21.54 -16.03 75.01
C GLU F 191 -21.50 -17.38 74.31
N VAL F 192 -20.55 -18.24 74.69
CA VAL F 192 -20.42 -19.57 74.08
C VAL F 192 -21.61 -20.40 74.55
N ASP F 193 -22.03 -20.20 75.81
CA ASP F 193 -23.16 -20.95 76.36
C ASP F 193 -24.48 -20.48 75.78
N ARG F 194 -24.60 -19.18 75.52
CA ARG F 194 -25.82 -18.64 74.94
C ARG F 194 -25.85 -18.76 73.41
N LEU F 195 -24.71 -18.63 72.76
CA LEU F 195 -24.70 -18.73 71.32
C LEU F 195 -24.25 -20.05 70.70
N GLY F 196 -23.39 -20.78 71.39
CA GLY F 196 -22.89 -22.04 70.85
C GLY F 196 -21.71 -21.84 69.91
N VAL F 197 -20.66 -22.64 70.10
CA VAL F 197 -19.46 -22.49 69.28
C VAL F 197 -19.71 -22.28 67.80
N ALA F 198 -20.63 -23.05 67.21
CA ALA F 198 -20.92 -22.89 65.78
C ALA F 198 -21.09 -21.43 65.38
N ARG F 199 -22.10 -20.76 65.95
CA ARG F 199 -22.42 -19.36 65.62
C ARG F 199 -21.24 -18.42 65.81
N ILE F 200 -20.52 -18.59 66.92
CA ILE F 200 -19.37 -17.73 67.20
C ILE F 200 -18.34 -17.93 66.09
N ALA F 201 -17.95 -19.17 65.82
CA ALA F 201 -16.96 -19.41 64.78
C ALA F 201 -17.32 -18.65 63.52
N GLU F 202 -18.60 -18.63 63.16
CA GLU F 202 -18.97 -17.93 61.95
C GLU F 202 -18.94 -16.46 62.20
N GLU F 203 -19.34 -16.05 63.40
CA GLU F 203 -19.34 -14.64 63.73
C GLU F 203 -17.91 -14.14 63.65
N VAL F 204 -16.96 -14.94 64.12
CA VAL F 204 -15.55 -14.54 64.08
C VAL F 204 -15.13 -14.32 62.64
N LEU F 205 -15.49 -15.30 61.81
CA LEU F 205 -15.21 -15.26 60.40
C LEU F 205 -15.71 -13.98 59.76
N LYS F 206 -17.00 -13.69 59.86
CA LYS F 206 -17.53 -12.48 59.26
C LYS F 206 -16.83 -11.24 59.81
N HIS F 207 -16.71 -11.19 61.13
CA HIS F 207 -16.07 -10.06 61.80
C HIS F 207 -14.67 -9.81 61.24
N LEU F 208 -14.06 -10.84 60.68
CA LEU F 208 -12.73 -10.68 60.12
C LEU F 208 -12.68 -11.08 58.66
N GLN F 209 -13.77 -10.86 57.93
CA GLN F 209 -13.76 -11.25 56.53
C GLN F 209 -12.64 -10.66 55.71
N GLY F 210 -12.08 -11.51 54.83
CA GLY F 210 -11.02 -11.11 53.93
C GLY F 210 -9.60 -11.17 54.42
N LEU F 211 -9.41 -11.12 55.73
CA LEU F 211 -8.06 -11.11 56.30
C LEU F 211 -7.42 -12.47 56.54
N PRO F 212 -6.08 -12.54 56.41
CA PRO F 212 -5.43 -13.82 56.64
C PRO F 212 -5.65 -13.92 58.15
N LEU F 213 -5.75 -15.14 58.68
CA LEU F 213 -5.97 -15.26 60.11
C LEU F 213 -4.85 -16.00 60.81
N HIS F 214 -4.58 -15.54 62.03
CA HIS F 214 -3.58 -16.14 62.86
C HIS F 214 -4.39 -16.51 64.08
N VAL F 215 -4.35 -17.78 64.43
CA VAL F 215 -5.07 -18.27 65.59
C VAL F 215 -4.03 -18.53 66.66
N SER F 216 -4.25 -17.99 67.86
CA SER F 216 -3.34 -18.16 68.98
C SER F 216 -4.08 -19.06 69.97
N LEU F 217 -3.50 -20.20 70.30
CA LEU F 217 -4.20 -21.11 71.17
C LEU F 217 -3.63 -21.35 72.57
N ASP F 218 -4.32 -20.87 73.62
CA ASP F 218 -3.82 -21.08 74.98
C ASP F 218 -4.46 -22.38 75.43
N ALA F 219 -3.67 -23.28 76.01
CA ALA F 219 -4.26 -24.52 76.42
C ALA F 219 -5.28 -24.31 77.53
N ASP F 220 -5.09 -23.26 78.34
CA ASP F 220 -6.00 -22.93 79.45
C ASP F 220 -7.44 -22.65 79.03
N VAL F 221 -7.76 -22.79 77.75
CA VAL F 221 -9.11 -22.52 77.28
C VAL F 221 -10.02 -23.74 77.29
N LEU F 222 -9.42 -24.93 77.28
CA LEU F 222 -10.21 -26.17 77.31
C LEU F 222 -10.54 -26.34 78.77
N ASP F 223 -11.67 -26.95 79.07
CA ASP F 223 -11.99 -27.13 80.49
C ASP F 223 -10.86 -27.89 81.17
N PRO F 224 -10.45 -27.44 82.36
CA PRO F 224 -9.39 -28.02 83.17
C PRO F 224 -9.55 -29.53 83.35
N THR F 225 -10.80 -29.97 83.24
CA THR F 225 -11.13 -31.37 83.42
C THR F 225 -10.57 -32.29 82.35
N LEU F 226 -10.24 -31.72 81.20
CA LEU F 226 -9.73 -32.53 80.10
C LEU F 226 -8.38 -32.00 79.59
N ALA F 227 -7.93 -30.91 80.19
CA ALA F 227 -6.66 -30.31 79.85
C ALA F 227 -6.09 -29.78 81.15
N PRO F 228 -5.57 -30.69 81.99
CA PRO F 228 -4.97 -30.44 83.31
C PRO F 228 -3.68 -29.67 83.29
N GLY F 229 -2.79 -29.99 82.36
CA GLY F 229 -1.49 -29.32 82.26
C GLY F 229 -1.47 -27.89 81.77
N VAL F 230 -1.89 -26.96 82.62
CA VAL F 230 -1.91 -25.56 82.24
C VAL F 230 -1.53 -24.66 83.38
N GLY F 231 -0.90 -23.53 83.07
CA GLY F 231 -0.50 -22.61 84.11
C GLY F 231 -1.66 -22.20 85.02
N THR F 232 -2.64 -21.51 84.47
CA THR F 232 -3.76 -21.01 85.28
C THR F 232 -5.11 -21.67 84.96
N PRO F 233 -5.28 -22.94 85.37
CA PRO F 233 -6.55 -23.60 85.07
C PRO F 233 -7.74 -22.80 85.58
N VAL F 234 -8.84 -22.85 84.85
CA VAL F 234 -10.06 -22.13 85.22
C VAL F 234 -11.23 -23.01 84.81
N PRO F 235 -12.04 -23.47 85.77
CA PRO F 235 -13.16 -24.32 85.40
C PRO F 235 -14.17 -23.65 84.47
N GLY F 236 -15.03 -24.48 83.86
CA GLY F 236 -16.05 -23.99 82.96
C GLY F 236 -15.48 -23.72 81.58
N GLY F 237 -14.61 -24.61 81.09
CA GLY F 237 -14.00 -24.40 79.80
C GLY F 237 -14.63 -25.09 78.61
N LEU F 238 -14.08 -24.83 77.41
CA LEU F 238 -14.57 -25.45 76.19
C LEU F 238 -14.52 -26.96 76.27
N THR F 239 -15.46 -27.63 75.63
CA THR F 239 -15.41 -29.07 75.67
C THR F 239 -14.53 -29.48 74.51
N TYR F 240 -14.11 -30.74 74.53
CA TYR F 240 -13.27 -31.29 73.48
C TYR F 240 -13.88 -31.19 72.06
N ARG F 241 -15.19 -31.40 71.94
CA ARG F 241 -15.85 -31.34 70.62
C ARG F 241 -15.94 -29.88 70.17
N GLU F 242 -16.40 -28.99 71.05
CA GLU F 242 -16.50 -27.56 70.71
C GLU F 242 -15.16 -27.02 70.14
N ALA F 243 -14.06 -27.38 70.80
CA ALA F 243 -12.75 -26.92 70.38
C ALA F 243 -12.55 -27.39 68.94
N HIS F 244 -12.65 -28.69 68.72
CA HIS F 244 -12.50 -29.21 67.37
C HIS F 244 -13.43 -28.50 66.41
N LEU F 245 -14.71 -28.38 66.75
CA LEU F 245 -15.60 -27.70 65.83
C LEU F 245 -15.03 -26.34 65.47
N LEU F 246 -14.75 -25.53 66.48
CA LEU F 246 -14.18 -24.19 66.26
C LEU F 246 -13.02 -24.25 65.30
N MET F 247 -12.10 -25.20 65.51
CA MET F 247 -10.92 -25.33 64.65
C MET F 247 -11.29 -25.78 63.24
N GLU F 248 -12.29 -26.64 63.11
CA GLU F 248 -12.68 -27.12 61.80
C GLU F 248 -13.36 -26.00 61.00
N ILE F 249 -14.25 -25.25 61.65
CA ILE F 249 -14.94 -24.15 61.02
C ILE F 249 -13.96 -23.11 60.47
N LEU F 250 -12.94 -22.77 61.24
CA LEU F 250 -11.94 -21.81 60.78
C LEU F 250 -11.14 -22.38 59.61
N ALA F 251 -10.78 -23.66 59.71
CA ALA F 251 -9.98 -24.26 58.66
C ALA F 251 -10.74 -24.16 57.34
N GLU F 252 -12.04 -24.38 57.40
CA GLU F 252 -12.95 -24.35 56.26
C GLU F 252 -13.05 -22.98 55.57
N SER F 253 -12.31 -21.99 56.06
CA SER F 253 -12.37 -20.66 55.48
C SER F 253 -11.16 -20.43 54.62
N GLY F 254 -10.18 -21.32 54.81
CA GLY F 254 -8.91 -21.26 54.10
C GLY F 254 -8.10 -19.99 54.30
N ARG F 255 -8.40 -19.24 55.36
CA ARG F 255 -7.66 -18.01 55.60
C ARG F 255 -6.68 -18.11 56.76
N VAL F 256 -6.59 -19.28 57.37
CA VAL F 256 -5.67 -19.41 58.50
C VAL F 256 -4.23 -19.49 58.00
N GLN F 257 -3.37 -18.61 58.49
CA GLN F 257 -1.96 -18.59 58.04
C GLN F 257 -0.93 -18.88 59.13
N SER F 258 -1.35 -18.90 60.40
CA SER F 258 -0.41 -19.17 61.50
C SER F 258 -1.08 -19.59 62.82
N LEU F 259 -0.34 -20.33 63.64
CA LEU F 259 -0.87 -20.84 64.91
C LEU F 259 0.16 -20.93 66.04
N ASP F 260 -0.22 -20.49 67.24
CA ASP F 260 0.66 -20.61 68.40
C ASP F 260 -0.02 -21.61 69.30
N LEU F 261 0.70 -22.65 69.73
CA LEU F 261 0.15 -23.64 70.66
C LEU F 261 0.98 -23.34 71.90
N VAL F 262 0.40 -22.63 72.85
CA VAL F 262 1.15 -22.25 74.04
C VAL F 262 0.52 -22.75 75.33
N GLU F 263 1.33 -22.76 76.39
CA GLU F 263 0.87 -23.12 77.72
C GLU F 263 0.77 -24.58 78.16
N VAL F 264 1.26 -25.50 77.37
CA VAL F 264 1.24 -26.88 77.81
C VAL F 264 2.28 -27.01 78.91
N ASN F 265 1.88 -27.49 80.09
CA ASN F 265 2.81 -27.69 81.20
C ASN F 265 2.89 -29.17 81.50
N PRO F 266 3.89 -29.87 80.97
CA PRO F 266 3.91 -31.30 81.28
C PRO F 266 3.97 -31.69 82.77
N ILE F 267 4.48 -30.81 83.63
CA ILE F 267 4.53 -31.09 85.06
C ILE F 267 3.14 -31.27 85.69
N LEU F 268 2.22 -30.37 85.37
CA LEU F 268 0.86 -30.45 85.90
C LEU F 268 -0.11 -31.28 85.05
N ASP F 269 0.40 -31.99 84.05
CA ASP F 269 -0.48 -32.77 83.19
C ASP F 269 -0.44 -34.25 83.55
N GLU F 270 -1.44 -35.00 83.11
CA GLU F 270 -1.50 -36.43 83.38
C GLU F 270 -1.41 -37.18 82.08
N ARG F 271 -0.23 -37.73 81.80
CA ARG F 271 0.01 -38.50 80.58
C ARG F 271 0.12 -37.68 79.32
N ASN F 272 0.53 -36.43 79.46
CA ASN F 272 0.73 -35.60 78.30
C ASN F 272 -0.53 -35.55 77.45
N ARG F 273 -1.70 -35.54 78.07
CA ARG F 273 -2.91 -35.54 77.25
C ARG F 273 -3.34 -34.14 76.86
N THR F 274 -2.79 -33.14 77.53
CA THR F 274 -3.11 -31.76 77.20
C THR F 274 -2.34 -31.42 75.94
N ALA F 275 -1.16 -32.02 75.80
CA ALA F 275 -0.34 -31.78 74.65
C ALA F 275 -1.00 -32.48 73.47
N GLU F 276 -1.54 -33.68 73.71
CA GLU F 276 -2.20 -34.43 72.65
C GLU F 276 -3.47 -33.71 72.22
N MET F 277 -4.12 -33.07 73.16
CA MET F 277 -5.34 -32.31 72.89
C MET F 277 -5.04 -31.27 71.82
N LEU F 278 -3.94 -30.56 72.02
CA LEU F 278 -3.60 -29.49 71.11
C LEU F 278 -3.02 -29.96 69.79
N VAL F 279 -2.22 -31.02 69.77
CA VAL F 279 -1.69 -31.47 68.50
C VAL F 279 -2.86 -31.79 67.61
N GLY F 280 -3.86 -32.41 68.25
CA GLY F 280 -5.06 -32.78 67.54
C GLY F 280 -5.83 -31.55 67.09
N LEU F 281 -5.85 -30.52 67.92
CA LEU F 281 -6.55 -29.29 67.59
C LEU F 281 -5.85 -28.64 66.40
N ALA F 282 -4.51 -28.65 66.43
CA ALA F 282 -3.71 -28.11 65.34
C ALA F 282 -4.11 -28.85 64.07
N LEU F 283 -4.01 -30.17 64.11
CA LEU F 283 -4.37 -30.97 62.94
C LEU F 283 -5.71 -30.59 62.34
N SER F 284 -6.67 -30.23 63.18
CA SER F 284 -7.99 -29.86 62.68
C SER F 284 -7.98 -28.45 62.11
N LEU F 285 -7.17 -27.58 62.70
CA LEU F 285 -7.06 -26.20 62.25
C LEU F 285 -6.41 -26.22 60.88
N LEU F 286 -5.56 -27.22 60.67
CA LEU F 286 -4.90 -27.33 59.37
C LEU F 286 -5.53 -28.31 58.41
N GLY F 287 -6.84 -28.53 58.51
CA GLY F 287 -7.49 -29.38 57.53
C GLY F 287 -8.10 -30.72 57.87
N LYS F 288 -7.49 -31.47 58.79
CA LYS F 288 -8.03 -32.78 59.17
C LYS F 288 -9.54 -32.73 59.41
N ARG F 289 -10.24 -33.54 58.63
CA ARG F 289 -11.68 -33.63 58.66
C ARG F 289 -12.07 -35.08 58.94
N ILE F 290 -13.29 -35.33 59.43
CA ILE F 290 -13.72 -36.71 59.65
C ILE F 290 -14.05 -37.26 58.28
N PHE F 291 -14.80 -36.44 57.53
CA PHE F 291 -15.26 -36.78 56.19
C PHE F 291 -14.68 -35.78 55.18
N GLU G 2 5.63 -9.39 10.56
CA GLU G 2 5.24 -8.15 11.29
C GLU G 2 5.05 -6.93 10.38
N ARG G 3 5.07 -7.20 9.07
CA ARG G 3 4.81 -6.19 8.05
C ARG G 3 3.70 -6.81 7.19
N VAL G 4 2.76 -5.98 6.79
CA VAL G 4 1.63 -6.45 6.02
C VAL G 4 1.18 -5.53 4.88
N ALA G 5 0.98 -6.16 3.72
CA ALA G 5 0.56 -5.45 2.52
C ALA G 5 -0.89 -5.78 2.14
N VAL G 6 -1.62 -4.74 1.73
CA VAL G 6 -3.02 -4.91 1.31
C VAL G 6 -3.20 -4.43 -0.14
N VAL G 7 -3.62 -5.36 -1.00
CA VAL G 7 -3.84 -5.03 -2.41
C VAL G 7 -5.27 -5.39 -2.81
N GLY G 8 -5.92 -4.49 -3.56
CA GLY G 8 -7.29 -4.73 -3.98
C GLY G 8 -7.54 -5.06 -5.43
N VAL G 9 -8.43 -6.02 -5.65
CA VAL G 9 -8.80 -6.43 -7.00
C VAL G 9 -10.30 -6.22 -7.19
N PRO G 10 -10.72 -5.00 -7.57
CA PRO G 10 -12.14 -4.66 -7.77
C PRO G 10 -12.72 -5.32 -9.01
N MET G 11 -12.60 -6.63 -9.08
CA MET G 11 -13.06 -7.40 -10.20
C MET G 11 -14.49 -7.90 -10.05
N ASP G 12 -15.24 -7.88 -11.15
CA ASP G 12 -16.62 -8.31 -11.19
C ASP G 12 -16.89 -8.68 -12.63
N LEU G 13 -16.40 -9.84 -13.02
CA LEU G 13 -16.53 -10.32 -14.38
C LEU G 13 -16.89 -11.82 -14.39
N GLY G 19 -22.03 -6.65 -8.25
CA GLY G 19 -21.40 -5.58 -7.48
C GLY G 19 -20.27 -5.93 -6.52
N VAL G 20 -19.68 -7.12 -6.67
CA VAL G 20 -18.56 -7.56 -5.82
C VAL G 20 -17.32 -6.71 -6.04
N ASP G 21 -17.33 -5.95 -7.13
CA ASP G 21 -16.22 -5.08 -7.49
C ASP G 21 -16.09 -3.94 -6.48
N MET G 22 -17.11 -3.74 -5.66
CA MET G 22 -17.06 -2.68 -4.65
C MET G 22 -16.45 -3.28 -3.39
N GLY G 23 -16.23 -4.60 -3.45
CA GLY G 23 -15.67 -5.34 -2.31
C GLY G 23 -14.52 -4.65 -1.60
N PRO G 24 -13.40 -4.43 -2.30
CA PRO G 24 -12.23 -3.77 -1.74
C PRO G 24 -12.58 -2.44 -1.03
N SER G 25 -13.52 -1.70 -1.55
CA SER G 25 -13.85 -0.45 -0.90
C SER G 25 -14.56 -0.59 0.43
N ALA G 26 -15.35 -1.65 0.60
CA ALA G 26 -16.06 -1.82 1.86
C ALA G 26 -15.12 -2.36 2.93
N LEU G 27 -14.17 -3.18 2.51
CA LEU G 27 -13.26 -3.76 3.47
C LEU G 27 -12.39 -2.68 4.06
N ARG G 28 -12.12 -1.66 3.26
CA ARG G 28 -11.30 -0.55 3.73
C ARG G 28 -12.11 0.32 4.65
N TYR G 29 -13.36 0.59 4.28
CA TYR G 29 -14.21 1.42 5.12
C TYR G 29 -14.53 0.76 6.45
N ALA G 30 -14.23 -0.53 6.54
CA ALA G 30 -14.44 -1.30 7.76
C ALA G 30 -13.17 -1.23 8.59
N ARG G 31 -12.31 -0.30 8.20
CA ARG G 31 -11.06 -0.04 8.89
C ARG G 31 -10.09 -1.22 9.00
N LEU G 32 -10.08 -2.08 8.00
CA LEU G 32 -9.19 -3.23 8.01
C LEU G 32 -7.79 -2.79 8.41
N LEU G 33 -7.28 -1.80 7.70
CA LEU G 33 -5.94 -1.34 7.95
C LEU G 33 -5.65 -0.92 9.37
N GLU G 34 -6.33 0.14 9.82
CA GLU G 34 -6.14 0.72 11.13
C GLU G 34 -6.24 -0.28 12.27
N GLN G 35 -7.05 -1.30 12.10
CA GLN G 35 -7.15 -2.30 13.13
C GLN G 35 -5.99 -3.29 13.16
N LEU G 36 -5.25 -3.40 12.07
CA LEU G 36 -4.12 -4.32 12.02
C LEU G 36 -2.94 -3.63 12.73
N GLU G 37 -2.78 -2.33 12.47
CA GLU G 37 -1.76 -1.52 13.12
C GLU G 37 -2.14 -1.57 14.60
N ASP G 38 -3.42 -1.43 14.90
CA ASP G 38 -3.86 -1.50 16.30
C ASP G 38 -3.38 -2.82 16.91
N LEU G 39 -3.25 -3.84 16.05
CA LEU G 39 -2.86 -5.17 16.48
C LEU G 39 -1.36 -5.29 16.54
N GLY G 40 -0.66 -4.25 16.12
CA GLY G 40 0.78 -4.26 16.12
C GLY G 40 1.57 -4.28 14.80
N TYR G 41 0.94 -4.64 13.69
CA TYR G 41 1.63 -4.72 12.40
C TYR G 41 1.82 -3.35 11.79
N THR G 42 2.78 -3.24 10.88
CA THR G 42 3.01 -2.00 10.12
C THR G 42 2.30 -2.34 8.81
N VAL G 43 1.37 -1.50 8.37
CA VAL G 43 0.60 -1.81 7.18
C VAL G 43 0.71 -0.85 6.02
N GLU G 44 1.13 -1.37 4.87
CA GLU G 44 1.30 -0.56 3.67
C GLU G 44 0.18 -0.90 2.67
N ASP G 45 -0.55 0.11 2.19
CA ASP G 45 -1.62 -0.17 1.24
C ASP G 45 -1.09 -0.01 -0.19
N LEU G 46 -1.04 -1.11 -0.94
CA LEU G 46 -0.53 -1.09 -2.31
C LEU G 46 -1.57 -0.54 -3.26
N GLY G 47 -2.82 -0.50 -2.82
CA GLY G 47 -3.86 0.04 -3.69
C GLY G 47 -4.54 -1.03 -4.51
N ASP G 48 -5.16 -0.60 -5.60
CA ASP G 48 -5.89 -1.53 -6.44
C ASP G 48 -5.21 -1.90 -7.74
N VAL G 49 -5.31 -3.19 -8.07
CA VAL G 49 -4.80 -3.72 -9.32
C VAL G 49 -5.83 -3.19 -10.32
N PRO G 50 -5.38 -2.51 -11.38
CA PRO G 50 -6.36 -1.98 -12.33
C PRO G 50 -7.14 -3.05 -13.08
N VAL G 51 -8.42 -2.79 -13.35
CA VAL G 51 -9.27 -3.79 -14.02
C VAL G 51 -10.12 -3.26 -15.15
N SER G 52 -9.67 -3.57 -16.37
CA SER G 52 -10.34 -3.12 -17.59
C SER G 52 -11.81 -3.46 -17.51
N LEU G 64 -14.80 -19.35 -20.17
CA LEU G 64 -15.97 -18.90 -20.90
C LEU G 64 -16.14 -17.38 -20.95
N ALA G 65 -17.21 -16.87 -20.33
CA ALA G 65 -17.50 -15.44 -20.32
C ALA G 65 -16.38 -14.57 -19.70
N TYR G 66 -15.75 -13.71 -20.52
CA TYR G 66 -14.68 -12.77 -20.10
C TYR G 66 -13.32 -13.37 -19.66
N LEU G 67 -12.95 -14.54 -20.16
CA LEU G 67 -11.69 -15.18 -19.75
C LEU G 67 -10.39 -14.35 -19.76
N GLU G 68 -9.93 -13.91 -20.93
CA GLU G 68 -8.70 -13.13 -21.00
C GLU G 68 -8.60 -11.94 -20.04
N GLU G 69 -9.62 -11.08 -19.97
CA GLU G 69 -9.57 -9.92 -19.05
C GLU G 69 -9.09 -10.37 -17.67
N ILE G 70 -9.77 -11.39 -17.17
CA ILE G 70 -9.48 -12.02 -15.89
C ILE G 70 -8.03 -12.49 -15.80
N ARG G 71 -7.64 -13.45 -16.63
CA ARG G 71 -6.29 -13.99 -16.61
C ARG G 71 -5.27 -12.84 -16.63
N ALA G 72 -5.65 -11.74 -17.30
CA ALA G 72 -4.81 -10.55 -17.44
C ALA G 72 -4.66 -9.81 -16.12
N ALA G 73 -5.80 -9.46 -15.53
CA ALA G 73 -5.80 -8.81 -14.24
C ALA G 73 -5.19 -9.76 -13.21
N ALA G 74 -5.55 -11.04 -13.30
CA ALA G 74 -5.01 -12.03 -12.37
C ALA G 74 -3.52 -12.21 -12.59
N LEU G 75 -3.03 -11.81 -13.75
CA LEU G 75 -1.62 -11.90 -14.02
C LEU G 75 -0.97 -10.75 -13.26
N VAL G 76 -1.48 -9.54 -13.49
CA VAL G 76 -0.97 -8.33 -12.86
C VAL G 76 -0.90 -8.54 -11.36
N LEU G 77 -1.93 -9.19 -10.83
CA LEU G 77 -2.00 -9.49 -9.41
C LEU G 77 -0.79 -10.31 -8.99
N LYS G 78 -0.71 -11.53 -9.51
CA LYS G 78 0.38 -12.45 -9.17
C LYS G 78 1.77 -11.85 -9.27
N GLU G 79 2.03 -11.09 -10.33
CA GLU G 79 3.33 -10.46 -10.50
C GLU G 79 3.62 -9.57 -9.28
N ARG G 80 2.62 -8.76 -8.94
CA ARG G 80 2.73 -7.86 -7.81
C ARG G 80 3.06 -8.58 -6.50
N LEU G 81 2.42 -9.72 -6.23
CA LEU G 81 2.67 -10.48 -4.99
C LEU G 81 4.08 -11.08 -4.93
N ALA G 82 4.54 -11.56 -6.07
CA ALA G 82 5.86 -12.15 -6.19
C ALA G 82 6.96 -11.11 -5.99
N ALA G 83 6.74 -9.90 -6.49
CA ALA G 83 7.73 -8.82 -6.32
C ALA G 83 7.98 -8.63 -4.83
N LEU G 84 6.91 -8.23 -4.14
CA LEU G 84 6.92 -7.96 -2.71
C LEU G 84 8.00 -8.50 -1.78
N PRO G 85 8.72 -7.58 -1.12
CA PRO G 85 9.84 -7.93 -0.24
C PRO G 85 9.54 -9.26 0.45
N GLU G 86 10.52 -9.91 1.04
CA GLU G 86 10.19 -11.19 1.66
C GLU G 86 9.86 -10.96 3.12
N GLY G 87 8.93 -11.75 3.66
CA GLY G 87 8.51 -11.57 5.04
C GLY G 87 7.27 -10.69 5.21
N VAL G 88 6.78 -10.14 4.12
CA VAL G 88 5.57 -9.32 4.12
C VAL G 88 4.33 -10.22 3.98
N PHE G 89 3.37 -10.06 4.90
CA PHE G 89 2.13 -10.83 4.83
C PHE G 89 1.20 -10.09 3.86
N PRO G 90 0.61 -10.81 2.89
CA PRO G 90 -0.29 -10.18 1.92
C PRO G 90 -1.76 -10.43 2.20
N ILE G 91 -2.60 -9.41 2.04
CA ILE G 91 -4.03 -9.55 2.26
C ILE G 91 -4.70 -9.01 1.02
N VAL G 92 -5.30 -9.90 0.24
CA VAL G 92 -5.96 -9.51 -1.00
C VAL G 92 -7.45 -9.23 -0.81
N LEU G 93 -7.86 -7.98 -1.00
CA LEU G 93 -9.26 -7.63 -0.82
C LEU G 93 -9.84 -7.78 -2.20
N GLY G 94 -10.91 -8.53 -2.37
CA GLY G 94 -11.41 -8.62 -3.71
C GLY G 94 -12.89 -8.60 -3.95
N GLY G 95 -13.24 -9.00 -5.18
CA GLY G 95 -14.61 -9.16 -5.63
C GLY G 95 -14.51 -10.63 -5.98
N ASP G 96 -14.53 -10.95 -7.27
CA ASP G 96 -14.46 -12.33 -7.74
C ASP G 96 -13.50 -13.23 -7.00
N HIS G 97 -13.95 -14.45 -6.74
CA HIS G 97 -13.11 -15.44 -6.08
C HIS G 97 -12.06 -15.86 -7.12
N SER G 98 -12.26 -15.39 -8.36
CA SER G 98 -11.39 -15.64 -9.52
C SER G 98 -10.00 -15.08 -9.31
N LEU G 99 -9.92 -13.99 -8.53
CA LEU G 99 -8.65 -13.36 -8.22
C LEU G 99 -7.72 -14.37 -7.55
N SER G 100 -8.32 -15.32 -6.85
CA SER G 100 -7.55 -16.32 -6.14
C SER G 100 -6.51 -16.96 -7.04
N MET G 101 -6.87 -17.17 -8.31
CA MET G 101 -5.95 -17.74 -9.27
C MET G 101 -4.66 -16.95 -9.19
N GLY G 102 -4.76 -15.63 -9.44
CA GLY G 102 -3.62 -14.74 -9.39
C GLY G 102 -2.93 -14.65 -8.04
N SER G 103 -3.69 -14.46 -6.97
CA SER G 103 -3.11 -14.35 -5.63
C SER G 103 -2.39 -15.60 -5.12
N VAL G 104 -3.10 -16.72 -4.96
CA VAL G 104 -2.48 -17.94 -4.44
C VAL G 104 -1.18 -18.26 -5.16
N ALA G 105 -1.20 -18.14 -6.48
CA ALA G 105 -0.01 -18.40 -7.26
C ALA G 105 1.05 -17.40 -6.80
N GLY G 106 0.75 -16.12 -6.99
CA GLY G 106 1.68 -15.06 -6.63
C GLY G 106 2.17 -14.99 -5.20
N ALA G 107 1.32 -15.36 -4.24
CA ALA G 107 1.72 -15.26 -2.85
C ALA G 107 2.54 -16.46 -2.46
N ALA G 108 2.59 -17.44 -3.36
CA ALA G 108 3.34 -18.65 -3.09
C ALA G 108 4.83 -18.37 -3.20
N ARG G 109 5.18 -17.39 -4.02
CA ARG G 109 6.58 -17.04 -4.23
C ARG G 109 7.29 -18.28 -4.74
N GLY G 110 6.55 -19.18 -5.37
CA GLY G 110 7.16 -20.39 -5.88
C GLY G 110 7.31 -21.52 -4.89
N ARG G 111 6.86 -21.32 -3.66
CA ARG G 111 6.99 -22.37 -2.66
C ARG G 111 5.86 -23.40 -2.73
N ARG G 112 6.08 -24.55 -2.11
CA ARG G 112 5.09 -25.60 -2.03
C ARG G 112 4.22 -25.22 -0.84
N VAL G 113 3.06 -24.61 -1.11
CA VAL G 113 2.17 -24.18 -0.03
C VAL G 113 0.80 -24.87 0.06
N GLY G 114 0.21 -24.83 1.25
CA GLY G 114 -1.10 -25.43 1.45
C GLY G 114 -2.20 -24.38 1.35
N VAL G 115 -3.39 -24.83 0.92
CA VAL G 115 -4.51 -23.93 0.76
C VAL G 115 -5.74 -24.33 1.55
N VAL G 116 -6.12 -23.50 2.52
CA VAL G 116 -7.35 -23.81 3.27
C VAL G 116 -8.35 -22.92 2.59
N TRP G 117 -9.15 -23.53 1.72
CA TRP G 117 -10.16 -22.82 0.97
C TRP G 117 -11.44 -22.81 1.76
N VAL G 118 -11.78 -21.65 2.33
CA VAL G 118 -12.97 -21.51 3.15
C VAL G 118 -14.03 -20.77 2.35
N ASP G 119 -14.94 -21.53 1.74
CA ASP G 119 -16.01 -21.02 0.88
C ASP G 119 -17.22 -21.93 1.16
N ALA G 120 -18.36 -21.56 0.60
CA ALA G 120 -19.59 -22.33 0.74
C ALA G 120 -19.59 -23.25 -0.48
N HIS G 121 -18.82 -22.82 -1.48
CA HIS G 121 -18.65 -23.55 -2.72
C HIS G 121 -17.26 -24.14 -2.80
N ALA G 122 -17.06 -25.00 -3.80
CA ALA G 122 -15.76 -25.60 -4.02
C ALA G 122 -15.02 -24.75 -5.05
N ASP G 123 -15.76 -23.86 -5.73
CA ASP G 123 -15.17 -23.00 -6.75
C ASP G 123 -14.20 -23.91 -7.54
N PHE G 124 -14.67 -25.10 -7.87
CA PHE G 124 -13.83 -26.11 -8.52
C PHE G 124 -14.14 -26.64 -9.93
N ASN G 125 -15.03 -25.99 -10.68
CA ASN G 125 -15.34 -26.46 -12.03
C ASN G 125 -14.22 -26.25 -13.05
N THR G 126 -14.45 -26.87 -14.21
CA THR G 126 -13.58 -26.76 -15.39
C THR G 126 -14.60 -26.32 -16.44
N PRO G 127 -14.16 -26.00 -17.65
CA PRO G 127 -15.23 -25.59 -18.59
C PRO G 127 -16.13 -26.79 -18.95
N GLU G 128 -15.64 -28.00 -18.71
CA GLU G 128 -16.40 -29.21 -19.00
C GLU G 128 -17.57 -29.41 -18.03
N THR G 129 -17.34 -29.10 -16.77
CA THR G 129 -18.34 -29.28 -15.75
C THR G 129 -19.31 -28.12 -15.56
N SER G 130 -18.98 -26.94 -16.09
CA SER G 130 -19.84 -25.74 -16.00
C SER G 130 -19.12 -24.52 -15.42
N SER G 132 -23.07 -22.97 -15.77
CA SER G 132 -22.88 -21.51 -15.76
C SER G 132 -21.98 -21.06 -16.91
N GLY G 133 -20.67 -21.13 -16.67
CA GLY G 133 -19.62 -20.74 -17.62
C GLY G 133 -18.71 -19.71 -16.96
N ASN G 134 -19.07 -19.30 -15.74
CA ASN G 134 -18.34 -18.28 -14.99
C ASN G 134 -17.06 -18.71 -14.28
N VAL G 135 -15.97 -18.07 -14.68
CA VAL G 135 -14.67 -18.35 -14.12
C VAL G 135 -14.58 -18.42 -12.59
N HIS G 136 -15.30 -17.55 -11.88
CA HIS G 136 -15.20 -17.56 -10.43
C HIS G 136 -15.64 -18.86 -9.77
N GLY G 137 -16.23 -19.75 -10.56
CA GLY G 137 -16.59 -21.04 -10.02
C GLY G 137 -15.48 -22.00 -10.45
N MET G 138 -14.42 -21.44 -11.04
CA MET G 138 -13.32 -22.24 -11.56
C MET G 138 -11.88 -22.07 -11.00
N PRO G 139 -11.62 -21.04 -10.17
CA PRO G 139 -10.26 -20.85 -9.62
C PRO G 139 -9.60 -21.95 -8.78
N LEU G 140 -10.29 -22.57 -7.82
CA LEU G 140 -9.60 -23.61 -7.05
C LEU G 140 -9.04 -24.73 -7.94
N ALA G 141 -9.82 -25.15 -8.94
CA ALA G 141 -9.46 -26.19 -9.89
C ALA G 141 -8.23 -25.78 -10.67
N VAL G 142 -8.33 -24.67 -11.39
CA VAL G 142 -7.21 -24.16 -12.16
C VAL G 142 -5.96 -24.23 -11.28
N LEU G 143 -6.05 -23.71 -10.05
CA LEU G 143 -4.92 -23.72 -9.11
C LEU G 143 -4.43 -25.14 -8.89
N SER G 144 -5.32 -26.11 -9.01
CA SER G 144 -4.93 -27.51 -8.85
C SER G 144 -4.48 -28.05 -10.19
N GLY G 145 -4.49 -27.20 -11.21
CA GLY G 145 -4.10 -27.63 -12.53
C GLY G 145 -5.15 -28.24 -13.44
N LEU G 146 -6.43 -28.01 -13.16
CA LEU G 146 -7.47 -28.61 -13.98
C LEU G 146 -8.34 -27.58 -14.66
N GLY G 147 -8.26 -27.48 -15.99
CA GLY G 147 -9.10 -26.52 -16.71
C GLY G 147 -8.52 -25.89 -17.96
N HIS G 148 -9.26 -24.93 -18.51
CA HIS G 148 -8.82 -24.23 -19.70
C HIS G 148 -7.31 -23.96 -19.55
N PRO G 149 -6.52 -24.17 -20.63
CA PRO G 149 -5.07 -23.94 -20.53
C PRO G 149 -4.63 -22.48 -20.40
N ARG G 150 -5.31 -21.57 -21.08
CA ARG G 150 -4.96 -20.17 -20.97
C ARG G 150 -4.91 -19.78 -19.50
N LEU G 151 -5.57 -20.60 -18.66
CA LEU G 151 -5.61 -20.39 -17.21
C LEU G 151 -4.64 -21.25 -16.40
N THR G 152 -4.68 -22.57 -16.59
CA THR G 152 -3.81 -23.47 -15.82
C THR G 152 -2.33 -23.22 -16.02
N GLU G 153 -1.94 -22.91 -17.25
CA GLU G 153 -0.53 -22.68 -17.61
C GLU G 153 0.18 -21.54 -16.88
N VAL G 154 -0.55 -20.48 -16.52
CA VAL G 154 0.07 -19.36 -15.82
C VAL G 154 -0.31 -19.27 -14.33
N PHE G 155 -1.31 -20.06 -13.92
CA PHE G 155 -1.77 -20.01 -12.54
C PHE G 155 -1.72 -21.31 -11.76
N ARG G 156 -1.28 -22.41 -12.37
CA ARG G 156 -1.25 -23.64 -11.57
C ARG G 156 -0.28 -23.36 -10.46
N ALA G 157 -0.66 -23.72 -9.23
CA ALA G 157 0.21 -23.45 -8.10
C ALA G 157 0.07 -24.39 -6.91
N VAL G 158 -0.66 -25.48 -7.05
CA VAL G 158 -0.79 -26.38 -5.92
C VAL G 158 -1.25 -27.78 -6.28
N ASP G 159 -0.79 -28.75 -5.48
CA ASP G 159 -1.17 -30.12 -5.70
C ASP G 159 -2.48 -30.38 -5.02
N PRO G 160 -3.44 -30.94 -5.75
CA PRO G 160 -4.75 -31.25 -5.21
C PRO G 160 -4.65 -31.77 -3.79
N LYS G 161 -3.69 -32.66 -3.56
CA LYS G 161 -3.53 -33.25 -2.25
C LYS G 161 -3.23 -32.21 -1.16
N ASP G 162 -2.63 -31.10 -1.57
CA ASP G 162 -2.29 -29.98 -0.68
C ASP G 162 -3.48 -29.03 -0.32
N VAL G 163 -4.71 -29.38 -0.71
CA VAL G 163 -5.87 -28.52 -0.46
C VAL G 163 -6.96 -29.07 0.47
N VAL G 164 -7.67 -28.17 1.15
CA VAL G 164 -8.75 -28.57 2.06
C VAL G 164 -9.89 -27.57 2.10
N LEU G 165 -11.06 -28.00 1.63
CA LEU G 165 -12.25 -27.17 1.62
C LEU G 165 -12.91 -27.21 2.99
N VAL G 166 -13.48 -26.09 3.42
CA VAL G 166 -14.13 -26.02 4.71
C VAL G 166 -15.33 -25.12 4.59
N GLY G 167 -16.49 -25.61 5.02
CA GLY G 167 -17.71 -24.83 4.98
C GLY G 167 -18.58 -25.08 3.76
N VAL G 168 -18.07 -25.91 2.86
CA VAL G 168 -18.78 -26.27 1.65
C VAL G 168 -20.15 -26.85 1.91
N ARG G 169 -21.14 -26.26 1.24
CA ARG G 169 -22.50 -26.73 1.36
C ARG G 169 -23.28 -26.70 0.05
N SER G 170 -22.59 -26.68 -1.09
CA SER G 170 -23.26 -26.64 -2.40
C SER G 170 -22.35 -26.99 -3.59
N LEU G 171 -22.55 -28.17 -4.17
CA LEU G 171 -21.71 -28.62 -5.29
C LEU G 171 -22.47 -29.02 -6.58
N ASP G 172 -21.79 -28.85 -7.72
CA ASP G 172 -22.33 -29.25 -9.02
C ASP G 172 -21.84 -30.70 -9.23
N PRO G 173 -22.66 -31.53 -9.91
CA PRO G 173 -22.27 -32.92 -10.15
C PRO G 173 -20.88 -33.16 -10.78
N GLY G 174 -20.47 -32.27 -11.69
CA GLY G 174 -19.15 -32.43 -12.30
C GLY G 174 -18.10 -32.15 -11.23
N GLU G 175 -18.47 -31.29 -10.28
CA GLU G 175 -17.60 -30.89 -9.19
C GLU G 175 -17.34 -32.04 -8.24
N LYS G 176 -18.41 -32.77 -7.91
CA LYS G 176 -18.26 -33.89 -7.01
C LYS G 176 -17.20 -34.81 -7.61
N ARG G 177 -17.34 -35.14 -8.89
CA ARG G 177 -16.42 -36.05 -9.57
C ARG G 177 -14.98 -35.53 -9.57
N LEU G 178 -14.73 -34.41 -10.24
CA LEU G 178 -13.37 -33.87 -10.28
C LEU G 178 -12.75 -33.87 -8.89
N LEU G 179 -13.51 -33.38 -7.90
CA LEU G 179 -13.04 -33.29 -6.52
C LEU G 179 -12.68 -34.66 -5.97
N LYS G 180 -13.52 -35.65 -6.27
CA LYS G 180 -13.27 -37.02 -5.81
C LYS G 180 -12.07 -37.56 -6.56
N GLU G 181 -12.18 -37.57 -7.90
CA GLU G 181 -11.08 -38.06 -8.73
C GLU G 181 -9.76 -37.45 -8.26
N ALA G 182 -9.75 -36.11 -8.14
CA ALA G 182 -8.57 -35.38 -7.68
C ALA G 182 -8.13 -35.71 -6.23
N GLY G 183 -9.10 -36.03 -5.36
CA GLY G 183 -8.76 -36.37 -3.98
C GLY G 183 -8.64 -35.20 -3.01
N VAL G 184 -9.46 -34.17 -3.18
CA VAL G 184 -9.36 -33.02 -2.29
C VAL G 184 -10.11 -33.26 -0.99
N ARG G 185 -9.46 -33.02 0.16
CA ARG G 185 -10.11 -33.19 1.47
C ARG G 185 -11.29 -32.19 1.53
N VAL G 186 -12.52 -32.68 1.59
CA VAL G 186 -13.64 -31.74 1.64
C VAL G 186 -14.38 -31.82 2.95
N TYR G 187 -14.48 -30.67 3.62
CA TYR G 187 -15.17 -30.56 4.88
C TYR G 187 -16.44 -29.77 4.63
N THR G 188 -17.52 -30.49 4.39
CA THR G 188 -18.79 -29.85 4.11
C THR G 188 -19.46 -29.51 5.44
N MET G 189 -20.57 -28.80 5.36
CA MET G 189 -21.27 -28.41 6.57
C MET G 189 -21.80 -29.58 7.34
N HIS G 190 -21.83 -30.76 6.72
CA HIS G 190 -22.31 -31.95 7.41
C HIS G 190 -21.19 -32.31 8.35
N GLU G 191 -19.97 -32.29 7.82
CA GLU G 191 -18.81 -32.61 8.62
C GLU G 191 -18.62 -31.59 9.73
N VAL G 192 -19.01 -30.35 9.50
CA VAL G 192 -18.89 -29.31 10.51
C VAL G 192 -19.86 -29.57 11.67
N ASP G 193 -21.09 -29.89 11.32
CA ASP G 193 -22.14 -30.17 12.29
C ASP G 193 -21.79 -31.40 13.10
N ARG G 194 -21.12 -32.34 12.43
CA ARG G 194 -20.79 -33.62 13.02
C ARG G 194 -19.59 -33.65 13.94
N LEU G 195 -18.47 -33.11 13.49
CA LEU G 195 -17.24 -33.13 14.28
C LEU G 195 -16.95 -31.85 15.06
N GLY G 196 -17.65 -30.77 14.71
CA GLY G 196 -17.42 -29.51 15.38
C GLY G 196 -16.23 -28.84 14.73
N VAL G 197 -16.22 -27.50 14.70
CA VAL G 197 -15.14 -26.76 14.08
C VAL G 197 -13.81 -26.93 14.82
N ALA G 198 -13.88 -27.06 16.13
CA ALA G 198 -12.65 -27.24 16.91
C ALA G 198 -11.80 -28.32 16.25
N ARG G 199 -12.39 -29.50 16.10
CA ARG G 199 -11.70 -30.65 15.52
C ARG G 199 -11.39 -30.48 14.03
N ILE G 200 -12.39 -30.13 13.23
CA ILE G 200 -12.13 -29.92 11.82
C ILE G 200 -10.87 -29.05 11.69
N ALA G 201 -10.79 -28.03 12.54
CA ALA G 201 -9.66 -27.11 12.51
C ALA G 201 -8.34 -27.83 12.64
N GLU G 202 -8.27 -28.74 13.62
CA GLU G 202 -7.06 -29.51 13.91
C GLU G 202 -6.68 -30.37 12.70
N GLU G 203 -7.65 -31.13 12.20
CA GLU G 203 -7.41 -31.99 11.06
C GLU G 203 -6.84 -31.22 9.85
N VAL G 204 -7.34 -30.01 9.60
CA VAL G 204 -6.83 -29.21 8.50
C VAL G 204 -5.32 -28.97 8.63
N LEU G 205 -4.85 -28.83 9.87
CA LEU G 205 -3.44 -28.57 10.13
C LEU G 205 -2.56 -29.83 10.00
N LYS G 206 -3.09 -31.00 10.39
CA LYS G 206 -2.33 -32.25 10.26
C LYS G 206 -2.14 -32.52 8.77
N HIS G 207 -3.28 -32.58 8.08
CA HIS G 207 -3.38 -32.81 6.64
C HIS G 207 -2.39 -31.98 5.82
N LEU G 208 -2.22 -30.72 6.21
CA LEU G 208 -1.31 -29.82 5.52
C LEU G 208 -0.10 -29.52 6.39
N GLN G 209 0.24 -30.45 7.28
CA GLN G 209 1.36 -30.24 8.20
C GLN G 209 2.68 -29.89 7.50
N GLY G 210 3.51 -29.08 8.16
CA GLY G 210 4.76 -28.70 7.55
C GLY G 210 4.79 -27.58 6.51
N LEU G 211 3.68 -27.30 5.83
CA LEU G 211 3.67 -26.21 4.83
C LEU G 211 3.11 -24.88 5.30
N PRO G 212 3.49 -23.77 4.61
CA PRO G 212 3.00 -22.44 4.96
C PRO G 212 1.58 -22.52 4.46
N LEU G 213 0.67 -21.77 5.05
CA LEU G 213 -0.71 -21.89 4.61
C LEU G 213 -1.24 -20.60 4.05
N HIS G 214 -1.96 -20.71 2.94
CA HIS G 214 -2.60 -19.54 2.35
C HIS G 214 -4.07 -19.85 2.46
N VAL G 215 -4.75 -19.09 3.31
CA VAL G 215 -6.18 -19.23 3.52
C VAL G 215 -6.97 -18.26 2.63
N SER G 216 -8.01 -18.78 1.98
CA SER G 216 -8.85 -17.97 1.11
C SER G 216 -10.25 -17.92 1.70
N LEU G 217 -10.64 -16.73 2.13
CA LEU G 217 -11.93 -16.62 2.76
C LEU G 217 -12.99 -16.03 1.87
N ASP G 218 -13.95 -16.87 1.48
CA ASP G 218 -15.08 -16.47 0.63
C ASP G 218 -16.18 -16.09 1.62
N ALA G 219 -16.72 -14.89 1.47
CA ALA G 219 -17.75 -14.41 2.38
C ALA G 219 -19.01 -15.29 2.43
N ASP G 220 -19.34 -15.93 1.30
CA ASP G 220 -20.52 -16.79 1.22
C ASP G 220 -20.44 -18.01 2.16
N VAL G 221 -19.40 -18.08 3.00
CA VAL G 221 -19.26 -19.23 3.89
C VAL G 221 -19.96 -19.07 5.22
N LEU G 222 -20.19 -17.83 5.61
CA LEU G 222 -20.86 -17.52 6.87
C LEU G 222 -22.33 -17.59 6.58
N ASP G 223 -23.17 -17.78 7.58
CA ASP G 223 -24.60 -17.87 7.26
C ASP G 223 -25.10 -16.53 6.72
N PRO G 224 -25.94 -16.56 5.67
CA PRO G 224 -26.52 -15.37 5.04
C PRO G 224 -27.20 -14.50 6.09
N THR G 225 -27.64 -15.18 7.14
CA THR G 225 -28.32 -14.56 8.25
C THR G 225 -27.39 -13.56 8.94
N LEU G 226 -26.11 -13.67 8.59
CA LEU G 226 -25.03 -12.93 9.19
C LEU G 226 -24.22 -12.19 8.14
N ALA G 227 -24.00 -12.83 7.00
CA ALA G 227 -23.28 -12.21 5.89
C ALA G 227 -24.23 -12.10 4.72
N PRO G 228 -25.26 -11.23 4.81
CA PRO G 228 -26.20 -11.09 3.70
C PRO G 228 -25.58 -10.56 2.40
N GLY G 229 -24.63 -9.63 2.51
CA GLY G 229 -23.99 -9.09 1.32
C GLY G 229 -23.03 -10.06 0.63
N VAL G 230 -23.56 -10.93 -0.23
CA VAL G 230 -22.76 -11.89 -0.97
C VAL G 230 -23.43 -12.33 -2.28
N GLY G 231 -22.59 -12.70 -3.25
CA GLY G 231 -23.06 -13.12 -4.55
C GLY G 231 -24.02 -14.29 -4.55
N THR G 232 -23.70 -15.34 -3.81
CA THR G 232 -24.57 -16.51 -3.79
C THR G 232 -24.84 -17.09 -2.41
N PRO G 233 -25.84 -16.53 -1.70
CA PRO G 233 -26.18 -17.00 -0.35
C PRO G 233 -26.51 -18.50 -0.39
N VAL G 234 -26.28 -19.19 0.71
CA VAL G 234 -26.55 -20.62 0.80
C VAL G 234 -26.78 -20.95 2.27
N PRO G 235 -28.03 -21.12 2.68
CA PRO G 235 -28.45 -21.44 4.04
C PRO G 235 -27.52 -22.33 4.86
N GLY G 236 -27.60 -22.19 6.18
CA GLY G 236 -26.78 -23.01 7.08
C GLY G 236 -25.28 -22.95 6.90
N GLY G 237 -24.68 -21.84 7.30
CA GLY G 237 -23.25 -21.70 7.18
C GLY G 237 -22.60 -21.57 8.53
N LEU G 238 -21.33 -21.19 8.53
CA LEU G 238 -20.61 -21.03 9.78
C LEU G 238 -21.24 -19.94 10.63
N THR G 239 -21.22 -20.14 11.95
CA THR G 239 -21.74 -19.17 12.87
C THR G 239 -20.67 -18.10 13.05
N TYR G 240 -21.03 -16.97 13.64
CA TYR G 240 -20.01 -15.93 13.83
C TYR G 240 -18.89 -16.49 14.71
N ARG G 241 -19.25 -17.08 15.84
CA ARG G 241 -18.26 -17.66 16.74
C ARG G 241 -17.46 -18.73 16.01
N GLU G 242 -18.17 -19.62 15.36
CA GLU G 242 -17.55 -20.70 14.62
C GLU G 242 -16.40 -20.20 13.73
N ALA G 243 -16.66 -19.16 12.95
CA ALA G 243 -15.66 -18.62 12.02
C ALA G 243 -14.36 -18.21 12.70
N HIS G 244 -14.48 -17.48 13.81
CA HIS G 244 -13.32 -17.03 14.58
C HIS G 244 -12.52 -18.20 15.12
N LEU G 245 -13.20 -19.23 15.63
CA LEU G 245 -12.45 -20.37 16.14
C LEU G 245 -11.53 -20.88 15.03
N LEU G 246 -12.10 -21.13 13.85
CA LEU G 246 -11.28 -21.62 12.74
C LEU G 246 -10.10 -20.66 12.54
N MET G 247 -10.36 -19.37 12.41
CA MET G 247 -9.25 -18.43 12.21
C MET G 247 -8.24 -18.46 13.35
N GLU G 248 -8.71 -18.62 14.58
CA GLU G 248 -7.82 -18.62 15.73
C GLU G 248 -6.96 -19.89 15.73
N ILE G 249 -7.61 -21.04 15.75
CA ILE G 249 -6.90 -22.32 15.72
C ILE G 249 -5.84 -22.24 14.62
N LEU G 250 -6.28 -21.87 13.42
CA LEU G 250 -5.36 -21.74 12.30
C LEU G 250 -4.25 -20.77 12.63
N ALA G 251 -4.61 -19.57 13.06
CA ALA G 251 -3.61 -18.53 13.34
C ALA G 251 -2.53 -19.02 14.29
N GLU G 252 -2.95 -19.80 15.26
CA GLU G 252 -2.08 -20.35 16.28
C GLU G 252 -0.87 -21.05 15.67
N SER G 253 -1.12 -21.91 14.69
CA SER G 253 -0.07 -22.67 14.02
C SER G 253 1.13 -21.80 13.70
N GLY G 254 0.87 -20.51 13.48
CA GLY G 254 1.95 -19.61 13.13
C GLY G 254 2.36 -19.87 11.69
N ARG G 255 1.63 -20.74 11.03
CA ARG G 255 1.95 -21.09 9.65
C ARG G 255 1.21 -20.29 8.56
N VAL G 256 0.15 -19.58 8.92
CA VAL G 256 -0.60 -18.82 7.91
C VAL G 256 0.25 -17.71 7.25
N GLN G 257 0.35 -17.69 5.92
CA GLN G 257 1.18 -16.66 5.30
C GLN G 257 0.47 -15.64 4.43
N SER G 258 -0.72 -15.96 3.95
CA SER G 258 -1.46 -15.03 3.09
C SER G 258 -2.98 -15.19 3.22
N LEU G 259 -3.70 -14.12 2.93
CA LEU G 259 -5.14 -14.14 3.10
C LEU G 259 -5.90 -13.55 1.92
N ASP G 260 -7.01 -14.20 1.60
CA ASP G 260 -7.89 -13.79 0.53
C ASP G 260 -9.20 -13.43 1.23
N LEU G 261 -9.69 -12.22 1.03
CA LEU G 261 -10.99 -11.84 1.62
C LEU G 261 -11.84 -11.50 0.42
N VAL G 262 -12.74 -12.40 0.04
CA VAL G 262 -13.54 -12.16 -1.16
C VAL G 262 -15.05 -12.26 -1.13
N GLU G 263 -15.62 -12.07 -2.31
CA GLU G 263 -17.04 -12.11 -2.60
C GLU G 263 -17.87 -11.26 -1.62
N VAL G 264 -17.38 -10.07 -1.33
CA VAL G 264 -18.11 -9.19 -0.45
C VAL G 264 -18.82 -8.16 -1.28
N ASN G 265 -20.14 -8.28 -1.34
CA ASN G 265 -20.97 -7.39 -2.14
C ASN G 265 -21.73 -6.37 -1.34
N PRO G 266 -21.28 -5.11 -1.33
CA PRO G 266 -21.97 -4.05 -0.59
C PRO G 266 -23.40 -3.85 -1.09
N ILE G 267 -23.59 -3.94 -2.40
CA ILE G 267 -24.88 -3.78 -3.02
C ILE G 267 -25.93 -4.69 -2.40
N LEU G 268 -25.50 -5.76 -1.76
CA LEU G 268 -26.46 -6.67 -1.17
C LEU G 268 -26.41 -6.68 0.33
N ASP G 269 -25.34 -6.09 0.90
CA ASP G 269 -25.10 -6.06 2.33
C ASP G 269 -26.03 -5.12 3.10
N GLU G 270 -25.90 -5.14 4.42
CA GLU G 270 -26.69 -4.25 5.25
C GLU G 270 -25.72 -3.61 6.23
N ARG G 271 -25.79 -2.30 6.38
CA ARG G 271 -24.91 -1.59 7.29
C ARG G 271 -23.45 -2.01 7.05
N ASN G 272 -23.14 -2.51 5.86
CA ASN G 272 -21.78 -2.92 5.50
C ASN G 272 -21.25 -3.94 6.50
N ARG G 273 -22.13 -4.78 7.04
CA ARG G 273 -21.67 -5.72 8.04
C ARG G 273 -20.98 -6.97 7.56
N THR G 274 -21.31 -7.42 6.36
CA THR G 274 -20.64 -8.59 5.88
C THR G 274 -19.15 -8.22 5.83
N ALA G 275 -18.87 -7.01 5.37
CA ALA G 275 -17.49 -6.53 5.26
C ALA G 275 -16.80 -6.43 6.61
N GLU G 276 -17.54 -5.97 7.61
CA GLU G 276 -16.98 -5.87 8.93
C GLU G 276 -16.62 -7.25 9.45
N MET G 277 -17.47 -8.25 9.19
CA MET G 277 -17.20 -9.60 9.64
C MET G 277 -15.87 -10.12 9.14
N LEU G 278 -15.53 -9.84 7.88
CA LEU G 278 -14.26 -10.32 7.37
C LEU G 278 -13.10 -9.61 8.04
N VAL G 279 -13.12 -8.29 8.07
CA VAL G 279 -12.03 -7.57 8.70
C VAL G 279 -11.79 -8.16 10.10
N GLY G 280 -12.86 -8.61 10.74
CA GLY G 280 -12.75 -9.19 12.06
C GLY G 280 -12.16 -10.57 12.06
N LEU G 281 -12.48 -11.35 11.05
CA LEU G 281 -11.93 -12.68 10.95
C LEU G 281 -10.48 -12.57 10.50
N ALA G 282 -10.15 -11.50 9.77
CA ALA G 282 -8.78 -11.31 9.31
C ALA G 282 -7.89 -11.08 10.52
N LEU G 283 -8.38 -10.27 11.45
CA LEU G 283 -7.65 -9.95 12.66
C LEU G 283 -7.50 -11.18 13.57
N SER G 284 -8.43 -12.13 13.46
CA SER G 284 -8.34 -13.31 14.29
C SER G 284 -7.24 -14.16 13.73
N LEU G 285 -7.18 -14.24 12.40
CA LEU G 285 -6.19 -15.04 11.71
C LEU G 285 -4.79 -14.47 11.82
N LEU G 286 -4.66 -13.15 11.95
CA LEU G 286 -3.33 -12.57 12.09
C LEU G 286 -2.90 -12.32 13.53
N GLY G 287 -3.43 -13.11 14.45
CA GLY G 287 -3.03 -12.95 15.83
C GLY G 287 -4.01 -12.51 16.90
N LYS G 288 -4.89 -11.55 16.63
CA LYS G 288 -5.81 -11.05 17.67
C LYS G 288 -6.48 -12.15 18.49
N ARG G 289 -6.33 -12.03 19.82
CA ARG G 289 -6.89 -13.01 20.74
C ARG G 289 -7.69 -12.31 21.85
N ILE G 290 -8.74 -12.97 22.34
CA ILE G 290 -9.56 -12.42 23.41
C ILE G 290 -8.68 -12.23 24.62
N PHE G 291 -8.13 -13.33 25.09
CA PHE G 291 -7.24 -13.31 26.24
C PHE G 291 -5.80 -13.40 25.70
N GLU H 2 70.59 -38.92 -41.92
CA GLU H 2 71.08 -37.70 -42.60
C GLU H 2 70.32 -37.31 -43.88
N ARG H 3 69.28 -38.05 -44.24
CA ARG H 3 68.50 -37.74 -45.45
C ARG H 3 67.01 -37.55 -45.15
N VAL H 4 66.36 -36.68 -45.92
CA VAL H 4 64.93 -36.45 -45.72
C VAL H 4 64.20 -36.13 -47.01
N ALA H 5 63.08 -36.83 -47.23
CA ALA H 5 62.27 -36.61 -48.43
C ALA H 5 61.05 -35.79 -48.06
N VAL H 6 60.62 -34.91 -48.96
CA VAL H 6 59.46 -34.09 -48.67
C VAL H 6 58.44 -34.12 -49.82
N VAL H 7 57.28 -34.73 -49.56
CA VAL H 7 56.22 -34.82 -50.57
C VAL H 7 54.90 -34.26 -50.04
N GLY H 8 54.23 -33.47 -50.87
CA GLY H 8 52.95 -32.90 -50.48
C GLY H 8 51.74 -33.60 -51.08
N VAL H 9 50.66 -33.67 -50.30
CA VAL H 9 49.44 -34.29 -50.77
C VAL H 9 48.31 -33.28 -50.69
N PRO H 10 48.26 -32.29 -51.62
CA PRO H 10 47.26 -31.22 -51.69
C PRO H 10 45.82 -31.74 -51.82
N MET H 11 45.41 -32.48 -50.81
CA MET H 11 44.10 -33.10 -50.74
C MET H 11 43.15 -32.30 -49.83
N ASP H 12 41.98 -31.98 -50.38
CA ASP H 12 40.93 -31.27 -49.66
C ASP H 12 39.61 -31.77 -50.27
N LEU H 13 38.97 -32.72 -49.61
CA LEU H 13 37.72 -33.30 -50.09
C LEU H 13 36.57 -33.22 -49.09
N GLY H 19 40.11 -24.23 -47.56
CA GLY H 19 40.86 -25.17 -48.39
C GLY H 19 42.27 -25.57 -47.95
N VAL H 20 42.41 -26.75 -47.34
CA VAL H 20 43.72 -27.25 -46.90
C VAL H 20 44.59 -27.79 -48.06
N ASP H 21 44.03 -27.80 -49.27
CA ASP H 21 44.77 -28.25 -50.43
C ASP H 21 46.01 -27.34 -50.62
N MET H 22 45.87 -26.07 -50.25
CA MET H 22 47.00 -25.15 -50.34
C MET H 22 47.98 -25.39 -49.18
N GLY H 23 47.79 -26.51 -48.46
CA GLY H 23 48.64 -26.79 -47.33
C GLY H 23 50.10 -26.89 -47.66
N PRO H 24 50.47 -27.87 -48.50
CA PRO H 24 51.85 -28.12 -48.93
C PRO H 24 52.52 -26.88 -49.56
N SER H 25 51.75 -26.09 -50.31
CA SER H 25 52.31 -24.89 -50.93
C SER H 25 52.75 -23.88 -49.91
N ALA H 26 51.93 -23.71 -48.89
CA ALA H 26 52.20 -22.77 -47.81
C ALA H 26 53.36 -23.25 -46.95
N LEU H 27 53.30 -24.52 -46.51
CA LEU H 27 54.38 -25.06 -45.69
C LEU H 27 55.70 -24.88 -46.40
N ARG H 28 55.65 -24.78 -47.73
CA ARG H 28 56.85 -24.60 -48.52
C ARG H 28 57.35 -23.19 -48.51
N TYR H 29 56.43 -22.23 -48.56
CA TYR H 29 56.83 -20.82 -48.52
C TYR H 29 57.28 -20.40 -47.13
N ALA H 30 57.33 -21.37 -46.22
CA ALA H 30 57.76 -21.15 -44.85
C ALA H 30 59.21 -21.61 -44.74
N ARG H 31 59.74 -21.98 -45.90
CA ARG H 31 61.12 -22.38 -46.02
C ARG H 31 61.48 -23.63 -45.20
N LEU H 32 60.61 -24.64 -45.29
CA LEU H 32 60.83 -25.90 -44.63
C LEU H 32 62.13 -26.53 -45.10
N LEU H 33 62.26 -26.60 -46.42
CA LEU H 33 63.43 -27.18 -47.10
C LEU H 33 64.72 -26.55 -46.56
N GLU H 34 64.93 -25.28 -46.92
CA GLU H 34 66.09 -24.52 -46.50
C GLU H 34 66.42 -24.79 -45.04
N GLN H 35 65.48 -24.51 -44.13
CA GLN H 35 65.73 -24.69 -42.70
C GLN H 35 66.29 -26.06 -42.35
N LEU H 36 65.75 -27.08 -43.02
CA LEU H 36 66.18 -28.45 -42.81
C LEU H 36 67.62 -28.64 -43.25
N GLU H 37 68.00 -27.98 -44.34
CA GLU H 37 69.37 -28.11 -44.80
C GLU H 37 70.22 -27.28 -43.83
N ASP H 38 69.72 -26.10 -43.43
CA ASP H 38 70.46 -25.25 -42.50
C ASP H 38 70.78 -26.10 -41.30
N LEU H 39 69.95 -27.11 -41.09
CA LEU H 39 70.09 -27.98 -39.95
C LEU H 39 71.06 -29.11 -40.26
N GLY H 40 71.58 -29.13 -41.49
CA GLY H 40 72.53 -30.14 -41.90
C GLY H 40 71.96 -31.37 -42.60
N TYR H 41 70.67 -31.32 -42.92
CA TYR H 41 70.03 -32.44 -43.59
C TYR H 41 70.09 -32.28 -45.11
N THR H 42 70.47 -33.34 -45.82
CA THR H 42 70.45 -33.25 -47.26
C THR H 42 68.99 -33.62 -47.52
N VAL H 43 68.26 -32.65 -48.08
CA VAL H 43 66.82 -32.80 -48.30
C VAL H 43 66.39 -32.90 -49.76
N GLU H 44 65.54 -33.89 -50.06
CA GLU H 44 65.02 -34.06 -51.40
C GLU H 44 63.50 -33.76 -51.47
N ASP H 45 63.11 -32.84 -52.36
CA ASP H 45 61.70 -32.46 -52.54
C ASP H 45 61.04 -33.29 -53.65
N LEU H 46 60.28 -34.30 -53.26
CA LEU H 46 59.60 -35.17 -54.22
C LEU H 46 58.37 -34.60 -54.91
N GLY H 47 58.11 -33.30 -54.80
CA GLY H 47 56.94 -32.76 -55.45
C GLY H 47 55.60 -33.17 -54.84
N ASP H 48 54.51 -32.76 -55.48
CA ASP H 48 53.15 -33.08 -55.04
C ASP H 48 52.54 -34.37 -55.60
N VAL H 49 51.94 -35.17 -54.75
CA VAL H 49 51.24 -36.36 -55.22
C VAL H 49 50.05 -35.74 -55.95
N PRO H 50 49.58 -36.36 -57.03
CA PRO H 50 48.43 -35.71 -57.70
C PRO H 50 47.10 -36.10 -57.05
N VAL H 51 46.10 -35.23 -57.21
CA VAL H 51 44.78 -35.47 -56.63
C VAL H 51 43.65 -34.86 -57.47
N SER H 52 42.44 -35.40 -57.28
CA SER H 52 41.26 -34.92 -58.00
C SER H 52 40.02 -35.52 -57.38
N LEU H 64 31.78 -42.27 -46.92
CA LEU H 64 31.02 -42.00 -48.15
C LEU H 64 31.75 -41.05 -49.11
N ALA H 65 31.61 -39.76 -48.85
CA ALA H 65 32.20 -38.70 -49.67
C ALA H 65 33.61 -38.93 -50.28
N TYR H 66 33.68 -38.88 -51.61
CA TYR H 66 34.93 -39.00 -52.35
C TYR H 66 35.86 -40.15 -51.93
N LEU H 67 35.32 -41.24 -51.40
CA LEU H 67 36.19 -42.33 -50.96
C LEU H 67 37.25 -42.82 -51.95
N GLU H 68 36.80 -43.50 -53.01
CA GLU H 68 37.72 -44.01 -54.04
C GLU H 68 38.74 -42.97 -54.49
N GLU H 69 38.34 -41.71 -54.59
CA GLU H 69 39.29 -40.66 -54.99
C GLU H 69 40.41 -40.54 -53.96
N ILE H 70 39.99 -40.48 -52.70
CA ILE H 70 40.91 -40.41 -51.57
C ILE H 70 41.79 -41.65 -51.56
N ARG H 71 41.15 -42.83 -51.51
CA ARG H 71 41.85 -44.13 -51.49
C ARG H 71 42.88 -44.18 -52.62
N ALA H 72 42.46 -43.70 -53.79
CA ALA H 72 43.31 -43.63 -54.97
C ALA H 72 44.58 -42.87 -54.60
N ALA H 73 44.41 -41.56 -54.43
CA ALA H 73 45.52 -40.69 -54.05
C ALA H 73 46.23 -41.14 -52.78
N ALA H 74 45.49 -41.82 -51.90
CA ALA H 74 46.05 -42.32 -50.65
C ALA H 74 47.09 -43.37 -50.98
N LEU H 75 46.72 -44.21 -51.93
CA LEU H 75 47.55 -45.31 -52.34
C LEU H 75 48.71 -44.85 -53.23
N VAL H 76 48.47 -43.88 -54.11
CA VAL H 76 49.53 -43.34 -54.95
C VAL H 76 50.68 -42.88 -54.00
N LEU H 77 50.31 -42.60 -52.76
CA LEU H 77 51.26 -42.15 -51.75
C LEU H 77 51.77 -43.30 -50.90
N LYS H 78 50.88 -44.19 -50.49
CA LYS H 78 51.30 -45.35 -49.69
C LYS H 78 52.47 -45.99 -50.39
N GLU H 79 52.58 -45.73 -51.70
CA GLU H 79 53.64 -46.35 -52.46
C GLU H 79 54.81 -45.51 -52.97
N ARG H 80 54.68 -44.19 -53.03
CA ARG H 80 55.83 -43.38 -53.43
C ARG H 80 56.87 -43.52 -52.32
N LEU H 81 56.40 -43.82 -51.11
CA LEU H 81 57.30 -43.95 -49.97
C LEU H 81 57.87 -45.34 -49.83
N ALA H 82 57.07 -46.34 -50.18
CA ALA H 82 57.54 -47.72 -50.10
C ALA H 82 58.77 -47.79 -51.00
N ALA H 83 58.64 -47.15 -52.16
CA ALA H 83 59.69 -47.12 -53.18
C ALA H 83 60.99 -46.46 -52.70
N LEU H 84 60.86 -45.51 -51.77
CA LEU H 84 62.02 -44.81 -51.23
C LEU H 84 63.05 -45.74 -50.61
N PRO H 85 64.32 -45.30 -50.63
CA PRO H 85 65.44 -46.06 -50.07
C PRO H 85 65.27 -46.24 -48.57
N GLU H 86 65.52 -47.45 -48.07
CA GLU H 86 65.42 -47.68 -46.63
C GLU H 86 66.35 -46.66 -46.01
N GLY H 87 65.98 -46.14 -44.84
CA GLY H 87 66.82 -45.14 -44.20
C GLY H 87 66.51 -43.66 -44.49
N VAL H 88 65.59 -43.37 -45.41
CA VAL H 88 65.25 -41.99 -45.70
C VAL H 88 64.02 -41.53 -44.89
N PHE H 89 64.14 -40.41 -44.20
CA PHE H 89 63.06 -39.88 -43.37
C PHE H 89 62.00 -39.24 -44.26
N PRO H 90 60.76 -39.76 -44.26
CA PRO H 90 59.73 -39.15 -45.10
C PRO H 90 58.95 -38.11 -44.30
N ILE H 91 58.68 -36.97 -44.91
CA ILE H 91 57.89 -35.93 -44.28
C ILE H 91 56.78 -35.66 -45.28
N VAL H 92 55.53 -35.84 -44.84
CA VAL H 92 54.44 -35.61 -45.77
C VAL H 92 53.74 -34.30 -45.48
N LEU H 93 53.78 -33.37 -46.43
CA LEU H 93 53.09 -32.10 -46.24
C LEU H 93 51.68 -32.32 -46.69
N GLY H 94 50.69 -31.94 -45.89
CA GLY H 94 49.35 -32.18 -46.38
C GLY H 94 48.30 -31.09 -46.25
N GLY H 95 47.09 -31.54 -46.60
CA GLY H 95 45.86 -30.81 -46.48
C GLY H 95 45.18 -31.88 -45.64
N ASP H 96 44.12 -32.51 -46.15
CA ASP H 96 43.39 -33.53 -45.40
C ASP H 96 44.26 -34.47 -44.59
N HIS H 97 43.76 -34.88 -43.44
CA HIS H 97 44.49 -35.80 -42.59
C HIS H 97 44.27 -37.21 -43.13
N SER H 98 43.35 -37.32 -44.09
CA SER H 98 43.00 -38.60 -44.67
C SER H 98 44.25 -39.18 -45.34
N LEU H 99 45.13 -38.27 -45.77
CA LEU H 99 46.38 -38.63 -46.42
C LEU H 99 47.22 -39.52 -45.52
N SER H 100 47.03 -39.42 -44.21
CA SER H 100 47.81 -40.24 -43.27
C SER H 100 47.64 -41.76 -43.40
N MET H 101 46.55 -42.22 -44.00
CA MET H 101 46.34 -43.65 -44.20
C MET H 101 47.51 -44.14 -45.10
N GLY H 102 47.84 -43.33 -46.11
CA GLY H 102 48.96 -43.65 -46.98
C GLY H 102 50.22 -43.60 -46.13
N SER H 103 50.76 -42.40 -46.00
CA SER H 103 51.99 -42.18 -45.24
C SER H 103 52.35 -43.23 -44.19
N VAL H 104 51.47 -43.47 -43.24
CA VAL H 104 51.76 -44.43 -42.18
C VAL H 104 52.11 -45.80 -42.73
N ALA H 105 51.16 -46.37 -43.47
CA ALA H 105 51.32 -47.68 -44.07
C ALA H 105 52.69 -47.75 -44.75
N GLY H 106 52.91 -46.88 -45.74
CA GLY H 106 54.21 -46.83 -46.40
C GLY H 106 55.40 -46.61 -45.49
N ALA H 107 55.48 -45.44 -44.86
CA ALA H 107 56.58 -45.12 -43.96
C ALA H 107 56.88 -46.31 -43.07
N ALA H 108 55.85 -47.10 -42.79
CA ALA H 108 56.00 -48.27 -41.94
C ALA H 108 56.79 -49.37 -42.64
N ARG H 109 56.38 -49.65 -43.87
CA ARG H 109 57.00 -50.69 -44.70
C ARG H 109 56.74 -52.08 -44.11
N GLY H 110 55.51 -52.38 -43.70
CA GLY H 110 55.23 -53.69 -43.12
C GLY H 110 55.83 -53.89 -41.73
N ARG H 111 56.74 -52.99 -41.34
CA ARG H 111 57.35 -53.03 -40.01
C ARG H 111 56.33 -52.62 -38.93
N ARG H 112 56.64 -52.91 -37.66
CA ARG H 112 55.75 -52.55 -36.57
C ARG H 112 56.04 -51.12 -36.07
N VAL H 113 55.25 -50.15 -36.50
CA VAL H 113 55.47 -48.77 -36.05
C VAL H 113 54.57 -48.35 -34.93
N GLY H 114 55.10 -47.47 -34.09
CA GLY H 114 54.33 -46.92 -32.99
C GLY H 114 53.85 -45.59 -33.51
N VAL H 115 52.54 -45.40 -33.53
CA VAL H 115 51.99 -44.16 -34.02
C VAL H 115 51.69 -43.19 -32.88
N VAL H 116 52.16 -41.96 -33.04
CA VAL H 116 51.97 -40.90 -32.06
C VAL H 116 51.21 -39.81 -32.77
N TRP H 117 49.89 -39.91 -32.69
CA TRP H 117 48.95 -39.00 -33.36
C TRP H 117 48.73 -37.75 -32.50
N VAL H 118 49.12 -36.59 -33.02
CA VAL H 118 49.01 -35.34 -32.29
C VAL H 118 48.02 -34.44 -33.02
N ASP H 119 46.75 -34.66 -32.72
CA ASP H 119 45.61 -33.95 -33.34
C ASP H 119 44.71 -33.43 -32.20
N ALA H 120 43.75 -32.57 -32.52
CA ALA H 120 42.80 -32.10 -31.51
C ALA H 120 41.61 -33.06 -31.63
N HIS H 121 41.73 -33.95 -32.62
CA HIS H 121 40.71 -34.97 -32.88
C HIS H 121 41.34 -36.33 -32.90
N ALA H 122 40.58 -37.37 -32.57
CA ALA H 122 41.14 -38.70 -32.55
C ALA H 122 41.23 -39.17 -33.99
N ASP H 123 40.49 -38.50 -34.89
CA ASP H 123 40.45 -38.86 -36.30
C ASP H 123 40.24 -40.40 -36.31
N PHE H 124 39.39 -40.88 -35.40
CA PHE H 124 39.14 -42.31 -35.20
C PHE H 124 37.69 -42.79 -35.36
N ASN H 125 37.01 -42.25 -36.37
CA ASN H 125 35.63 -42.62 -36.65
C ASN H 125 35.52 -43.71 -37.71
N THR H 126 34.40 -44.43 -37.70
CA THR H 126 34.09 -45.46 -38.71
C THR H 126 32.87 -44.87 -39.43
N PRO H 127 32.41 -45.48 -40.53
CA PRO H 127 31.25 -44.88 -41.18
C PRO H 127 30.00 -44.99 -40.30
N GLU H 128 29.94 -46.09 -39.54
CA GLU H 128 28.83 -46.32 -38.63
C GLU H 128 28.69 -45.13 -37.66
N THR H 129 29.83 -44.69 -37.11
CA THR H 129 29.87 -43.57 -36.16
C THR H 129 30.15 -42.18 -36.82
N SER H 130 29.57 -41.94 -38.00
CA SER H 130 29.74 -40.66 -38.68
C SER H 130 31.22 -40.45 -39.04
N SER H 132 28.21 -37.12 -40.12
CA SER H 132 28.83 -36.04 -40.89
C SER H 132 29.60 -36.68 -42.03
N GLY H 133 30.02 -37.92 -41.81
CA GLY H 133 30.79 -38.75 -42.74
C GLY H 133 32.18 -38.69 -43.40
N ASN H 134 32.92 -37.64 -43.07
CA ASN H 134 34.22 -37.35 -43.68
C ASN H 134 35.34 -38.34 -43.47
N VAL H 135 35.84 -38.91 -44.55
CA VAL H 135 36.90 -39.88 -44.41
C VAL H 135 38.03 -39.28 -43.59
N HIS H 136 38.23 -37.97 -43.66
CA HIS H 136 39.33 -37.39 -42.87
C HIS H 136 39.04 -37.49 -41.38
N GLY H 137 37.87 -38.00 -41.04
CA GLY H 137 37.53 -38.21 -39.65
C GLY H 137 37.80 -39.65 -39.26
N MET H 138 38.29 -40.45 -40.20
CA MET H 138 38.54 -41.86 -39.92
C MET H 138 39.98 -42.40 -40.00
N PRO H 139 40.89 -41.69 -40.69
CA PRO H 139 42.26 -42.16 -40.81
C PRO H 139 42.80 -43.10 -39.75
N LEU H 140 42.89 -42.61 -38.52
CA LEU H 140 43.45 -43.39 -37.41
C LEU H 140 42.75 -44.72 -37.22
N ALA H 141 41.44 -44.75 -37.47
CA ALA H 141 40.69 -45.98 -37.33
C ALA H 141 41.21 -46.92 -38.42
N VAL H 142 41.07 -46.46 -39.66
CA VAL H 142 41.54 -47.16 -40.85
C VAL H 142 42.89 -47.83 -40.56
N LEU H 143 43.85 -47.03 -40.14
CA LEU H 143 45.20 -47.52 -39.85
C LEU H 143 45.24 -48.61 -38.79
N SER H 144 44.21 -48.68 -37.95
CA SER H 144 44.20 -49.69 -36.90
C SER H 144 43.20 -50.80 -37.23
N GLY H 145 42.76 -50.84 -38.48
CA GLY H 145 41.82 -51.87 -38.90
C GLY H 145 40.36 -51.73 -38.49
N LEU H 146 39.80 -50.53 -38.63
CA LEU H 146 38.39 -50.29 -38.31
C LEU H 146 37.76 -49.32 -39.30
N GLY H 147 36.97 -49.84 -40.23
CA GLY H 147 36.31 -48.99 -41.22
C GLY H 147 36.03 -49.65 -42.55
N HIS H 148 35.51 -48.86 -43.50
CA HIS H 148 35.17 -49.37 -44.82
C HIS H 148 36.32 -50.24 -45.35
N PRO H 149 36.09 -51.57 -45.42
CA PRO H 149 37.02 -52.61 -45.86
C PRO H 149 37.90 -52.13 -47.00
N ARG H 150 37.26 -51.48 -47.95
CA ARG H 150 37.89 -50.90 -49.10
C ARG H 150 39.09 -50.03 -48.69
N LEU H 151 39.09 -49.54 -47.45
CA LEU H 151 40.18 -48.72 -46.96
C LEU H 151 41.12 -49.50 -46.06
N THR H 152 40.53 -50.38 -45.26
CA THR H 152 41.31 -51.19 -44.35
C THR H 152 42.18 -52.22 -45.06
N GLU H 153 41.64 -52.83 -46.12
CA GLU H 153 42.37 -53.87 -46.87
C GLU H 153 43.74 -53.39 -47.33
N VAL H 154 43.81 -52.15 -47.81
CA VAL H 154 45.07 -51.60 -48.28
C VAL H 154 45.81 -50.70 -47.31
N PHE H 155 45.22 -50.34 -46.16
CA PHE H 155 45.88 -49.41 -45.22
C PHE H 155 46.18 -49.79 -43.78
N ARG H 156 45.54 -50.82 -43.22
CA ARG H 156 45.86 -51.18 -41.84
C ARG H 156 47.37 -51.21 -41.73
N ALA H 157 47.91 -50.76 -40.60
CA ALA H 157 49.36 -50.74 -40.43
C ALA H 157 49.77 -50.57 -38.97
N VAL H 158 48.79 -50.53 -38.09
CA VAL H 158 49.08 -50.37 -36.69
C VAL H 158 48.02 -51.00 -35.82
N ASP H 159 48.48 -51.60 -34.72
CA ASP H 159 47.61 -52.21 -33.72
C ASP H 159 47.40 -51.17 -32.61
N PRO H 160 46.14 -50.90 -32.25
CA PRO H 160 45.77 -49.93 -31.21
C PRO H 160 46.74 -49.78 -30.04
N LYS H 161 47.22 -50.89 -29.48
CA LYS H 161 48.15 -50.82 -28.36
C LYS H 161 49.43 -50.04 -28.68
N ASP H 162 49.64 -49.70 -29.95
CA ASP H 162 50.83 -48.97 -30.36
C ASP H 162 50.50 -47.54 -30.79
N VAL H 163 49.23 -47.17 -30.69
CA VAL H 163 48.80 -45.84 -31.04
C VAL H 163 48.62 -45.07 -29.74
N VAL H 164 48.81 -43.76 -29.80
CA VAL H 164 48.67 -42.89 -28.62
C VAL H 164 48.29 -41.50 -29.08
N LEU H 165 47.21 -40.99 -28.49
CA LEU H 165 46.73 -39.67 -28.85
C LEU H 165 47.24 -38.61 -27.87
N VAL H 166 47.48 -37.41 -28.37
CA VAL H 166 48.00 -36.32 -27.54
C VAL H 166 47.37 -34.96 -27.93
N GLY H 167 46.77 -34.30 -26.94
CA GLY H 167 46.15 -33.00 -27.18
C GLY H 167 44.71 -33.13 -27.68
N VAL H 168 44.13 -34.31 -27.50
CA VAL H 168 42.76 -34.56 -27.92
C VAL H 168 41.84 -33.77 -27.01
N ARG H 169 40.87 -33.10 -27.59
CA ARG H 169 39.99 -32.29 -26.81
C ARG H 169 38.62 -32.18 -27.46
N SER H 170 38.31 -33.09 -28.36
CA SER H 170 37.03 -33.07 -29.07
C SER H 170 36.72 -34.42 -29.72
N LEU H 171 35.72 -35.12 -29.19
CA LEU H 171 35.33 -36.41 -29.74
C LEU H 171 33.85 -36.49 -30.06
N ASP H 172 33.50 -37.51 -30.83
CA ASP H 172 32.12 -37.80 -31.17
C ASP H 172 31.75 -38.99 -30.27
N PRO H 173 30.47 -39.11 -29.92
CA PRO H 173 30.03 -40.21 -29.04
C PRO H 173 30.54 -41.60 -29.51
N GLY H 174 30.51 -41.84 -30.82
CA GLY H 174 30.99 -43.09 -31.38
C GLY H 174 32.49 -43.32 -31.17
N GLU H 175 33.31 -42.32 -31.48
CA GLU H 175 34.77 -42.44 -31.33
C GLU H 175 35.04 -42.96 -29.94
N LYS H 176 34.37 -42.32 -28.99
CA LYS H 176 34.56 -42.66 -27.59
C LYS H 176 34.48 -44.17 -27.37
N ARG H 177 33.37 -44.77 -27.79
CA ARG H 177 33.19 -46.21 -27.59
C ARG H 177 34.23 -47.06 -28.32
N LEU H 178 34.47 -46.73 -29.60
CA LEU H 178 35.44 -47.47 -30.40
C LEU H 178 36.83 -47.31 -29.79
N LEU H 179 37.15 -46.08 -29.41
CA LEU H 179 38.43 -45.78 -28.81
C LEU H 179 38.55 -46.64 -27.57
N LYS H 180 37.50 -46.61 -26.77
CA LYS H 180 37.49 -47.35 -25.52
C LYS H 180 37.66 -48.84 -25.77
N GLU H 181 36.86 -49.40 -26.68
CA GLU H 181 36.94 -50.82 -27.04
C GLU H 181 38.37 -51.18 -27.47
N ALA H 182 38.91 -50.41 -28.42
CA ALA H 182 40.24 -50.64 -28.95
C ALA H 182 41.37 -50.57 -27.90
N GLY H 183 41.23 -49.69 -26.93
CA GLY H 183 42.28 -49.55 -25.92
C GLY H 183 43.41 -48.65 -26.39
N VAL H 184 43.07 -47.55 -27.05
CA VAL H 184 44.05 -46.60 -27.50
C VAL H 184 44.41 -45.64 -26.37
N ARG H 185 45.67 -45.60 -25.96
CA ARG H 185 46.09 -44.67 -24.90
C ARG H 185 45.72 -43.29 -25.43
N VAL H 186 45.00 -42.51 -24.63
CA VAL H 186 44.58 -41.20 -25.09
C VAL H 186 44.82 -40.09 -24.10
N TYR H 187 45.63 -39.12 -24.50
CA TYR H 187 45.91 -38.00 -23.63
C TYR H 187 45.16 -36.78 -24.11
N THR H 188 43.99 -36.55 -23.52
CA THR H 188 43.20 -35.39 -23.87
C THR H 188 43.86 -34.22 -23.17
N MET H 189 43.31 -33.03 -23.35
CA MET H 189 43.85 -31.83 -22.71
C MET H 189 43.70 -31.91 -21.20
N HIS H 190 42.80 -32.76 -20.70
CA HIS H 190 42.63 -32.89 -19.26
C HIS H 190 43.92 -33.48 -18.72
N GLU H 191 44.46 -34.46 -19.42
CA GLU H 191 45.70 -35.08 -18.95
C GLU H 191 46.89 -34.15 -19.17
N VAL H 192 46.88 -33.38 -20.26
CA VAL H 192 47.97 -32.43 -20.50
C VAL H 192 47.98 -31.44 -19.34
N ASP H 193 46.83 -30.84 -19.04
CA ASP H 193 46.74 -29.91 -17.91
C ASP H 193 47.13 -30.59 -16.61
N ARG H 194 46.57 -31.76 -16.35
CA ARG H 194 46.86 -32.45 -15.12
C ARG H 194 48.28 -32.93 -14.94
N LEU H 195 48.90 -33.39 -16.02
CA LEU H 195 50.25 -33.98 -15.90
C LEU H 195 51.47 -33.23 -16.40
N GLY H 196 51.30 -32.44 -17.44
CA GLY H 196 52.42 -31.67 -17.96
C GLY H 196 52.97 -32.40 -19.15
N VAL H 197 53.23 -31.66 -20.22
CA VAL H 197 53.75 -32.25 -21.45
C VAL H 197 55.00 -33.09 -21.22
N ALA H 198 55.81 -32.74 -20.23
CA ALA H 198 57.04 -33.50 -19.98
C ALA H 198 56.78 -34.92 -19.46
N ARG H 199 55.83 -35.09 -18.54
CA ARG H 199 55.54 -36.42 -18.04
C ARG H 199 54.82 -37.22 -19.12
N ILE H 200 54.05 -36.54 -19.97
CA ILE H 200 53.32 -37.25 -21.02
C ILE H 200 54.28 -37.78 -22.05
N ALA H 201 55.30 -36.98 -22.35
CA ALA H 201 56.33 -37.35 -23.30
C ALA H 201 56.96 -38.62 -22.73
N GLU H 202 57.35 -38.57 -21.46
CA GLU H 202 57.96 -39.73 -20.81
C GLU H 202 57.05 -40.93 -21.08
N GLU H 203 55.84 -40.87 -20.54
CA GLU H 203 54.87 -41.94 -20.70
C GLU H 203 54.58 -42.32 -22.15
N VAL H 204 54.51 -41.35 -23.05
CA VAL H 204 54.24 -41.68 -24.45
C VAL H 204 55.37 -42.56 -24.96
N LEU H 205 56.60 -42.20 -24.61
CA LEU H 205 57.76 -42.94 -25.04
C LEU H 205 57.95 -44.32 -24.39
N LYS H 206 57.35 -44.51 -23.22
CA LYS H 206 57.50 -45.78 -22.51
C LYS H 206 56.46 -46.78 -23.01
N HIS H 207 55.21 -46.33 -23.09
CA HIS H 207 54.10 -47.17 -23.54
C HIS H 207 54.30 -47.62 -24.99
N LEU H 208 55.43 -47.23 -25.58
CA LEU H 208 55.74 -47.62 -26.96
C LEU H 208 57.21 -47.94 -27.05
N GLN H 209 57.83 -48.24 -25.90
CA GLN H 209 59.26 -48.52 -25.84
C GLN H 209 59.77 -49.50 -26.91
N GLY H 210 60.88 -49.14 -27.54
CA GLY H 210 61.48 -50.03 -28.51
C GLY H 210 61.07 -49.97 -29.97
N LEU H 211 60.10 -49.16 -30.33
CA LEU H 211 59.73 -49.08 -31.76
C LEU H 211 60.02 -47.75 -32.41
N PRO H 212 60.06 -47.74 -33.75
CA PRO H 212 60.31 -46.46 -34.40
C PRO H 212 58.94 -45.80 -34.29
N LEU H 213 58.88 -44.49 -34.38
CA LEU H 213 57.64 -43.78 -34.17
C LEU H 213 57.21 -42.87 -35.28
N HIS H 214 56.06 -43.18 -35.88
CA HIS H 214 55.56 -42.28 -36.90
C HIS H 214 54.84 -41.19 -36.11
N VAL H 215 55.13 -39.94 -36.44
CA VAL H 215 54.48 -38.85 -35.71
C VAL H 215 53.60 -38.02 -36.64
N SER H 216 52.29 -38.18 -36.48
CA SER H 216 51.34 -37.46 -37.33
C SER H 216 50.93 -36.16 -36.63
N LEU H 217 51.41 -35.03 -37.14
CA LEU H 217 51.10 -33.75 -36.52
C LEU H 217 50.04 -32.95 -37.24
N ASP H 218 48.85 -32.87 -36.63
CA ASP H 218 47.73 -32.13 -37.18
C ASP H 218 47.92 -30.72 -36.65
N ALA H 219 47.52 -29.70 -37.40
CA ALA H 219 47.71 -28.34 -36.90
C ALA H 219 46.56 -27.93 -35.96
N ASP H 220 45.38 -28.54 -36.09
CA ASP H 220 44.25 -28.27 -35.22
C ASP H 220 44.61 -28.52 -33.74
N VAL H 221 45.84 -29.00 -33.47
CA VAL H 221 46.24 -29.28 -32.07
C VAL H 221 46.79 -28.10 -31.28
N LEU H 222 47.31 -27.09 -31.98
CA LEU H 222 47.83 -25.89 -31.36
C LEU H 222 46.62 -25.02 -31.04
N ASP H 223 46.66 -24.26 -29.95
CA ASP H 223 45.49 -23.45 -29.67
C ASP H 223 45.16 -22.58 -30.87
N PRO H 224 43.88 -22.48 -31.24
CA PRO H 224 43.37 -21.69 -32.37
C PRO H 224 43.83 -20.22 -32.42
N THR H 225 44.25 -19.70 -31.27
CA THR H 225 44.64 -18.32 -31.17
C THR H 225 46.08 -18.13 -31.67
N LEU H 226 46.81 -19.24 -31.70
CA LEU H 226 48.21 -19.32 -32.12
C LEU H 226 48.28 -19.79 -33.57
N ALA H 227 47.51 -20.83 -33.89
CA ALA H 227 47.47 -21.35 -35.25
C ALA H 227 46.07 -21.22 -35.84
N PRO H 228 45.67 -19.98 -36.21
CA PRO H 228 44.35 -19.75 -36.78
C PRO H 228 44.08 -20.48 -38.08
N GLY H 229 45.12 -20.79 -38.85
CA GLY H 229 44.91 -21.47 -40.11
C GLY H 229 44.80 -22.97 -39.95
N VAL H 230 43.60 -23.50 -39.75
CA VAL H 230 43.39 -24.93 -39.58
C VAL H 230 41.95 -25.27 -39.95
N GLY H 231 41.71 -26.55 -40.23
CA GLY H 231 40.38 -27.00 -40.60
C GLY H 231 39.31 -26.86 -39.52
N THR H 232 39.55 -27.40 -38.34
CA THR H 232 38.56 -27.33 -37.27
C THR H 232 39.05 -26.64 -36.00
N PRO H 233 39.06 -25.29 -36.01
CA PRO H 233 39.52 -24.60 -34.80
C PRO H 233 38.77 -25.21 -33.63
N VAL H 234 39.52 -25.56 -32.60
CA VAL H 234 38.96 -26.14 -31.39
C VAL H 234 39.79 -25.52 -30.25
N PRO H 235 39.23 -24.50 -29.57
CA PRO H 235 39.90 -23.80 -28.46
C PRO H 235 40.46 -24.68 -27.35
N GLY H 236 41.34 -24.08 -26.54
CA GLY H 236 41.98 -24.78 -25.42
C GLY H 236 43.08 -25.72 -25.84
N GLY H 237 43.91 -25.29 -26.78
CA GLY H 237 44.98 -26.14 -27.26
C GLY H 237 46.35 -26.01 -26.60
N LEU H 238 47.30 -26.72 -27.20
CA LEU H 238 48.67 -26.73 -26.70
C LEU H 238 49.29 -25.39 -26.99
N THR H 239 50.28 -25.03 -26.20
CA THR H 239 50.94 -23.75 -26.37
C THR H 239 52.18 -23.94 -27.22
N TYR H 240 52.59 -22.85 -27.88
CA TYR H 240 53.78 -22.85 -28.72
C TYR H 240 54.89 -23.65 -28.04
N ARG H 241 55.06 -23.45 -26.75
CA ARG H 241 56.12 -24.14 -26.03
C ARG H 241 55.90 -25.62 -25.71
N GLU H 242 54.68 -26.02 -25.34
CA GLU H 242 54.43 -27.42 -25.04
C GLU H 242 54.69 -28.22 -26.30
N ALA H 243 54.24 -27.68 -27.43
CA ALA H 243 54.44 -28.34 -28.71
C ALA H 243 55.94 -28.52 -28.94
N HIS H 244 56.70 -27.42 -28.87
CA HIS H 244 58.15 -27.51 -29.05
C HIS H 244 58.79 -28.47 -28.05
N LEU H 245 58.35 -28.44 -26.80
CA LEU H 245 58.89 -29.37 -25.80
C LEU H 245 58.51 -30.81 -26.10
N LEU H 246 57.34 -31.01 -26.67
CA LEU H 246 56.90 -32.37 -26.97
C LEU H 246 57.79 -33.02 -28.02
N MET H 247 58.05 -32.25 -29.07
CA MET H 247 58.87 -32.74 -30.16
C MET H 247 60.28 -33.04 -29.60
N GLU H 248 60.84 -32.09 -28.87
CA GLU H 248 62.17 -32.25 -28.33
C GLU H 248 62.37 -33.55 -27.55
N ILE H 249 61.40 -33.90 -26.72
CA ILE H 249 61.54 -35.11 -25.92
C ILE H 249 61.43 -36.31 -26.84
N LEU H 250 60.54 -36.23 -27.82
CA LEU H 250 60.34 -37.29 -28.81
C LEU H 250 61.57 -37.41 -29.68
N ALA H 251 62.33 -36.33 -29.78
CA ALA H 251 63.50 -36.37 -30.63
C ALA H 251 64.70 -36.91 -29.87
N GLU H 252 64.74 -36.72 -28.55
CA GLU H 252 65.87 -37.25 -27.80
C GLU H 252 65.77 -38.77 -27.83
N SER H 253 64.57 -39.28 -28.10
CA SER H 253 64.35 -40.73 -28.12
C SER H 253 65.12 -41.39 -29.25
N GLY H 254 65.26 -40.65 -30.34
CA GLY H 254 65.95 -41.17 -31.51
C GLY H 254 65.17 -42.21 -32.30
N ARG H 255 64.02 -42.64 -31.81
CA ARG H 255 63.27 -43.67 -32.50
C ARG H 255 62.23 -43.12 -33.46
N VAL H 256 62.43 -41.91 -33.95
CA VAL H 256 61.45 -41.30 -34.85
C VAL H 256 61.78 -41.44 -36.32
N GLN H 257 60.99 -42.23 -37.03
CA GLN H 257 61.24 -42.48 -38.43
C GLN H 257 60.53 -41.63 -39.49
N SER H 258 59.26 -41.30 -39.28
CA SER H 258 58.55 -40.49 -40.28
C SER H 258 57.75 -39.38 -39.68
N LEU H 259 57.28 -38.45 -40.52
CA LEU H 259 56.49 -37.33 -40.02
C LEU H 259 55.39 -36.85 -40.95
N ASP H 260 54.32 -36.37 -40.34
CA ASP H 260 53.21 -35.81 -41.07
C ASP H 260 53.05 -34.39 -40.56
N LEU H 261 52.86 -33.45 -41.46
CA LEU H 261 52.59 -32.07 -41.09
C LEU H 261 51.31 -31.80 -41.90
N VAL H 262 50.17 -32.13 -41.29
CA VAL H 262 48.91 -32.03 -42.00
C VAL H 262 47.90 -31.01 -41.51
N GLU H 263 46.82 -30.92 -42.28
CA GLU H 263 45.69 -30.06 -41.97
C GLU H 263 46.00 -28.58 -41.91
N VAL H 264 47.01 -28.12 -42.64
CA VAL H 264 47.37 -26.70 -42.64
C VAL H 264 46.57 -25.93 -43.69
N ASN H 265 45.83 -24.88 -43.31
CA ASN H 265 45.09 -24.11 -44.32
C ASN H 265 45.19 -22.59 -44.26
N PRO H 266 45.97 -21.99 -45.16
CA PRO H 266 46.21 -20.53 -45.28
C PRO H 266 45.01 -19.60 -45.58
N ILE H 267 43.88 -20.14 -46.05
CA ILE H 267 42.72 -19.30 -46.31
C ILE H 267 42.02 -18.79 -45.02
N LEU H 268 42.40 -19.40 -43.89
CA LEU H 268 41.85 -19.01 -42.59
C LEU H 268 43.05 -18.77 -41.67
N ASP H 269 44.19 -18.45 -42.28
CA ASP H 269 45.41 -18.22 -41.53
C ASP H 269 45.81 -16.75 -41.60
N GLU H 270 46.73 -16.35 -40.75
CA GLU H 270 47.21 -14.96 -40.74
C GLU H 270 48.73 -14.89 -41.02
N ARG H 271 49.08 -14.16 -42.08
CA ARG H 271 50.47 -14.00 -42.49
C ARG H 271 51.17 -15.35 -42.39
N ASN H 272 50.50 -16.38 -42.91
CA ASN H 272 50.97 -17.78 -42.95
C ASN H 272 51.75 -18.22 -41.71
N ARG H 273 51.27 -17.83 -40.53
CA ARG H 273 51.97 -18.19 -39.31
C ARG H 273 51.66 -19.60 -38.80
N THR H 274 50.60 -20.24 -39.31
CA THR H 274 50.31 -21.60 -38.86
C THR H 274 51.32 -22.56 -39.50
N ALA H 275 51.69 -22.27 -40.74
CA ALA H 275 52.65 -23.09 -41.46
C ALA H 275 54.03 -22.91 -40.80
N GLU H 276 54.45 -21.66 -40.69
CA GLU H 276 55.73 -21.35 -40.08
C GLU H 276 55.85 -22.14 -38.78
N MET H 277 54.74 -22.19 -38.04
CA MET H 277 54.66 -22.87 -36.77
C MET H 277 55.10 -24.33 -36.81
N LEU H 278 54.49 -25.07 -37.74
CA LEU H 278 54.75 -26.49 -37.91
C LEU H 278 56.14 -26.79 -38.45
N VAL H 279 56.61 -25.97 -39.40
CA VAL H 279 57.96 -26.21 -39.91
C VAL H 279 58.92 -26.15 -38.71
N GLY H 280 58.68 -25.19 -37.83
CA GLY H 280 59.52 -25.08 -36.66
C GLY H 280 59.43 -26.35 -35.84
N LEU H 281 58.21 -26.85 -35.69
CA LEU H 281 58.00 -28.04 -34.89
C LEU H 281 58.65 -29.24 -35.58
N ALA H 282 58.59 -29.25 -36.91
CA ALA H 282 59.22 -30.28 -37.72
C ALA H 282 60.72 -30.20 -37.40
N LEU H 283 61.27 -28.98 -37.41
CA LEU H 283 62.68 -28.80 -37.09
C LEU H 283 62.94 -29.34 -35.70
N SER H 284 62.21 -28.85 -34.70
CA SER H 284 62.41 -29.34 -33.34
C SER H 284 62.43 -30.86 -33.34
N LEU H 285 61.41 -31.45 -33.97
CA LEU H 285 61.27 -32.91 -34.02
C LEU H 285 62.46 -33.60 -34.67
N LEU H 286 63.02 -32.94 -35.68
CA LEU H 286 64.17 -33.52 -36.36
C LEU H 286 65.48 -33.25 -35.60
N GLY H 287 65.40 -32.88 -34.33
CA GLY H 287 66.63 -32.67 -33.58
C GLY H 287 67.08 -31.27 -33.19
N LYS H 288 66.56 -30.23 -33.84
CA LYS H 288 66.99 -28.86 -33.52
C LYS H 288 66.84 -28.54 -32.04
N ARG H 289 67.78 -27.76 -31.51
CA ARG H 289 67.77 -27.37 -30.09
C ARG H 289 68.38 -26.00 -29.80
N ILE H 290 68.10 -25.47 -28.62
CA ILE H 290 68.60 -24.16 -28.22
C ILE H 290 70.04 -24.22 -27.73
N PHE H 291 70.40 -25.34 -27.11
CA PHE H 291 71.74 -25.57 -26.57
C PHE H 291 72.43 -26.80 -27.18
N GLU I 2 -38.40 81.81 -29.91
CA GLU I 2 -37.97 81.47 -28.52
C GLU I 2 -37.98 79.96 -28.18
N ARG I 3 -38.99 79.23 -28.66
CA ARG I 3 -39.07 77.79 -28.41
C ARG I 3 -38.71 76.98 -29.67
N VAL I 4 -37.82 76.00 -29.51
CA VAL I 4 -37.40 75.18 -30.63
C VAL I 4 -37.51 73.68 -30.36
N ALA I 5 -37.81 72.96 -31.44
CA ALA I 5 -37.99 71.51 -31.38
C ALA I 5 -37.12 70.81 -32.43
N VAL I 6 -36.32 69.84 -31.99
CA VAL I 6 -35.47 69.08 -32.89
C VAL I 6 -35.97 67.66 -33.07
N VAL I 7 -36.22 67.27 -34.30
CA VAL I 7 -36.72 65.93 -34.56
C VAL I 7 -35.96 65.18 -35.64
N GLY I 8 -35.48 63.99 -35.28
CA GLY I 8 -34.71 63.20 -36.21
C GLY I 8 -35.56 62.37 -37.13
N VAL I 9 -34.94 61.85 -38.18
CA VAL I 9 -35.62 60.98 -39.14
C VAL I 9 -34.51 60.14 -39.75
N PRO I 10 -34.06 59.11 -38.99
CA PRO I 10 -33.00 58.17 -39.35
C PRO I 10 -33.31 57.36 -40.61
N MET I 11 -33.87 58.05 -41.59
CA MET I 11 -34.30 57.43 -42.86
C MET I 11 -33.20 57.38 -43.90
N ASP I 12 -33.11 56.26 -44.60
CA ASP I 12 -32.09 56.11 -45.63
C ASP I 12 -32.56 55.04 -46.58
N LEU I 13 -33.59 55.36 -47.35
CA LEU I 13 -34.13 54.39 -48.28
C LEU I 13 -34.18 54.97 -49.68
N GLY I 19 -24.91 55.63 -45.79
CA GLY I 19 -25.78 55.60 -44.61
C GLY I 19 -26.18 56.97 -44.05
N VAL I 20 -27.02 57.70 -44.77
CA VAL I 20 -27.46 59.01 -44.31
C VAL I 20 -28.38 58.84 -43.10
N ASP I 21 -28.61 57.60 -42.71
CA ASP I 21 -29.47 57.35 -41.56
C ASP I 21 -28.79 57.78 -40.26
N MET I 22 -27.46 57.70 -40.21
CA MET I 22 -26.71 58.12 -39.03
C MET I 22 -26.52 59.64 -38.94
N GLY I 23 -27.11 60.39 -39.87
CA GLY I 23 -27.00 61.84 -39.87
C GLY I 23 -27.58 62.51 -38.64
N PRO I 24 -28.77 62.09 -38.18
CA PRO I 24 -29.31 62.74 -36.98
C PRO I 24 -28.42 62.55 -35.75
N SER I 25 -27.68 61.46 -35.67
CA SER I 25 -26.79 61.30 -34.54
C SER I 25 -25.63 62.30 -34.71
N ALA I 26 -25.00 62.25 -35.88
CA ALA I 26 -23.90 63.16 -36.19
C ALA I 26 -24.25 64.59 -35.85
N LEU I 27 -25.42 65.03 -36.31
CA LEU I 27 -25.89 66.38 -36.06
C LEU I 27 -26.12 66.65 -34.59
N ARG I 28 -26.41 65.61 -33.81
CA ARG I 28 -26.63 65.78 -32.39
C ARG I 28 -25.32 65.83 -31.61
N TYR I 29 -24.30 65.15 -32.12
CA TYR I 29 -22.99 65.14 -31.47
C TYR I 29 -22.29 66.45 -31.74
N ALA I 30 -22.81 67.19 -32.71
CA ALA I 30 -22.24 68.48 -33.06
C ALA I 30 -22.71 69.53 -32.07
N ARG I 31 -23.48 69.09 -31.08
CA ARG I 31 -24.00 69.96 -30.05
C ARG I 31 -25.02 71.00 -30.55
N LEU I 32 -25.75 70.64 -31.61
CA LEU I 32 -26.77 71.52 -32.16
C LEU I 32 -27.62 72.09 -31.01
N LEU I 33 -28.13 71.17 -30.19
CA LEU I 33 -28.95 71.50 -29.04
C LEU I 33 -28.25 72.55 -28.18
N GLU I 34 -27.37 72.09 -27.30
CA GLU I 34 -26.61 72.96 -26.41
C GLU I 34 -26.34 74.30 -27.08
N GLN I 35 -25.75 74.28 -28.27
CA GLN I 35 -25.45 75.54 -28.92
C GLN I 35 -26.68 76.45 -29.15
N LEU I 36 -27.83 75.85 -29.45
CA LEU I 36 -29.06 76.62 -29.66
C LEU I 36 -29.45 77.29 -28.33
N GLU I 37 -29.23 76.58 -27.23
CA GLU I 37 -29.54 77.11 -25.91
C GLU I 37 -28.56 78.23 -25.61
N ASP I 38 -27.30 78.03 -25.99
CA ASP I 38 -26.28 79.05 -25.77
C ASP I 38 -26.76 80.30 -26.49
N LEU I 39 -27.54 80.09 -27.55
CA LEU I 39 -28.08 81.18 -28.35
C LEU I 39 -29.31 81.84 -27.71
N GLY I 40 -29.69 81.35 -26.54
CA GLY I 40 -30.84 81.96 -25.85
C GLY I 40 -32.21 81.39 -26.14
N TYR I 41 -32.29 80.27 -26.84
CA TYR I 41 -33.58 79.65 -27.07
C TYR I 41 -33.72 78.63 -25.96
N THR I 42 -34.88 77.97 -25.89
CA THR I 42 -35.09 76.90 -24.91
C THR I 42 -35.46 75.76 -25.86
N VAL I 43 -34.66 74.70 -25.84
CA VAL I 43 -34.86 73.61 -26.77
C VAL I 43 -35.41 72.28 -26.30
N GLU I 44 -36.45 71.82 -26.98
CA GLU I 44 -37.06 70.54 -26.70
C GLU I 44 -36.65 69.58 -27.81
N ASP I 45 -36.07 68.45 -27.45
CA ASP I 45 -35.69 67.46 -28.44
C ASP I 45 -36.76 66.38 -28.48
N LEU I 46 -37.34 66.11 -29.66
CA LEU I 46 -38.38 65.08 -29.78
C LEU I 46 -37.92 63.65 -30.06
N GLY I 47 -36.65 63.34 -29.88
CA GLY I 47 -36.22 61.97 -30.18
C GLY I 47 -36.37 61.74 -31.68
N ASP I 48 -36.57 60.50 -32.12
CA ASP I 48 -36.68 60.21 -33.55
C ASP I 48 -37.97 59.55 -34.03
N VAL I 49 -38.37 59.89 -35.25
CA VAL I 49 -39.53 59.26 -35.86
C VAL I 49 -39.06 57.89 -36.26
N PRO I 50 -39.84 56.85 -35.94
CA PRO I 50 -39.43 55.50 -36.32
C PRO I 50 -39.41 55.38 -37.86
N VAL I 51 -38.59 54.47 -38.37
CA VAL I 51 -38.49 54.24 -39.81
C VAL I 51 -37.90 52.86 -40.13
N SER I 52 -38.43 52.27 -41.22
CA SER I 52 -38.00 50.96 -41.76
C SER I 52 -38.97 50.58 -42.89
N LEU I 64 -40.80 54.18 -57.40
CA LEU I 64 -40.17 52.87 -57.24
C LEU I 64 -39.82 52.52 -55.78
N ALA I 65 -38.77 51.73 -55.62
CA ALA I 65 -38.26 51.25 -54.31
C ALA I 65 -38.61 51.97 -52.99
N TYR I 66 -39.19 51.20 -52.05
CA TYR I 66 -39.51 51.65 -50.71
C TYR I 66 -40.67 52.64 -50.51
N LEU I 67 -41.19 53.17 -51.60
CA LEU I 67 -42.29 54.13 -51.60
C LEU I 67 -43.30 54.12 -50.43
N GLU I 68 -43.85 52.95 -50.11
CA GLU I 68 -44.86 52.89 -49.05
C GLU I 68 -44.35 53.02 -47.59
N GLU I 69 -43.12 52.56 -47.33
CA GLU I 69 -42.54 52.63 -45.99
C GLU I 69 -42.06 54.04 -45.74
N ILE I 70 -41.80 54.75 -46.83
CA ILE I 70 -41.33 56.13 -46.78
C ILE I 70 -42.51 57.06 -46.48
N ARG I 71 -43.61 56.86 -47.21
CA ARG I 71 -44.81 57.67 -47.05
C ARG I 71 -45.26 57.55 -45.60
N ALA I 72 -45.24 56.32 -45.08
CA ALA I 72 -45.66 56.07 -43.70
C ALA I 72 -44.85 56.93 -42.75
N ALA I 73 -43.53 56.82 -42.89
CA ALA I 73 -42.61 57.54 -42.02
C ALA I 73 -42.71 59.06 -42.19
N ALA I 74 -42.83 59.53 -43.44
CA ALA I 74 -42.94 60.96 -43.73
C ALA I 74 -44.27 61.40 -43.16
N LEU I 75 -45.28 60.57 -43.40
CA LEU I 75 -46.62 60.80 -42.87
C LEU I 75 -46.57 60.94 -41.32
N VAL I 76 -45.86 60.00 -40.68
CA VAL I 76 -45.70 60.02 -39.24
C VAL I 76 -45.15 61.41 -38.87
N LEU I 77 -44.18 61.88 -39.66
CA LEU I 77 -43.57 63.19 -39.44
C LEU I 77 -44.61 64.28 -39.74
N LYS I 78 -45.12 64.26 -40.98
CA LYS I 78 -46.16 65.16 -41.46
C LYS I 78 -47.05 65.54 -40.29
N GLU I 79 -47.29 64.54 -39.44
CA GLU I 79 -48.12 64.70 -38.26
C GLU I 79 -47.46 65.30 -37.01
N ARG I 80 -46.47 64.61 -36.45
CA ARG I 80 -45.83 65.12 -35.24
C ARG I 80 -45.50 66.61 -35.35
N LEU I 81 -45.44 67.11 -36.58
CA LEU I 81 -45.11 68.51 -36.80
C LEU I 81 -46.35 69.41 -36.85
N ALA I 82 -47.49 68.84 -37.26
CA ALA I 82 -48.75 69.59 -37.32
C ALA I 82 -49.34 69.72 -35.89
N ALA I 83 -49.03 68.74 -35.04
CA ALA I 83 -49.48 68.70 -33.64
C ALA I 83 -48.71 69.67 -32.73
N LEU I 84 -47.89 70.53 -33.31
CA LEU I 84 -47.06 71.41 -32.49
C LEU I 84 -47.71 72.72 -32.10
N PRO I 85 -47.44 73.18 -30.84
CA PRO I 85 -48.03 74.47 -30.45
C PRO I 85 -47.55 75.44 -31.52
N GLU I 86 -48.31 76.45 -31.90
CA GLU I 86 -47.75 77.35 -32.89
C GLU I 86 -46.71 78.27 -32.25
N GLY I 87 -45.81 78.81 -33.07
CA GLY I 87 -44.74 79.65 -32.54
C GLY I 87 -43.55 78.83 -32.08
N VAL I 88 -43.64 77.51 -32.27
CA VAL I 88 -42.54 76.62 -31.92
C VAL I 88 -41.86 76.30 -33.25
N PHE I 89 -40.53 76.52 -33.30
CA PHE I 89 -39.73 76.31 -34.52
C PHE I 89 -39.30 74.85 -34.69
N PRO I 90 -39.62 74.25 -35.84
CA PRO I 90 -39.25 72.86 -36.08
C PRO I 90 -37.98 72.62 -36.92
N ILE I 91 -36.96 72.06 -36.27
CA ILE I 91 -35.73 71.69 -36.94
C ILE I 91 -35.78 70.20 -37.09
N VAL I 92 -35.84 69.72 -38.32
CA VAL I 92 -35.89 68.29 -38.57
C VAL I 92 -34.55 67.83 -39.14
N LEU I 93 -33.89 66.91 -38.45
CA LEU I 93 -32.61 66.40 -38.90
C LEU I 93 -32.89 65.11 -39.64
N GLY I 94 -32.18 64.87 -40.74
CA GLY I 94 -32.45 63.63 -41.44
C GLY I 94 -31.26 62.98 -42.11
N GLY I 95 -31.63 62.17 -43.08
CA GLY I 95 -30.73 61.50 -43.97
C GLY I 95 -31.53 61.95 -45.16
N ASP I 96 -32.13 60.99 -45.85
CA ASP I 96 -32.96 61.28 -47.02
C ASP I 96 -33.66 62.63 -46.98
N HIS I 97 -33.63 63.29 -48.13
CA HIS I 97 -34.26 64.58 -48.33
C HIS I 97 -35.77 64.31 -48.44
N SER I 98 -36.08 63.09 -48.88
CA SER I 98 -37.46 62.60 -49.01
C SER I 98 -38.30 63.09 -47.84
N LEU I 99 -37.75 63.00 -46.62
CA LEU I 99 -38.45 63.43 -45.42
C LEU I 99 -39.10 64.79 -45.59
N SER I 100 -38.53 65.61 -46.46
CA SER I 100 -39.05 66.94 -46.68
C SER I 100 -40.58 66.95 -46.88
N MET I 101 -41.07 66.05 -47.74
CA MET I 101 -42.49 65.90 -47.99
C MET I 101 -43.23 66.13 -46.67
N GLY I 102 -42.90 65.32 -45.67
CA GLY I 102 -43.51 65.46 -44.37
C GLY I 102 -43.19 66.79 -43.74
N SER I 103 -41.91 67.06 -43.52
CA SER I 103 -41.48 68.32 -42.91
C SER I 103 -42.28 69.53 -43.41
N VAL I 104 -42.20 69.79 -44.71
CA VAL I 104 -42.89 70.92 -45.33
C VAL I 104 -44.39 70.96 -45.07
N ALA I 105 -45.10 69.87 -45.36
CA ALA I 105 -46.55 69.84 -45.12
C ALA I 105 -46.83 70.16 -43.64
N GLY I 106 -46.23 69.36 -42.74
CA GLY I 106 -46.41 69.57 -41.33
C GLY I 106 -46.23 71.00 -40.83
N ALA I 107 -45.06 71.58 -41.08
CA ALA I 107 -44.83 72.93 -40.56
C ALA I 107 -45.57 74.00 -41.37
N ALA I 108 -46.27 73.57 -42.41
CA ALA I 108 -47.01 74.52 -43.25
C ALA I 108 -48.36 74.77 -42.59
N ARG I 109 -48.80 73.79 -41.80
CA ARG I 109 -50.11 73.79 -41.15
C ARG I 109 -51.11 74.54 -42.02
N GLY I 110 -51.44 73.89 -43.14
CA GLY I 110 -52.41 74.43 -44.08
C GLY I 110 -52.04 75.71 -44.79
N ARG I 111 -51.70 76.72 -44.00
CA ARG I 111 -51.32 78.04 -44.49
C ARG I 111 -50.37 77.99 -45.71
N ARG I 112 -50.24 79.11 -46.41
CA ARG I 112 -49.36 79.20 -47.59
C ARG I 112 -47.93 79.43 -47.11
N VAL I 113 -47.00 78.60 -47.57
CA VAL I 113 -45.62 78.74 -47.12
C VAL I 113 -44.58 78.97 -48.19
N GLY I 114 -43.47 79.58 -47.75
CA GLY I 114 -42.36 79.89 -48.63
C GLY I 114 -41.25 78.86 -48.45
N VAL I 115 -40.87 78.23 -49.55
CA VAL I 115 -39.83 77.21 -49.56
C VAL I 115 -38.50 77.61 -50.21
N VAL I 116 -37.44 77.59 -49.40
CA VAL I 116 -36.11 77.91 -49.86
C VAL I 116 -35.32 76.61 -49.83
N TRP I 117 -35.18 76.01 -51.01
CA TRP I 117 -34.46 74.75 -51.16
C TRP I 117 -33.00 75.05 -51.46
N VAL I 118 -32.11 74.63 -50.57
CA VAL I 118 -30.71 74.82 -50.78
C VAL I 118 -30.09 73.43 -50.84
N ASP I 119 -30.09 72.85 -52.04
CA ASP I 119 -29.57 71.52 -52.35
C ASP I 119 -28.74 71.77 -53.64
N ALA I 120 -27.75 70.94 -53.93
CA ALA I 120 -26.99 71.12 -55.16
C ALA I 120 -27.88 70.52 -56.24
N HIS I 121 -28.86 69.75 -55.79
CA HIS I 121 -29.80 69.11 -56.69
C HIS I 121 -31.16 69.78 -56.59
N ALA I 122 -32.02 69.50 -57.55
CA ALA I 122 -33.35 70.08 -57.55
C ALA I 122 -34.33 69.12 -56.89
N ASP I 123 -33.86 67.90 -56.56
CA ASP I 123 -34.69 66.88 -55.90
C ASP I 123 -36.12 67.19 -56.40
N PHE I 124 -36.30 67.14 -57.72
CA PHE I 124 -37.59 67.52 -58.32
C PHE I 124 -37.92 66.63 -59.50
N ASN I 125 -37.86 65.33 -59.26
CA ASN I 125 -38.21 64.38 -60.28
C ASN I 125 -39.62 63.84 -60.05
N THR I 126 -40.15 63.18 -61.08
CA THR I 126 -41.45 62.50 -61.03
C THR I 126 -41.09 61.11 -61.54
N PRO I 127 -41.64 60.06 -60.91
CA PRO I 127 -41.35 58.69 -61.34
C PRO I 127 -40.94 58.52 -62.81
N GLU I 128 -41.65 59.20 -63.71
CA GLU I 128 -41.39 59.14 -65.15
C GLU I 128 -39.99 59.62 -65.58
N THR I 129 -39.36 60.46 -64.76
CA THR I 129 -38.04 61.00 -65.09
C THR I 129 -36.78 60.30 -64.56
N SER I 130 -36.95 59.31 -63.68
CA SER I 130 -35.86 58.50 -63.09
C SER I 130 -35.62 58.84 -61.62
N SER I 132 -32.42 57.79 -62.04
CA SER I 132 -32.27 56.82 -60.96
C SER I 132 -33.57 56.07 -60.75
N GLY I 133 -34.29 56.46 -59.71
CA GLY I 133 -35.56 55.85 -59.34
C GLY I 133 -35.72 56.07 -57.85
N ASN I 134 -34.66 56.61 -57.25
CA ASN I 134 -34.68 56.92 -55.81
C ASN I 134 -35.72 58.00 -55.56
N VAL I 135 -36.58 57.77 -54.58
CA VAL I 135 -37.61 58.74 -54.26
C VAL I 135 -37.04 59.99 -53.59
N HIS I 136 -35.81 59.94 -53.10
CA HIS I 136 -35.27 61.13 -52.45
C HIS I 136 -34.82 62.24 -53.41
N GLY I 137 -35.20 62.10 -54.67
CA GLY I 137 -34.91 63.10 -55.69
C GLY I 137 -36.23 63.59 -56.25
N MET I 138 -37.32 63.26 -55.57
CA MET I 138 -38.65 63.64 -56.02
C MET I 138 -39.41 64.52 -55.03
N PRO I 139 -38.90 64.73 -53.80
CA PRO I 139 -39.63 65.56 -52.85
C PRO I 139 -40.17 66.91 -53.31
N LEU I 140 -39.35 67.72 -53.96
CA LEU I 140 -39.84 69.03 -54.36
C LEU I 140 -40.99 68.87 -55.35
N ALA I 141 -40.91 67.85 -56.19
CA ALA I 141 -41.99 67.61 -57.14
C ALA I 141 -43.29 67.35 -56.34
N VAL I 142 -43.24 66.36 -55.45
CA VAL I 142 -44.38 66.00 -54.61
C VAL I 142 -45.00 67.24 -53.95
N LEU I 143 -44.23 67.93 -53.14
CA LEU I 143 -44.75 69.12 -52.46
C LEU I 143 -45.31 70.15 -53.44
N SER I 144 -45.05 69.94 -54.72
CA SER I 144 -45.55 70.83 -55.79
C SER I 144 -46.74 70.24 -56.56
N GLY I 145 -47.01 68.95 -56.36
CA GLY I 145 -48.12 68.29 -57.03
C GLY I 145 -47.79 67.42 -58.24
N LEU I 146 -46.53 67.11 -58.45
CA LEU I 146 -46.17 66.32 -59.60
C LEU I 146 -45.55 65.01 -59.15
N GLY I 147 -46.22 63.90 -59.43
CA GLY I 147 -45.68 62.61 -59.05
C GLY I 147 -46.72 61.61 -58.58
N HIS I 148 -46.22 60.42 -58.24
CA HIS I 148 -47.06 59.31 -57.77
C HIS I 148 -48.16 59.79 -56.81
N PRO I 149 -49.43 59.62 -57.22
CA PRO I 149 -50.62 60.02 -56.47
C PRO I 149 -50.60 59.62 -55.01
N ARG I 150 -49.85 58.56 -54.69
CA ARG I 150 -49.74 58.08 -53.32
C ARG I 150 -49.12 59.11 -52.36
N LEU I 151 -48.23 59.94 -52.89
CA LEU I 151 -47.55 60.93 -52.08
C LEU I 151 -48.21 62.26 -52.29
N THR I 152 -48.32 62.67 -53.56
CA THR I 152 -48.94 63.94 -53.92
C THR I 152 -50.26 64.14 -53.16
N GLU I 153 -50.88 63.01 -52.81
CA GLU I 153 -52.16 62.97 -52.08
C GLU I 153 -52.12 63.42 -50.62
N VAL I 154 -51.01 63.16 -49.94
CA VAL I 154 -50.89 63.55 -48.53
C VAL I 154 -49.78 64.57 -48.34
N PHE I 155 -48.90 64.71 -49.34
CA PHE I 155 -47.78 65.62 -49.19
C PHE I 155 -47.76 66.86 -50.08
N ARG I 156 -48.75 67.00 -50.96
CA ARG I 156 -48.79 68.21 -51.78
C ARG I 156 -48.90 69.34 -50.75
N ALA I 157 -48.19 70.44 -50.95
CA ALA I 157 -48.27 71.49 -49.95
C ALA I 157 -47.61 72.81 -50.30
N VAL I 158 -47.25 73.01 -51.56
CA VAL I 158 -46.60 74.28 -51.94
C VAL I 158 -46.90 74.63 -53.38
N ASP I 159 -46.84 75.91 -53.71
CA ASP I 159 -47.09 76.30 -55.06
C ASP I 159 -45.74 76.46 -55.76
N PRO I 160 -45.59 75.89 -56.96
CA PRO I 160 -44.29 76.07 -57.60
C PRO I 160 -43.87 77.55 -57.58
N LYS I 161 -44.77 78.44 -57.96
CA LYS I 161 -44.47 79.86 -57.98
C LYS I 161 -44.10 80.39 -56.59
N ASP I 162 -44.14 79.50 -55.60
CA ASP I 162 -43.80 79.82 -54.22
C ASP I 162 -42.51 79.12 -53.82
N VAL I 163 -41.88 78.45 -54.78
CA VAL I 163 -40.64 77.70 -54.56
C VAL I 163 -39.37 78.31 -55.15
N VAL I 164 -38.29 78.26 -54.36
CA VAL I 164 -36.97 78.75 -54.77
C VAL I 164 -35.82 77.77 -54.50
N LEU I 165 -35.13 77.37 -55.58
CA LEU I 165 -33.96 76.48 -55.51
C LEU I 165 -32.72 77.39 -55.51
N VAL I 166 -31.77 77.10 -54.63
CA VAL I 166 -30.57 77.91 -54.53
C VAL I 166 -29.35 76.98 -54.43
N GLY I 167 -28.34 77.20 -55.27
CA GLY I 167 -27.17 76.36 -55.22
C GLY I 167 -27.18 75.18 -56.19
N VAL I 168 -28.27 74.98 -56.91
CA VAL I 168 -28.38 73.86 -57.83
C VAL I 168 -27.24 73.83 -58.83
N ARG I 169 -26.61 72.67 -59.01
CA ARG I 169 -25.51 72.57 -59.95
C ARG I 169 -25.58 71.22 -60.67
N SER I 170 -26.76 70.60 -60.66
CA SER I 170 -26.93 69.32 -61.34
C SER I 170 -28.40 68.90 -61.56
N LEU I 171 -28.81 68.78 -62.82
CA LEU I 171 -30.18 68.38 -63.17
C LEU I 171 -30.24 67.38 -64.32
N ASP I 172 -31.27 66.53 -64.31
CA ASP I 172 -31.47 65.54 -65.37
C ASP I 172 -32.41 66.17 -66.41
N PRO I 173 -32.25 65.80 -67.68
CA PRO I 173 -33.10 66.35 -68.75
C PRO I 173 -34.58 66.46 -68.34
N GLY I 174 -35.10 65.42 -67.69
CA GLY I 174 -36.49 65.44 -67.25
C GLY I 174 -36.82 66.53 -66.22
N GLU I 175 -35.87 66.84 -65.34
CA GLU I 175 -36.09 67.84 -64.31
C GLU I 175 -36.14 69.25 -64.86
N LYS I 176 -35.38 69.48 -65.92
CA LYS I 176 -35.33 70.79 -66.53
C LYS I 176 -36.71 71.13 -67.11
N ARG I 177 -37.26 70.25 -67.93
CA ARG I 177 -38.56 70.51 -68.54
C ARG I 177 -39.65 70.69 -67.47
N LEU I 178 -39.75 69.75 -66.55
CA LEU I 178 -40.75 69.88 -65.50
C LEU I 178 -40.56 71.19 -64.73
N LEU I 179 -39.30 71.63 -64.61
CA LEU I 179 -38.98 72.85 -63.89
C LEU I 179 -39.46 74.11 -64.60
N LYS I 180 -39.10 74.26 -65.87
CA LYS I 180 -39.49 75.43 -66.65
C LYS I 180 -41.00 75.42 -66.73
N GLU I 181 -41.56 74.25 -67.01
CA GLU I 181 -43.00 74.10 -67.14
C GLU I 181 -43.68 74.43 -65.83
N ALA I 182 -43.01 74.17 -64.72
CA ALA I 182 -43.59 74.48 -63.41
C ALA I 182 -43.43 75.92 -62.99
N GLY I 183 -42.63 76.69 -63.73
CA GLY I 183 -42.41 78.09 -63.39
C GLY I 183 -41.75 78.33 -62.03
N VAL I 184 -40.65 77.62 -61.77
CA VAL I 184 -39.95 77.73 -60.49
C VAL I 184 -38.73 78.62 -60.60
N ARG I 185 -38.53 79.50 -59.61
CA ARG I 185 -37.36 80.38 -59.61
C ARG I 185 -36.17 79.53 -59.16
N VAL I 186 -35.23 79.33 -60.09
CA VAL I 186 -34.04 78.53 -59.86
C VAL I 186 -32.74 79.33 -59.92
N TYR I 187 -31.90 79.18 -58.91
CA TYR I 187 -30.63 79.89 -58.90
C TYR I 187 -29.49 78.89 -58.87
N THR I 188 -28.96 78.53 -60.04
CA THR I 188 -27.86 77.57 -60.14
C THR I 188 -26.55 78.24 -59.79
N MET I 189 -25.50 77.45 -59.61
CA MET I 189 -24.23 78.06 -59.27
C MET I 189 -23.82 79.10 -60.32
N HIS I 190 -24.47 79.05 -61.49
CA HIS I 190 -24.14 80.03 -62.52
C HIS I 190 -24.53 81.41 -62.00
N GLU I 191 -25.83 81.56 -61.74
CA GLU I 191 -26.37 82.82 -61.23
C GLU I 191 -25.70 83.18 -59.92
N VAL I 192 -25.37 82.17 -59.13
CA VAL I 192 -24.70 82.42 -57.85
C VAL I 192 -23.37 83.08 -58.16
N ASP I 193 -22.70 82.60 -59.21
CA ASP I 193 -21.41 83.16 -59.59
C ASP I 193 -21.51 84.57 -60.16
N ARG I 194 -22.59 84.83 -60.90
CA ARG I 194 -22.83 86.13 -61.53
C ARG I 194 -23.33 87.27 -60.65
N LEU I 195 -24.22 86.96 -59.72
CA LEU I 195 -24.80 87.99 -58.85
C LEU I 195 -24.31 87.97 -57.40
N GLY I 196 -23.79 86.83 -56.93
CA GLY I 196 -23.32 86.76 -55.55
C GLY I 196 -24.45 86.44 -54.58
N VAL I 197 -24.18 85.51 -53.65
CA VAL I 197 -25.17 85.08 -52.66
C VAL I 197 -25.90 86.24 -51.98
N ALA I 198 -25.17 87.32 -51.74
CA ALA I 198 -25.76 88.49 -51.08
C ALA I 198 -26.98 88.97 -51.84
N ARG I 199 -26.84 89.13 -53.15
CA ARG I 199 -27.94 89.59 -53.94
C ARG I 199 -29.04 88.55 -54.06
N ILE I 200 -28.66 87.31 -54.37
CA ILE I 200 -29.62 86.23 -54.53
C ILE I 200 -30.52 86.12 -53.31
N ALA I 201 -29.93 86.27 -52.12
CA ALA I 201 -30.72 86.24 -50.89
C ALA I 201 -31.88 87.19 -51.11
N GLU I 202 -31.54 88.47 -51.28
CA GLU I 202 -32.47 89.57 -51.56
C GLU I 202 -33.56 89.19 -52.57
N GLU I 203 -33.09 88.80 -53.75
CA GLU I 203 -33.97 88.41 -54.83
C GLU I 203 -34.90 87.24 -54.48
N VAL I 204 -34.67 86.58 -53.35
CA VAL I 204 -35.55 85.49 -52.92
C VAL I 204 -36.51 86.05 -51.86
N LEU I 205 -35.93 86.71 -50.87
CA LEU I 205 -36.70 87.39 -49.84
C LEU I 205 -37.71 88.22 -50.58
N LYS I 206 -37.36 88.53 -51.83
CA LYS I 206 -38.17 89.35 -52.72
C LYS I 206 -39.27 88.51 -53.34
N HIS I 207 -38.86 87.67 -54.27
CA HIS I 207 -39.75 86.79 -55.01
C HIS I 207 -40.62 85.93 -54.09
N LEU I 208 -40.48 86.07 -52.77
CA LEU I 208 -41.31 85.29 -51.83
C LEU I 208 -41.79 86.18 -50.69
N GLN I 209 -42.13 87.42 -51.04
CA GLN I 209 -42.58 88.41 -50.07
C GLN I 209 -43.75 87.97 -49.21
N GLY I 210 -43.78 88.52 -48.00
CA GLY I 210 -44.84 88.25 -47.06
C GLY I 210 -45.23 86.80 -46.81
N LEU I 211 -44.44 85.83 -47.25
CA LEU I 211 -44.75 84.44 -46.94
C LEU I 211 -43.84 83.99 -45.78
N PRO I 212 -44.34 83.16 -44.84
CA PRO I 212 -43.39 82.77 -43.79
C PRO I 212 -42.52 81.71 -44.48
N LEU I 213 -41.23 81.63 -44.15
CA LEU I 213 -40.38 80.70 -44.86
C LEU I 213 -39.98 79.40 -44.19
N HIS I 214 -39.76 78.39 -45.04
CA HIS I 214 -39.28 77.08 -44.64
C HIS I 214 -38.05 76.76 -45.48
N VAL I 215 -36.91 76.73 -44.82
CA VAL I 215 -35.64 76.45 -45.49
C VAL I 215 -35.25 74.98 -45.46
N SER I 216 -35.05 74.37 -46.63
CA SER I 216 -34.64 72.97 -46.69
C SER I 216 -33.17 73.02 -47.06
N LEU I 217 -32.30 72.63 -46.11
CA LEU I 217 -30.87 72.67 -46.33
C LEU I 217 -30.21 71.31 -46.56
N ASP I 218 -29.90 71.03 -47.82
CA ASP I 218 -29.26 69.77 -48.20
C ASP I 218 -27.75 70.00 -48.09
N ALA I 219 -27.08 69.15 -47.33
CA ALA I 219 -25.65 69.34 -47.16
C ALA I 219 -24.81 69.18 -48.43
N ASP I 220 -25.39 68.64 -49.51
CA ASP I 220 -24.62 68.50 -50.73
C ASP I 220 -24.42 69.87 -51.40
N VAL I 221 -25.08 70.90 -50.88
CA VAL I 221 -24.96 72.23 -51.46
C VAL I 221 -23.60 72.87 -51.11
N LEU I 222 -22.96 72.40 -50.05
CA LEU I 222 -21.65 72.95 -49.71
C LEU I 222 -20.64 72.30 -50.69
N ASP I 223 -19.49 72.92 -50.90
CA ASP I 223 -18.55 72.33 -51.83
C ASP I 223 -17.95 71.08 -51.19
N PRO I 224 -17.87 69.97 -51.94
CA PRO I 224 -17.31 68.72 -51.42
C PRO I 224 -15.96 68.88 -50.73
N THR I 225 -15.26 69.97 -51.02
CA THR I 225 -13.99 70.18 -50.38
C THR I 225 -14.34 70.54 -48.94
N LEU I 226 -15.39 71.32 -48.80
CA LEU I 226 -15.83 71.78 -47.49
C LEU I 226 -16.73 70.81 -46.74
N ALA I 227 -17.42 69.94 -47.49
CA ALA I 227 -18.36 69.02 -46.88
C ALA I 227 -18.30 67.62 -47.49
N PRO I 228 -17.23 66.86 -47.22
CA PRO I 228 -17.14 65.52 -47.79
C PRO I 228 -18.27 64.57 -47.43
N GLY I 229 -18.75 64.65 -46.19
CA GLY I 229 -19.79 63.73 -45.74
C GLY I 229 -21.24 63.92 -46.18
N VAL I 230 -21.54 63.55 -47.42
CA VAL I 230 -22.90 63.65 -47.93
C VAL I 230 -23.16 62.61 -49.03
N GLY I 231 -24.45 62.38 -49.31
CA GLY I 231 -24.87 61.41 -50.32
C GLY I 231 -24.18 61.45 -51.68
N THR I 232 -24.29 62.58 -52.41
CA THR I 232 -23.66 62.72 -53.73
C THR I 232 -22.95 64.05 -53.90
N PRO I 233 -21.63 64.06 -53.77
CA PRO I 233 -20.96 65.34 -53.93
C PRO I 233 -20.98 65.74 -55.38
N VAL I 234 -21.18 67.02 -55.62
CA VAL I 234 -21.14 67.55 -56.97
C VAL I 234 -20.13 68.69 -56.83
N PRO I 235 -18.94 68.55 -57.43
CA PRO I 235 -17.94 69.61 -57.31
C PRO I 235 -18.49 71.02 -57.55
N GLY I 236 -17.81 72.02 -56.98
CA GLY I 236 -18.21 73.41 -57.16
C GLY I 236 -19.47 73.90 -56.45
N GLY I 237 -19.42 74.12 -55.14
CA GLY I 237 -20.60 74.57 -54.43
C GLY I 237 -20.39 75.82 -53.58
N LEU I 238 -21.29 76.06 -52.66
CA LEU I 238 -21.14 77.25 -51.85
C LEU I 238 -19.95 77.12 -50.92
N THR I 239 -19.35 78.26 -50.64
CA THR I 239 -18.20 78.29 -49.76
C THR I 239 -18.70 78.39 -48.34
N TYR I 240 -17.80 78.25 -47.38
CA TYR I 240 -18.23 78.34 -45.99
C TYR I 240 -18.93 79.65 -45.77
N ARG I 241 -18.29 80.72 -46.21
CA ARG I 241 -18.81 82.08 -46.05
C ARG I 241 -20.11 82.37 -46.79
N GLU I 242 -20.24 81.86 -48.01
CA GLU I 242 -21.46 82.11 -48.76
C GLU I 242 -22.66 81.51 -48.06
N ALA I 243 -22.46 80.37 -47.40
CA ALA I 243 -23.55 79.69 -46.74
C ALA I 243 -24.03 80.50 -45.55
N HIS I 244 -23.09 80.92 -44.73
CA HIS I 244 -23.42 81.67 -43.54
C HIS I 244 -23.99 83.01 -43.94
N LEU I 245 -23.64 83.52 -45.12
CA LEU I 245 -24.16 84.82 -45.53
C LEU I 245 -25.60 84.61 -45.96
N LEU I 246 -25.83 83.58 -46.77
CA LEU I 246 -27.18 83.29 -47.21
C LEU I 246 -28.05 83.01 -45.97
N MET I 247 -27.48 82.38 -44.94
CA MET I 247 -28.25 82.08 -43.72
C MET I 247 -28.53 83.34 -42.89
N GLU I 248 -27.50 84.15 -42.69
CA GLU I 248 -27.65 85.38 -41.92
C GLU I 248 -28.75 86.27 -42.48
N ILE I 249 -28.78 86.49 -43.80
CA ILE I 249 -29.78 87.34 -44.43
C ILE I 249 -31.23 86.89 -44.22
N LEU I 250 -31.52 85.65 -44.60
CA LEU I 250 -32.86 85.09 -44.43
C LEU I 250 -33.27 85.23 -42.96
N ALA I 251 -32.30 85.09 -42.06
CA ALA I 251 -32.60 85.17 -40.65
C ALA I 251 -32.90 86.61 -40.22
N GLU I 252 -32.74 87.53 -41.17
CA GLU I 252 -32.93 88.94 -40.88
C GLU I 252 -34.37 89.35 -41.13
N SER I 253 -34.96 88.77 -42.16
CA SER I 253 -36.32 89.09 -42.53
C SER I 253 -37.27 88.68 -41.39
N GLY I 254 -36.75 88.01 -40.39
CA GLY I 254 -37.59 87.62 -39.27
C GLY I 254 -38.77 86.82 -39.76
N ARG I 255 -38.67 86.26 -40.97
CA ARG I 255 -39.74 85.46 -41.57
C ARG I 255 -39.50 83.93 -41.63
N VAL I 256 -38.31 83.49 -41.24
CA VAL I 256 -37.98 82.07 -41.31
C VAL I 256 -38.67 81.35 -40.19
N GLN I 257 -39.62 80.50 -40.58
CA GLN I 257 -40.45 79.72 -39.65
C GLN I 257 -40.05 78.27 -39.35
N SER I 258 -39.30 77.64 -40.25
CA SER I 258 -38.90 76.24 -40.05
C SER I 258 -37.60 75.91 -40.78
N LEU I 259 -36.94 74.83 -40.35
CA LEU I 259 -35.67 74.43 -40.96
C LEU I 259 -35.43 72.94 -41.15
N ASP I 260 -34.84 72.58 -42.29
CA ASP I 260 -34.46 71.22 -42.64
C ASP I 260 -32.93 71.12 -42.60
N LEU I 261 -32.40 70.02 -42.05
CA LEU I 261 -30.96 69.80 -42.04
C LEU I 261 -30.77 68.34 -42.47
N VAL I 262 -30.59 68.13 -43.78
CA VAL I 262 -30.51 66.79 -44.30
C VAL I 262 -29.29 66.30 -45.05
N GLU I 263 -29.38 65.05 -45.48
CA GLU I 263 -28.36 64.34 -46.25
C GLU I 263 -26.98 64.23 -45.64
N VAL I 264 -26.87 64.50 -44.34
CA VAL I 264 -25.59 64.37 -43.70
C VAL I 264 -25.22 62.88 -43.65
N ASN I 265 -23.98 62.53 -44.02
CA ASN I 265 -23.56 61.13 -44.07
C ASN I 265 -22.18 60.83 -43.40
N PRO I 266 -22.18 60.59 -42.07
CA PRO I 266 -20.90 60.30 -41.39
C PRO I 266 -20.00 59.22 -42.02
N ILE I 267 -20.58 58.14 -42.53
CA ILE I 267 -19.76 57.12 -43.16
C ILE I 267 -18.83 57.68 -44.25
N LEU I 268 -19.08 58.90 -44.69
CA LEU I 268 -18.28 59.52 -45.73
C LEU I 268 -17.65 60.82 -45.29
N ASP I 269 -17.89 61.22 -44.06
CA ASP I 269 -17.37 62.49 -43.55
C ASP I 269 -15.94 62.43 -43.02
N GLU I 270 -15.51 63.56 -42.48
CA GLU I 270 -14.19 63.69 -41.95
C GLU I 270 -14.34 64.37 -40.61
N ARG I 271 -14.11 63.61 -39.54
CA ARG I 271 -14.25 64.12 -38.19
C ARG I 271 -15.57 64.86 -38.00
N ASN I 272 -16.61 64.34 -38.65
CA ASN I 272 -17.96 64.88 -38.53
C ASN I 272 -18.05 66.38 -38.79
N ARG I 273 -17.27 66.89 -39.73
CA ARG I 273 -17.29 68.34 -39.95
C ARG I 273 -18.44 68.82 -40.81
N THR I 274 -19.02 67.91 -41.56
CA THR I 274 -20.16 68.28 -42.38
C THR I 274 -21.32 68.63 -41.45
N ALA I 275 -21.48 67.85 -40.38
CA ALA I 275 -22.55 68.10 -39.42
C ALA I 275 -22.26 69.39 -38.66
N GLU I 276 -21.03 69.52 -38.20
CA GLU I 276 -20.62 70.70 -37.49
C GLU I 276 -20.87 71.93 -38.35
N MET I 277 -20.94 71.72 -39.65
CA MET I 277 -21.19 72.82 -40.57
C MET I 277 -22.65 73.16 -40.64
N LEU I 278 -23.51 72.13 -40.61
CA LEU I 278 -24.94 72.38 -40.67
C LEU I 278 -25.45 72.88 -39.33
N VAL I 279 -24.80 72.46 -38.26
CA VAL I 279 -25.22 72.97 -36.98
C VAL I 279 -24.88 74.46 -37.04
N GLY I 280 -23.78 74.77 -37.73
CA GLY I 280 -23.32 76.13 -37.87
C GLY I 280 -24.28 76.97 -38.68
N LEU I 281 -24.61 76.49 -39.86
CA LEU I 281 -25.53 77.23 -40.71
C LEU I 281 -26.86 77.38 -39.99
N ALA I 282 -27.26 76.33 -39.28
CA ALA I 282 -28.52 76.35 -38.55
C ALA I 282 -28.55 77.53 -37.57
N LEU I 283 -27.46 77.71 -36.83
CA LEU I 283 -27.34 78.79 -35.87
C LEU I 283 -27.45 80.18 -36.51
N SER I 284 -26.90 80.34 -37.71
CA SER I 284 -26.96 81.62 -38.41
C SER I 284 -28.41 81.97 -38.78
N LEU I 285 -29.14 80.99 -39.29
CA LEU I 285 -30.53 81.17 -39.68
C LEU I 285 -31.39 81.62 -38.48
N LEU I 286 -30.96 81.25 -37.28
CA LEU I 286 -31.71 81.61 -36.09
C LEU I 286 -31.12 82.71 -35.24
N GLY I 287 -30.42 83.65 -35.87
CA GLY I 287 -29.90 84.79 -35.13
C GLY I 287 -28.46 84.95 -34.68
N LYS I 288 -27.62 83.91 -34.79
CA LYS I 288 -26.23 84.08 -34.37
C LYS I 288 -25.54 85.08 -35.27
N ARG I 289 -24.98 86.12 -34.66
CA ARG I 289 -24.30 87.20 -35.37
C ARG I 289 -22.95 87.47 -34.74
N ILE I 290 -22.00 87.96 -35.54
CA ILE I 290 -20.66 88.30 -35.09
C ILE I 290 -20.82 89.47 -34.12
N PHE I 291 -21.40 90.54 -34.64
CA PHE I 291 -21.67 91.74 -33.88
C PHE I 291 -23.06 91.53 -33.29
N GLU J 2 14.74 22.33 -25.66
CA GLU J 2 14.76 22.61 -24.19
C GLU J 2 14.11 21.52 -23.32
N ARG J 3 13.17 20.78 -23.89
CA ARG J 3 12.50 19.70 -23.16
C ARG J 3 12.61 18.37 -23.92
N VAL J 4 13.32 17.40 -23.32
CA VAL J 4 13.52 16.11 -23.97
C VAL J 4 12.95 14.92 -23.17
N ALA J 5 12.50 13.92 -23.91
CA ALA J 5 11.93 12.69 -23.33
C ALA J 5 12.58 11.48 -23.99
N VAL J 6 13.21 10.62 -23.18
CA VAL J 6 13.87 9.43 -23.71
C VAL J 6 13.12 8.16 -23.26
N VAL J 7 12.76 7.28 -24.21
CA VAL J 7 12.04 6.06 -23.83
C VAL J 7 12.59 4.74 -24.41
N GLY J 8 12.51 3.67 -23.62
CA GLY J 8 13.05 2.39 -24.08
C GLY J 8 12.08 1.27 -24.43
N VAL J 9 12.29 0.68 -25.61
CA VAL J 9 11.48 -0.44 -26.10
C VAL J 9 12.47 -1.62 -26.19
N PRO J 10 12.69 -2.33 -25.08
CA PRO J 10 13.62 -3.46 -25.03
C PRO J 10 12.97 -4.64 -25.76
N MET J 11 12.85 -4.53 -27.08
CA MET J 11 12.18 -5.54 -27.87
C MET J 11 13.00 -6.36 -28.85
N ASP J 12 13.01 -7.67 -28.61
CA ASP J 12 13.66 -8.64 -29.49
C ASP J 12 12.56 -9.64 -29.91
N LEU J 13 12.05 -9.50 -31.14
CA LEU J 13 10.99 -10.39 -31.63
C LEU J 13 11.15 -10.80 -33.11
N GLY J 19 19.77 -10.66 -29.09
CA GLY J 19 20.78 -9.61 -28.98
C GLY J 19 20.24 -8.21 -28.70
N VAL J 20 19.52 -7.62 -29.65
CA VAL J 20 18.97 -6.26 -29.57
C VAL J 20 18.12 -5.87 -28.36
N ASP J 21 17.48 -6.82 -27.69
CA ASP J 21 16.64 -6.46 -26.57
C ASP J 21 17.41 -5.73 -25.47
N MET J 22 18.74 -5.66 -25.57
CA MET J 22 19.55 -4.98 -24.56
C MET J 22 19.94 -3.56 -24.96
N GLY J 23 19.66 -3.20 -26.20
CA GLY J 23 20.00 -1.88 -26.72
C GLY J 23 19.54 -0.71 -25.87
N PRO J 24 18.33 -0.76 -25.28
CA PRO J 24 18.00 0.41 -24.47
C PRO J 24 19.09 0.55 -23.41
N SER J 25 19.34 -0.51 -22.66
CA SER J 25 20.35 -0.47 -21.61
C SER J 25 21.74 0.01 -21.94
N ALA J 26 22.30 -0.45 -23.05
CA ALA J 26 23.65 -0.03 -23.40
C ALA J 26 23.66 1.46 -23.69
N LEU J 27 22.62 1.93 -24.36
CA LEU J 27 22.48 3.32 -24.73
C LEU J 27 22.46 4.20 -23.49
N ARG J 28 21.79 3.73 -22.45
CA ARG J 28 21.72 4.45 -21.21
C ARG J 28 23.04 4.46 -20.44
N TYR J 29 23.76 3.34 -20.46
CA TYR J 29 25.03 3.28 -19.76
C TYR J 29 26.09 4.05 -20.53
N ALA J 30 25.74 4.46 -21.74
CA ALA J 30 26.66 5.26 -22.55
C ALA J 30 26.40 6.69 -22.14
N ARG J 31 25.75 6.82 -20.99
CA ARG J 31 25.38 8.09 -20.40
C ARG J 31 24.75 9.05 -21.39
N LEU J 32 23.62 8.62 -21.95
CA LEU J 32 22.85 9.41 -22.91
C LEU J 32 22.16 10.57 -22.17
N LEU J 33 21.40 10.23 -21.15
CA LEU J 33 20.69 11.24 -20.36
C LEU J 33 21.54 12.43 -19.90
N GLU J 34 22.67 12.13 -19.27
CA GLU J 34 23.55 13.15 -18.70
C GLU J 34 24.22 14.06 -19.73
N GLN J 35 24.56 13.53 -20.89
CA GLN J 35 25.20 14.37 -21.89
C GLN J 35 24.18 15.31 -22.51
N LEU J 36 22.91 14.92 -22.46
CA LEU J 36 21.85 15.73 -23.03
C LEU J 36 21.63 16.85 -22.04
N GLU J 37 21.83 16.55 -20.76
CA GLU J 37 21.71 17.57 -19.71
C GLU J 37 22.87 18.52 -19.99
N ASP J 38 24.06 17.95 -20.13
CA ASP J 38 25.26 18.73 -20.39
C ASP J 38 25.00 19.65 -21.55
N LEU J 39 24.20 19.17 -22.49
CA LEU J 39 23.89 19.94 -23.69
C LEU J 39 22.96 21.11 -23.42
N GLY J 40 22.22 21.04 -22.32
CA GLY J 40 21.31 22.13 -21.96
C GLY J 40 19.87 21.69 -21.73
N TYR J 41 19.54 20.47 -22.14
CA TYR J 41 18.19 19.95 -22.00
C TYR J 41 17.77 19.51 -20.61
N THR J 42 16.46 19.51 -20.40
CA THR J 42 15.87 19.08 -19.14
C THR J 42 15.30 17.72 -19.57
N VAL J 43 16.06 16.68 -19.27
CA VAL J 43 15.71 15.31 -19.71
C VAL J 43 14.94 14.41 -18.76
N GLU J 44 13.88 13.81 -19.29
CA GLU J 44 13.04 12.88 -18.52
C GLU J 44 13.14 11.45 -19.06
N ASP J 45 13.41 10.51 -18.17
CA ASP J 45 13.53 9.10 -18.54
C ASP J 45 12.21 8.38 -18.21
N LEU J 46 11.48 7.94 -19.23
CA LEU J 46 10.19 7.29 -18.98
C LEU J 46 10.18 5.78 -18.78
N GLY J 47 11.35 5.16 -18.73
CA GLY J 47 11.42 3.69 -18.58
C GLY J 47 11.27 2.90 -19.87
N ASP J 48 10.78 1.67 -19.75
CA ASP J 48 10.62 0.83 -20.93
C ASP J 48 9.22 0.28 -21.16
N VAL J 49 8.77 0.35 -22.42
CA VAL J 49 7.46 -0.17 -22.79
C VAL J 49 7.41 -1.70 -22.71
N PRO J 50 6.48 -2.22 -21.90
CA PRO J 50 6.33 -3.67 -21.72
C PRO J 50 6.44 -4.45 -23.02
N VAL J 51 7.05 -5.63 -22.93
CA VAL J 51 7.20 -6.50 -24.10
C VAL J 51 7.38 -7.95 -23.68
N SER J 52 6.35 -8.77 -23.92
CA SER J 52 6.40 -10.21 -23.60
C SER J 52 7.14 -10.99 -24.71
N LEU J 64 4.45 -12.20 -40.59
CA LEU J 64 3.81 -13.32 -39.91
C LEU J 64 4.21 -13.39 -38.43
N ALA J 65 5.26 -14.17 -38.17
CA ALA J 65 5.79 -14.37 -36.81
C ALA J 65 5.76 -13.17 -35.85
N TYR J 66 5.24 -13.42 -34.64
CA TYR J 66 5.14 -12.43 -33.56
C TYR J 66 4.29 -11.17 -33.78
N LEU J 67 4.12 -10.79 -35.04
CA LEU J 67 3.33 -9.63 -35.46
C LEU J 67 2.29 -9.10 -34.48
N GLU J 68 1.50 -9.99 -33.88
CA GLU J 68 0.50 -9.55 -32.91
C GLU J 68 1.19 -8.82 -31.76
N GLU J 69 2.05 -9.54 -31.04
CA GLU J 69 2.77 -9.00 -29.89
C GLU J 69 3.46 -7.66 -30.21
N ILE J 70 3.89 -7.49 -31.44
CA ILE J 70 4.52 -6.24 -31.84
C ILE J 70 3.47 -5.15 -31.67
N ARG J 71 2.43 -5.18 -32.49
CA ARG J 71 1.34 -4.21 -32.44
C ARG J 71 1.04 -3.92 -30.97
N ALA J 72 0.89 -5.01 -30.20
CA ALA J 72 0.63 -4.93 -28.78
C ALA J 72 1.66 -3.96 -28.20
N ALA J 73 2.93 -4.32 -28.37
CA ALA J 73 4.05 -3.50 -27.93
C ALA J 73 4.00 -2.09 -28.56
N ALA J 74 4.16 -2.05 -29.88
CA ALA J 74 4.18 -0.82 -30.68
C ALA J 74 3.18 0.30 -30.29
N LEU J 75 1.89 -0.05 -30.19
CA LEU J 75 0.86 0.95 -29.84
C LEU J 75 0.99 1.49 -28.40
N VAL J 76 1.50 0.67 -27.48
CA VAL J 76 1.71 1.11 -26.10
C VAL J 76 2.65 2.30 -26.22
N LEU J 77 3.43 2.29 -27.31
CA LEU J 77 4.41 3.33 -27.63
C LEU J 77 3.80 4.49 -28.43
N LYS J 78 3.36 4.23 -29.67
CA LYS J 78 2.76 5.26 -30.51
C LYS J 78 1.91 6.11 -29.59
N GLU J 79 1.13 5.41 -28.77
CA GLU J 79 0.27 6.06 -27.83
C GLU J 79 1.06 6.99 -26.91
N ARG J 80 1.89 6.40 -26.04
CA ARG J 80 2.65 7.20 -25.08
C ARG J 80 3.34 8.42 -25.69
N LEU J 81 3.95 8.27 -26.87
CA LEU J 81 4.60 9.40 -27.50
C LEU J 81 3.55 10.46 -27.84
N ALA J 82 2.35 9.98 -28.20
CA ALA J 82 1.24 10.85 -28.56
C ALA J 82 0.68 11.63 -27.38
N ALA J 83 0.70 11.03 -26.19
CA ALA J 83 0.18 11.70 -24.99
C ALA J 83 1.12 12.83 -24.53
N LEU J 84 2.41 12.72 -24.86
CA LEU J 84 3.36 13.75 -24.46
C LEU J 84 2.89 15.16 -24.80
N PRO J 85 3.21 16.14 -23.93
CA PRO J 85 2.85 17.54 -24.15
C PRO J 85 3.40 17.87 -25.52
N GLU J 86 2.95 18.95 -26.14
CA GLU J 86 3.53 19.31 -27.42
C GLU J 86 4.82 20.06 -27.12
N GLY J 87 5.80 19.95 -28.02
CA GLY J 87 7.07 20.62 -27.81
C GLY J 87 8.13 19.84 -27.05
N VAL J 88 7.75 18.68 -26.52
CA VAL J 88 8.68 17.79 -25.81
C VAL J 88 9.33 16.87 -26.84
N PHE J 89 10.65 17.00 -27.00
CA PHE J 89 11.41 16.17 -27.96
C PHE J 89 11.52 14.73 -27.45
N PRO J 90 11.13 13.76 -28.30
CA PRO J 90 11.18 12.34 -27.97
C PRO J 90 12.27 11.57 -28.71
N ILE J 91 12.96 10.71 -27.95
CA ILE J 91 14.05 9.86 -28.43
C ILE J 91 13.78 8.43 -27.95
N VAL J 92 13.34 7.56 -28.85
CA VAL J 92 13.09 6.18 -28.47
C VAL J 92 14.39 5.35 -28.44
N LEU J 93 14.58 4.60 -27.36
CA LEU J 93 15.75 3.73 -27.23
C LEU J 93 15.42 2.39 -27.83
N GLY J 94 16.05 2.13 -28.97
CA GLY J 94 15.78 0.92 -29.70
C GLY J 94 16.41 -0.44 -29.49
N GLY J 95 15.62 -1.39 -29.97
CA GLY J 95 15.93 -2.80 -30.01
C GLY J 95 15.60 -3.09 -31.46
N ASP J 96 14.47 -3.76 -31.70
CA ASP J 96 14.07 -4.04 -33.08
C ASP J 96 13.65 -2.76 -33.76
N HIS J 97 14.12 -2.59 -35.00
CA HIS J 97 13.81 -1.40 -35.80
C HIS J 97 12.32 -1.33 -36.07
N SER J 98 11.59 -2.33 -35.57
CA SER J 98 10.14 -2.42 -35.73
C SER J 98 9.38 -1.47 -34.81
N LEU J 99 10.07 -0.83 -33.88
CA LEU J 99 9.38 0.08 -33.02
C LEU J 99 9.04 1.35 -33.79
N SER J 100 9.85 1.71 -34.79
CA SER J 100 9.61 2.92 -35.57
C SER J 100 8.15 3.06 -36.01
N MET J 101 7.44 1.94 -36.15
CA MET J 101 6.05 1.98 -36.53
C MET J 101 5.34 2.78 -35.44
N GLY J 102 5.33 2.23 -34.24
CA GLY J 102 4.69 2.90 -33.14
C GLY J 102 5.30 4.25 -32.83
N SER J 103 6.61 4.42 -33.05
CA SER J 103 7.27 5.68 -32.72
C SER J 103 6.94 6.81 -33.70
N VAL J 104 7.07 6.55 -34.99
CA VAL J 104 6.77 7.58 -35.98
C VAL J 104 5.27 7.84 -35.95
N ALA J 105 4.53 6.81 -35.58
CA ALA J 105 3.09 6.96 -35.50
C ALA J 105 2.85 8.01 -34.40
N GLY J 106 3.12 7.61 -33.17
CA GLY J 106 2.88 8.47 -32.03
C GLY J 106 3.53 9.84 -32.04
N ALA J 107 4.71 9.96 -32.64
CA ALA J 107 5.42 11.25 -32.64
C ALA J 107 4.92 12.31 -33.62
N ALA J 108 4.28 11.87 -34.70
CA ALA J 108 3.80 12.80 -35.71
C ALA J 108 2.62 13.63 -35.20
N ARG J 109 1.93 13.11 -34.18
CA ARG J 109 0.75 13.77 -33.61
C ARG J 109 -0.18 14.34 -34.69
N GLY J 110 -0.87 13.43 -35.38
CA GLY J 110 -1.81 13.83 -36.42
C GLY J 110 -1.16 14.59 -37.56
N ARG J 111 -0.07 15.28 -37.27
CA ARG J 111 0.65 16.07 -38.26
C ARG J 111 1.45 15.27 -39.30
N ARG J 112 1.69 15.91 -40.43
CA ARG J 112 2.45 15.36 -41.55
C ARG J 112 3.94 15.64 -41.32
N VAL J 113 4.75 14.59 -41.29
CA VAL J 113 6.17 14.79 -41.05
C VAL J 113 7.07 14.20 -42.12
N GLY J 114 8.30 14.69 -42.15
CA GLY J 114 9.30 14.19 -43.07
C GLY J 114 10.04 13.11 -42.31
N VAL J 115 10.45 12.05 -42.99
CA VAL J 115 11.16 10.94 -42.36
C VAL J 115 12.56 10.71 -42.95
N VAL J 116 13.59 10.89 -42.13
CA VAL J 116 14.93 10.65 -42.59
C VAL J 116 15.20 9.25 -42.05
N TRP J 117 15.34 8.29 -42.94
CA TRP J 117 15.59 6.91 -42.52
C TRP J 117 17.04 6.52 -42.81
N VAL J 118 17.83 6.43 -41.76
CA VAL J 118 19.23 6.09 -41.88
C VAL J 118 19.43 4.66 -41.38
N ASP J 119 19.37 3.72 -42.32
CA ASP J 119 19.52 2.29 -42.04
C ASP J 119 20.37 1.85 -43.22
N ALA J 120 20.86 0.62 -43.19
CA ALA J 120 21.65 0.09 -44.29
C ALA J 120 20.63 -0.62 -45.15
N HIS J 121 19.48 -0.93 -44.53
CA HIS J 121 18.38 -1.60 -45.21
C HIS J 121 17.23 -0.61 -45.28
N ALA J 122 16.22 -0.92 -46.09
CA ALA J 122 15.08 -0.02 -46.22
C ALA J 122 14.02 -0.45 -45.22
N ASP J 123 14.18 -1.65 -44.65
CA ASP J 123 13.24 -2.20 -43.67
C ASP J 123 11.85 -1.89 -44.21
N PHE J 124 11.80 -1.90 -45.54
CA PHE J 124 10.65 -1.57 -46.38
C PHE J 124 10.21 -2.78 -47.23
N ASN J 125 9.82 -3.86 -46.56
CA ASN J 125 9.38 -5.05 -47.25
C ASN J 125 7.91 -5.32 -46.95
N THR J 126 7.27 -6.04 -47.85
CA THR J 126 5.87 -6.42 -47.67
C THR J 126 5.82 -7.94 -47.48
N PRO J 127 4.83 -8.44 -46.73
CA PRO J 127 4.68 -9.87 -46.46
C PRO J 127 5.09 -10.84 -47.58
N GLU J 128 4.75 -10.51 -48.82
CA GLU J 128 5.05 -11.37 -49.98
C GLU J 128 6.55 -11.50 -50.26
N THR J 129 7.21 -10.35 -50.23
CA THR J 129 8.64 -10.21 -50.51
C THR J 129 9.65 -10.51 -49.39
N SER J 130 9.16 -10.94 -48.21
CA SER J 130 10.01 -11.28 -47.05
C SER J 130 10.08 -10.14 -46.03
N SER J 132 12.69 -13.92 -45.38
CA SER J 132 12.95 -13.88 -43.95
C SER J 132 11.65 -13.70 -43.18
N GLY J 133 10.66 -13.10 -43.83
CA GLY J 133 9.36 -12.85 -43.22
C GLY J 133 9.54 -12.29 -41.80
N ASN J 134 10.47 -11.34 -41.66
CA ASN J 134 10.76 -10.71 -40.37
C ASN J 134 10.06 -9.38 -40.35
N VAL J 135 9.24 -9.17 -39.30
CA VAL J 135 8.47 -7.93 -39.17
C VAL J 135 9.31 -6.65 -39.30
N HIS J 136 10.49 -6.63 -38.68
CA HIS J 136 11.36 -5.46 -38.76
C HIS J 136 12.08 -5.34 -40.07
N GLY J 137 11.71 -6.17 -41.04
CA GLY J 137 12.30 -6.05 -42.37
C GLY J 137 11.28 -5.20 -43.10
N MET J 138 10.27 -4.78 -42.31
CA MET J 138 9.12 -4.04 -42.81
C MET J 138 8.57 -2.85 -42.01
N PRO J 139 9.39 -2.04 -41.32
CA PRO J 139 8.50 -1.03 -40.70
C PRO J 139 8.19 0.20 -41.58
N LEU J 140 9.14 0.60 -42.43
CA LEU J 140 8.91 1.76 -43.28
C LEU J 140 7.72 1.45 -44.20
N ALA J 141 7.74 0.27 -44.83
CA ALA J 141 6.66 -0.15 -45.72
C ALA J 141 5.33 0.11 -45.02
N VAL J 142 5.16 -0.50 -43.86
CA VAL J 142 3.95 -0.31 -43.05
C VAL J 142 3.57 1.17 -42.99
N LEU J 143 4.45 1.96 -42.39
CA LEU J 143 4.26 3.41 -42.21
C LEU J 143 3.83 4.16 -43.48
N SER J 144 4.38 3.73 -44.62
CA SER J 144 4.03 4.31 -45.92
C SER J 144 2.77 3.64 -46.51
N GLY J 145 1.93 3.08 -45.61
CA GLY J 145 0.69 2.44 -46.00
C GLY J 145 0.74 1.06 -46.65
N LEU J 146 1.93 0.52 -46.88
CA LEU J 146 2.03 -0.80 -47.49
C LEU J 146 2.35 -1.93 -46.52
N GLY J 147 1.73 -3.09 -46.75
CA GLY J 147 1.96 -4.24 -45.89
C GLY J 147 0.74 -4.77 -45.16
N HIS J 148 0.96 -5.80 -44.34
CA HIS J 148 -0.14 -6.40 -43.60
C HIS J 148 -1.03 -5.36 -42.91
N PRO J 149 -2.35 -5.43 -43.18
CA PRO J 149 -3.43 -4.57 -42.67
C PRO J 149 -3.43 -4.22 -41.17
N ARG J 150 -3.33 -5.23 -40.30
CA ARG J 150 -3.34 -5.01 -38.85
C ARG J 150 -2.28 -4.00 -38.36
N LEU J 151 -1.33 -3.69 -39.22
CA LEU J 151 -0.30 -2.72 -38.86
C LEU J 151 -0.64 -1.38 -39.50
N THR J 152 -0.74 -1.36 -40.83
CA THR J 152 -1.07 -0.14 -41.57
C THR J 152 -2.37 0.46 -41.03
N GLU J 153 -3.24 -0.39 -40.53
CA GLU J 153 -4.49 0.11 -40.01
C GLU J 153 -4.24 0.96 -38.76
N VAL J 154 -3.09 0.78 -38.11
CA VAL J 154 -2.81 1.55 -36.88
C VAL J 154 -1.46 2.26 -36.75
N PHE J 155 -0.60 2.09 -37.75
CA PHE J 155 0.71 2.76 -37.72
C PHE J 155 1.02 3.51 -39.02
N ARG J 156 0.21 3.32 -40.06
CA ARG J 156 0.45 4.03 -41.30
C ARG J 156 0.42 5.50 -40.93
N ALA J 157 1.35 6.28 -41.45
CA ALA J 157 1.36 7.70 -41.13
C ALA J 157 2.39 8.54 -41.88
N VAL J 158 2.42 8.42 -43.20
CA VAL J 158 3.34 9.25 -43.97
C VAL J 158 3.26 9.04 -45.47
N ASP J 159 3.64 10.07 -46.21
CA ASP J 159 3.61 10.04 -47.65
C ASP J 159 4.92 9.54 -48.25
N PRO J 160 4.90 8.34 -48.88
CA PRO J 160 6.07 7.75 -49.52
C PRO J 160 6.89 8.77 -50.31
N LYS J 161 6.36 9.99 -50.41
CA LYS J 161 7.05 11.05 -51.10
C LYS J 161 7.83 11.87 -50.06
N ASP J 162 7.26 12.07 -48.87
CA ASP J 162 7.97 12.79 -47.81
C ASP J 162 8.78 11.77 -46.99
N VAL J 163 9.75 11.11 -47.64
CA VAL J 163 10.61 10.09 -47.01
C VAL J 163 11.92 9.91 -47.78
N VAL J 164 13.04 9.97 -47.05
CA VAL J 164 14.35 9.79 -47.67
C VAL J 164 15.14 8.76 -46.88
N LEU J 165 15.59 7.74 -47.59
CA LEU J 165 16.42 6.69 -47.02
C LEU J 165 17.83 7.17 -47.30
N VAL J 166 18.70 7.08 -46.30
CA VAL J 166 20.10 7.50 -46.49
C VAL J 166 21.02 6.46 -45.87
N GLY J 167 22.06 6.11 -46.61
CA GLY J 167 23.03 5.14 -46.12
C GLY J 167 22.85 3.77 -46.75
N VAL J 168 21.58 3.44 -46.99
CA VAL J 168 21.17 2.18 -47.59
C VAL J 168 22.23 1.49 -48.42
N ARG J 169 22.41 0.20 -48.19
CA ARG J 169 23.39 -0.55 -48.95
C ARG J 169 23.01 -2.03 -49.19
N SER J 170 21.83 -2.44 -48.73
CA SER J 170 21.35 -3.83 -48.89
C SER J 170 19.84 -3.87 -49.14
N LEU J 171 19.45 -4.45 -50.28
CA LEU J 171 18.06 -4.51 -50.69
C LEU J 171 17.64 -5.88 -51.25
N ASP J 172 16.42 -6.29 -50.93
CA ASP J 172 15.82 -7.52 -51.46
C ASP J 172 15.17 -7.08 -52.79
N PRO J 173 15.18 -7.95 -53.82
CA PRO J 173 14.60 -7.61 -55.13
C PRO J 173 13.23 -6.94 -55.04
N GLY J 174 12.36 -7.48 -54.19
CA GLY J 174 11.02 -6.91 -54.01
C GLY J 174 11.05 -5.45 -53.59
N GLU J 175 11.82 -5.16 -52.54
CA GLU J 175 11.94 -3.80 -52.03
C GLU J 175 12.22 -2.85 -53.17
N LYS J 176 13.28 -3.12 -53.92
CA LYS J 176 13.64 -2.27 -55.04
C LYS J 176 12.36 -1.79 -55.73
N ARG J 177 11.62 -2.75 -56.31
CA ARG J 177 10.34 -2.45 -56.97
C ARG J 177 9.49 -1.60 -56.01
N LEU J 178 8.96 -2.26 -54.99
CA LEU J 178 8.12 -1.66 -53.96
C LEU J 178 8.45 -0.22 -53.57
N LEU J 179 9.73 0.11 -53.49
CA LEU J 179 10.14 1.48 -53.17
C LEU J 179 9.86 2.27 -54.43
N LYS J 180 10.49 1.87 -55.53
CA LYS J 180 10.28 2.53 -56.82
C LYS J 180 8.80 2.71 -57.11
N GLU J 181 8.01 1.69 -56.79
CA GLU J 181 6.57 1.79 -56.99
C GLU J 181 6.09 3.03 -56.24
N ALA J 182 6.02 2.95 -54.91
CA ALA J 182 5.56 4.08 -54.10
C ALA J 182 6.53 5.27 -54.12
N GLY J 183 7.31 5.36 -55.20
CA GLY J 183 8.26 6.46 -55.41
C GLY J 183 9.07 7.07 -54.28
N VAL J 184 9.70 6.23 -53.45
CA VAL J 184 10.51 6.70 -52.32
C VAL J 184 11.86 7.23 -52.81
N ARG J 185 12.36 8.27 -52.13
CA ARG J 185 13.65 8.87 -52.44
C ARG J 185 14.72 8.01 -51.71
N VAL J 186 15.80 7.66 -52.41
CA VAL J 186 16.84 6.79 -51.85
C VAL J 186 18.27 7.18 -52.19
N TYR J 187 19.11 7.26 -51.16
CA TYR J 187 20.51 7.62 -51.32
C TYR J 187 21.48 6.52 -50.91
N THR J 188 21.59 5.48 -51.72
CA THR J 188 22.45 4.36 -51.41
C THR J 188 23.90 4.80 -51.29
N MET J 189 24.72 3.99 -50.60
CA MET J 189 26.12 4.28 -50.42
C MET J 189 26.78 4.70 -51.73
N HIS J 190 26.14 4.37 -52.86
CA HIS J 190 26.69 4.74 -54.15
C HIS J 190 26.54 6.23 -54.33
N GLU J 191 25.36 6.74 -54.01
CA GLU J 191 25.09 8.18 -54.07
C GLU J 191 26.03 8.87 -53.09
N VAL J 192 26.12 8.31 -51.88
CA VAL J 192 27.01 8.84 -50.86
C VAL J 192 28.40 8.93 -51.48
N ASP J 193 28.96 7.81 -51.91
CA ASP J 193 30.29 7.85 -52.49
C ASP J 193 30.36 8.84 -53.65
N ARG J 194 29.21 9.08 -54.30
CA ARG J 194 29.14 9.94 -55.48
C ARG J 194 29.02 11.45 -55.22
N LEU J 195 27.94 11.87 -54.58
CA LEU J 195 27.71 13.28 -54.33
C LEU J 195 28.42 13.94 -53.16
N GLY J 196 28.93 13.14 -52.24
CA GLY J 196 29.53 13.67 -51.02
C GLY J 196 28.39 14.01 -50.05
N VAL J 197 28.45 13.48 -48.84
CA VAL J 197 27.42 13.67 -47.80
C VAL J 197 26.86 15.09 -47.67
N ALA J 198 27.72 16.09 -47.84
CA ALA J 198 27.29 17.49 -47.72
C ALA J 198 26.06 17.82 -48.58
N ARG J 199 26.08 17.41 -49.84
CA ARG J 199 24.95 17.69 -50.69
C ARG J 199 23.77 16.79 -50.41
N ILE J 200 24.04 15.52 -50.17
CA ILE J 200 22.95 14.59 -49.93
C ILE J 200 22.08 15.17 -48.84
N ALA J 201 22.73 15.63 -47.77
CA ALA J 201 22.05 16.23 -46.64
C ALA J 201 21.20 17.40 -47.14
N GLU J 202 21.79 18.27 -47.97
CA GLU J 202 21.08 19.42 -48.54
C GLU J 202 19.84 18.95 -49.32
N GLU J 203 20.09 18.19 -50.38
CA GLU J 203 19.03 17.65 -51.21
C GLU J 203 17.90 17.05 -50.37
N VAL J 204 18.25 16.49 -49.20
CA VAL J 204 17.28 15.87 -48.30
C VAL J 204 16.27 16.92 -47.87
N LEU J 205 16.78 18.02 -47.33
CA LEU J 205 15.96 19.13 -46.85
C LEU J 205 15.11 19.70 -48.00
N LYS J 206 15.76 20.09 -49.10
CA LYS J 206 15.02 20.60 -50.24
C LYS J 206 13.86 19.62 -50.51
N HIS J 207 14.22 18.36 -50.72
CA HIS J 207 13.25 17.32 -51.01
C HIS J 207 12.18 17.13 -49.92
N LEU J 208 12.47 17.54 -48.69
CA LEU J 208 11.47 17.42 -47.61
C LEU J 208 11.28 18.77 -46.93
N GLN J 209 11.60 19.83 -47.68
CA GLN J 209 11.52 21.20 -47.19
C GLN J 209 10.15 21.55 -46.61
N GLY J 210 10.17 22.49 -45.67
CA GLY J 210 8.95 22.95 -45.04
C GLY J 210 8.22 21.93 -44.19
N LEU J 211 8.88 20.84 -43.87
CA LEU J 211 8.28 19.82 -43.02
C LEU J 211 9.02 19.69 -41.70
N PRO J 212 8.35 19.19 -40.65
CA PRO J 212 8.96 19.00 -39.34
C PRO J 212 9.59 17.60 -39.50
N LEU J 213 10.74 17.33 -38.90
CA LEU J 213 11.34 16.01 -39.14
C LEU J 213 11.51 15.05 -37.99
N HIS J 214 11.32 13.79 -38.34
CA HIS J 214 11.49 12.69 -37.41
C HIS J 214 12.62 11.82 -37.97
N VAL J 215 13.68 11.68 -37.19
CA VAL J 215 14.84 10.90 -37.60
C VAL J 215 14.92 9.52 -36.96
N SER J 216 15.17 8.50 -37.77
CA SER J 216 15.30 7.15 -37.26
C SER J 216 16.72 6.69 -37.58
N LEU J 217 17.40 6.09 -36.59
CA LEU J 217 18.79 5.66 -36.80
C LEU J 217 19.14 4.21 -36.45
N ASP J 218 19.26 3.39 -37.50
CA ASP J 218 19.61 1.98 -37.34
C ASP J 218 21.13 2.06 -37.28
N ALA J 219 21.73 1.43 -36.27
CA ALA J 219 23.17 1.47 -36.14
C ALA J 219 23.84 0.73 -37.29
N ASP J 220 23.11 -0.21 -37.90
CA ASP J 220 23.66 -0.99 -39.02
C ASP J 220 24.17 -0.10 -40.17
N VAL J 221 24.00 1.21 -40.03
CA VAL J 221 24.40 2.17 -41.06
C VAL J 221 25.86 2.63 -41.02
N LEU J 222 26.53 2.42 -39.90
CA LEU J 222 27.94 2.79 -39.75
C LEU J 222 28.79 1.63 -40.25
N ASP J 223 29.90 1.93 -40.89
CA ASP J 223 30.75 0.82 -41.34
C ASP J 223 30.93 -0.03 -40.09
N PRO J 224 30.76 -1.35 -40.23
CA PRO J 224 30.90 -2.26 -39.10
C PRO J 224 32.31 -2.31 -38.50
N THR J 225 33.22 -1.50 -39.03
CA THR J 225 34.57 -1.41 -38.50
C THR J 225 34.37 -0.44 -37.36
N LEU J 226 33.43 0.46 -37.58
CA LEU J 226 33.09 1.51 -36.65
C LEU J 226 32.12 1.03 -35.56
N ALA J 227 31.07 0.32 -35.98
CA ALA J 227 30.03 -0.18 -35.08
C ALA J 227 29.80 -1.65 -35.40
N PRO J 228 30.46 -2.53 -34.65
CA PRO J 228 30.34 -3.97 -34.85
C PRO J 228 29.13 -4.57 -34.18
N GLY J 229 28.65 -3.89 -33.15
CA GLY J 229 27.53 -4.37 -32.34
C GLY J 229 26.16 -4.16 -32.95
N VAL J 230 25.99 -4.56 -34.20
CA VAL J 230 24.71 -4.42 -34.87
C VAL J 230 24.25 -5.79 -35.34
N GLY J 231 22.95 -6.05 -35.19
CA GLY J 231 22.40 -7.33 -35.63
C GLY J 231 22.83 -7.72 -37.04
N THR J 232 22.55 -6.84 -38.02
CA THR J 232 22.92 -7.14 -39.40
C THR J 232 24.00 -6.21 -39.95
N PRO J 233 25.24 -6.72 -40.04
CA PRO J 233 26.44 -6.02 -40.54
C PRO J 233 26.60 -6.12 -42.04
N VAL J 234 26.64 -4.97 -42.72
CA VAL J 234 26.83 -4.96 -44.16
C VAL J 234 28.09 -4.17 -44.38
N PRO J 235 29.01 -4.66 -45.20
CA PRO J 235 30.25 -3.91 -45.43
C PRO J 235 30.06 -2.47 -45.94
N GLY J 236 31.17 -1.74 -46.03
CA GLY J 236 31.20 -0.36 -46.49
C GLY J 236 30.12 0.63 -46.12
N GLY J 237 30.01 1.00 -44.84
CA GLY J 237 29.02 1.99 -44.43
C GLY J 237 29.65 3.36 -44.18
N LEU J 238 28.91 4.23 -43.53
CA LEU J 238 29.37 5.59 -43.24
C LEU J 238 30.61 5.64 -42.35
N THR J 239 31.32 6.76 -42.44
CA THR J 239 32.52 6.96 -41.64
C THR J 239 32.04 7.62 -40.36
N TYR J 240 32.86 7.59 -39.31
CA TYR J 240 32.50 8.21 -38.04
C TYR J 240 32.11 9.66 -38.32
N ARG J 241 33.03 10.37 -38.96
CA ARG J 241 32.83 11.78 -39.29
C ARG J 241 31.55 12.08 -40.09
N GLU J 242 31.35 11.37 -41.20
CA GLU J 242 30.14 11.54 -42.00
C GLU J 242 28.90 11.49 -41.10
N ALA J 243 28.73 10.36 -40.42
CA ALA J 243 27.61 10.17 -39.51
C ALA J 243 27.29 11.44 -38.71
N HIS J 244 28.31 12.08 -38.16
CA HIS J 244 28.10 13.31 -37.41
C HIS J 244 27.71 14.46 -38.34
N LEU J 245 28.48 14.67 -39.41
CA LEU J 245 28.22 15.77 -40.33
C LEU J 245 26.76 15.94 -40.75
N LEU J 246 26.14 14.87 -41.25
CA LEU J 246 24.76 14.87 -41.68
C LEU J 246 23.81 15.23 -40.54
N MET J 247 24.16 14.77 -39.33
CA MET J 247 23.36 15.05 -38.14
C MET J 247 23.37 16.54 -37.87
N GLU J 248 24.55 17.14 -37.97
CA GLU J 248 24.74 18.57 -37.73
C GLU J 248 23.89 19.32 -38.75
N ILE J 249 24.05 18.95 -40.01
CA ILE J 249 23.30 19.58 -41.08
C ILE J 249 21.81 19.60 -40.76
N LEU J 250 21.28 18.45 -40.31
CA LEU J 250 19.86 18.36 -39.96
C LEU J 250 19.49 19.31 -38.84
N ALA J 251 20.41 19.54 -37.92
CA ALA J 251 20.14 20.42 -36.79
C ALA J 251 19.87 21.82 -37.35
N GLU J 252 20.80 22.33 -38.14
CA GLU J 252 20.66 23.64 -38.75
C GLU J 252 19.22 23.87 -39.25
N SER J 253 18.69 22.91 -40.00
CA SER J 253 17.34 23.04 -40.52
C SER J 253 16.40 23.49 -39.39
N GLY J 254 16.81 23.17 -38.17
CA GLY J 254 16.00 23.48 -36.99
C GLY J 254 14.73 22.66 -37.00
N ARG J 255 14.43 22.07 -38.16
CA ARG J 255 13.21 21.29 -38.32
C ARG J 255 13.15 19.89 -37.68
N VAL J 256 14.30 19.34 -37.30
CA VAL J 256 14.29 18.00 -36.68
C VAL J 256 13.42 18.05 -35.41
N GLN J 257 12.36 17.25 -35.37
CA GLN J 257 11.45 17.24 -34.22
C GLN J 257 11.53 15.99 -33.34
N SER J 258 11.80 14.84 -33.93
CA SER J 258 11.85 13.59 -33.17
C SER J 258 13.01 12.67 -33.55
N LEU J 259 13.29 11.66 -32.71
CA LEU J 259 14.39 10.73 -32.98
C LEU J 259 14.30 9.31 -32.42
N ASP J 260 14.73 8.33 -33.23
CA ASP J 260 14.77 6.91 -32.84
C ASP J 260 16.22 6.44 -32.90
N LEU J 261 16.67 5.74 -31.86
CA LEU J 261 18.02 5.16 -31.85
C LEU J 261 17.80 3.65 -31.78
N VAL J 262 18.08 2.95 -32.87
CA VAL J 262 17.81 1.51 -32.90
C VAL J 262 18.89 0.51 -33.28
N GLU J 263 18.57 -0.75 -32.99
CA GLU J 263 19.40 -1.90 -33.33
C GLU J 263 20.73 -2.08 -32.64
N VAL J 264 21.00 -1.33 -31.59
CA VAL J 264 22.26 -1.48 -30.88
C VAL J 264 22.21 -2.85 -30.19
N ASN J 265 23.19 -3.69 -30.45
CA ASN J 265 23.21 -5.01 -29.83
C ASN J 265 24.52 -5.31 -29.11
N PRO J 266 24.52 -5.28 -27.76
CA PRO J 266 25.71 -5.54 -26.93
C PRO J 266 26.38 -6.90 -27.20
N ILE J 267 25.61 -8.00 -27.10
CA ILE J 267 26.14 -9.36 -27.32
C ILE J 267 27.11 -9.44 -28.50
N LEU J 268 26.98 -8.52 -29.44
CA LEU J 268 27.87 -8.54 -30.60
C LEU J 268 28.78 -7.32 -30.69
N ASP J 269 28.68 -6.41 -29.73
CA ASP J 269 29.48 -5.19 -29.74
C ASP J 269 30.90 -5.36 -29.17
N GLU J 270 31.60 -4.25 -28.94
CA GLU J 270 32.92 -4.28 -28.36
C GLU J 270 33.09 -3.04 -27.49
N ARG J 271 33.31 -3.24 -26.20
CA ARG J 271 33.48 -2.11 -25.31
C ARG J 271 32.32 -1.14 -25.42
N ASN J 272 31.18 -1.64 -25.93
CA ASN J 272 29.95 -0.87 -26.10
C ASN J 272 30.16 0.42 -26.88
N ARG J 273 30.96 0.30 -27.95
CA ARG J 273 31.27 1.42 -28.83
C ARG J 273 30.12 1.81 -29.74
N THR J 274 29.36 0.83 -30.23
CA THR J 274 28.24 1.10 -31.11
C THR J 274 27.17 1.95 -30.40
N ALA J 275 26.97 1.68 -29.11
CA ALA J 275 26.02 2.46 -28.35
C ALA J 275 26.61 3.85 -28.21
N GLU J 276 27.80 3.88 -27.62
CA GLU J 276 28.53 5.12 -27.45
C GLU J 276 28.39 5.92 -28.73
N MET J 277 28.77 5.30 -29.83
CA MET J 277 28.65 5.92 -31.13
C MET J 277 27.31 6.67 -31.24
N LEU J 278 26.23 5.89 -31.24
CA LEU J 278 24.90 6.41 -31.38
C LEU J 278 24.53 7.56 -30.43
N VAL J 279 24.95 7.50 -29.17
CA VAL J 279 24.61 8.56 -28.25
C VAL J 279 25.31 9.86 -28.65
N GLY J 280 26.52 9.73 -29.19
CA GLY J 280 27.26 10.91 -29.63
C GLY J 280 26.53 11.51 -30.83
N LEU J 281 26.19 10.66 -31.80
CA LEU J 281 25.50 11.09 -33.02
C LEU J 281 24.19 11.78 -32.68
N ALA J 282 23.53 11.29 -31.64
CA ALA J 282 22.29 11.86 -31.16
C ALA J 282 22.65 13.26 -30.60
N LEU J 283 23.55 13.31 -29.61
CA LEU J 283 23.99 14.56 -29.03
C LEU J 283 24.19 15.64 -30.08
N SER J 284 24.61 15.22 -31.28
CA SER J 284 24.84 16.12 -32.39
C SER J 284 23.56 16.51 -33.13
N LEU J 285 22.66 15.54 -33.32
CA LEU J 285 21.42 15.85 -34.02
C LEU J 285 20.69 16.92 -33.24
N LEU J 286 20.83 16.85 -31.93
CA LEU J 286 20.18 17.80 -31.07
C LEU J 286 20.97 19.09 -30.79
N GLY J 287 22.06 19.33 -31.51
CA GLY J 287 22.78 20.58 -31.29
C GLY J 287 24.22 20.63 -30.78
N LYS J 288 24.80 19.49 -30.42
CA LYS J 288 26.20 19.46 -29.96
C LYS J 288 27.08 19.86 -31.13
N ARG J 289 28.05 20.74 -30.85
CA ARG J 289 28.96 21.22 -31.89
C ARG J 289 30.40 21.44 -31.40
N ILE J 290 31.34 21.46 -32.34
CA ILE J 290 32.73 21.72 -32.02
C ILE J 290 32.72 23.20 -31.64
N PHE J 291 32.39 24.05 -32.61
CA PHE J 291 32.34 25.50 -32.43
C PHE J 291 30.93 25.94 -32.02
N GLU K 2 28.70 -32.67 102.72
CA GLU K 2 28.37 -31.21 102.69
C GLU K 2 28.23 -30.59 101.28
N ARG K 3 28.94 -31.16 100.30
CA ARG K 3 28.87 -30.69 98.91
C ARG K 3 28.26 -31.76 98.01
N VAL K 4 27.35 -31.33 97.12
CA VAL K 4 26.71 -32.25 96.20
C VAL K 4 26.70 -31.74 94.77
N ALA K 5 26.99 -32.65 93.86
CA ALA K 5 27.03 -32.35 92.45
C ALA K 5 25.81 -32.97 91.74
N VAL K 6 25.15 -32.17 90.91
CA VAL K 6 24.01 -32.62 90.12
C VAL K 6 24.24 -32.29 88.65
N VAL K 7 24.29 -33.35 87.85
CA VAL K 7 24.47 -33.23 86.39
C VAL K 7 23.39 -34.09 85.73
N GLY K 8 22.66 -33.48 84.81
CA GLY K 8 21.62 -34.21 84.10
C GLY K 8 22.17 -34.87 82.85
N VAL K 9 21.48 -35.90 82.38
CA VAL K 9 21.87 -36.59 81.18
C VAL K 9 20.55 -36.77 80.42
N PRO K 10 19.98 -35.68 79.87
CA PRO K 10 18.72 -35.81 79.14
C PRO K 10 19.02 -36.60 77.87
N MET K 11 19.14 -37.91 78.03
CA MET K 11 19.43 -38.80 76.92
C MET K 11 18.26 -39.76 76.79
N ASP K 12 18.13 -40.35 75.61
CA ASP K 12 17.02 -41.24 75.33
C ASP K 12 17.26 -41.77 73.93
N LEU K 13 17.97 -42.88 73.83
CA LEU K 13 18.28 -43.45 72.52
C LEU K 13 18.12 -44.96 72.45
N GLY K 19 10.17 -40.40 75.91
CA GLY K 19 10.33 -39.05 76.44
C GLY K 19 11.12 -38.94 77.74
N VAL K 20 11.93 -39.96 78.05
CA VAL K 20 12.73 -39.98 79.28
C VAL K 20 13.76 -38.85 79.28
N ASP K 21 13.98 -38.28 78.10
CA ASP K 21 14.92 -37.18 77.93
C ASP K 21 14.34 -35.89 78.52
N MET K 22 13.36 -36.02 79.41
CA MET K 22 12.75 -34.85 80.07
C MET K 22 12.86 -35.04 81.59
N GLY K 23 13.32 -36.22 81.98
CA GLY K 23 13.51 -36.54 83.39
C GLY K 23 14.25 -35.44 84.15
N PRO K 24 15.44 -35.04 83.68
CA PRO K 24 16.18 -33.97 84.37
C PRO K 24 15.32 -32.75 84.72
N SER K 25 14.73 -32.09 83.72
CA SER K 25 13.89 -30.91 83.99
C SER K 25 12.87 -31.26 85.08
N ALA K 26 12.17 -32.37 84.86
CA ALA K 26 11.16 -32.86 85.77
C ALA K 26 11.70 -33.01 87.21
N LEU K 27 12.82 -33.71 87.36
CA LEU K 27 13.44 -33.91 88.66
C LEU K 27 13.88 -32.58 89.27
N ARG K 28 14.29 -31.65 88.42
CA ARG K 28 14.66 -30.36 88.94
C ARG K 28 13.40 -29.62 89.38
N TYR K 29 12.35 -29.70 88.58
CA TYR K 29 11.11 -29.04 88.93
C TYR K 29 10.48 -29.52 90.23
N ALA K 30 10.84 -30.72 90.65
CA ALA K 30 10.35 -31.33 91.89
C ALA K 30 11.24 -30.89 93.05
N ARG K 31 11.83 -29.71 92.87
CA ARG K 31 12.69 -29.05 93.85
C ARG K 31 13.76 -29.92 94.52
N LEU K 32 14.45 -30.71 93.69
CA LEU K 32 15.51 -31.60 94.17
C LEU K 32 16.61 -30.83 94.86
N LEU K 33 17.06 -29.75 94.25
CA LEU K 33 18.16 -29.01 94.82
C LEU K 33 17.85 -28.03 95.94
N GLU K 34 16.58 -27.73 96.18
CA GLU K 34 16.25 -26.83 97.27
C GLU K 34 16.19 -27.76 98.46
N GLN K 35 15.53 -28.88 98.28
CA GLN K 35 15.43 -29.79 99.38
C GLN K 35 16.81 -30.27 99.80
N LEU K 36 17.72 -30.49 98.86
CA LEU K 36 19.06 -30.94 99.22
C LEU K 36 19.75 -29.88 100.10
N GLU K 37 19.39 -28.62 99.86
CA GLU K 37 19.94 -27.54 100.66
C GLU K 37 19.26 -27.60 102.02
N ASP K 38 17.93 -27.46 102.00
CA ASP K 38 17.10 -27.45 103.20
C ASP K 38 17.41 -28.56 104.21
N LEU K 39 17.97 -29.66 103.72
CA LEU K 39 18.37 -30.79 104.54
C LEU K 39 19.87 -30.64 104.89
N GLY K 40 20.42 -29.46 104.61
CA GLY K 40 21.82 -29.18 104.94
C GLY K 40 23.00 -29.43 104.02
N TYR K 41 22.88 -29.15 102.72
CA TYR K 41 24.03 -29.33 101.82
C TYR K 41 24.28 -28.08 100.99
N THR K 42 25.53 -27.91 100.56
CA THR K 42 25.86 -26.81 99.66
C THR K 42 25.81 -27.57 98.35
N VAL K 43 24.85 -27.20 97.49
CA VAL K 43 24.64 -27.92 96.24
C VAL K 43 25.04 -27.24 94.94
N GLU K 44 25.78 -28.00 94.13
CA GLU K 44 26.26 -27.51 92.84
C GLU K 44 25.64 -28.23 91.65
N ASP K 45 24.95 -27.46 90.80
CA ASP K 45 24.31 -28.01 89.60
C ASP K 45 25.27 -27.78 88.42
N LEU K 46 25.62 -28.84 87.70
CA LEU K 46 26.56 -28.72 86.60
C LEU K 46 25.99 -28.54 85.20
N GLY K 47 24.67 -28.49 85.06
CA GLY K 47 24.10 -28.36 83.74
C GLY K 47 23.89 -29.75 83.16
N ASP K 48 24.11 -29.88 81.86
CA ASP K 48 23.88 -31.18 81.20
C ASP K 48 24.98 -31.72 80.29
N VAL K 49 25.19 -33.03 80.38
CA VAL K 49 26.11 -33.74 79.51
C VAL K 49 25.38 -33.51 78.21
N PRO K 50 26.08 -32.99 77.18
CA PRO K 50 25.31 -32.80 75.94
C PRO K 50 25.07 -34.11 75.18
N VAL K 51 23.97 -34.16 74.44
CA VAL K 51 23.60 -35.32 73.62
C VAL K 51 23.16 -34.81 72.26
N SER K 52 23.70 -35.43 71.22
CA SER K 52 23.43 -35.05 69.83
C SER K 52 23.22 -36.31 68.99
N LEU K 64 23.72 -52.52 69.54
CA LEU K 64 23.07 -52.15 68.29
C LEU K 64 22.71 -50.65 68.30
N ALA K 65 21.40 -50.37 68.33
CA ALA K 65 20.85 -49.02 68.29
C ALA K 65 21.70 -47.92 68.94
N TYR K 66 22.13 -46.96 68.11
CA TYR K 66 22.91 -45.79 68.50
C TYR K 66 24.21 -45.96 69.30
N LEU K 67 24.52 -47.17 69.73
CA LEU K 67 25.70 -47.46 70.55
C LEU K 67 26.80 -46.38 70.70
N GLU K 68 27.16 -45.74 69.59
CA GLU K 68 28.17 -44.68 69.64
C GLU K 68 27.73 -43.37 70.29
N GLU K 69 26.53 -42.86 69.99
CA GLU K 69 26.08 -41.61 70.64
C GLU K 69 25.99 -41.85 72.14
N ILE K 70 25.49 -43.02 72.51
CA ILE K 70 25.40 -43.42 73.91
C ILE K 70 26.79 -43.30 74.50
N ARG K 71 27.69 -44.06 73.90
CA ARG K 71 29.09 -44.11 74.29
C ARG K 71 29.67 -42.70 74.44
N ALA K 72 29.32 -41.82 73.51
CA ALA K 72 29.78 -40.43 73.48
C ALA K 72 29.38 -39.58 74.70
N ALA K 73 28.14 -39.73 75.12
CA ALA K 73 27.64 -38.99 76.26
C ALA K 73 28.13 -39.66 77.54
N ALA K 74 28.01 -40.98 77.61
CA ALA K 74 28.41 -41.75 78.77
C ALA K 74 29.87 -41.48 79.11
N LEU K 75 30.69 -41.37 78.06
CA LEU K 75 32.09 -41.08 78.23
C LEU K 75 32.25 -39.64 78.73
N VAL K 76 31.48 -38.70 78.17
CA VAL K 76 31.54 -37.31 78.61
C VAL K 76 31.19 -37.22 80.10
N LEU K 77 30.20 -38.01 80.49
CA LEU K 77 29.74 -38.09 81.87
C LEU K 77 30.87 -38.70 82.69
N LYS K 78 31.39 -39.82 82.22
CA LYS K 78 32.47 -40.50 82.91
C LYS K 78 33.54 -39.51 83.32
N GLU K 79 34.18 -38.88 82.34
CA GLU K 79 35.20 -37.89 82.66
C GLU K 79 34.62 -36.93 83.68
N ARG K 80 33.75 -36.04 83.21
CA ARG K 80 33.06 -35.07 84.06
C ARG K 80 32.89 -35.55 85.52
N LEU K 81 32.55 -36.83 85.70
CA LEU K 81 32.36 -37.40 87.05
C LEU K 81 33.64 -37.70 87.82
N ALA K 82 34.54 -38.46 87.21
CA ALA K 82 35.80 -38.82 87.85
C ALA K 82 36.78 -37.64 87.89
N ALA K 83 36.27 -36.46 87.52
CA ALA K 83 37.07 -35.24 87.54
C ALA K 83 36.80 -34.45 88.82
N LEU K 84 35.68 -34.79 89.45
CA LEU K 84 35.18 -34.10 90.63
C LEU K 84 36.03 -34.03 91.90
N PRO K 85 36.12 -32.82 92.50
CA PRO K 85 36.89 -32.64 93.73
C PRO K 85 36.51 -33.71 94.76
N GLU K 86 37.39 -34.70 94.93
CA GLU K 86 37.19 -35.83 95.84
C GLU K 86 36.28 -35.62 97.06
N GLY K 87 35.35 -36.56 97.25
CA GLY K 87 34.41 -36.48 98.36
C GLY K 87 33.06 -35.86 98.02
N VAL K 88 33.01 -35.06 96.95
CA VAL K 88 31.75 -34.45 96.50
C VAL K 88 30.77 -35.56 96.06
N PHE K 89 29.48 -35.30 96.27
CA PHE K 89 28.45 -36.28 95.96
C PHE K 89 27.75 -36.06 94.64
N PRO K 90 27.84 -37.07 93.78
CA PRO K 90 27.21 -37.02 92.46
C PRO K 90 25.82 -37.64 92.37
N ILE K 91 24.84 -36.81 92.03
CA ILE K 91 23.48 -37.28 91.81
C ILE K 91 23.30 -37.09 90.31
N VAL K 92 23.37 -38.19 89.58
CA VAL K 92 23.24 -38.15 88.14
C VAL K 92 21.76 -38.28 87.74
N LEU K 93 21.12 -37.17 87.40
CA LEU K 93 19.71 -37.18 87.00
C LEU K 93 19.64 -37.69 85.57
N GLY K 94 18.65 -38.51 85.23
CA GLY K 94 18.67 -38.96 83.86
C GLY K 94 17.46 -39.54 83.15
N GLY K 95 17.74 -39.93 81.91
CA GLY K 95 16.79 -40.58 81.05
C GLY K 95 17.24 -42.03 81.09
N ASP K 96 17.66 -42.56 79.94
CA ASP K 96 18.08 -43.96 79.84
C ASP K 96 18.89 -44.39 81.06
N HIS K 97 18.77 -45.69 81.37
CA HIS K 97 19.51 -46.28 82.49
C HIS K 97 20.94 -46.47 81.94
N SER K 98 21.03 -46.56 80.62
CA SER K 98 22.30 -46.71 79.92
C SER K 98 23.29 -45.62 80.29
N LEU K 99 22.86 -44.60 81.03
CA LEU K 99 23.80 -43.54 81.40
C LEU K 99 24.75 -43.94 82.54
N SER K 100 24.38 -45.01 83.25
CA SER K 100 25.17 -45.51 84.37
C SER K 100 26.55 -46.05 83.94
N MET K 101 26.66 -46.45 82.68
CA MET K 101 27.95 -46.90 82.19
C MET K 101 28.83 -45.67 82.41
N GLY K 102 28.27 -44.52 82.06
CA GLY K 102 28.99 -43.28 82.22
C GLY K 102 29.21 -42.90 83.67
N SER K 103 28.17 -42.99 84.50
CA SER K 103 28.26 -42.60 85.91
C SER K 103 28.90 -43.59 86.90
N VAL K 104 28.63 -44.88 86.76
CA VAL K 104 29.25 -45.85 87.67
C VAL K 104 30.75 -45.75 87.46
N ALA K 105 31.19 -45.90 86.21
CA ALA K 105 32.61 -45.82 85.86
C ALA K 105 33.26 -44.53 86.38
N GLY K 106 32.70 -43.39 86.00
CA GLY K 106 33.22 -42.11 86.44
C GLY K 106 33.22 -41.86 87.94
N ALA K 107 32.16 -42.30 88.63
CA ALA K 107 32.06 -42.07 90.08
C ALA K 107 32.88 -43.07 90.91
N ALA K 108 33.37 -44.13 90.26
CA ALA K 108 34.20 -45.18 90.89
C ALA K 108 35.67 -44.77 90.95
N ARG K 109 36.06 -43.88 90.03
CA ARG K 109 37.44 -43.36 89.98
C ARG K 109 38.48 -44.46 90.18
N GLY K 110 38.36 -45.52 89.39
CA GLY K 110 39.27 -46.64 89.49
C GLY K 110 39.40 -47.26 90.88
N ARG K 111 38.53 -46.85 91.81
CA ARG K 111 38.57 -47.41 93.16
C ARG K 111 37.74 -48.69 93.04
N ARG K 112 37.51 -49.41 94.14
CA ARG K 112 36.70 -50.61 94.05
C ARG K 112 35.45 -50.36 94.89
N VAL K 113 34.36 -50.00 94.21
CA VAL K 113 33.06 -49.72 94.85
C VAL K 113 32.03 -50.83 94.73
N GLY K 114 30.98 -50.73 95.55
CA GLY K 114 29.89 -51.71 95.55
C GLY K 114 28.73 -51.09 94.82
N VAL K 115 28.01 -51.89 94.03
CA VAL K 115 26.86 -51.40 93.25
C VAL K 115 25.47 -51.93 93.63
N VAL K 116 24.63 -51.10 94.24
CA VAL K 116 23.27 -51.55 94.56
C VAL K 116 22.38 -50.94 93.48
N TRP K 117 21.87 -51.81 92.63
CA TRP K 117 21.06 -51.45 91.48
C TRP K 117 19.57 -51.77 91.70
N VAL K 118 18.75 -50.73 91.84
CA VAL K 118 17.33 -50.97 92.07
C VAL K 118 16.42 -50.59 90.90
N ASP K 119 16.41 -51.44 89.87
CA ASP K 119 15.58 -51.29 88.68
C ASP K 119 14.68 -52.50 88.84
N ALA K 120 13.59 -52.56 88.09
CA ALA K 120 12.70 -53.71 88.15
C ALA K 120 13.26 -54.71 87.16
N HIS K 121 14.30 -54.28 86.43
CA HIS K 121 14.99 -55.14 85.46
C HIS K 121 16.46 -55.26 85.90
N ALA K 122 17.19 -56.12 85.21
CA ALA K 122 18.60 -56.34 85.49
C ALA K 122 19.44 -55.42 84.61
N ASP K 123 18.87 -54.98 83.49
CA ASP K 123 19.56 -54.12 82.53
C ASP K 123 20.95 -54.73 82.40
N PHE K 124 20.94 -56.06 82.42
CA PHE K 124 22.16 -56.91 82.39
C PHE K 124 22.29 -57.74 81.10
N ASN K 125 21.66 -57.29 80.02
CA ASN K 125 21.72 -58.01 78.75
C ASN K 125 23.02 -57.77 77.97
N THR K 126 23.41 -58.78 77.18
CA THR K 126 24.59 -58.66 76.30
C THR K 126 24.05 -58.57 74.86
N PRO K 127 24.83 -57.98 73.93
CA PRO K 127 24.34 -57.91 72.55
C PRO K 127 23.83 -59.31 72.13
N GLU K 128 24.40 -60.33 72.79
CA GLU K 128 24.06 -61.74 72.58
C GLU K 128 22.65 -62.17 73.03
N THR K 129 22.13 -61.54 74.09
CA THR K 129 20.82 -61.90 74.63
C THR K 129 19.64 -60.95 74.35
N SER K 130 19.87 -59.87 73.59
CA SER K 130 18.83 -58.89 73.26
C SER K 130 18.84 -57.72 74.24
N SER K 132 15.17 -57.02 71.89
CA SER K 132 14.70 -55.73 71.41
C SER K 132 15.90 -54.91 70.96
N GLY K 133 17.08 -55.42 71.28
CA GLY K 133 18.36 -54.80 70.90
C GLY K 133 18.68 -53.37 71.40
N ASN K 134 18.13 -52.94 72.53
CA ASN K 134 18.43 -51.58 73.02
C ASN K 134 19.65 -51.57 73.92
N VAL K 135 20.18 -50.38 74.20
CA VAL K 135 21.37 -50.27 75.04
C VAL K 135 21.04 -50.04 76.51
N HIS K 136 19.99 -49.26 76.78
CA HIS K 136 19.61 -48.96 78.17
C HIS K 136 19.30 -50.22 79.00
N GLY K 137 19.08 -51.34 78.31
CA GLY K 137 18.84 -52.60 78.97
C GLY K 137 20.09 -53.45 78.82
N MET K 138 21.25 -52.82 78.99
CA MET K 138 22.55 -53.46 78.85
C MET K 138 23.70 -52.95 79.75
N PRO K 139 23.56 -51.76 80.38
CA PRO K 139 24.59 -51.17 81.25
C PRO K 139 25.23 -51.97 82.41
N LEU K 140 24.44 -52.73 83.17
CA LEU K 140 25.05 -53.47 84.29
C LEU K 140 25.99 -54.53 83.74
N ALA K 141 25.50 -55.29 82.76
CA ALA K 141 26.31 -56.32 82.10
C ALA K 141 27.62 -55.72 81.59
N VAL K 142 27.51 -54.65 80.81
CA VAL K 142 28.68 -53.97 80.29
C VAL K 142 29.59 -53.50 81.42
N LEU K 143 29.02 -52.77 82.38
CA LEU K 143 29.81 -52.26 83.51
C LEU K 143 30.66 -53.38 84.09
N SER K 144 30.11 -54.60 84.04
CA SER K 144 30.80 -55.77 84.54
C SER K 144 31.45 -56.49 83.35
N GLY K 145 32.02 -55.68 82.46
CA GLY K 145 32.72 -56.15 81.29
C GLY K 145 32.10 -57.31 80.53
N LEU K 146 30.81 -57.22 80.24
CA LEU K 146 30.14 -58.27 79.49
C LEU K 146 29.38 -57.61 78.35
N GLY K 147 29.63 -58.07 77.13
CA GLY K 147 28.97 -57.50 75.97
C GLY K 147 29.88 -56.64 75.11
N HIS K 148 29.32 -56.06 74.06
CA HIS K 148 30.05 -55.24 73.07
C HIS K 148 31.35 -54.59 73.57
N PRO K 149 32.44 -54.78 72.80
CA PRO K 149 33.77 -54.25 73.10
C PRO K 149 33.87 -52.73 73.12
N ARG K 150 33.26 -52.08 72.13
CA ARG K 150 33.27 -50.62 72.06
C ARG K 150 32.80 -50.09 73.40
N LEU K 151 31.97 -50.89 74.07
CA LEU K 151 31.39 -50.51 75.35
C LEU K 151 32.08 -51.03 76.61
N THR K 152 32.16 -52.36 76.77
CA THR K 152 32.79 -52.94 77.96
C THR K 152 34.22 -52.43 78.08
N GLU K 153 34.71 -51.92 76.97
CA GLU K 153 36.06 -51.35 76.86
C GLU K 153 36.33 -50.14 77.75
N VAL K 154 35.60 -49.06 77.53
CA VAL K 154 35.83 -47.86 78.31
C VAL K 154 34.99 -47.76 79.58
N PHE K 155 33.89 -48.51 79.63
CA PHE K 155 32.96 -48.43 80.77
C PHE K 155 32.98 -49.52 81.87
N ARG K 156 33.76 -50.58 81.70
CA ARG K 156 33.81 -51.63 82.74
C ARG K 156 34.28 -50.98 84.05
N ALA K 157 33.65 -51.34 85.17
CA ALA K 157 34.04 -50.72 86.44
C ALA K 157 33.56 -51.40 87.71
N VAL K 158 33.44 -52.73 87.69
CA VAL K 158 33.05 -53.49 88.87
C VAL K 158 33.11 -55.00 88.64
N ASP K 159 33.27 -55.74 89.74
CA ASP K 159 33.29 -57.20 89.67
C ASP K 159 31.84 -57.62 90.00
N PRO K 160 31.27 -58.56 89.23
CA PRO K 160 29.91 -59.02 89.49
C PRO K 160 29.66 -59.42 90.94
N LYS K 161 30.67 -60.02 91.58
CA LYS K 161 30.51 -60.45 92.97
C LYS K 161 30.22 -59.25 93.86
N ASP K 162 30.39 -58.05 93.29
CA ASP K 162 30.13 -56.80 94.00
C ASP K 162 28.85 -56.10 93.57
N VAL K 163 27.99 -56.82 92.83
CA VAL K 163 26.71 -56.27 92.36
C VAL K 163 25.52 -56.98 92.98
N VAL K 164 24.58 -56.19 93.49
CA VAL K 164 23.36 -56.67 94.12
C VAL K 164 22.14 -56.02 93.49
N LEU K 165 21.17 -56.84 93.07
CA LEU K 165 19.96 -56.34 92.45
C LEU K 165 18.78 -56.42 93.43
N VAL K 166 17.94 -55.39 93.45
CA VAL K 166 16.78 -55.36 94.35
C VAL K 166 15.50 -54.90 93.65
N GLY K 167 14.40 -55.57 93.97
CA GLY K 167 13.11 -55.21 93.41
C GLY K 167 12.85 -55.77 92.04
N VAL K 168 13.80 -56.54 91.50
CA VAL K 168 13.66 -57.11 90.16
C VAL K 168 12.43 -58.00 89.95
N ARG K 169 11.64 -57.74 88.90
CA ARG K 169 10.44 -58.56 88.62
C ARG K 169 10.25 -58.97 87.14
N SER K 170 11.30 -58.82 86.34
CA SER K 170 11.23 -59.19 84.91
C SER K 170 12.63 -59.44 84.37
N LEU K 171 12.83 -60.64 83.80
CA LEU K 171 14.13 -61.03 83.26
C LEU K 171 14.10 -61.79 81.95
N ASP K 172 14.72 -61.23 80.91
CA ASP K 172 14.78 -61.89 79.61
C ASP K 172 15.65 -63.13 79.84
N PRO K 173 15.21 -64.30 79.34
CA PRO K 173 15.91 -65.59 79.48
C PRO K 173 17.44 -65.49 79.51
N GLY K 174 18.04 -64.96 78.45
CA GLY K 174 19.48 -64.81 78.44
C GLY K 174 19.98 -64.30 79.79
N GLU K 175 19.44 -63.17 80.24
CA GLU K 175 19.83 -62.58 81.51
C GLU K 175 19.89 -63.61 82.61
N LYS K 176 18.93 -64.52 82.60
CA LYS K 176 18.87 -65.56 83.63
C LYS K 176 20.16 -66.38 83.67
N ARG K 177 20.83 -66.47 82.53
CA ARG K 177 22.09 -67.19 82.46
C ARG K 177 23.27 -66.30 82.88
N LEU K 178 23.61 -65.34 82.02
CA LEU K 178 24.74 -64.43 82.27
C LEU K 178 24.78 -63.87 83.69
N LEU K 179 23.72 -64.08 84.45
CA LEU K 179 23.62 -63.57 85.80
C LEU K 179 23.88 -64.71 86.77
N LYS K 180 23.14 -65.81 86.59
CA LYS K 180 23.32 -66.99 87.39
C LYS K 180 24.79 -67.33 87.22
N GLU K 181 25.26 -67.19 85.98
CA GLU K 181 26.63 -67.48 85.62
C GLU K 181 27.75 -66.70 86.33
N ALA K 182 27.60 -65.38 86.45
CA ALA K 182 28.62 -64.51 87.07
C ALA K 182 28.50 -64.25 88.57
N GLY K 183 27.52 -64.88 89.23
CA GLY K 183 27.36 -64.75 90.67
C GLY K 183 26.98 -63.40 91.27
N VAL K 184 25.98 -62.75 90.69
CA VAL K 184 25.51 -61.46 91.15
C VAL K 184 24.37 -61.69 92.11
N ARG K 185 24.54 -61.29 93.36
CA ARG K 185 23.47 -61.43 94.34
C ARG K 185 22.24 -60.75 93.74
N VAL K 186 21.11 -61.48 93.69
CA VAL K 186 19.90 -60.95 93.08
C VAL K 186 18.59 -61.05 93.88
N TYR K 187 18.08 -59.88 94.27
CA TYR K 187 16.84 -59.82 95.05
C TYR K 187 15.60 -59.44 94.25
N THR K 188 14.94 -60.44 93.67
CA THR K 188 13.72 -60.20 92.94
C THR K 188 12.66 -59.87 94.00
N MET K 189 11.43 -59.65 93.55
CA MET K 189 10.33 -59.34 94.47
C MET K 189 10.02 -60.54 95.37
N HIS K 190 9.96 -61.74 94.79
CA HIS K 190 9.72 -62.96 95.56
C HIS K 190 10.50 -62.83 96.86
N GLU K 191 11.78 -62.47 96.75
CA GLU K 191 12.63 -62.29 97.92
C GLU K 191 12.16 -61.12 98.80
N VAL K 192 11.73 -60.03 98.17
CA VAL K 192 11.26 -58.86 98.92
C VAL K 192 9.97 -59.24 99.67
N ASP K 193 9.17 -60.13 99.08
CA ASP K 193 7.95 -60.57 99.73
C ASP K 193 8.25 -61.61 100.79
N ARG K 194 9.38 -62.30 100.60
CA ARG K 194 9.74 -63.34 101.53
C ARG K 194 10.51 -62.87 102.74
N LEU K 195 11.46 -61.96 102.53
CA LEU K 195 12.32 -61.52 103.62
C LEU K 195 12.15 -60.07 104.06
N GLY K 196 11.24 -59.35 103.42
CA GLY K 196 11.00 -57.96 103.83
C GLY K 196 12.18 -57.09 103.49
N VAL K 197 11.94 -55.79 103.32
CA VAL K 197 13.01 -54.85 102.97
C VAL K 197 14.19 -54.87 103.95
N ALA K 198 13.89 -54.51 105.19
CA ALA K 198 14.88 -54.47 106.27
C ALA K 198 15.94 -55.57 106.26
N ARG K 199 15.51 -56.84 106.19
CA ARG K 199 16.44 -57.96 106.22
C ARG K 199 17.37 -57.93 105.02
N ILE K 200 16.86 -57.45 103.88
CA ILE K 200 17.65 -57.35 102.66
C ILE K 200 18.57 -56.13 102.71
N ALA K 201 18.12 -55.08 103.42
CA ALA K 201 18.96 -53.90 103.58
C ALA K 201 20.20 -54.37 104.32
N GLU K 202 19.97 -54.99 105.47
CA GLU K 202 21.03 -55.57 106.28
C GLU K 202 21.86 -56.42 105.34
N GLU K 203 21.18 -57.25 104.55
CA GLU K 203 21.84 -58.15 103.59
C GLU K 203 22.61 -57.55 102.41
N VAL K 204 22.13 -56.45 101.84
CA VAL K 204 22.85 -55.88 100.71
C VAL K 204 24.15 -55.33 101.27
N LEU K 205 24.04 -54.62 102.38
CA LEU K 205 25.20 -54.02 103.03
C LEU K 205 26.27 -55.05 103.42
N LYS K 206 25.86 -56.29 103.68
CA LYS K 206 26.81 -57.34 104.03
C LYS K 206 27.56 -57.85 102.79
N HIS K 207 26.84 -58.12 101.71
CA HIS K 207 27.47 -58.66 100.49
C HIS K 207 28.54 -57.69 99.99
N LEU K 208 28.41 -56.42 100.38
CA LEU K 208 29.34 -55.39 99.95
C LEU K 208 29.91 -54.68 101.17
N GLN K 209 30.25 -55.46 102.21
CA GLN K 209 30.80 -54.90 103.45
C GLN K 209 32.14 -54.24 103.22
N GLY K 210 32.32 -53.10 103.90
CA GLY K 210 33.57 -52.35 103.78
C GLY K 210 33.75 -51.58 102.49
N LEU K 211 33.04 -51.98 101.44
CA LEU K 211 33.09 -51.26 100.18
C LEU K 211 32.28 -49.94 100.20
N PRO K 212 32.68 -48.93 99.38
CA PRO K 212 32.02 -47.62 99.25
C PRO K 212 30.95 -47.70 98.14
N LEU K 213 29.68 -47.62 98.55
CA LEU K 213 28.51 -47.78 97.68
C LEU K 213 28.06 -46.74 96.66
N HIS K 214 27.44 -47.26 95.59
CA HIS K 214 26.84 -46.49 94.51
C HIS K 214 25.45 -47.06 94.27
N VAL K 215 24.44 -46.20 94.45
CA VAL K 215 23.06 -46.62 94.27
C VAL K 215 22.48 -46.10 92.95
N SER K 216 22.13 -47.06 92.09
CA SER K 216 21.52 -46.75 90.81
C SER K 216 20.03 -47.04 90.99
N LEU K 217 19.24 -45.99 91.09
CA LEU K 217 17.82 -46.18 91.28
C LEU K 217 16.98 -45.87 90.02
N ASP K 218 16.35 -46.92 89.48
CA ASP K 218 15.50 -46.82 88.30
C ASP K 218 14.12 -46.55 88.85
N ALA K 219 13.43 -45.54 88.34
CA ALA K 219 12.10 -45.20 88.87
C ALA K 219 11.11 -46.31 88.62
N ASP K 220 11.37 -47.15 87.61
CA ASP K 220 10.47 -48.24 87.30
C ASP K 220 10.59 -49.39 88.29
N VAL K 221 10.80 -49.08 89.57
CA VAL K 221 10.92 -50.14 90.57
C VAL K 221 9.72 -50.08 91.50
N LEU K 222 9.18 -48.88 91.68
CA LEU K 222 8.00 -48.61 92.48
C LEU K 222 6.78 -49.13 91.71
N ASP K 223 5.64 -49.25 92.36
CA ASP K 223 4.48 -49.75 91.65
C ASP K 223 3.95 -48.72 90.66
N PRO K 224 3.49 -49.17 89.49
CA PRO K 224 2.96 -48.27 88.47
C PRO K 224 1.81 -47.45 89.08
N THR K 225 1.24 -48.02 90.13
CA THR K 225 0.16 -47.38 90.85
C THR K 225 0.68 -46.17 91.60
N LEU K 226 1.97 -46.22 91.86
CA LEU K 226 2.68 -45.23 92.63
C LEU K 226 3.54 -44.29 91.77
N ALA K 227 4.38 -44.87 90.92
CA ALA K 227 5.22 -44.11 90.02
C ALA K 227 4.87 -44.53 88.61
N PRO K 228 3.79 -43.95 88.05
CA PRO K 228 3.31 -44.25 86.71
C PRO K 228 4.14 -43.72 85.55
N GLY K 229 4.87 -42.62 85.77
CA GLY K 229 5.68 -42.03 84.71
C GLY K 229 7.02 -42.69 84.48
N VAL K 230 7.00 -43.93 84.03
CA VAL K 230 8.25 -44.62 83.83
C VAL K 230 8.33 -45.44 82.57
N GLY K 231 9.53 -45.47 81.98
CA GLY K 231 9.79 -46.22 80.76
C GLY K 231 8.95 -47.48 80.60
N THR K 232 9.31 -48.55 81.29
CA THR K 232 8.55 -49.80 81.19
C THR K 232 8.01 -50.21 82.54
N PRO K 233 6.75 -49.85 82.84
CA PRO K 233 6.21 -50.21 84.14
C PRO K 233 5.85 -51.69 84.17
N VAL K 234 6.25 -52.34 85.26
CA VAL K 234 5.95 -53.74 85.49
C VAL K 234 5.18 -53.65 86.80
N PRO K 235 4.11 -54.42 86.96
CA PRO K 235 3.35 -54.34 88.20
C PRO K 235 3.85 -55.10 89.42
N GLY K 236 3.61 -54.53 90.60
CA GLY K 236 4.03 -55.21 91.81
C GLY K 236 5.40 -54.76 92.24
N GLY K 237 5.55 -53.45 92.36
CA GLY K 237 6.82 -52.90 92.77
C GLY K 237 6.93 -52.70 94.26
N LEU K 238 7.90 -51.88 94.65
CA LEU K 238 8.07 -51.61 96.06
C LEU K 238 6.99 -50.63 96.42
N THR K 239 6.46 -50.74 97.62
CA THR K 239 5.47 -49.78 98.05
C THR K 239 6.26 -48.50 98.21
N TYR K 240 5.62 -47.48 98.76
CA TYR K 240 6.30 -46.21 98.97
C TYR K 240 7.27 -46.39 100.13
N ARG K 241 6.76 -46.98 101.21
CA ARG K 241 7.55 -47.19 102.41
C ARG K 241 8.78 -48.09 102.19
N GLU K 242 8.55 -49.28 101.61
CA GLU K 242 9.63 -50.23 101.37
C GLU K 242 10.84 -49.52 100.75
N ALA K 243 10.58 -48.62 99.82
CA ALA K 243 11.61 -47.84 99.16
C ALA K 243 12.33 -46.94 100.17
N HIS K 244 11.57 -46.08 100.85
CA HIS K 244 12.15 -45.19 101.85
C HIS K 244 12.93 -45.94 102.92
N LEU K 245 12.39 -47.05 103.37
CA LEU K 245 13.08 -47.85 104.36
C LEU K 245 14.42 -48.23 103.73
N LEU K 246 14.37 -48.81 102.54
CA LEU K 246 15.61 -49.16 101.83
C LEU K 246 16.56 -47.97 101.78
N MET K 247 16.04 -46.79 101.45
CA MET K 247 16.90 -45.62 101.37
C MET K 247 17.43 -45.25 102.74
N GLU K 248 16.53 -45.18 103.71
CA GLU K 248 16.85 -44.82 105.09
C GLU K 248 17.93 -45.72 105.70
N ILE K 249 17.75 -47.02 105.57
CA ILE K 249 18.71 -47.99 106.10
C ILE K 249 20.02 -47.81 105.35
N LEU K 250 20.00 -48.00 104.04
CA LEU K 250 21.22 -47.86 103.26
C LEU K 250 21.94 -46.55 103.56
N ALA K 251 21.23 -45.54 104.03
CA ALA K 251 21.86 -44.29 104.37
C ALA K 251 22.61 -44.50 105.69
N GLU K 252 21.92 -45.12 106.64
CA GLU K 252 22.45 -45.47 107.97
C GLU K 252 23.93 -45.86 107.95
N SER K 253 24.24 -46.89 107.17
CA SER K 253 25.61 -47.40 107.04
C SER K 253 26.69 -46.42 106.59
N GLY K 254 26.34 -45.14 106.45
CA GLY K 254 27.28 -44.09 106.05
C GLY K 254 28.29 -44.27 104.91
N ARG K 255 28.08 -45.21 103.99
CA ARG K 255 29.06 -45.40 102.93
C ARG K 255 28.57 -45.32 101.49
N VAL K 256 27.41 -44.69 101.31
CA VAL K 256 26.89 -44.46 99.98
C VAL K 256 27.69 -43.24 99.51
N GLN K 257 28.16 -43.25 98.28
CA GLN K 257 28.96 -42.15 97.77
C GLN K 257 28.48 -41.58 96.44
N SER K 258 27.58 -42.27 95.77
CA SER K 258 27.06 -41.83 94.47
C SER K 258 25.70 -42.46 94.13
N LEU K 259 24.88 -41.70 93.41
CA LEU K 259 23.52 -42.14 93.05
C LEU K 259 22.96 -41.57 91.74
N ASP K 260 22.15 -42.39 91.08
CA ASP K 260 21.52 -41.96 89.83
C ASP K 260 20.00 -42.07 90.01
N LEU K 261 19.28 -41.07 89.51
CA LEU K 261 17.84 -41.09 89.56
C LEU K 261 17.45 -41.26 88.08
N VAL K 262 17.60 -42.46 87.55
CA VAL K 262 17.30 -42.73 86.14
C VAL K 262 15.85 -43.06 85.78
N GLU K 263 15.51 -42.81 84.52
CA GLU K 263 14.22 -43.16 83.96
C GLU K 263 12.94 -42.41 84.30
N VAL K 264 13.02 -41.18 84.80
CA VAL K 264 11.77 -40.49 85.05
C VAL K 264 11.20 -40.07 83.71
N ASN K 265 9.90 -40.32 83.49
CA ASN K 265 9.22 -39.99 82.23
C ASN K 265 8.02 -39.09 82.48
N PRO K 266 8.19 -37.76 82.35
CA PRO K 266 7.10 -36.79 82.57
C PRO K 266 5.91 -36.96 81.64
N ILE K 267 6.20 -37.40 80.41
CA ILE K 267 5.18 -37.64 79.40
C ILE K 267 4.22 -38.77 79.78
N LEU K 268 4.71 -39.75 80.53
CA LEU K 268 3.87 -40.86 80.95
C LEU K 268 3.46 -40.68 82.39
N ASP K 269 3.86 -39.56 82.99
CA ASP K 269 3.59 -39.34 84.41
C ASP K 269 2.29 -38.59 84.71
N GLU K 270 1.89 -38.64 85.98
CA GLU K 270 0.68 -37.97 86.45
C GLU K 270 0.93 -36.84 87.44
N ARG K 271 1.08 -35.61 86.92
CA ARG K 271 1.33 -34.44 87.76
C ARG K 271 2.72 -34.52 88.38
N ASN K 272 3.70 -34.86 87.55
CA ASN K 272 5.10 -34.96 87.96
C ASN K 272 5.30 -35.56 89.36
N ARG K 273 4.48 -36.54 89.71
CA ARG K 273 4.61 -37.17 91.01
C ARG K 273 5.61 -38.30 90.95
N THR K 274 5.80 -38.88 89.77
CA THR K 274 6.76 -39.96 89.63
C THR K 274 8.11 -39.37 89.88
N ALA K 275 8.21 -38.06 89.66
CA ALA K 275 9.46 -37.35 89.91
C ALA K 275 9.50 -36.94 91.37
N GLU K 276 8.45 -36.26 91.82
CA GLU K 276 8.38 -35.85 93.22
C GLU K 276 8.84 -37.04 94.05
N MET K 277 8.40 -38.20 93.58
CA MET K 277 8.71 -39.50 94.13
C MET K 277 10.21 -39.74 94.37
N LEU K 278 11.01 -39.68 93.30
CA LEU K 278 12.44 -39.91 93.43
C LEU K 278 13.18 -38.86 94.24
N VAL K 279 12.72 -37.62 94.18
CA VAL K 279 13.38 -36.57 94.96
C VAL K 279 13.35 -37.00 96.43
N GLY K 280 12.17 -37.41 96.87
CA GLY K 280 12.02 -37.84 98.24
C GLY K 280 12.95 -38.99 98.58
N LEU K 281 12.88 -40.07 97.81
CA LEU K 281 13.73 -41.23 98.04
C LEU K 281 15.23 -40.92 98.00
N ALA K 282 15.58 -39.79 97.41
CA ALA K 282 16.97 -39.35 97.35
C ALA K 282 17.26 -38.80 98.73
N LEU K 283 16.33 -38.02 99.26
CA LEU K 283 16.51 -37.43 100.58
C LEU K 283 16.72 -38.45 101.68
N SER K 284 16.02 -39.59 101.60
CA SER K 284 16.16 -40.62 102.60
C SER K 284 17.60 -41.14 102.57
N LEU K 285 18.05 -41.53 101.39
CA LEU K 285 19.40 -42.04 101.19
C LEU K 285 20.47 -40.98 101.50
N LEU K 286 20.15 -39.70 101.31
CA LEU K 286 21.13 -38.64 101.55
C LEU K 286 21.04 -38.07 102.96
N GLY K 287 20.56 -38.89 103.91
CA GLY K 287 20.53 -38.44 105.29
C GLY K 287 19.24 -38.11 106.04
N LYS K 288 18.24 -37.56 105.36
CA LYS K 288 16.98 -37.15 106.01
C LYS K 288 16.27 -38.24 106.80
N ARG K 289 15.48 -37.82 107.80
CA ARG K 289 14.74 -38.76 108.64
C ARG K 289 13.48 -38.22 109.34
N ILE K 290 12.57 -39.14 109.65
CA ILE K 290 11.29 -38.87 110.34
C ILE K 290 11.53 -38.23 111.69
N PHE K 291 12.46 -38.84 112.44
CA PHE K 291 12.85 -38.41 113.77
C PHE K 291 14.35 -38.18 113.74
N GLU L 2 28.10 -11.78 -71.56
CA GLU L 2 27.17 -12.89 -71.14
C GLU L 2 27.97 -14.12 -70.79
N ARG L 3 29.10 -14.30 -71.49
CA ARG L 3 30.00 -15.42 -71.24
C ARG L 3 31.20 -14.86 -70.49
N VAL L 4 31.75 -15.66 -69.58
CA VAL L 4 32.93 -15.25 -68.82
C VAL L 4 33.97 -16.36 -68.85
N ALA L 5 35.20 -15.96 -69.14
CA ALA L 5 36.32 -16.88 -69.21
C ALA L 5 37.35 -16.59 -68.10
N VAL L 6 37.23 -17.33 -67.01
CA VAL L 6 38.15 -17.16 -65.91
C VAL L 6 39.35 -18.05 -66.18
N VAL L 7 40.54 -17.52 -65.94
CA VAL L 7 41.77 -18.27 -66.16
C VAL L 7 42.89 -17.79 -65.24
N GLY L 8 43.61 -18.73 -64.63
CA GLY L 8 44.69 -18.39 -63.71
C GLY L 8 46.10 -18.40 -64.30
N VAL L 9 47.05 -17.81 -63.56
CA VAL L 9 48.43 -17.74 -63.99
C VAL L 9 49.38 -17.72 -62.78
N PRO L 10 49.66 -18.90 -62.19
CA PRO L 10 50.55 -19.10 -61.04
C PRO L 10 51.96 -18.55 -61.28
N MET L 11 52.08 -17.24 -61.48
CA MET L 11 53.35 -16.61 -61.77
C MET L 11 53.99 -15.99 -60.53
N ASP L 12 55.12 -16.56 -60.13
CA ASP L 12 55.85 -16.06 -58.98
C ASP L 12 57.32 -15.98 -59.39
N LEU L 13 57.70 -14.89 -60.03
CA LEU L 13 59.09 -14.67 -60.48
C LEU L 13 59.68 -13.41 -59.83
N GLY L 19 54.42 -15.43 -51.96
CA GLY L 19 54.19 -16.25 -53.13
C GLY L 19 52.87 -15.96 -53.83
N VAL L 20 52.90 -14.98 -54.75
CA VAL L 20 51.70 -14.54 -55.51
C VAL L 20 51.19 -15.60 -56.48
N ASP L 21 51.84 -16.77 -56.48
CA ASP L 21 51.49 -17.89 -57.35
C ASP L 21 50.30 -18.68 -56.82
N MET L 22 49.68 -18.17 -55.76
CA MET L 22 48.54 -18.84 -55.18
C MET L 22 47.33 -17.93 -55.36
N GLY L 23 47.57 -16.68 -55.75
CA GLY L 23 46.48 -15.74 -55.96
C GLY L 23 45.34 -16.50 -56.59
N PRO L 24 45.61 -17.28 -57.65
CA PRO L 24 44.60 -18.09 -58.36
C PRO L 24 43.75 -18.96 -57.43
N SER L 25 44.38 -19.84 -56.65
CA SER L 25 43.61 -20.68 -55.76
C SER L 25 42.78 -19.78 -54.87
N ALA L 26 43.47 -18.85 -54.22
CA ALA L 26 42.86 -17.90 -53.31
C ALA L 26 41.58 -17.26 -53.82
N LEU L 27 41.65 -16.54 -54.94
CA LEU L 27 40.49 -15.86 -55.49
C LEU L 27 39.38 -16.86 -55.79
N ARG L 28 39.78 -18.11 -56.06
CA ARG L 28 38.81 -19.16 -56.34
C ARG L 28 38.04 -19.49 -55.08
N TYR L 29 38.73 -19.44 -53.95
CA TYR L 29 38.09 -19.71 -52.66
C TYR L 29 37.17 -18.58 -52.22
N ALA L 30 37.51 -17.34 -52.54
CA ALA L 30 36.67 -16.19 -52.22
C ALA L 30 35.40 -16.37 -53.04
N ARG L 31 35.38 -17.49 -53.76
CA ARG L 31 34.28 -17.93 -54.61
C ARG L 31 33.90 -17.00 -55.76
N LEU L 32 34.90 -16.65 -56.56
CA LEU L 32 34.68 -15.76 -57.70
C LEU L 32 33.65 -16.39 -58.63
N LEU L 33 33.84 -17.67 -58.92
CA LEU L 33 32.97 -18.45 -59.82
C LEU L 33 31.52 -18.33 -59.40
N GLU L 34 31.15 -19.13 -58.42
CA GLU L 34 29.81 -19.14 -57.88
C GLU L 34 29.18 -17.77 -57.99
N GLN L 35 29.74 -16.81 -57.28
CA GLN L 35 29.21 -15.45 -57.26
C GLN L 35 28.83 -14.93 -58.63
N LEU L 36 29.80 -14.89 -59.53
CA LEU L 36 29.55 -14.47 -60.89
C LEU L 36 28.34 -15.26 -61.40
N GLU L 37 28.42 -16.58 -61.27
CA GLU L 37 27.35 -17.44 -61.71
C GLU L 37 26.01 -17.10 -61.03
N ASP L 38 26.04 -16.29 -59.98
CA ASP L 38 24.81 -15.87 -59.31
C ASP L 38 24.31 -14.59 -59.98
N LEU L 39 25.03 -14.20 -61.03
CA LEU L 39 24.68 -12.98 -61.73
C LEU L 39 24.17 -13.20 -63.16
N GLY L 40 24.40 -14.41 -63.68
CA GLY L 40 23.91 -14.73 -65.02
C GLY L 40 25.03 -15.11 -65.97
N TYR L 41 26.26 -15.06 -65.48
CA TYR L 41 27.39 -15.33 -66.33
C TYR L 41 27.73 -16.79 -66.48
N THR L 42 27.56 -17.32 -67.68
CA THR L 42 27.90 -18.69 -67.91
C THR L 42 29.41 -18.64 -67.72
N VAL L 43 29.93 -19.40 -66.77
CA VAL L 43 31.36 -19.32 -66.55
C VAL L 43 32.12 -20.62 -66.80
N GLU L 44 33.29 -20.50 -67.41
CA GLU L 44 34.11 -21.68 -67.66
C GLU L 44 35.49 -21.52 -67.02
N ASP L 45 35.86 -22.45 -66.15
CA ASP L 45 37.17 -22.42 -65.51
C ASP L 45 38.13 -23.24 -66.40
N LEU L 46 38.95 -22.53 -67.18
CA LEU L 46 39.87 -23.21 -68.07
C LEU L 46 40.97 -23.97 -67.35
N GLY L 47 41.32 -23.53 -66.15
CA GLY L 47 42.40 -24.20 -65.44
C GLY L 47 43.66 -23.35 -65.52
N ASP L 48 44.83 -23.98 -65.59
CA ASP L 48 46.02 -23.18 -65.59
C ASP L 48 47.12 -23.39 -66.62
N VAL L 49 47.79 -22.28 -66.91
CA VAL L 49 48.93 -22.19 -67.80
C VAL L 49 50.11 -22.76 -66.97
N PRO L 50 50.95 -23.63 -67.58
CA PRO L 50 52.06 -24.14 -66.76
C PRO L 50 53.19 -23.10 -66.68
N VAL L 51 53.91 -23.06 -65.56
CA VAL L 51 55.00 -22.10 -65.42
C VAL L 51 56.28 -22.62 -64.78
N SER L 52 57.41 -22.19 -65.34
CA SER L 52 58.77 -22.53 -64.88
C SER L 52 59.79 -22.20 -65.99
N LEU L 64 66.13 -7.09 -65.72
CA LEU L 64 67.06 -8.20 -65.89
C LEU L 64 66.46 -9.61 -65.62
N ALA L 65 66.67 -10.11 -64.39
CA ALA L 65 66.26 -11.43 -63.88
C ALA L 65 64.99 -12.19 -64.38
N TYR L 66 65.17 -13.45 -64.78
CA TYR L 66 64.10 -14.36 -65.29
C TYR L 66 63.27 -13.76 -66.43
N LEU L 67 63.94 -13.18 -67.43
CA LEU L 67 63.28 -12.50 -68.55
C LEU L 67 62.56 -13.25 -69.70
N GLU L 68 63.11 -14.38 -70.14
CA GLU L 68 62.50 -15.13 -71.25
C GLU L 68 61.61 -16.28 -70.78
N GLU L 69 61.43 -16.40 -69.47
CA GLU L 69 60.58 -17.44 -68.89
C GLU L 69 59.24 -16.74 -68.62
N ILE L 70 59.34 -15.43 -68.39
CA ILE L 70 58.19 -14.56 -68.20
C ILE L 70 57.57 -14.47 -69.60
N ARG L 71 58.39 -14.11 -70.58
CA ARG L 71 57.94 -13.99 -71.98
C ARG L 71 57.46 -15.34 -72.48
N ALA L 72 58.25 -16.38 -72.22
CA ALA L 72 57.88 -17.72 -72.62
C ALA L 72 56.41 -17.91 -72.20
N ALA L 73 56.17 -17.67 -70.91
CA ALA L 73 54.86 -17.85 -70.31
C ALA L 73 53.73 -16.95 -70.82
N ALA L 74 53.87 -15.63 -70.65
CA ALA L 74 52.84 -14.66 -71.05
C ALA L 74 52.51 -14.74 -72.54
N LEU L 75 53.36 -15.45 -73.28
CA LEU L 75 53.13 -15.66 -74.69
C LEU L 75 52.00 -16.69 -74.74
N VAL L 76 52.26 -17.84 -74.12
CA VAL L 76 51.31 -18.97 -74.05
C VAL L 76 49.93 -18.42 -73.67
N LEU L 77 49.96 -17.32 -72.94
CA LEU L 77 48.75 -16.64 -72.49
C LEU L 77 48.05 -15.94 -73.66
N LYS L 78 48.72 -14.94 -74.22
CA LYS L 78 48.17 -14.13 -75.32
C LYS L 78 47.35 -14.92 -76.37
N GLU L 79 47.93 -15.99 -76.90
CA GLU L 79 47.26 -16.80 -77.92
C GLU L 79 46.13 -17.65 -77.37
N ARG L 80 46.20 -18.02 -76.09
CA ARG L 80 45.12 -18.81 -75.50
C ARG L 80 43.91 -17.87 -75.37
N LEU L 81 44.20 -16.65 -74.91
CA LEU L 81 43.17 -15.65 -74.75
C LEU L 81 42.73 -15.22 -76.15
N ALA L 82 43.54 -15.56 -77.14
CA ALA L 82 43.25 -15.24 -78.54
C ALA L 82 42.39 -16.35 -79.17
N ALA L 83 42.79 -17.60 -78.91
CA ALA L 83 42.04 -18.75 -79.40
C ALA L 83 40.73 -18.80 -78.60
N LEU L 84 40.13 -17.64 -78.45
CA LEU L 84 38.91 -17.54 -77.69
C LEU L 84 37.76 -16.93 -78.46
N PRO L 85 36.56 -17.55 -78.34
CA PRO L 85 35.38 -17.02 -79.02
C PRO L 85 35.30 -15.52 -78.74
N GLU L 86 34.72 -14.76 -79.65
CA GLU L 86 34.59 -13.33 -79.45
C GLU L 86 33.21 -13.12 -78.85
N GLY L 87 33.19 -12.53 -77.66
CA GLY L 87 31.96 -12.32 -76.91
C GLY L 87 32.19 -12.99 -75.57
N VAL L 88 33.45 -13.41 -75.41
CA VAL L 88 33.98 -14.04 -74.19
C VAL L 88 34.45 -12.92 -73.26
N PHE L 89 33.85 -12.82 -72.06
CA PHE L 89 34.37 -11.81 -71.15
C PHE L 89 35.48 -12.59 -70.41
N PRO L 90 36.72 -12.07 -70.45
CA PRO L 90 37.78 -12.81 -69.78
C PRO L 90 38.41 -12.18 -68.53
N ILE L 91 38.51 -12.98 -67.47
CA ILE L 91 39.14 -12.55 -66.21
C ILE L 91 40.36 -13.44 -65.98
N VAL L 92 41.48 -12.77 -65.73
CA VAL L 92 42.74 -13.45 -65.49
C VAL L 92 43.14 -13.34 -64.02
N LEU L 93 43.21 -14.50 -63.36
CA LEU L 93 43.61 -14.59 -61.96
C LEU L 93 45.13 -14.51 -61.96
N GLY L 94 45.66 -13.46 -61.35
CA GLY L 94 47.08 -13.27 -61.38
C GLY L 94 48.06 -13.80 -60.36
N GLY L 95 49.31 -13.83 -60.82
CA GLY L 95 50.45 -14.19 -60.01
C GLY L 95 51.13 -12.86 -60.21
N ASP L 96 52.39 -12.86 -60.63
CA ASP L 96 53.13 -11.61 -60.83
C ASP L 96 52.28 -10.66 -61.66
N HIS L 97 52.55 -9.36 -61.52
CA HIS L 97 51.81 -8.37 -62.28
C HIS L 97 52.30 -8.46 -63.72
N SER L 98 53.23 -9.40 -63.94
CA SER L 98 53.82 -9.68 -65.24
C SER L 98 52.77 -10.08 -66.27
N LEU L 99 52.00 -11.13 -65.97
CA LEU L 99 50.96 -11.67 -66.83
C LEU L 99 50.15 -10.74 -67.74
N SER L 100 49.76 -9.56 -67.22
CA SER L 100 48.96 -8.59 -67.97
C SER L 100 49.39 -8.32 -69.42
N MET L 101 50.71 -8.27 -69.67
CA MET L 101 51.23 -8.08 -71.04
C MET L 101 50.51 -9.16 -71.87
N GLY L 102 50.77 -10.43 -71.52
CA GLY L 102 50.12 -11.52 -72.22
C GLY L 102 48.60 -11.48 -72.24
N SER L 103 47.98 -10.79 -71.28
CA SER L 103 46.52 -10.71 -71.20
C SER L 103 45.90 -9.52 -71.94
N VAL L 104 46.55 -8.35 -71.89
CA VAL L 104 46.03 -7.17 -72.58
C VAL L 104 46.21 -7.38 -74.08
N ALA L 105 47.35 -7.97 -74.46
CA ALA L 105 47.61 -8.25 -75.86
C ALA L 105 46.54 -9.25 -76.28
N GLY L 106 46.67 -10.49 -75.78
CA GLY L 106 45.72 -11.54 -76.11
C GLY L 106 44.25 -11.14 -76.03
N ALA L 107 43.94 -10.16 -75.19
CA ALA L 107 42.54 -9.72 -75.00
C ALA L 107 42.00 -8.73 -76.03
N ALA L 108 42.79 -7.70 -76.38
CA ALA L 108 42.34 -6.70 -77.34
C ALA L 108 42.23 -7.26 -78.76
N ARG L 109 43.07 -8.26 -79.07
CA ARG L 109 43.09 -8.88 -80.40
C ARG L 109 43.34 -7.87 -81.50
N GLY L 110 44.44 -7.12 -81.40
CA GLY L 110 44.77 -6.14 -82.42
C GLY L 110 43.84 -4.93 -82.51
N ARG L 111 42.81 -4.91 -81.66
CA ARG L 111 41.89 -3.78 -81.64
C ARG L 111 42.48 -2.66 -80.77
N ARG L 112 42.18 -1.41 -81.14
CA ARG L 112 42.68 -0.28 -80.36
C ARG L 112 41.86 -0.10 -79.07
N VAL L 113 42.44 -0.58 -77.96
CA VAL L 113 41.80 -0.49 -76.66
C VAL L 113 42.50 0.46 -75.71
N GLY L 114 41.73 1.01 -74.79
CA GLY L 114 42.27 1.89 -73.77
C GLY L 114 42.41 1.07 -72.51
N VAL L 115 43.61 1.07 -71.93
CA VAL L 115 43.85 0.32 -70.71
C VAL L 115 43.64 1.16 -69.45
N VAL L 116 42.67 0.76 -68.64
CA VAL L 116 42.39 1.42 -67.38
C VAL L 116 43.16 0.57 -66.38
N TRP L 117 44.38 1.01 -66.10
CA TRP L 117 45.32 0.35 -65.21
C TRP L 117 45.27 0.87 -63.78
N VAL L 118 44.85 0.00 -62.85
CA VAL L 118 44.74 0.40 -61.45
C VAL L 118 45.65 -0.41 -60.52
N ASP L 119 46.88 0.09 -60.38
CA ASP L 119 47.93 -0.48 -59.53
C ASP L 119 48.28 0.75 -58.68
N ALA L 120 48.94 0.52 -57.55
CA ALA L 120 49.36 1.63 -56.68
C ALA L 120 50.57 2.23 -57.38
N HIS L 121 51.27 1.37 -58.10
CA HIS L 121 52.45 1.77 -58.86
C HIS L 121 51.99 2.03 -60.30
N ALA L 122 52.92 2.43 -61.16
CA ALA L 122 52.59 2.66 -62.55
C ALA L 122 53.05 1.47 -63.39
N ASP L 123 53.91 0.62 -62.80
CA ASP L 123 54.50 -0.58 -63.43
C ASP L 123 54.92 -0.22 -64.85
N PHE L 124 55.54 0.96 -64.95
CA PHE L 124 55.99 1.58 -66.20
C PHE L 124 57.51 1.80 -66.28
N ASN L 125 58.28 0.78 -65.90
CA ASN L 125 59.73 0.90 -65.91
C ASN L 125 60.44 0.30 -67.12
N THR L 126 61.76 0.44 -67.11
CA THR L 126 62.64 -0.06 -68.18
C THR L 126 63.90 -0.60 -67.54
N PRO L 127 64.69 -1.38 -68.30
CA PRO L 127 65.91 -1.87 -67.65
C PRO L 127 66.72 -0.62 -67.24
N GLU L 128 66.26 0.52 -67.78
CA GLU L 128 66.83 1.84 -67.49
C GLU L 128 66.34 2.40 -66.18
N THR L 129 65.34 3.29 -66.26
CA THR L 129 64.80 3.99 -65.11
C THR L 129 64.59 3.13 -63.83
N SER L 130 64.91 1.84 -63.90
CA SER L 130 64.81 0.88 -62.78
C SER L 130 63.70 -0.13 -63.02
N SER L 132 65.66 -2.07 -58.85
CA SER L 132 66.43 -3.30 -58.96
C SER L 132 65.83 -4.24 -60.02
N GLY L 133 66.10 -3.91 -61.29
CA GLY L 133 65.69 -4.66 -62.48
C GLY L 133 64.41 -5.49 -62.78
N ASN L 134 63.36 -5.29 -62.04
CA ASN L 134 62.19 -6.17 -61.88
C ASN L 134 61.25 -6.24 -63.09
N VAL L 135 60.95 -7.46 -63.55
CA VAL L 135 60.07 -7.62 -64.70
C VAL L 135 58.67 -7.05 -64.42
N HIS L 136 58.06 -7.45 -63.30
CA HIS L 136 56.71 -6.99 -62.97
C HIS L 136 56.62 -5.51 -62.60
N GLY L 137 57.59 -4.72 -63.07
CA GLY L 137 57.62 -3.29 -62.81
C GLY L 137 57.78 -2.54 -64.11
N MET L 138 57.58 -3.27 -65.20
CA MET L 138 57.72 -2.75 -66.57
C MET L 138 56.48 -2.99 -67.46
N PRO L 139 55.68 -4.05 -67.17
CA PRO L 139 54.46 -4.39 -67.92
C PRO L 139 53.80 -3.27 -68.74
N LEU L 140 53.07 -2.37 -68.07
CA LEU L 140 52.36 -1.29 -68.75
C LEU L 140 53.24 -0.37 -69.62
N ALA L 141 54.54 -0.35 -69.36
CA ALA L 141 55.44 0.44 -70.18
C ALA L 141 55.70 -0.37 -71.45
N VAL L 142 55.90 -1.69 -71.26
CA VAL L 142 56.17 -2.64 -72.34
C VAL L 142 55.04 -2.71 -73.37
N LEU L 143 53.81 -2.62 -72.88
CA LEU L 143 52.65 -2.61 -73.76
C LEU L 143 52.65 -1.27 -74.50
N SER L 144 53.13 -0.22 -73.81
CA SER L 144 53.17 1.14 -74.36
C SER L 144 54.27 1.34 -75.37
N GLY L 145 54.94 0.23 -75.71
CA GLY L 145 56.03 0.26 -76.68
C GLY L 145 57.43 0.47 -76.14
N LEU L 146 57.54 1.11 -74.98
CA LEU L 146 58.83 1.37 -74.36
C LEU L 146 59.34 0.12 -73.63
N GLY L 147 60.64 0.07 -73.39
CA GLY L 147 61.19 -1.05 -72.67
C GLY L 147 62.35 -1.78 -73.31
N HIS L 148 62.57 -3.02 -72.85
CA HIS L 148 63.60 -3.92 -73.36
C HIS L 148 63.00 -4.41 -74.68
N PRO L 149 63.67 -4.11 -75.82
CA PRO L 149 63.27 -4.47 -77.17
C PRO L 149 62.74 -5.89 -77.40
N ARG L 150 63.16 -6.83 -76.56
CA ARG L 150 62.76 -8.23 -76.69
C ARG L 150 61.36 -8.61 -76.15
N LEU L 151 60.62 -7.65 -75.62
CA LEU L 151 59.25 -7.90 -75.15
C LEU L 151 58.31 -6.96 -75.92
N THR L 152 58.81 -5.74 -76.12
CA THR L 152 58.12 -4.65 -76.81
C THR L 152 57.66 -5.18 -78.16
N GLU L 153 58.49 -6.06 -78.70
CA GLU L 153 58.27 -6.75 -79.96
C GLU L 153 56.86 -7.37 -80.13
N VAL L 154 56.62 -8.46 -79.40
CA VAL L 154 55.33 -9.17 -79.47
C VAL L 154 54.29 -8.78 -78.40
N PHE L 155 54.67 -7.92 -77.46
CA PHE L 155 53.75 -7.53 -76.40
C PHE L 155 53.30 -6.07 -76.38
N ARG L 156 53.67 -5.31 -77.41
CA ARG L 156 53.22 -3.92 -77.49
C ARG L 156 51.73 -4.08 -77.79
N ALA L 157 50.93 -3.07 -77.50
CA ALA L 157 49.51 -3.20 -77.78
C ALA L 157 48.80 -1.86 -77.67
N VAL L 158 49.20 -1.04 -76.71
CA VAL L 158 48.56 0.25 -76.59
C VAL L 158 49.32 1.54 -76.78
N ASP L 159 48.59 2.59 -77.14
CA ASP L 159 49.18 3.88 -77.28
C ASP L 159 49.02 4.54 -75.92
N PRO L 160 50.10 5.13 -75.41
CA PRO L 160 50.06 5.82 -74.12
C PRO L 160 48.86 6.78 -73.96
N LYS L 161 48.54 7.53 -75.01
CA LYS L 161 47.40 8.47 -74.98
C LYS L 161 46.10 7.67 -74.87
N ASP L 162 46.22 6.34 -74.82
CA ASP L 162 45.06 5.44 -74.68
C ASP L 162 45.05 4.78 -73.30
N VAL L 163 46.11 5.03 -72.54
CA VAL L 163 46.29 4.48 -71.18
C VAL L 163 45.86 5.45 -70.08
N VAL L 164 45.30 4.88 -69.02
CA VAL L 164 44.85 5.63 -67.85
C VAL L 164 45.26 4.96 -66.54
N LEU L 165 46.10 5.64 -65.77
CA LEU L 165 46.55 5.14 -64.47
C LEU L 165 45.80 5.75 -63.29
N VAL L 166 45.11 4.88 -62.54
CA VAL L 166 44.30 5.31 -61.40
C VAL L 166 44.84 4.80 -60.08
N GLY L 167 45.09 5.73 -59.15
CA GLY L 167 45.55 5.36 -57.82
C GLY L 167 47.03 5.52 -57.51
N VAL L 168 47.87 5.39 -58.53
CA VAL L 168 49.30 5.55 -58.35
C VAL L 168 49.69 6.41 -57.15
N ARG L 169 50.45 5.80 -56.24
CA ARG L 169 50.95 6.44 -55.02
C ARG L 169 52.44 6.13 -54.85
N SER L 170 53.05 5.51 -55.86
CA SER L 170 54.48 5.16 -55.79
C SER L 170 55.17 5.05 -57.16
N LEU L 171 55.71 6.17 -57.64
CA LEU L 171 56.41 6.18 -58.92
C LEU L 171 57.90 6.36 -58.70
N ASP L 172 58.71 5.87 -59.63
CA ASP L 172 60.17 6.01 -59.54
C ASP L 172 60.63 7.27 -60.29
N PRO L 173 61.89 7.69 -60.03
CA PRO L 173 62.42 8.89 -60.70
C PRO L 173 62.33 8.84 -62.23
N GLY L 174 62.85 7.77 -62.82
CA GLY L 174 62.83 7.60 -64.26
C GLY L 174 61.46 7.30 -64.83
N GLU L 175 60.70 6.42 -64.17
CA GLU L 175 59.36 6.09 -64.61
C GLU L 175 58.67 7.41 -64.92
N LYS L 176 58.67 8.26 -63.91
CA LYS L 176 58.05 9.58 -63.99
C LYS L 176 58.42 10.28 -65.28
N ARG L 177 59.70 10.24 -65.62
CA ARG L 177 60.22 10.86 -66.85
C ARG L 177 59.59 10.16 -68.06
N LEU L 178 59.64 8.83 -68.04
CA LEU L 178 59.06 8.02 -69.11
C LEU L 178 57.56 8.26 -69.28
N LEU L 179 56.86 8.45 -68.16
CA LEU L 179 55.41 8.66 -68.19
C LEU L 179 55.02 9.93 -68.92
N LYS L 180 55.39 11.06 -68.32
CA LYS L 180 55.19 12.39 -68.86
C LYS L 180 55.45 12.36 -70.35
N GLU L 181 56.65 11.93 -70.71
CA GLU L 181 57.09 11.85 -72.09
C GLU L 181 56.23 11.00 -73.01
N ALA L 182 55.64 9.93 -72.47
CA ALA L 182 54.78 9.05 -73.28
C ALA L 182 53.35 9.59 -73.45
N GLY L 183 52.98 10.61 -72.66
CA GLY L 183 51.66 11.22 -72.77
C GLY L 183 50.62 10.77 -71.74
N VAL L 184 50.83 9.55 -71.25
CA VAL L 184 49.99 8.88 -70.26
C VAL L 184 49.36 9.72 -69.13
N ARG L 185 48.05 9.91 -69.21
CA ARG L 185 47.31 10.66 -68.19
C ARG L 185 47.31 9.84 -66.88
N VAL L 186 48.05 10.30 -65.88
CA VAL L 186 48.15 9.58 -64.60
C VAL L 186 47.47 10.23 -63.41
N TYR L 187 46.57 9.49 -62.77
CA TYR L 187 45.87 9.98 -61.58
C TYR L 187 46.53 9.39 -60.32
N THR L 188 47.24 10.26 -59.60
CA THR L 188 47.95 9.87 -58.38
C THR L 188 47.01 9.95 -57.19
N MET L 189 47.50 9.53 -56.04
CA MET L 189 46.71 9.58 -54.84
C MET L 189 46.29 11.02 -54.58
N HIS L 190 47.21 11.95 -54.81
CA HIS L 190 46.90 13.36 -54.58
C HIS L 190 45.61 13.70 -55.31
N GLU L 191 45.56 13.30 -56.58
CA GLU L 191 44.40 13.49 -57.42
C GLU L 191 43.13 13.07 -56.71
N VAL L 192 43.08 11.78 -56.42
CA VAL L 192 41.95 11.17 -55.78
C VAL L 192 41.50 11.96 -54.55
N ASP L 193 42.43 12.71 -53.94
CA ASP L 193 42.15 13.53 -52.77
C ASP L 193 41.61 14.90 -53.18
N ARG L 194 42.22 15.43 -54.25
CA ARG L 194 41.85 16.70 -54.85
C ARG L 194 40.44 16.65 -55.46
N LEU L 195 40.32 15.94 -56.58
CA LEU L 195 39.06 15.83 -57.31
C LEU L 195 38.07 14.79 -56.77
N GLY L 196 38.58 13.60 -56.43
CA GLY L 196 37.69 12.58 -55.91
C GLY L 196 37.42 11.48 -56.92
N VAL L 197 37.41 10.26 -56.41
CA VAL L 197 37.18 9.05 -57.20
C VAL L 197 36.11 9.15 -58.29
N ALA L 198 35.02 9.86 -58.02
CA ALA L 198 33.94 9.98 -59.00
C ALA L 198 34.31 10.84 -60.20
N ARG L 199 34.80 12.04 -59.93
CA ARG L 199 35.20 12.96 -60.98
C ARG L 199 36.39 12.37 -61.73
N ILE L 200 36.86 11.18 -61.32
CA ILE L 200 38.02 10.54 -61.94
C ILE L 200 37.67 9.55 -63.04
N ALA L 201 36.56 8.86 -62.88
CA ALA L 201 36.13 7.90 -63.90
C ALA L 201 35.34 8.65 -64.97
N GLU L 202 34.49 9.59 -64.55
CA GLU L 202 33.72 10.38 -65.50
C GLU L 202 34.70 11.01 -66.49
N GLU L 203 35.86 11.40 -65.97
CA GLU L 203 36.92 11.98 -66.80
C GLU L 203 37.69 10.90 -67.58
N VAL L 204 37.81 9.71 -66.98
CA VAL L 204 38.54 8.63 -67.63
C VAL L 204 37.75 7.99 -68.76
N LEU L 205 36.44 7.93 -68.62
CA LEU L 205 35.62 7.40 -69.68
C LEU L 205 35.70 8.45 -70.81
N LYS L 206 35.90 9.71 -70.40
CA LYS L 206 36.06 10.81 -71.33
C LYS L 206 37.38 10.65 -72.09
N HIS L 207 38.49 10.74 -71.36
CA HIS L 207 39.82 10.60 -71.93
C HIS L 207 39.93 9.42 -72.88
N LEU L 208 39.00 8.47 -72.81
CA LEU L 208 39.04 7.31 -73.71
C LEU L 208 37.70 7.00 -74.42
N GLN L 209 36.74 7.92 -74.33
CA GLN L 209 35.42 7.67 -74.90
C GLN L 209 35.37 6.81 -76.14
N GLY L 210 34.44 5.86 -76.14
CA GLY L 210 34.25 4.97 -77.28
C GLY L 210 35.07 3.69 -77.32
N LEU L 211 36.33 3.77 -76.90
CA LEU L 211 37.22 2.60 -76.92
C LEU L 211 36.83 1.52 -75.88
N PRO L 212 36.77 0.23 -76.30
CA PRO L 212 36.42 -0.78 -75.29
C PRO L 212 37.59 -0.83 -74.30
N LEU L 213 37.26 -1.07 -73.03
CA LEU L 213 38.26 -1.06 -71.97
C LEU L 213 38.62 -2.39 -71.30
N HIS L 214 39.91 -2.54 -71.05
CA HIS L 214 40.45 -3.69 -70.35
C HIS L 214 41.00 -3.12 -69.06
N VAL L 215 40.54 -3.65 -67.93
CA VAL L 215 40.98 -3.17 -66.63
C VAL L 215 41.91 -4.16 -65.91
N SER L 216 43.05 -3.66 -65.44
CA SER L 216 44.00 -4.50 -64.71
C SER L 216 43.95 -4.09 -63.23
N LEU L 217 43.90 -5.09 -62.35
CA LEU L 217 43.78 -4.82 -60.91
C LEU L 217 44.85 -5.44 -60.01
N ASP L 218 45.80 -4.60 -59.60
CA ASP L 218 46.88 -5.02 -58.69
C ASP L 218 46.26 -4.82 -57.33
N ALA L 219 46.15 -5.90 -56.57
CA ALA L 219 45.56 -5.80 -55.25
C ALA L 219 46.23 -4.67 -54.47
N ASP L 220 47.54 -4.46 -54.71
CA ASP L 220 48.29 -3.43 -54.02
C ASP L 220 47.77 -1.99 -54.18
N VAL L 221 46.63 -1.81 -54.85
CA VAL L 221 46.14 -0.45 -55.04
C VAL L 221 45.19 -0.07 -53.90
N LEU L 222 45.03 -1.00 -52.95
CA LEU L 222 44.14 -0.78 -51.81
C LEU L 222 44.94 -0.52 -50.53
N ASP L 223 44.32 0.22 -49.60
CA ASP L 223 44.98 0.51 -48.34
C ASP L 223 45.32 -0.83 -47.70
N PRO L 224 46.58 -1.05 -47.33
CA PRO L 224 46.97 -2.32 -46.71
C PRO L 224 46.15 -2.65 -45.45
N THR L 225 45.59 -1.62 -44.81
CA THR L 225 44.75 -1.83 -43.63
C THR L 225 43.63 -2.76 -44.09
N LEU L 226 43.14 -2.43 -45.27
CA LEU L 226 42.04 -3.13 -45.88
C LEU L 226 42.48 -4.29 -46.75
N ALA L 227 43.71 -4.23 -47.26
CA ALA L 227 44.20 -5.29 -48.16
C ALA L 227 45.66 -5.71 -47.95
N PRO L 228 45.93 -6.42 -46.85
CA PRO L 228 47.24 -6.94 -46.42
C PRO L 228 48.06 -7.88 -47.32
N GLY L 229 47.41 -8.74 -48.09
CA GLY L 229 48.17 -9.68 -48.91
C GLY L 229 48.70 -9.27 -50.27
N VAL L 230 49.79 -8.50 -50.30
CA VAL L 230 50.36 -8.07 -51.57
C VAL L 230 51.88 -7.89 -51.57
N GLY L 231 52.49 -8.14 -52.73
CA GLY L 231 53.92 -8.00 -52.88
C GLY L 231 54.52 -6.84 -52.09
N THR L 232 54.08 -5.63 -52.43
CA THR L 232 54.55 -4.48 -51.70
C THR L 232 53.43 -3.54 -51.34
N PRO L 233 52.89 -3.69 -50.12
CA PRO L 233 51.83 -2.74 -49.82
C PRO L 233 52.53 -1.38 -49.78
N VAL L 234 51.75 -0.33 -49.99
CA VAL L 234 52.24 1.03 -49.92
C VAL L 234 51.04 1.69 -49.26
N PRO L 235 51.25 2.38 -48.13
CA PRO L 235 50.12 3.03 -47.45
C PRO L 235 49.42 4.20 -48.15
N GLY L 236 48.31 4.64 -47.53
CA GLY L 236 47.49 5.74 -48.03
C GLY L 236 46.66 5.47 -49.27
N GLY L 237 46.40 4.19 -49.54
CA GLY L 237 45.67 3.78 -50.72
C GLY L 237 44.19 4.07 -50.87
N LEU L 238 43.51 3.11 -51.50
CA LEU L 238 42.11 3.24 -51.81
C LEU L 238 41.17 2.51 -50.87
N THR L 239 40.26 3.28 -50.27
CA THR L 239 39.29 2.74 -49.35
C THR L 239 38.39 1.73 -50.06
N TYR L 240 37.78 0.83 -49.29
CA TYR L 240 36.89 -0.19 -49.82
C TYR L 240 35.85 0.46 -50.72
N ARG L 241 35.18 1.48 -50.19
CA ARG L 241 34.13 2.21 -50.92
C ARG L 241 34.52 2.86 -52.25
N GLU L 242 35.74 3.36 -52.32
CA GLU L 242 36.22 3.99 -53.54
C GLU L 242 36.39 2.99 -54.67
N ALA L 243 36.80 1.76 -54.36
CA ALA L 243 36.99 0.76 -55.39
C ALA L 243 35.63 0.33 -55.94
N HIS L 244 34.67 0.12 -55.05
CA HIS L 244 33.34 -0.26 -55.49
C HIS L 244 32.70 0.94 -56.18
N LEU L 245 33.23 2.14 -55.92
CA LEU L 245 32.71 3.31 -56.59
C LEU L 245 33.30 3.26 -57.99
N LEU L 246 34.62 3.10 -58.07
CA LEU L 246 35.30 3.01 -59.34
C LEU L 246 34.56 1.98 -60.20
N MET L 247 34.76 0.70 -59.91
CA MET L 247 34.13 -0.36 -60.67
C MET L 247 32.66 -0.04 -60.98
N GLU L 248 31.92 0.44 -59.98
CA GLU L 248 30.51 0.75 -60.19
C GLU L 248 30.19 1.77 -61.30
N ILE L 249 31.20 2.51 -61.72
CA ILE L 249 31.05 3.49 -62.81
C ILE L 249 31.45 2.84 -64.15
N LEU L 250 32.64 2.23 -64.18
CA LEU L 250 33.14 1.58 -65.39
C LEU L 250 32.18 0.52 -65.89
N ALA L 251 31.45 -0.09 -64.96
CA ALA L 251 30.47 -1.10 -65.31
C ALA L 251 29.40 -0.37 -66.14
N GLU L 252 28.99 0.78 -65.62
CA GLU L 252 27.97 1.62 -66.23
C GLU L 252 28.17 1.97 -67.70
N SER L 253 29.41 2.05 -68.17
CA SER L 253 29.63 2.41 -69.56
C SER L 253 29.62 1.22 -70.51
N GLY L 254 29.41 0.03 -69.97
CA GLY L 254 29.38 -1.15 -70.81
C GLY L 254 30.46 -1.16 -71.88
N ARG L 255 31.58 -0.50 -71.60
CA ARG L 255 32.68 -0.49 -72.55
C ARG L 255 33.83 -1.34 -71.98
N VAL L 256 33.54 -2.05 -70.89
CA VAL L 256 34.52 -2.89 -70.19
C VAL L 256 34.71 -4.24 -70.86
N GLN L 257 35.73 -4.38 -71.70
CA GLN L 257 35.89 -5.65 -72.38
C GLN L 257 36.64 -6.75 -71.62
N SER L 258 37.70 -6.42 -70.89
CA SER L 258 38.44 -7.47 -70.18
C SER L 258 38.90 -7.12 -68.75
N LEU L 259 39.42 -8.12 -68.03
CA LEU L 259 39.83 -7.93 -66.63
C LEU L 259 40.93 -8.88 -66.13
N ASP L 260 41.64 -8.44 -65.08
CA ASP L 260 42.69 -9.24 -64.41
C ASP L 260 42.63 -8.93 -62.93
N LEU L 261 42.93 -9.93 -62.12
CA LEU L 261 42.95 -9.77 -60.68
C LEU L 261 44.38 -10.19 -60.39
N VAL L 262 45.25 -9.18 -60.20
CA VAL L 262 46.67 -9.45 -59.96
C VAL L 262 47.30 -9.12 -58.61
N GLU L 263 48.43 -9.79 -58.39
CA GLU L 263 49.27 -9.60 -57.22
C GLU L 263 48.71 -10.01 -55.87
N VAL L 264 47.77 -10.96 -55.89
CA VAL L 264 47.22 -11.47 -54.64
C VAL L 264 48.25 -12.45 -54.09
N ASN L 265 48.46 -12.41 -52.78
CA ASN L 265 49.43 -13.27 -52.13
C ASN L 265 48.93 -13.80 -50.80
N PRO L 266 48.05 -14.80 -50.84
CA PRO L 266 47.49 -15.41 -49.64
C PRO L 266 48.45 -15.51 -48.43
N ILE L 267 49.72 -15.84 -48.69
CA ILE L 267 50.71 -15.98 -47.63
C ILE L 267 50.97 -14.73 -46.79
N LEU L 268 50.60 -13.56 -47.31
CA LEU L 268 50.78 -12.32 -46.57
C LEU L 268 49.42 -11.70 -46.37
N ASP L 269 48.39 -12.53 -46.49
CA ASP L 269 47.03 -12.07 -46.32
C ASP L 269 46.48 -12.60 -45.00
N GLU L 270 45.24 -12.25 -44.69
CA GLU L 270 44.64 -12.68 -43.44
C GLU L 270 43.20 -13.14 -43.65
N ARG L 271 42.89 -14.37 -43.25
CA ARG L 271 41.55 -14.89 -43.45
C ARG L 271 41.18 -14.72 -44.93
N ASN L 272 42.18 -14.87 -45.80
CA ASN L 272 42.02 -14.73 -47.27
C ASN L 272 41.13 -13.55 -47.68
N ARG L 273 41.12 -12.50 -46.88
CA ARG L 273 40.25 -11.35 -47.16
C ARG L 273 40.69 -10.40 -48.27
N THR L 274 41.93 -10.51 -48.73
CA THR L 274 42.38 -9.64 -49.80
C THR L 274 41.76 -10.15 -51.09
N ALA L 275 41.68 -11.48 -51.22
CA ALA L 275 41.10 -12.09 -52.40
C ALA L 275 39.59 -11.82 -52.40
N GLU L 276 38.97 -11.96 -51.24
CA GLU L 276 37.55 -11.73 -51.12
C GLU L 276 37.27 -10.31 -51.62
N MET L 277 38.11 -9.38 -51.21
CA MET L 277 37.99 -7.98 -51.61
C MET L 277 37.99 -7.85 -53.12
N LEU L 278 38.96 -8.52 -53.74
CA LEU L 278 39.08 -8.48 -55.19
C LEU L 278 37.89 -9.17 -55.86
N VAL L 279 37.66 -10.44 -55.56
CA VAL L 279 36.54 -11.14 -56.15
C VAL L 279 35.37 -10.21 -56.06
N GLY L 280 35.22 -9.65 -54.87
CA GLY L 280 34.13 -8.74 -54.60
C GLY L 280 34.11 -7.60 -55.59
N LEU L 281 35.24 -6.93 -55.79
CA LEU L 281 35.32 -5.80 -56.69
C LEU L 281 34.97 -6.18 -58.14
N ALA L 282 35.33 -7.41 -58.53
CA ALA L 282 35.02 -7.96 -59.86
C ALA L 282 33.51 -7.92 -60.02
N LEU L 283 32.78 -8.47 -59.05
CA LEU L 283 31.33 -8.46 -59.09
C LEU L 283 30.78 -7.05 -59.37
N SER L 284 31.53 -6.03 -58.97
CA SER L 284 31.06 -4.66 -59.19
C SER L 284 31.16 -4.26 -60.66
N LEU L 285 32.30 -4.57 -61.25
CA LEU L 285 32.55 -4.28 -62.66
C LEU L 285 31.60 -5.02 -63.62
N LEU L 286 31.21 -6.24 -63.28
CA LEU L 286 30.30 -7.01 -64.13
C LEU L 286 28.85 -6.66 -63.80
N GLY L 287 28.67 -5.37 -63.55
CA GLY L 287 27.36 -4.79 -63.27
C GLY L 287 26.68 -4.95 -61.92
N LYS L 288 27.30 -5.59 -60.93
CA LYS L 288 26.61 -5.72 -59.64
C LYS L 288 26.38 -4.35 -58.98
N ARG L 289 25.14 -4.14 -58.54
CA ARG L 289 24.75 -2.90 -57.90
C ARG L 289 23.85 -3.10 -56.67
N ILE L 290 23.74 -2.03 -55.87
CA ILE L 290 22.88 -2.07 -54.70
C ILE L 290 21.46 -2.15 -55.24
N PHE L 291 21.19 -1.30 -56.22
CA PHE L 291 19.88 -1.22 -56.83
C PHE L 291 19.83 -1.87 -58.22
#